data_2FVT
#
_entry.id   2FVT
#
_entity_poly.entity_id   1
_entity_poly.type   'polypeptide(L)'
_entity_poly.pdbx_seq_one_letter_code
;MAQRSEIPHFPRTAAIDAYGKGGFYFAGMSHQGSLLFLPDAVWGWDVTKPEQIDRYSLQRVFDNANAIDTLIVGTGADVW
IAPRQLREALRGVNVVLDTMQTGPAIRTYNIMIGERRRVAAALIAVPLEHHHHHH
;
_entity_poly.pdbx_strand_id   A
#
# COMPACT_ATOMS: atom_id res chain seq x y z
N MET A 1 -8.35 17.95 -16.14
CA MET A 1 -9.08 16.84 -16.81
C MET A 1 -8.18 16.12 -17.80
N ALA A 2 -6.88 16.44 -17.75
CA ALA A 2 -5.91 15.90 -18.70
C ALA A 2 -6.33 16.21 -20.14
N GLN A 3 -5.78 15.48 -21.10
CA GLN A 3 -6.11 15.70 -22.50
C GLN A 3 -7.43 15.00 -22.86
N ARG A 4 -8.53 15.57 -22.37
CA ARG A 4 -9.89 15.11 -22.71
C ARG A 4 -10.16 13.66 -22.29
N SER A 5 -9.26 13.09 -21.50
CA SER A 5 -9.39 11.71 -21.04
C SER A 5 -8.57 11.49 -19.79
N GLU A 6 -9.03 10.60 -18.93
CA GLU A 6 -8.30 10.27 -17.72
C GLU A 6 -7.01 9.54 -18.04
N ILE A 7 -6.04 9.65 -17.15
CA ILE A 7 -4.77 8.96 -17.33
C ILE A 7 -4.92 7.47 -17.01
N PRO A 8 -4.18 6.62 -17.73
CA PRO A 8 -4.26 5.16 -17.57
C PRO A 8 -3.93 4.71 -16.16
N HIS A 9 -4.78 3.86 -15.61
CA HIS A 9 -4.56 3.28 -14.30
C HIS A 9 -4.08 1.85 -14.46
N PHE A 10 -3.13 1.45 -13.64
CA PHE A 10 -2.58 0.10 -13.70
C PHE A 10 -3.46 -0.86 -12.91
N PRO A 11 -4.21 -1.72 -13.60
CA PRO A 11 -5.17 -2.62 -12.98
C PRO A 11 -4.54 -3.93 -12.54
N ARG A 12 -4.26 -4.03 -11.24
CA ARG A 12 -3.67 -5.22 -10.63
C ARG A 12 -2.30 -5.50 -11.23
N THR A 13 -1.28 -4.93 -10.62
CA THR A 13 0.09 -5.09 -11.08
C THR A 13 0.91 -5.87 -10.06
N ALA A 14 1.71 -6.81 -10.53
CA ALA A 14 2.53 -7.63 -9.65
C ALA A 14 3.99 -7.18 -9.68
N ALA A 15 4.29 -6.24 -10.55
CA ALA A 15 5.66 -5.77 -10.73
C ALA A 15 5.88 -4.41 -10.10
N ILE A 16 6.65 -4.38 -9.03
CA ILE A 16 7.07 -3.14 -8.40
C ILE A 16 8.55 -2.92 -8.67
N ASP A 17 8.94 -1.71 -8.99
CA ASP A 17 10.31 -1.45 -9.41
C ASP A 17 10.80 -0.12 -8.86
N ALA A 18 12.11 -0.03 -8.63
CA ALA A 18 12.78 1.20 -8.21
C ALA A 18 12.13 1.86 -7.00
N TYR A 19 12.53 1.40 -5.83
CA TYR A 19 12.02 1.96 -4.59
C TYR A 19 13.10 2.78 -3.89
N GLY A 20 12.75 3.98 -3.49
CA GLY A 20 13.68 4.83 -2.77
C GLY A 20 13.45 6.30 -3.03
N LYS A 21 14.30 6.89 -3.84
CA LYS A 21 14.21 8.31 -4.14
C LYS A 21 13.07 8.57 -5.09
N GLY A 22 12.08 9.32 -4.62
CA GLY A 22 10.89 9.57 -5.41
C GLY A 22 9.78 8.61 -5.04
N GLY A 23 10.07 7.72 -4.10
CA GLY A 23 9.08 6.76 -3.65
C GLY A 23 9.13 5.48 -4.44
N PHE A 24 8.07 5.21 -5.19
CA PHE A 24 8.00 4.02 -6.02
C PHE A 24 8.04 4.42 -7.49
N TYR A 25 9.20 4.32 -8.11
CA TYR A 25 9.34 4.71 -9.50
C TYR A 25 9.14 3.50 -10.39
N PHE A 26 7.90 3.31 -10.84
CA PHE A 26 7.58 2.22 -11.72
C PHE A 26 6.55 2.64 -12.75
N ALA A 27 6.79 2.26 -14.00
CA ALA A 27 5.87 2.50 -15.09
C ALA A 27 5.61 3.99 -15.32
N GLY A 28 6.50 4.63 -16.06
CA GLY A 28 6.27 5.99 -16.51
C GLY A 28 6.80 7.05 -15.58
N MET A 29 6.17 7.20 -14.41
CA MET A 29 6.48 8.31 -13.52
C MET A 29 6.59 7.84 -12.08
N SER A 30 7.31 8.60 -11.26
CA SER A 30 7.49 8.28 -9.86
C SER A 30 6.16 8.33 -9.11
N HIS A 31 5.96 7.37 -8.22
CA HIS A 31 4.76 7.32 -7.41
C HIS A 31 5.13 7.40 -5.92
N GLN A 32 4.85 8.55 -5.31
CA GLN A 32 5.24 8.76 -3.93
C GLN A 32 4.00 8.94 -3.04
N GLY A 33 4.23 9.04 -1.73
CA GLY A 33 3.13 9.14 -0.80
C GLY A 33 2.76 7.78 -0.27
N SER A 34 1.56 7.34 -0.60
CA SER A 34 1.11 6.01 -0.24
C SER A 34 0.29 5.40 -1.37
N LEU A 35 0.59 4.17 -1.72
CA LEU A 35 -0.07 3.50 -2.84
C LEU A 35 -0.92 2.34 -2.36
N LEU A 36 -2.11 2.23 -2.92
CA LEU A 36 -3.01 1.14 -2.62
C LEU A 36 -3.05 0.16 -3.78
N PHE A 37 -2.29 -0.91 -3.67
CA PHE A 37 -2.30 -1.94 -4.69
C PHE A 37 -3.53 -2.82 -4.52
N LEU A 38 -4.57 -2.52 -5.29
CA LEU A 38 -5.82 -3.24 -5.20
C LEU A 38 -6.01 -4.14 -6.42
N PRO A 39 -6.83 -5.20 -6.28
CA PRO A 39 -7.16 -6.08 -7.41
C PRO A 39 -7.78 -5.33 -8.58
N ASP A 40 -8.47 -4.23 -8.26
CA ASP A 40 -9.08 -3.37 -9.28
C ASP A 40 -8.00 -2.61 -10.03
N ALA A 41 -7.18 -1.87 -9.29
CA ALA A 41 -6.09 -1.09 -9.86
C ALA A 41 -5.20 -0.56 -8.75
N VAL A 42 -4.08 0.04 -9.13
CA VAL A 42 -3.19 0.68 -8.17
C VAL A 42 -3.61 2.12 -7.98
N TRP A 43 -4.30 2.39 -6.88
CA TRP A 43 -4.83 3.72 -6.61
C TRP A 43 -3.97 4.44 -5.58
N GLY A 44 -4.16 5.74 -5.46
CA GLY A 44 -3.39 6.52 -4.51
C GLY A 44 -4.11 6.66 -3.19
N TRP A 45 -3.36 6.60 -2.10
CA TRP A 45 -3.91 6.76 -0.77
C TRP A 45 -3.62 8.19 -0.28
N ASP A 46 -4.46 8.70 0.61
CA ASP A 46 -4.38 10.10 1.01
C ASP A 46 -3.65 10.26 2.34
N VAL A 47 -2.83 9.28 2.68
CA VAL A 47 -2.04 9.35 3.90
C VAL A 47 -0.59 9.70 3.57
N THR A 48 -0.04 10.69 4.26
CA THR A 48 1.28 11.19 3.95
C THR A 48 2.35 10.50 4.81
N LYS A 49 2.06 10.31 6.09
CA LYS A 49 3.03 9.78 7.03
C LYS A 49 2.37 8.78 7.98
N PRO A 50 3.18 7.95 8.68
CA PRO A 50 2.68 7.03 9.70
C PRO A 50 1.90 7.76 10.80
N GLU A 51 1.17 6.98 11.60
CA GLU A 51 0.31 7.50 12.67
C GLU A 51 -0.93 8.19 12.12
N GLN A 52 -0.89 8.65 10.87
CA GLN A 52 -2.07 9.21 10.22
C GLN A 52 -3.02 8.10 9.79
N ILE A 53 -2.57 6.86 9.96
CA ILE A 53 -3.37 5.70 9.60
C ILE A 53 -4.42 5.44 10.68
N ASP A 54 -5.55 6.11 10.54
CA ASP A 54 -6.64 5.98 11.47
C ASP A 54 -7.78 5.20 10.81
N ARG A 55 -8.77 4.81 11.60
CA ARG A 55 -9.91 4.04 11.09
C ARG A 55 -10.64 4.83 10.00
N TYR A 56 -10.66 6.15 10.11
CA TYR A 56 -11.30 7.00 9.12
C TYR A 56 -10.42 7.12 7.86
N SER A 57 -9.11 7.02 8.05
CA SER A 57 -8.18 7.09 6.94
C SER A 57 -8.23 5.81 6.13
N LEU A 58 -8.73 4.75 6.75
CA LEU A 58 -8.86 3.45 6.10
C LEU A 58 -10.21 3.35 5.38
N GLN A 59 -10.82 4.51 5.11
CA GLN A 59 -12.12 4.56 4.45
C GLN A 59 -12.15 3.71 3.18
N ARG A 60 -11.27 4.04 2.23
CA ARG A 60 -11.24 3.34 0.94
C ARG A 60 -10.80 1.89 1.11
N VAL A 61 -10.16 1.61 2.25
CA VAL A 61 -9.72 0.26 2.55
C VAL A 61 -10.90 -0.62 2.96
N PHE A 62 -11.67 -0.14 3.94
CA PHE A 62 -12.87 -0.85 4.37
C PHE A 62 -13.89 -0.93 3.24
N ASP A 63 -13.92 0.12 2.43
CA ASP A 63 -14.85 0.22 1.30
C ASP A 63 -14.65 -0.92 0.32
N ASN A 64 -13.40 -1.33 0.13
CA ASN A 64 -13.08 -2.38 -0.83
C ASN A 64 -12.60 -3.64 -0.11
N ALA A 65 -12.84 -3.71 1.19
CA ALA A 65 -12.34 -4.81 2.02
C ALA A 65 -13.03 -6.13 1.67
N ASN A 66 -14.05 -6.08 0.84
CA ASN A 66 -14.75 -7.28 0.42
C ASN A 66 -13.90 -8.10 -0.54
N ALA A 67 -13.00 -7.42 -1.24
CA ALA A 67 -12.11 -8.07 -2.19
C ALA A 67 -10.73 -8.27 -1.57
N ILE A 68 -10.58 -7.87 -0.32
CA ILE A 68 -9.30 -7.93 0.35
C ILE A 68 -9.28 -9.08 1.37
N ASP A 69 -8.43 -10.05 1.10
CA ASP A 69 -8.21 -11.16 2.02
C ASP A 69 -6.99 -10.87 2.89
N THR A 70 -5.92 -10.45 2.24
CA THR A 70 -4.68 -10.11 2.92
C THR A 70 -4.36 -8.63 2.71
N LEU A 71 -4.00 -7.95 3.78
CA LEU A 71 -3.63 -6.55 3.69
C LEU A 71 -2.21 -6.35 4.18
N ILE A 72 -1.33 -6.01 3.24
CA ILE A 72 0.07 -5.78 3.56
C ILE A 72 0.30 -4.30 3.82
N VAL A 73 0.72 -3.96 5.03
CA VAL A 73 1.02 -2.58 5.38
C VAL A 73 2.52 -2.35 5.37
N GLY A 74 2.98 -1.57 4.41
CA GLY A 74 4.38 -1.22 4.33
C GLY A 74 4.63 0.13 4.97
N THR A 75 5.27 0.12 6.13
CA THR A 75 5.44 1.34 6.91
C THR A 75 6.66 2.15 6.46
N GLY A 76 7.28 1.72 5.36
CA GLY A 76 8.38 2.48 4.80
C GLY A 76 9.73 2.12 5.39
N ALA A 77 10.34 3.08 6.05
CA ALA A 77 11.71 2.93 6.55
C ALA A 77 11.76 2.43 7.98
N ASP A 78 10.67 2.64 8.72
CA ASP A 78 10.62 2.23 10.11
C ASP A 78 9.39 1.38 10.35
N VAL A 79 9.44 0.55 11.38
CA VAL A 79 8.35 -0.38 11.66
C VAL A 79 7.32 0.24 12.60
N TRP A 80 6.19 0.64 12.05
CA TRP A 80 5.09 1.14 12.85
C TRP A 80 4.08 0.02 13.06
N ILE A 81 3.93 -0.43 14.29
CA ILE A 81 3.03 -1.53 14.59
C ILE A 81 1.61 -1.01 14.82
N ALA A 82 0.67 -1.56 14.08
CA ALA A 82 -0.73 -1.18 14.22
C ALA A 82 -1.24 -1.53 15.61
N PRO A 83 -1.92 -0.58 16.27
CA PRO A 83 -2.46 -0.77 17.62
C PRO A 83 -3.36 -2.00 17.71
N ARG A 84 -3.39 -2.61 18.89
CA ARG A 84 -4.14 -3.85 19.11
C ARG A 84 -5.57 -3.74 18.63
N GLN A 85 -6.26 -2.67 19.02
CA GLN A 85 -7.67 -2.49 18.68
C GLN A 85 -7.84 -2.40 17.16
N LEU A 86 -7.00 -1.60 16.51
CA LEU A 86 -7.05 -1.45 15.06
C LEU A 86 -6.80 -2.78 14.36
N ARG A 87 -5.79 -3.50 14.86
CA ARG A 87 -5.42 -4.79 14.30
C ARG A 87 -6.56 -5.80 14.50
N GLU A 88 -7.17 -5.75 15.66
CA GLU A 88 -8.22 -6.67 16.04
C GLU A 88 -9.50 -6.35 15.28
N ALA A 89 -9.74 -5.06 15.04
CA ALA A 89 -10.90 -4.63 14.27
C ALA A 89 -10.82 -5.12 12.84
N LEU A 90 -9.64 -5.02 12.23
CA LEU A 90 -9.41 -5.49 10.88
C LEU A 90 -9.60 -7.01 10.81
N ARG A 91 -9.20 -7.69 11.87
CA ARG A 91 -9.41 -9.13 11.99
C ARG A 91 -10.90 -9.45 11.96
N GLY A 92 -11.70 -8.55 12.53
CA GLY A 92 -13.13 -8.74 12.56
C GLY A 92 -13.77 -8.58 11.20
N VAL A 93 -13.04 -7.99 10.26
CA VAL A 93 -13.50 -7.83 8.89
C VAL A 93 -12.99 -9.00 8.05
N ASN A 94 -12.31 -9.93 8.72
CA ASN A 94 -11.73 -11.12 8.08
C ASN A 94 -10.53 -10.75 7.21
N VAL A 95 -9.98 -9.57 7.45
CA VAL A 95 -8.84 -9.11 6.68
C VAL A 95 -7.54 -9.48 7.39
N VAL A 96 -6.72 -10.29 6.74
CA VAL A 96 -5.44 -10.70 7.29
C VAL A 96 -4.45 -9.54 7.23
N LEU A 97 -4.26 -8.88 8.36
CA LEU A 97 -3.37 -7.72 8.44
C LEU A 97 -1.96 -8.15 8.79
N ASP A 98 -0.98 -7.67 8.03
CA ASP A 98 0.42 -7.88 8.35
C ASP A 98 1.20 -6.60 8.12
N THR A 99 2.05 -6.24 9.09
CA THR A 99 2.86 -5.05 9.00
C THR A 99 4.31 -5.40 8.71
N MET A 100 4.85 -4.85 7.63
CA MET A 100 6.18 -5.21 7.18
C MET A 100 6.87 -3.99 6.55
N GLN A 101 8.17 -4.08 6.36
CA GLN A 101 8.90 -3.04 5.64
C GLN A 101 8.66 -3.20 4.15
N THR A 102 8.68 -2.08 3.43
CA THR A 102 8.29 -2.06 2.01
C THR A 102 9.05 -3.08 1.16
N GLY A 103 10.35 -3.21 1.39
CA GLY A 103 11.17 -4.11 0.58
C GLY A 103 10.66 -5.56 0.60
N PRO A 104 10.71 -6.24 1.75
CA PRO A 104 10.19 -7.61 1.89
C PRO A 104 8.71 -7.69 1.56
N ALA A 105 7.99 -6.58 1.77
CA ALA A 105 6.58 -6.52 1.45
C ALA A 105 6.38 -6.64 -0.06
N ILE A 106 7.24 -5.99 -0.83
CA ILE A 106 7.20 -6.08 -2.29
C ILE A 106 7.37 -7.53 -2.73
N ARG A 107 8.34 -8.21 -2.14
CA ARG A 107 8.58 -9.62 -2.46
C ARG A 107 7.37 -10.49 -2.07
N THR A 108 6.92 -10.33 -0.83
CA THR A 108 5.80 -11.12 -0.33
C THR A 108 4.53 -10.85 -1.14
N TYR A 109 4.34 -9.59 -1.53
CA TYR A 109 3.21 -9.21 -2.37
C TYR A 109 3.28 -9.93 -3.71
N ASN A 110 4.46 -9.91 -4.33
CA ASN A 110 4.68 -10.55 -5.62
C ASN A 110 4.38 -12.05 -5.55
N ILE A 111 4.57 -12.64 -4.38
CA ILE A 111 4.28 -14.05 -4.19
C ILE A 111 2.79 -14.30 -4.04
N MET A 112 2.15 -13.56 -3.14
CA MET A 112 0.75 -13.81 -2.80
C MET A 112 -0.20 -13.26 -3.85
N ILE A 113 0.26 -12.32 -4.67
CA ILE A 113 -0.58 -11.74 -5.71
C ILE A 113 -0.96 -12.80 -6.74
N GLY A 114 -0.03 -13.72 -7.01
CA GLY A 114 -0.31 -14.80 -7.92
C GLY A 114 -0.95 -15.97 -7.22
N GLU A 115 -0.73 -16.06 -5.92
CA GLU A 115 -1.25 -17.16 -5.11
C GLU A 115 -2.77 -17.03 -4.94
N ARG A 116 -3.19 -16.04 -4.16
CA ARG A 116 -4.60 -15.89 -3.83
C ARG A 116 -5.28 -14.83 -4.70
N ARG A 117 -4.50 -13.85 -5.16
CA ARG A 117 -5.03 -12.73 -5.96
C ARG A 117 -5.96 -11.84 -5.14
N ARG A 118 -6.10 -12.12 -3.85
CA ARG A 118 -6.99 -11.37 -2.98
C ARG A 118 -6.18 -10.51 -2.02
N VAL A 119 -4.98 -10.15 -2.43
CA VAL A 119 -4.07 -9.43 -1.56
C VAL A 119 -3.98 -7.97 -1.96
N ALA A 120 -4.09 -7.09 -0.98
CA ALA A 120 -3.97 -5.66 -1.21
C ALA A 120 -2.75 -5.13 -0.47
N ALA A 121 -1.98 -4.29 -1.13
CA ALA A 121 -0.77 -3.75 -0.54
C ALA A 121 -0.88 -2.25 -0.33
N ALA A 122 -0.80 -1.84 0.93
CA ALA A 122 -0.79 -0.43 1.28
C ALA A 122 0.63 -0.02 1.65
N LEU A 123 1.34 0.54 0.69
CA LEU A 123 2.75 0.86 0.87
C LEU A 123 2.96 2.36 0.97
N ILE A 124 3.61 2.79 2.03
CA ILE A 124 3.94 4.20 2.22
C ILE A 124 5.40 4.44 1.87
N ALA A 125 5.67 5.56 1.21
CA ALA A 125 7.03 5.91 0.82
C ALA A 125 7.82 6.42 2.02
N VAL A 126 9.13 6.22 1.98
CA VAL A 126 10.00 6.63 3.07
C VAL A 126 10.05 8.16 3.21
N PRO A 127 9.96 8.65 4.46
CA PRO A 127 10.10 10.08 4.75
C PRO A 127 11.55 10.52 4.63
N LEU A 128 11.99 10.75 3.40
CA LEU A 128 13.36 11.15 3.13
C LEU A 128 13.64 12.54 3.69
N GLU A 129 12.58 13.28 3.97
CA GLU A 129 12.70 14.62 4.51
C GLU A 129 12.69 14.60 6.04
N HIS A 130 12.69 13.38 6.59
CA HIS A 130 12.78 13.12 8.05
C HIS A 130 11.83 14.01 8.87
N HIS A 131 10.76 14.48 8.25
CA HIS A 131 9.86 15.41 8.90
C HIS A 131 8.72 14.68 9.58
N HIS A 132 8.77 14.63 10.90
CA HIS A 132 7.71 13.98 11.67
C HIS A 132 7.20 14.92 12.77
N HIS A 133 7.85 16.07 12.88
CA HIS A 133 7.48 17.12 13.84
C HIS A 133 7.80 16.69 15.28
N HIS A 134 7.54 17.60 16.21
CA HIS A 134 7.77 17.34 17.62
C HIS A 134 7.14 18.43 18.46
N HIS A 135 6.53 18.07 19.59
CA HIS A 135 5.98 19.05 20.50
C HIS A 135 6.66 18.95 21.86
N MET A 1 -16.02 -11.09 -16.19
CA MET A 1 -16.83 -10.51 -17.29
C MET A 1 -15.91 -10.11 -18.43
N ALA A 2 -16.43 -10.21 -19.66
CA ALA A 2 -15.65 -9.92 -20.86
C ALA A 2 -14.42 -10.82 -20.95
N GLN A 3 -13.46 -10.45 -21.77
CA GLN A 3 -12.23 -11.22 -21.91
C GLN A 3 -11.04 -10.38 -21.48
N ARG A 4 -10.15 -11.00 -20.72
CA ARG A 4 -8.96 -10.33 -20.22
C ARG A 4 -8.10 -9.83 -21.37
N SER A 5 -8.11 -8.52 -21.57
CA SER A 5 -7.40 -7.90 -22.68
C SER A 5 -7.44 -6.39 -22.54
N GLU A 6 -8.60 -5.87 -22.15
CA GLU A 6 -8.81 -4.45 -22.06
C GLU A 6 -8.58 -3.94 -20.64
N ILE A 7 -9.66 -3.78 -19.89
CA ILE A 7 -9.62 -3.25 -18.53
C ILE A 7 -8.95 -1.88 -18.51
N PRO A 8 -9.72 -0.81 -18.78
CA PRO A 8 -9.22 0.56 -18.87
C PRO A 8 -8.98 1.17 -17.49
N HIS A 9 -7.92 0.71 -16.83
CA HIS A 9 -7.53 1.23 -15.53
C HIS A 9 -6.20 0.59 -15.15
N PHE A 10 -6.28 -0.63 -14.62
CA PHE A 10 -5.12 -1.46 -14.31
C PHE A 10 -5.58 -2.90 -14.28
N PRO A 11 -5.32 -3.65 -15.37
CA PRO A 11 -5.82 -5.02 -15.52
C PRO A 11 -5.57 -5.89 -14.30
N ARG A 12 -4.31 -5.96 -13.90
CA ARG A 12 -3.87 -6.75 -12.74
C ARG A 12 -2.35 -6.81 -12.75
N THR A 13 -1.73 -5.79 -12.17
CA THR A 13 -0.29 -5.68 -12.24
C THR A 13 0.27 -5.11 -10.94
N ALA A 14 1.23 -5.80 -10.37
CA ALA A 14 1.96 -5.32 -9.21
C ALA A 14 3.34 -4.89 -9.64
N ALA A 15 3.39 -3.86 -10.47
CA ALA A 15 4.63 -3.47 -11.12
C ALA A 15 5.37 -2.42 -10.31
N ILE A 16 6.40 -2.86 -9.61
CA ILE A 16 7.29 -1.98 -8.90
C ILE A 16 8.64 -2.01 -9.57
N ASP A 17 8.92 -1.01 -10.40
CA ASP A 17 10.19 -0.97 -11.14
C ASP A 17 11.34 -0.86 -10.16
N ALA A 18 11.29 0.18 -9.34
CA ALA A 18 12.29 0.41 -8.30
C ALA A 18 11.80 1.53 -7.39
N TYR A 19 12.53 1.79 -6.33
CA TYR A 19 12.19 2.88 -5.43
C TYR A 19 13.45 3.53 -4.89
N GLY A 20 13.33 4.77 -4.46
CA GLY A 20 14.47 5.50 -3.94
C GLY A 20 14.35 6.98 -4.21
N LYS A 21 14.10 7.75 -3.15
CA LYS A 21 13.88 9.18 -3.23
C LYS A 21 12.54 9.49 -3.90
N GLY A 22 11.71 10.26 -3.21
CA GLY A 22 10.41 10.59 -3.73
C GLY A 22 9.36 9.59 -3.28
N GLY A 23 9.39 8.40 -3.87
CA GLY A 23 8.44 7.37 -3.50
C GLY A 23 8.60 6.11 -4.33
N PHE A 24 7.55 5.73 -5.02
CA PHE A 24 7.55 4.51 -5.81
C PHE A 24 7.43 4.83 -7.29
N TYR A 25 8.21 4.14 -8.10
CA TYR A 25 8.16 4.32 -9.54
C TYR A 25 7.42 3.16 -10.20
N PHE A 26 6.22 3.44 -10.69
CA PHE A 26 5.39 2.43 -11.31
C PHE A 26 4.67 3.01 -12.53
N ALA A 27 4.62 2.23 -13.61
CA ALA A 27 3.89 2.61 -14.83
C ALA A 27 4.43 3.90 -15.44
N GLY A 28 5.61 4.31 -15.01
CA GLY A 28 6.20 5.54 -15.50
C GLY A 28 5.91 6.72 -14.59
N MET A 29 5.19 6.47 -13.52
CA MET A 29 4.84 7.53 -12.56
C MET A 29 5.71 7.43 -11.32
N SER A 30 6.26 8.56 -10.92
CA SER A 30 7.03 8.65 -9.69
C SER A 30 6.12 9.14 -8.57
N HIS A 31 5.49 8.19 -7.88
CA HIS A 31 4.48 8.53 -6.89
C HIS A 31 5.11 8.74 -5.52
N GLN A 32 5.11 9.99 -5.07
CA GLN A 32 5.55 10.33 -3.74
C GLN A 32 4.43 10.09 -2.73
N GLY A 33 4.78 9.55 -1.58
CA GLY A 33 3.78 9.29 -0.55
C GLY A 33 3.53 7.81 -0.37
N SER A 34 2.28 7.39 -0.51
CA SER A 34 1.92 6.00 -0.32
C SER A 34 1.01 5.50 -1.46
N LEU A 35 1.03 4.20 -1.67
CA LEU A 35 0.22 3.56 -2.69
C LEU A 35 -0.68 2.49 -2.08
N LEU A 36 -1.79 2.22 -2.75
CA LEU A 36 -2.74 1.23 -2.26
C LEU A 36 -3.05 0.25 -3.38
N PHE A 37 -2.37 -0.88 -3.37
CA PHE A 37 -2.55 -1.89 -4.39
C PHE A 37 -3.71 -2.81 -4.04
N LEU A 38 -4.66 -2.91 -4.96
CA LEU A 38 -5.80 -3.79 -4.78
C LEU A 38 -5.79 -4.89 -5.84
N PRO A 39 -6.50 -6.00 -5.59
CA PRO A 39 -6.54 -7.14 -6.51
C PRO A 39 -7.18 -6.79 -7.85
N ASP A 40 -7.91 -5.70 -7.90
CA ASP A 40 -8.65 -5.32 -9.10
C ASP A 40 -7.90 -4.24 -9.90
N ALA A 41 -7.06 -3.47 -9.21
CA ALA A 41 -6.33 -2.38 -9.86
C ALA A 41 -5.37 -1.71 -8.89
N VAL A 42 -4.54 -0.81 -9.40
CA VAL A 42 -3.61 -0.05 -8.58
C VAL A 42 -4.22 1.28 -8.19
N TRP A 43 -4.20 1.59 -6.89
CA TRP A 43 -4.76 2.83 -6.39
C TRP A 43 -3.72 3.58 -5.54
N GLY A 44 -4.10 4.72 -5.00
CA GLY A 44 -3.20 5.49 -4.17
C GLY A 44 -3.71 5.59 -2.74
N TRP A 45 -2.82 5.90 -1.82
CA TRP A 45 -3.22 6.02 -0.42
C TRP A 45 -3.08 7.48 0.03
N ASP A 46 -3.61 7.79 1.21
CA ASP A 46 -3.71 9.17 1.67
C ASP A 46 -2.91 9.39 2.95
N VAL A 47 -1.92 8.55 3.16
CA VAL A 47 -1.05 8.67 4.33
C VAL A 47 0.36 9.04 3.90
N THR A 48 0.73 10.29 4.06
CA THR A 48 2.02 10.78 3.63
C THR A 48 3.10 10.46 4.66
N LYS A 49 2.75 10.49 5.94
CA LYS A 49 3.69 10.17 7.00
C LYS A 49 3.14 9.04 7.88
N PRO A 50 3.97 8.01 8.12
CA PRO A 50 3.54 6.81 8.86
C PRO A 50 3.21 7.10 10.32
N GLU A 51 1.92 7.37 10.56
CA GLU A 51 1.39 7.55 11.90
C GLU A 51 -0.13 7.65 11.85
N GLN A 52 -0.62 8.47 10.93
CA GLN A 52 -2.06 8.71 10.80
C GLN A 52 -2.75 7.59 10.04
N ILE A 53 -2.38 6.36 10.33
CA ILE A 53 -3.09 5.21 9.79
C ILE A 53 -4.33 4.97 10.66
N ASP A 54 -5.36 5.74 10.39
CA ASP A 54 -6.57 5.75 11.20
C ASP A 54 -7.72 5.11 10.42
N ARG A 55 -8.81 4.84 11.13
CA ARG A 55 -10.02 4.28 10.53
C ARG A 55 -10.47 5.08 9.30
N TYR A 56 -10.31 6.40 9.35
CA TYR A 56 -10.68 7.25 8.21
C TYR A 56 -9.69 7.10 7.06
N SER A 57 -8.43 6.89 7.39
CA SER A 57 -7.40 6.68 6.38
C SER A 57 -7.59 5.33 5.71
N LEU A 58 -8.23 4.41 6.43
CA LEU A 58 -8.50 3.08 5.93
C LEU A 58 -9.94 2.97 5.41
N GLN A 59 -10.53 4.12 5.12
CA GLN A 59 -11.90 4.19 4.64
C GLN A 59 -12.11 3.34 3.39
N ARG A 60 -11.16 3.39 2.46
CA ARG A 60 -11.25 2.61 1.24
C ARG A 60 -10.91 1.14 1.50
N VAL A 61 -10.33 0.87 2.65
CA VAL A 61 -9.98 -0.50 3.03
C VAL A 61 -11.20 -1.21 3.60
N PHE A 62 -11.89 -0.55 4.52
CA PHE A 62 -13.11 -1.11 5.11
C PHE A 62 -14.19 -1.25 4.03
N ASP A 63 -14.20 -0.32 3.09
CA ASP A 63 -15.20 -0.31 2.03
C ASP A 63 -14.99 -1.46 1.05
N ASN A 64 -13.75 -1.63 0.59
CA ASN A 64 -13.44 -2.65 -0.39
C ASN A 64 -12.94 -3.93 0.28
N ALA A 65 -13.40 -4.16 1.51
CA ALA A 65 -12.99 -5.32 2.28
C ALA A 65 -13.62 -6.60 1.74
N ASN A 66 -14.28 -6.50 0.60
CA ASN A 66 -14.83 -7.66 -0.08
C ASN A 66 -13.72 -8.40 -0.82
N ALA A 67 -12.79 -7.62 -1.36
CA ALA A 67 -11.65 -8.19 -2.07
C ALA A 67 -10.41 -8.19 -1.18
N ILE A 68 -10.39 -7.31 -0.19
CA ILE A 68 -9.26 -7.22 0.72
C ILE A 68 -9.37 -8.23 1.84
N ASP A 69 -8.74 -9.37 1.65
CA ASP A 69 -8.66 -10.39 2.67
C ASP A 69 -7.37 -10.24 3.47
N THR A 70 -6.26 -10.35 2.76
CA THR A 70 -4.96 -10.18 3.37
C THR A 70 -4.38 -8.82 2.96
N LEU A 71 -4.03 -8.01 3.96
CA LEU A 71 -3.53 -6.67 3.70
C LEU A 71 -2.09 -6.54 4.18
N ILE A 72 -1.17 -6.38 3.24
CA ILE A 72 0.23 -6.20 3.57
C ILE A 72 0.60 -4.72 3.55
N VAL A 73 1.06 -4.23 4.68
CA VAL A 73 1.48 -2.83 4.79
C VAL A 73 3.00 -2.75 4.73
N GLY A 74 3.51 -1.98 3.77
CA GLY A 74 4.94 -1.89 3.58
C GLY A 74 5.50 -0.58 4.10
N THR A 75 6.05 -0.61 5.31
CA THR A 75 6.65 0.56 5.91
C THR A 75 8.13 0.32 6.22
N GLY A 76 8.99 0.78 5.34
CA GLY A 76 10.42 0.64 5.54
C GLY A 76 11.00 1.80 6.33
N ALA A 77 10.12 2.65 6.86
CA ALA A 77 10.54 3.80 7.63
C ALA A 77 10.64 3.47 9.11
N ASP A 78 9.75 2.58 9.56
CA ASP A 78 9.69 2.17 10.96
C ASP A 78 8.68 1.04 11.09
N VAL A 79 8.76 0.29 12.18
CA VAL A 79 7.84 -0.83 12.40
C VAL A 79 6.58 -0.33 13.09
N TRP A 80 5.54 -0.09 12.30
CA TRP A 80 4.29 0.41 12.83
C TRP A 80 3.44 -0.72 13.39
N ILE A 81 3.16 -0.66 14.68
CA ILE A 81 2.35 -1.66 15.35
C ILE A 81 0.94 -1.13 15.59
N ALA A 82 -0.04 -1.82 15.05
CA ALA A 82 -1.44 -1.41 15.20
C ALA A 82 -1.94 -1.69 16.61
N PRO A 83 -2.62 -0.70 17.22
CA PRO A 83 -3.23 -0.87 18.55
C PRO A 83 -4.35 -1.90 18.53
N ARG A 84 -4.77 -2.35 19.70
CA ARG A 84 -5.73 -3.44 19.79
C ARG A 84 -7.07 -3.05 19.21
N GLN A 85 -7.55 -1.84 19.52
CA GLN A 85 -8.85 -1.40 19.05
C GLN A 85 -8.90 -1.37 17.52
N LEU A 86 -7.87 -0.80 16.90
CA LEU A 86 -7.78 -0.73 15.45
C LEU A 86 -7.60 -2.12 14.86
N ARG A 87 -6.81 -2.95 15.52
CA ARG A 87 -6.55 -4.31 15.05
C ARG A 87 -7.83 -5.15 15.07
N GLU A 88 -8.60 -5.03 16.15
CA GLU A 88 -9.87 -5.73 16.27
C GLU A 88 -10.84 -5.25 15.20
N ALA A 89 -10.74 -3.98 14.84
CA ALA A 89 -11.57 -3.41 13.80
C ALA A 89 -11.21 -4.00 12.44
N LEU A 90 -9.92 -3.97 12.11
CA LEU A 90 -9.44 -4.47 10.83
C LEU A 90 -9.60 -5.99 10.71
N ARG A 91 -9.05 -6.72 11.67
CA ARG A 91 -9.03 -8.18 11.59
C ARG A 91 -10.42 -8.76 11.86
N GLY A 92 -11.26 -7.96 12.51
CA GLY A 92 -12.62 -8.38 12.77
C GLY A 92 -13.45 -8.47 11.50
N VAL A 93 -13.17 -7.60 10.54
CA VAL A 93 -13.86 -7.62 9.26
C VAL A 93 -13.12 -8.51 8.27
N ASN A 94 -12.39 -9.49 8.82
CA ASN A 94 -11.68 -10.54 8.06
C ASN A 94 -10.30 -10.06 7.60
N VAL A 95 -10.12 -8.76 7.48
CA VAL A 95 -8.89 -8.20 6.93
C VAL A 95 -7.68 -8.59 7.79
N VAL A 96 -6.86 -9.47 7.24
CA VAL A 96 -5.64 -9.90 7.92
C VAL A 96 -4.55 -8.86 7.73
N LEU A 97 -4.32 -8.07 8.76
CA LEU A 97 -3.31 -7.02 8.71
C LEU A 97 -1.92 -7.61 8.90
N ASP A 98 -1.08 -7.42 7.92
CA ASP A 98 0.30 -7.90 7.98
C ASP A 98 1.26 -6.77 7.65
N THR A 99 2.07 -6.39 8.61
CA THR A 99 3.02 -5.30 8.42
C THR A 99 4.41 -5.83 8.07
N MET A 100 5.06 -5.14 7.14
CA MET A 100 6.39 -5.52 6.69
C MET A 100 7.11 -4.27 6.19
N GLN A 101 8.43 -4.35 6.05
CA GLN A 101 9.19 -3.23 5.49
C GLN A 101 8.98 -3.17 3.98
N THR A 102 9.16 -1.99 3.41
CA THR A 102 8.88 -1.75 2.00
C THR A 102 9.51 -2.80 1.07
N GLY A 103 10.81 -3.04 1.25
CA GLY A 103 11.52 -3.99 0.40
C GLY A 103 10.91 -5.38 0.39
N PRO A 104 10.99 -6.11 1.53
CA PRO A 104 10.43 -7.46 1.64
C PRO A 104 8.93 -7.51 1.34
N ALA A 105 8.22 -6.40 1.57
CA ALA A 105 6.80 -6.33 1.30
C ALA A 105 6.53 -6.43 -0.20
N ILE A 106 7.27 -5.65 -0.98
CA ILE A 106 7.15 -5.66 -2.43
C ILE A 106 7.45 -7.05 -2.99
N ARG A 107 8.54 -7.64 -2.52
CA ARG A 107 8.96 -8.96 -2.96
C ARG A 107 7.88 -9.99 -2.67
N THR A 108 7.42 -10.02 -1.42
CA THR A 108 6.42 -10.99 -1.01
C THR A 108 5.09 -10.75 -1.75
N TYR A 109 4.73 -9.49 -1.94
CA TYR A 109 3.48 -9.17 -2.62
C TYR A 109 3.52 -9.62 -4.08
N ASN A 110 4.68 -9.47 -4.72
CA ASN A 110 4.85 -9.92 -6.10
C ASN A 110 4.61 -11.42 -6.22
N ILE A 111 5.12 -12.16 -5.25
CA ILE A 111 4.93 -13.60 -5.20
C ILE A 111 3.48 -13.94 -4.85
N MET A 112 2.92 -13.18 -3.92
CA MET A 112 1.55 -13.39 -3.45
C MET A 112 0.52 -13.15 -4.55
N ILE A 113 0.61 -11.99 -5.20
CA ILE A 113 -0.37 -11.59 -6.22
C ILE A 113 -0.20 -12.42 -7.50
N GLY A 114 0.96 -13.05 -7.64
CA GLY A 114 1.25 -13.82 -8.83
C GLY A 114 0.37 -15.06 -8.96
N GLU A 115 -0.29 -15.42 -7.87
CA GLU A 115 -1.19 -16.57 -7.89
C GLU A 115 -2.64 -16.12 -8.01
N ARG A 116 -2.83 -14.82 -8.23
CA ARG A 116 -4.17 -14.21 -8.26
C ARG A 116 -4.92 -14.50 -6.96
N ARG A 117 -4.56 -13.74 -5.93
CA ARG A 117 -5.09 -13.97 -4.60
C ARG A 117 -5.78 -12.71 -4.09
N ARG A 118 -6.77 -12.89 -3.23
CA ARG A 118 -7.44 -11.77 -2.57
C ARG A 118 -6.49 -11.09 -1.56
N VAL A 119 -5.59 -10.27 -2.07
CA VAL A 119 -4.59 -9.62 -1.25
C VAL A 119 -4.40 -8.17 -1.68
N ALA A 120 -4.11 -7.30 -0.73
CA ALA A 120 -3.89 -5.89 -1.00
C ALA A 120 -2.57 -5.43 -0.39
N ALA A 121 -1.99 -4.37 -0.93
CA ALA A 121 -0.71 -3.87 -0.45
C ALA A 121 -0.75 -2.37 -0.22
N ALA A 122 -0.50 -1.97 1.02
CA ALA A 122 -0.42 -0.56 1.36
C ALA A 122 1.04 -0.17 1.57
N LEU A 123 1.65 0.40 0.55
CA LEU A 123 3.08 0.69 0.58
C LEU A 123 3.33 2.17 0.83
N ILE A 124 4.14 2.47 1.83
CA ILE A 124 4.51 3.83 2.15
C ILE A 124 5.98 4.07 1.84
N ALA A 125 6.28 5.24 1.27
CA ALA A 125 7.65 5.58 0.92
C ALA A 125 8.48 5.85 2.18
N VAL A 126 9.79 5.71 2.03
CA VAL A 126 10.70 5.91 3.15
C VAL A 126 11.28 7.32 3.12
N PRO A 127 11.16 8.06 4.24
CA PRO A 127 11.75 9.39 4.38
C PRO A 127 13.26 9.35 4.18
N LEU A 128 13.82 10.45 3.69
CA LEU A 128 15.23 10.48 3.32
C LEU A 128 16.11 10.78 4.52
N GLU A 129 15.57 11.48 5.50
CA GLU A 129 16.32 11.80 6.71
C GLU A 129 15.39 12.05 7.89
N HIS A 130 14.50 11.11 8.13
CA HIS A 130 13.56 11.18 9.25
C HIS A 130 13.41 9.83 9.92
N HIS A 131 13.27 9.84 11.24
CA HIS A 131 13.12 8.61 12.00
C HIS A 131 12.27 8.85 13.26
N HIS A 132 11.88 7.77 13.92
CA HIS A 132 11.18 7.85 15.19
C HIS A 132 12.15 7.60 16.33
N HIS A 133 11.66 7.74 17.55
CA HIS A 133 12.42 7.32 18.72
C HIS A 133 12.43 5.81 18.80
N HIS A 134 13.27 5.21 17.98
CA HIS A 134 13.34 3.76 17.85
C HIS A 134 14.77 3.34 17.59
N HIS A 135 15.45 2.88 18.64
CA HIS A 135 16.84 2.47 18.52
C HIS A 135 16.91 0.96 18.51
N MET A 1 -13.75 17.04 -18.86
CA MET A 1 -12.88 18.14 -19.34
C MET A 1 -12.09 18.77 -18.20
N ALA A 2 -12.00 18.06 -17.07
CA ALA A 2 -11.29 18.57 -15.90
C ALA A 2 -9.80 18.72 -16.18
N GLN A 3 -9.07 17.61 -16.11
CA GLN A 3 -7.63 17.62 -16.36
C GLN A 3 -7.17 16.22 -16.69
N ARG A 4 -7.02 15.40 -15.65
CA ARG A 4 -6.70 13.98 -15.83
C ARG A 4 -7.99 13.19 -15.94
N SER A 5 -8.86 13.34 -14.94
CA SER A 5 -10.20 12.76 -14.95
C SER A 5 -10.17 11.23 -15.04
N GLU A 6 -10.12 10.71 -16.26
CA GLU A 6 -10.14 9.30 -16.50
C GLU A 6 -8.72 8.73 -16.54
N ILE A 7 -8.24 8.30 -15.38
CA ILE A 7 -6.89 7.79 -15.27
C ILE A 7 -6.82 6.30 -15.61
N PRO A 8 -5.71 5.86 -16.23
CA PRO A 8 -5.51 4.47 -16.60
C PRO A 8 -5.45 3.56 -15.37
N HIS A 9 -6.32 2.58 -15.34
CA HIS A 9 -6.39 1.66 -14.22
C HIS A 9 -5.33 0.57 -14.39
N PHE A 10 -4.36 0.57 -13.49
CA PHE A 10 -3.25 -0.36 -13.54
C PHE A 10 -3.73 -1.80 -13.38
N PRO A 11 -3.40 -2.66 -14.36
CA PRO A 11 -3.84 -4.05 -14.38
C PRO A 11 -2.98 -4.95 -13.49
N ARG A 12 -2.98 -4.67 -12.20
CA ARG A 12 -2.23 -5.45 -11.21
C ARG A 12 -0.72 -5.29 -11.42
N THR A 13 -0.15 -4.32 -10.72
CA THR A 13 1.28 -4.06 -10.82
C THR A 13 2.06 -4.85 -9.78
N ALA A 14 2.71 -5.91 -10.22
CA ALA A 14 3.49 -6.75 -9.33
C ALA A 14 4.98 -6.44 -9.46
N ALA A 15 5.31 -5.55 -10.39
CA ALA A 15 6.69 -5.15 -10.61
C ALA A 15 6.89 -3.67 -10.33
N ILE A 16 7.55 -3.38 -9.22
CA ILE A 16 7.79 -2.00 -8.80
C ILE A 16 9.28 -1.70 -8.75
N ASP A 17 9.66 -0.51 -9.20
CA ASP A 17 11.05 -0.08 -9.17
C ASP A 17 11.10 1.45 -9.06
N ALA A 18 12.29 2.02 -9.24
CA ALA A 18 12.49 3.48 -9.15
C ALA A 18 12.00 4.03 -7.81
N TYR A 19 12.11 3.21 -6.78
CA TYR A 19 11.67 3.60 -5.45
C TYR A 19 12.87 3.91 -4.57
N GLY A 20 12.83 5.06 -3.90
CA GLY A 20 13.92 5.47 -3.04
C GLY A 20 13.83 6.93 -2.66
N LYS A 21 13.45 7.75 -3.63
CA LYS A 21 13.29 9.18 -3.40
C LYS A 21 12.04 9.69 -4.09
N GLY A 22 11.33 10.61 -3.46
CA GLY A 22 10.15 11.20 -4.05
C GLY A 22 8.90 10.39 -3.76
N GLY A 23 8.96 9.10 -4.05
CA GLY A 23 7.83 8.22 -3.80
C GLY A 23 7.95 6.93 -4.57
N PHE A 24 6.98 6.65 -5.41
CA PHE A 24 6.98 5.43 -6.20
C PHE A 24 6.78 5.75 -7.69
N TYR A 25 7.79 5.43 -8.48
CA TYR A 25 7.67 5.56 -9.92
C TYR A 25 7.66 4.18 -10.57
N PHE A 26 6.46 3.71 -10.90
CA PHE A 26 6.33 2.43 -11.56
C PHE A 26 5.73 2.62 -12.95
N ALA A 27 5.73 1.55 -13.74
CA ALA A 27 5.19 1.57 -15.09
C ALA A 27 3.77 2.12 -15.09
N GLY A 28 3.61 3.31 -15.65
CA GLY A 28 2.33 3.96 -15.66
C GLY A 28 2.41 5.37 -15.14
N MET A 29 1.86 5.60 -13.95
CA MET A 29 1.80 6.93 -13.37
C MET A 29 2.58 7.00 -12.06
N SER A 30 3.24 8.12 -11.83
CA SER A 30 4.04 8.32 -10.63
C SER A 30 3.18 8.76 -9.46
N HIS A 31 3.63 8.44 -8.25
CA HIS A 31 2.91 8.82 -7.03
C HIS A 31 3.91 9.13 -5.92
N GLN A 32 3.45 9.80 -4.87
CA GLN A 32 4.35 10.27 -3.82
C GLN A 32 4.16 9.49 -2.52
N GLY A 33 3.05 9.74 -1.85
CA GLY A 33 2.86 9.27 -0.49
C GLY A 33 2.72 7.77 -0.37
N SER A 34 1.53 7.25 -0.65
CA SER A 34 1.26 5.84 -0.47
C SER A 34 0.30 5.31 -1.53
N LEU A 35 0.45 4.04 -1.87
CA LEU A 35 -0.39 3.42 -2.87
C LEU A 35 -1.12 2.21 -2.29
N LEU A 36 -2.29 1.92 -2.84
CA LEU A 36 -3.08 0.78 -2.42
C LEU A 36 -3.12 -0.24 -3.55
N PHE A 37 -2.23 -1.23 -3.47
CA PHE A 37 -2.18 -2.27 -4.48
C PHE A 37 -3.20 -3.36 -4.16
N LEU A 38 -4.36 -3.26 -4.78
CA LEU A 38 -5.42 -4.22 -4.59
C LEU A 38 -5.23 -5.39 -5.54
N PRO A 39 -5.91 -6.53 -5.30
CA PRO A 39 -5.73 -7.75 -6.09
C PRO A 39 -6.30 -7.67 -7.51
N ASP A 40 -6.58 -6.45 -7.98
CA ASP A 40 -7.13 -6.28 -9.32
C ASP A 40 -6.78 -4.91 -9.91
N ALA A 41 -6.66 -3.90 -9.05
CA ALA A 41 -6.34 -2.56 -9.50
C ALA A 41 -5.45 -1.85 -8.50
N VAL A 42 -4.71 -0.86 -8.96
CA VAL A 42 -3.83 -0.08 -8.10
C VAL A 42 -4.43 1.30 -7.84
N TRP A 43 -4.73 1.56 -6.58
CA TRP A 43 -5.29 2.85 -6.17
C TRP A 43 -4.27 3.66 -5.39
N GLY A 44 -4.62 4.90 -5.07
CA GLY A 44 -3.76 5.73 -4.27
C GLY A 44 -4.28 5.85 -2.86
N TRP A 45 -3.38 6.04 -1.91
CA TRP A 45 -3.75 6.15 -0.51
C TRP A 45 -3.62 7.60 -0.06
N ASP A 46 -4.24 7.94 1.06
CA ASP A 46 -4.31 9.33 1.51
C ASP A 46 -3.45 9.54 2.76
N VAL A 47 -2.44 8.69 2.91
CA VAL A 47 -1.56 8.74 4.08
C VAL A 47 -0.15 9.15 3.66
N THR A 48 0.46 10.06 4.41
CA THR A 48 1.78 10.56 4.09
C THR A 48 2.88 9.71 4.75
N LYS A 49 2.62 9.26 5.97
CA LYS A 49 3.61 8.48 6.71
C LYS A 49 2.91 7.56 7.71
N PRO A 50 3.64 6.56 8.25
CA PRO A 50 3.12 5.65 9.28
C PRO A 50 2.59 6.39 10.50
N GLU A 51 1.84 5.67 11.35
CA GLU A 51 1.21 6.23 12.55
C GLU A 51 -0.02 7.07 12.18
N GLN A 52 -0.02 7.63 10.98
CA GLN A 52 -1.18 8.36 10.47
C GLN A 52 -2.24 7.36 9.99
N ILE A 53 -1.91 6.08 10.07
CA ILE A 53 -2.82 5.02 9.68
C ILE A 53 -3.90 4.82 10.74
N ASP A 54 -5.13 5.18 10.40
CA ASP A 54 -6.25 5.05 11.32
C ASP A 54 -7.52 4.69 10.58
N ARG A 55 -8.63 4.69 11.31
CA ARG A 55 -9.91 4.24 10.79
C ARG A 55 -10.40 5.11 9.64
N TYR A 56 -10.15 6.41 9.71
CA TYR A 56 -10.56 7.33 8.66
C TYR A 56 -9.61 7.25 7.47
N SER A 57 -8.33 7.11 7.76
CA SER A 57 -7.31 6.98 6.72
C SER A 57 -7.48 5.65 5.96
N LEU A 58 -8.16 4.69 6.58
CA LEU A 58 -8.39 3.40 5.97
C LEU A 58 -9.77 3.33 5.32
N GLN A 59 -10.39 4.49 5.09
CA GLN A 59 -11.73 4.55 4.50
C GLN A 59 -11.78 3.81 3.17
N ARG A 60 -10.84 4.10 2.29
CA ARG A 60 -10.79 3.45 0.97
C ARG A 60 -10.56 1.95 1.13
N VAL A 61 -9.98 1.56 2.25
CA VAL A 61 -9.73 0.15 2.54
C VAL A 61 -11.02 -0.53 2.98
N PHE A 62 -11.74 0.09 3.91
CA PHE A 62 -13.04 -0.43 4.37
C PHE A 62 -14.04 -0.40 3.22
N ASP A 63 -13.88 0.55 2.32
CA ASP A 63 -14.73 0.69 1.15
C ASP A 63 -14.64 -0.54 0.25
N ASN A 64 -13.48 -1.18 0.25
CA ASN A 64 -13.25 -2.34 -0.61
C ASN A 64 -12.83 -3.55 0.22
N ALA A 65 -13.20 -3.54 1.50
CA ALA A 65 -12.79 -4.57 2.44
C ALA A 65 -13.31 -5.95 2.04
N ASN A 66 -14.40 -5.97 1.27
CA ASN A 66 -15.01 -7.22 0.83
C ASN A 66 -14.09 -7.97 -0.14
N ALA A 67 -13.14 -7.24 -0.72
CA ALA A 67 -12.21 -7.83 -1.67
C ALA A 67 -10.83 -8.02 -1.04
N ILE A 68 -10.75 -7.76 0.26
CA ILE A 68 -9.47 -7.84 0.95
C ILE A 68 -9.45 -8.99 1.94
N ASP A 69 -8.40 -9.79 1.86
CA ASP A 69 -8.20 -10.92 2.76
C ASP A 69 -6.96 -10.68 3.63
N THR A 70 -5.89 -10.29 2.98
CA THR A 70 -4.64 -9.98 3.67
C THR A 70 -4.19 -8.57 3.32
N LEU A 71 -3.94 -7.76 4.35
CA LEU A 71 -3.49 -6.40 4.14
C LEU A 71 -2.04 -6.26 4.59
N ILE A 72 -1.16 -6.02 3.63
CA ILE A 72 0.26 -5.87 3.92
C ILE A 72 0.63 -4.40 3.88
N VAL A 73 0.95 -3.84 5.04
CA VAL A 73 1.29 -2.44 5.14
C VAL A 73 2.80 -2.22 5.06
N GLY A 74 3.24 -1.56 4.00
CA GLY A 74 4.64 -1.23 3.86
C GLY A 74 4.98 0.03 4.62
N THR A 75 5.66 -0.13 5.74
CA THR A 75 5.93 0.97 6.66
C THR A 75 7.21 1.71 6.27
N GLY A 76 7.87 1.25 5.23
CA GLY A 76 9.09 1.89 4.79
C GLY A 76 10.32 1.14 5.24
N ALA A 77 11.09 1.74 6.13
CA ALA A 77 12.37 1.15 6.55
C ALA A 77 12.31 0.64 8.00
N ASP A 78 11.13 0.69 8.60
CA ASP A 78 10.97 0.25 9.98
C ASP A 78 9.59 -0.36 10.19
N VAL A 79 9.49 -1.28 11.12
CA VAL A 79 8.21 -1.94 11.40
C VAL A 79 7.44 -1.20 12.48
N TRP A 80 6.39 -0.51 12.09
CA TRP A 80 5.51 0.16 13.04
C TRP A 80 4.44 -0.82 13.52
N ILE A 81 4.12 -0.78 14.79
CA ILE A 81 3.13 -1.67 15.35
C ILE A 81 1.75 -1.08 15.21
N ALA A 82 1.02 -1.57 14.20
CA ALA A 82 -0.34 -1.14 13.96
C ALA A 82 -1.22 -1.44 15.18
N PRO A 83 -2.13 -0.51 15.52
CA PRO A 83 -2.97 -0.60 16.71
C PRO A 83 -3.73 -1.92 16.79
N ARG A 84 -3.72 -2.50 17.98
CA ARG A 84 -4.41 -3.77 18.26
C ARG A 84 -5.89 -3.68 17.90
N GLN A 85 -6.53 -2.61 18.34
CA GLN A 85 -7.96 -2.41 18.06
C GLN A 85 -8.21 -2.33 16.56
N LEU A 86 -7.37 -1.54 15.87
CA LEU A 86 -7.50 -1.38 14.43
C LEU A 86 -7.30 -2.72 13.73
N ARG A 87 -6.34 -3.50 14.22
CA ARG A 87 -6.09 -4.83 13.70
C ARG A 87 -7.31 -5.73 13.89
N GLU A 88 -7.88 -5.67 15.08
CA GLU A 88 -9.04 -6.49 15.41
C GLU A 88 -10.27 -6.03 14.63
N ALA A 89 -10.30 -4.75 14.27
CA ALA A 89 -11.39 -4.22 13.45
C ALA A 89 -11.35 -4.82 12.06
N LEU A 90 -10.17 -4.80 11.44
CA LEU A 90 -9.98 -5.41 10.14
C LEU A 90 -10.19 -6.92 10.21
N ARG A 91 -9.65 -7.51 11.27
CA ARG A 91 -9.79 -8.94 11.53
C ARG A 91 -11.26 -9.31 11.74
N GLY A 92 -12.04 -8.36 12.26
CA GLY A 92 -13.45 -8.58 12.46
C GLY A 92 -14.20 -8.70 11.16
N VAL A 93 -13.69 -8.02 10.13
CA VAL A 93 -14.30 -8.06 8.81
C VAL A 93 -13.82 -9.30 8.06
N ASN A 94 -12.63 -9.21 7.47
CA ASN A 94 -12.08 -10.30 6.69
C ASN A 94 -10.59 -10.03 6.38
N VAL A 95 -10.01 -9.08 7.10
CA VAL A 95 -8.70 -8.58 6.74
C VAL A 95 -7.65 -8.90 7.80
N VAL A 96 -6.63 -9.65 7.40
CA VAL A 96 -5.48 -9.88 8.26
C VAL A 96 -4.50 -8.72 8.11
N LEU A 97 -4.15 -8.09 9.21
CA LEU A 97 -3.33 -6.90 9.18
C LEU A 97 -1.86 -7.21 9.51
N ASP A 98 -1.02 -7.16 8.50
CA ASP A 98 0.42 -7.38 8.67
C ASP A 98 1.18 -6.10 8.35
N THR A 99 2.23 -5.82 9.11
CA THR A 99 2.99 -4.60 8.93
C THR A 99 4.48 -4.90 8.80
N MET A 100 5.11 -4.39 7.75
CA MET A 100 6.53 -4.68 7.49
C MET A 100 7.15 -3.61 6.61
N GLN A 101 8.44 -3.74 6.33
CA GLN A 101 9.15 -2.80 5.46
C GLN A 101 8.62 -2.87 4.03
N THR A 102 8.89 -1.81 3.26
CA THR A 102 8.40 -1.71 1.89
C THR A 102 8.98 -2.81 1.00
N GLY A 103 10.26 -3.11 1.18
CA GLY A 103 10.91 -4.15 0.40
C GLY A 103 10.18 -5.48 0.48
N PRO A 104 10.11 -6.09 1.68
CA PRO A 104 9.39 -7.35 1.89
C PRO A 104 7.92 -7.26 1.49
N ALA A 105 7.32 -6.08 1.68
CA ALA A 105 5.91 -5.87 1.35
C ALA A 105 5.67 -6.01 -0.15
N ILE A 106 6.55 -5.41 -0.95
CA ILE A 106 6.45 -5.53 -2.41
C ILE A 106 6.67 -6.98 -2.82
N ARG A 107 7.61 -7.63 -2.16
CA ARG A 107 7.96 -9.02 -2.47
C ARG A 107 6.80 -9.95 -2.15
N THR A 108 6.21 -9.78 -0.97
CA THR A 108 5.11 -10.65 -0.53
C THR A 108 3.87 -10.47 -1.40
N TYR A 109 3.56 -9.23 -1.77
CA TYR A 109 2.45 -8.96 -2.68
C TYR A 109 2.70 -9.64 -4.02
N ASN A 110 3.93 -9.49 -4.51
CA ASN A 110 4.34 -10.11 -5.78
C ASN A 110 4.12 -11.63 -5.75
N ILE A 111 4.28 -12.22 -4.58
CA ILE A 111 4.08 -13.65 -4.41
C ILE A 111 2.59 -13.99 -4.29
N MET A 112 1.90 -13.32 -3.37
CA MET A 112 0.50 -13.64 -3.07
C MET A 112 -0.42 -13.36 -4.26
N ILE A 113 -0.09 -12.35 -5.05
CA ILE A 113 -0.92 -11.98 -6.20
C ILE A 113 -0.90 -13.08 -7.26
N GLY A 114 0.17 -13.89 -7.25
CA GLY A 114 0.28 -14.97 -8.19
C GLY A 114 -0.71 -16.08 -7.89
N GLU A 115 -1.03 -16.23 -6.61
CA GLU A 115 -1.95 -17.27 -6.17
C GLU A 115 -3.39 -16.76 -6.18
N ARG A 116 -3.55 -15.51 -6.64
CA ARG A 116 -4.86 -14.87 -6.73
C ARG A 116 -5.51 -14.78 -5.34
N ARG A 117 -4.69 -14.62 -4.31
CA ARG A 117 -5.22 -14.40 -2.98
C ARG A 117 -5.56 -12.93 -2.84
N ARG A 118 -6.62 -12.64 -2.08
CA ARG A 118 -7.06 -11.27 -1.89
C ARG A 118 -6.08 -10.50 -1.01
N VAL A 119 -4.96 -10.13 -1.60
CA VAL A 119 -3.93 -9.40 -0.89
C VAL A 119 -3.91 -7.94 -1.33
N ALA A 120 -3.93 -7.05 -0.35
CA ALA A 120 -3.86 -5.62 -0.63
C ALA A 120 -2.59 -5.06 0.00
N ALA A 121 -1.74 -4.47 -0.82
CA ALA A 121 -0.49 -3.91 -0.33
C ALA A 121 -0.59 -2.40 -0.20
N ALA A 122 -0.60 -1.94 1.03
CA ALA A 122 -0.61 -0.52 1.33
C ALA A 122 0.82 -0.04 1.54
N LEU A 123 1.41 0.48 0.48
CA LEU A 123 2.82 0.84 0.52
C LEU A 123 3.01 2.33 0.72
N ILE A 124 3.60 2.69 1.86
CA ILE A 124 3.91 4.08 2.15
C ILE A 124 5.36 4.37 1.82
N ALA A 125 5.60 5.41 1.05
CA ALA A 125 6.95 5.81 0.70
C ALA A 125 7.64 6.45 1.89
N VAL A 126 8.94 6.26 1.99
CA VAL A 126 9.71 6.81 3.09
C VAL A 126 9.68 8.34 3.07
N PRO A 127 9.46 8.95 4.24
CA PRO A 127 9.39 10.41 4.37
C PRO A 127 10.76 11.07 4.27
N LEU A 128 11.77 10.25 4.02
CA LEU A 128 13.16 10.70 3.91
C LEU A 128 13.69 11.21 5.24
N GLU A 129 14.58 10.43 5.83
CA GLU A 129 15.21 10.77 7.09
C GLU A 129 16.24 11.89 6.92
N HIS A 130 17.38 11.74 7.59
CA HIS A 130 18.51 12.66 7.45
C HIS A 130 18.77 12.99 5.99
N HIS A 131 18.59 14.26 5.64
CA HIS A 131 18.80 14.72 4.27
C HIS A 131 20.29 14.87 4.00
N HIS A 132 20.70 14.54 2.78
CA HIS A 132 22.12 14.50 2.41
C HIS A 132 22.84 13.49 3.30
N HIS A 133 22.55 12.22 3.07
CA HIS A 133 23.09 11.16 3.91
C HIS A 133 24.49 10.74 3.46
N HIS A 134 25.49 11.50 3.90
CA HIS A 134 26.90 11.22 3.61
C HIS A 134 27.20 11.36 2.11
N HIS A 135 26.82 10.35 1.34
CA HIS A 135 26.92 10.40 -0.12
C HIS A 135 25.62 9.87 -0.72
N MET A 1 -11.50 -0.36 -26.16
CA MET A 1 -10.85 -1.19 -27.20
C MET A 1 -10.61 -0.39 -28.48
N ALA A 2 -10.59 0.93 -28.36
CA ALA A 2 -10.42 1.79 -29.53
C ALA A 2 -9.32 2.82 -29.30
N GLN A 3 -9.04 3.63 -30.31
CA GLN A 3 -8.06 4.70 -30.19
C GLN A 3 -8.67 5.86 -29.43
N ARG A 4 -8.59 5.79 -28.12
CA ARG A 4 -9.20 6.76 -27.23
C ARG A 4 -8.62 6.60 -25.83
N SER A 5 -8.66 7.67 -25.04
CA SER A 5 -8.35 7.56 -23.63
C SER A 5 -9.61 7.12 -22.89
N GLU A 6 -9.90 5.82 -22.97
CA GLU A 6 -11.17 5.29 -22.48
C GLU A 6 -11.19 5.21 -20.97
N ILE A 7 -10.47 4.24 -20.42
CA ILE A 7 -10.43 4.04 -18.98
C ILE A 7 -8.99 4.02 -18.48
N PRO A 8 -8.47 5.17 -18.03
CA PRO A 8 -7.10 5.30 -17.53
C PRO A 8 -6.92 4.65 -16.17
N HIS A 9 -6.82 3.33 -16.17
CA HIS A 9 -6.59 2.57 -14.95
C HIS A 9 -5.25 1.85 -15.03
N PHE A 10 -4.73 1.47 -13.88
CA PHE A 10 -3.56 0.61 -13.82
C PHE A 10 -4.02 -0.82 -13.55
N PRO A 11 -4.20 -1.61 -14.62
CA PRO A 11 -4.90 -2.90 -14.56
C PRO A 11 -4.06 -4.02 -13.97
N ARG A 12 -4.25 -4.27 -12.67
CA ARG A 12 -3.71 -5.45 -12.00
C ARG A 12 -2.19 -5.57 -12.17
N THR A 13 -1.51 -4.44 -12.24
CA THR A 13 -0.06 -4.45 -12.42
C THR A 13 0.65 -4.44 -11.07
N ALA A 14 1.41 -5.51 -10.83
CA ALA A 14 2.18 -5.63 -9.59
C ALA A 14 3.65 -5.37 -9.88
N ALA A 15 3.91 -4.58 -10.92
CA ALA A 15 5.27 -4.32 -11.33
C ALA A 15 5.80 -3.06 -10.67
N ILE A 16 6.62 -3.27 -9.65
CA ILE A 16 7.28 -2.18 -8.95
C ILE A 16 8.77 -2.21 -9.25
N ASP A 17 9.25 -1.21 -9.98
CA ASP A 17 10.64 -1.20 -10.42
C ASP A 17 11.56 -0.70 -9.31
N ALA A 18 11.17 0.37 -8.65
CA ALA A 18 11.99 0.98 -7.63
C ALA A 18 11.16 1.52 -6.48
N TYR A 19 11.50 1.12 -5.26
CA TYR A 19 10.90 1.70 -4.07
C TYR A 19 11.96 2.51 -3.34
N GLY A 20 11.67 3.78 -3.10
CA GLY A 20 12.65 4.67 -2.54
C GLY A 20 13.40 5.40 -3.64
N LYS A 21 13.68 6.68 -3.41
CA LYS A 21 14.25 7.56 -4.43
C LYS A 21 13.25 7.81 -5.54
N GLY A 22 12.78 9.05 -5.63
CA GLY A 22 11.68 9.37 -6.53
C GLY A 22 10.34 8.89 -6.00
N GLY A 23 10.34 8.47 -4.74
CA GLY A 23 9.13 7.94 -4.14
C GLY A 23 8.94 6.48 -4.47
N PHE A 24 8.00 6.20 -5.36
CA PHE A 24 7.75 4.84 -5.80
C PHE A 24 7.68 4.80 -7.32
N TYR A 25 8.55 4.03 -7.94
CA TYR A 25 8.57 3.90 -9.38
C TYR A 25 7.90 2.59 -9.77
N PHE A 26 6.66 2.70 -10.21
CA PHE A 26 5.93 1.55 -10.71
C PHE A 26 5.90 1.60 -12.23
N ALA A 27 5.32 0.60 -12.87
CA ALA A 27 5.19 0.58 -14.32
C ALA A 27 4.35 1.76 -14.81
N GLY A 28 5.01 2.86 -15.15
CA GLY A 28 4.31 4.03 -15.61
C GLY A 28 5.02 5.32 -15.24
N MET A 29 4.91 5.71 -13.97
CA MET A 29 5.51 6.96 -13.50
C MET A 29 5.97 6.85 -12.05
N SER A 30 6.74 7.83 -11.60
CA SER A 30 7.18 7.89 -10.21
C SER A 30 6.15 8.65 -9.36
N HIS A 31 5.66 8.00 -8.32
CA HIS A 31 4.66 8.61 -7.45
C HIS A 31 5.13 8.59 -6.00
N GLN A 32 5.54 9.74 -5.49
CA GLN A 32 5.92 9.86 -4.09
C GLN A 32 4.70 10.09 -3.22
N GLY A 33 4.75 9.65 -1.98
CA GLY A 33 3.62 9.78 -1.08
C GLY A 33 3.17 8.44 -0.55
N SER A 34 2.07 7.93 -1.09
CA SER A 34 1.57 6.62 -0.70
C SER A 34 0.77 6.00 -1.84
N LEU A 35 0.89 4.69 -1.99
CA LEU A 35 0.19 3.96 -3.03
C LEU A 35 -0.54 2.76 -2.45
N LEU A 36 -1.76 2.56 -2.88
CA LEU A 36 -2.57 1.44 -2.41
C LEU A 36 -2.76 0.45 -3.55
N PHE A 37 -1.99 -0.62 -3.52
CA PHE A 37 -2.05 -1.63 -4.55
C PHE A 37 -3.18 -2.60 -4.28
N LEU A 38 -4.23 -2.50 -5.08
CA LEU A 38 -5.36 -3.41 -4.98
C LEU A 38 -5.31 -4.43 -6.12
N PRO A 39 -5.93 -5.61 -5.92
CA PRO A 39 -5.95 -6.67 -6.94
C PRO A 39 -6.51 -6.20 -8.28
N ASP A 40 -7.34 -5.16 -8.25
CA ASP A 40 -7.94 -4.63 -9.47
C ASP A 40 -7.07 -3.55 -10.10
N ALA A 41 -6.71 -2.54 -9.31
CA ALA A 41 -5.96 -1.41 -9.81
C ALA A 41 -5.08 -0.80 -8.73
N VAL A 42 -4.06 -0.07 -9.15
CA VAL A 42 -3.19 0.63 -8.24
C VAL A 42 -3.71 2.05 -8.01
N TRP A 43 -4.14 2.32 -6.79
CA TRP A 43 -4.69 3.62 -6.47
C TRP A 43 -3.72 4.44 -5.63
N GLY A 44 -3.92 5.74 -5.60
CA GLY A 44 -3.11 6.59 -4.76
C GLY A 44 -3.71 6.72 -3.38
N TRP A 45 -2.90 6.55 -2.36
CA TRP A 45 -3.40 6.63 -0.99
C TRP A 45 -3.01 7.97 -0.38
N ASP A 46 -3.96 8.63 0.25
CA ASP A 46 -3.76 9.97 0.76
C ASP A 46 -3.32 9.94 2.22
N VAL A 47 -2.16 9.34 2.45
CA VAL A 47 -1.60 9.21 3.79
C VAL A 47 -0.11 9.50 3.76
N THR A 48 0.39 10.26 4.74
CA THR A 48 1.77 10.67 4.75
C THR A 48 2.66 9.68 5.53
N LYS A 49 2.17 9.20 6.67
CA LYS A 49 2.96 8.29 7.51
C LYS A 49 2.09 7.19 8.10
N PRO A 50 2.70 6.07 8.51
CA PRO A 50 1.98 4.92 9.08
C PRO A 50 1.16 5.28 10.33
N GLU A 51 1.60 6.30 11.05
CA GLU A 51 0.92 6.73 12.26
C GLU A 51 -0.36 7.50 11.93
N GLN A 52 -0.60 7.73 10.64
CA GLN A 52 -1.76 8.48 10.20
C GLN A 52 -2.87 7.52 9.77
N ILE A 53 -2.65 6.23 10.04
CA ILE A 53 -3.62 5.21 9.69
C ILE A 53 -4.79 5.21 10.69
N ASP A 54 -5.97 5.48 10.18
CA ASP A 54 -7.18 5.56 11.00
C ASP A 54 -8.37 5.03 10.20
N ARG A 55 -9.51 4.90 10.84
CA ARG A 55 -10.73 4.39 10.20
C ARG A 55 -11.08 5.21 8.96
N TYR A 56 -10.87 6.52 9.04
CA TYR A 56 -11.21 7.41 7.94
C TYR A 56 -10.27 7.25 6.75
N SER A 57 -9.01 6.94 7.00
CA SER A 57 -8.05 6.73 5.93
C SER A 57 -8.11 5.29 5.43
N LEU A 58 -8.59 4.40 6.29
CA LEU A 58 -8.78 2.99 5.92
C LEU A 58 -10.19 2.75 5.39
N GLN A 59 -10.90 3.83 5.08
CA GLN A 59 -12.27 3.73 4.60
C GLN A 59 -12.35 2.84 3.36
N ARG A 60 -11.35 2.95 2.49
CA ARG A 60 -11.29 2.13 1.29
C ARG A 60 -11.09 0.66 1.65
N VAL A 61 -10.40 0.42 2.77
CA VAL A 61 -10.12 -0.92 3.23
C VAL A 61 -11.38 -1.60 3.77
N PHE A 62 -12.14 -0.84 4.55
CA PHE A 62 -13.40 -1.35 5.11
C PHE A 62 -14.46 -1.50 4.02
N ASP A 63 -14.40 -0.63 3.03
CA ASP A 63 -15.37 -0.65 1.94
C ASP A 63 -15.06 -1.76 0.94
N ASN A 64 -13.81 -1.87 0.54
CA ASN A 64 -13.40 -2.83 -0.46
C ASN A 64 -12.89 -4.12 0.21
N ALA A 65 -13.39 -4.36 1.42
CA ALA A 65 -12.93 -5.47 2.25
C ALA A 65 -13.20 -6.84 1.61
N ASN A 66 -14.15 -6.89 0.68
CA ASN A 66 -14.53 -8.15 0.06
C ASN A 66 -13.44 -8.68 -0.88
N ALA A 67 -12.64 -7.76 -1.41
CA ALA A 67 -11.60 -8.13 -2.37
C ALA A 67 -10.26 -8.36 -1.69
N ILE A 68 -10.20 -8.06 -0.40
CA ILE A 68 -8.96 -8.17 0.33
C ILE A 68 -9.07 -9.13 1.51
N ASP A 69 -8.33 -10.22 1.42
CA ASP A 69 -8.23 -11.18 2.50
C ASP A 69 -7.06 -10.81 3.40
N THR A 70 -5.91 -10.61 2.78
CA THR A 70 -4.71 -10.21 3.50
C THR A 70 -4.30 -8.80 3.08
N LEU A 71 -4.12 -7.93 4.06
CA LEU A 71 -3.74 -6.55 3.80
C LEU A 71 -2.33 -6.31 4.34
N ILE A 72 -1.40 -6.04 3.45
CA ILE A 72 -0.02 -5.81 3.83
C ILE A 72 0.30 -4.32 3.80
N VAL A 73 0.86 -3.82 4.89
CA VAL A 73 1.23 -2.42 4.98
C VAL A 73 2.74 -2.28 5.03
N GLY A 74 3.28 -1.49 4.10
CA GLY A 74 4.71 -1.24 4.07
C GLY A 74 5.05 0.03 4.82
N THR A 75 5.42 -0.11 6.07
CA THR A 75 5.67 1.04 6.94
C THR A 75 7.09 1.60 6.76
N GLY A 76 7.46 1.86 5.52
CA GLY A 76 8.75 2.45 5.24
C GLY A 76 9.88 1.45 5.32
N ALA A 77 10.91 1.77 6.08
CA ALA A 77 12.10 0.93 6.17
C ALA A 77 12.21 0.28 7.54
N ASP A 78 11.09 0.25 8.26
CA ASP A 78 11.04 -0.36 9.58
C ASP A 78 9.63 -0.90 9.82
N VAL A 79 9.47 -1.79 10.79
CA VAL A 79 8.18 -2.39 11.06
C VAL A 79 7.44 -1.63 12.15
N TRP A 80 6.56 -0.73 11.74
CA TRP A 80 5.72 0.01 12.68
C TRP A 80 4.54 -0.87 13.08
N ILE A 81 4.40 -1.14 14.36
CA ILE A 81 3.34 -2.02 14.82
C ILE A 81 2.05 -1.24 15.07
N ALA A 82 0.99 -1.66 14.39
CA ALA A 82 -0.30 -1.04 14.54
C ALA A 82 -0.91 -1.41 15.89
N PRO A 83 -1.58 -0.45 16.55
CA PRO A 83 -2.23 -0.69 17.84
C PRO A 83 -3.25 -1.83 17.75
N ARG A 84 -3.39 -2.58 18.83
CA ARG A 84 -4.23 -3.78 18.83
C ARG A 84 -5.68 -3.45 18.50
N GLN A 85 -6.18 -2.33 18.99
CA GLN A 85 -7.55 -1.93 18.74
C GLN A 85 -7.79 -1.74 17.24
N LEU A 86 -6.81 -1.15 16.57
CA LEU A 86 -6.89 -0.92 15.14
C LEU A 86 -6.70 -2.21 14.35
N ARG A 87 -5.80 -3.07 14.84
CA ARG A 87 -5.50 -4.32 14.17
C ARG A 87 -6.70 -5.26 14.24
N GLU A 88 -7.26 -5.41 15.43
CA GLU A 88 -8.41 -6.26 15.63
C GLU A 88 -9.66 -5.63 15.04
N ALA A 89 -9.63 -4.32 14.81
CA ALA A 89 -10.73 -3.64 14.12
C ALA A 89 -10.84 -4.14 12.68
N LEU A 90 -9.69 -4.23 12.02
CA LEU A 90 -9.63 -4.77 10.66
C LEU A 90 -9.99 -6.25 10.65
N ARG A 91 -9.57 -6.94 11.70
CA ARG A 91 -9.86 -8.35 11.87
C ARG A 91 -11.34 -8.56 12.16
N GLY A 92 -12.00 -7.51 12.63
CA GLY A 92 -13.42 -7.57 12.94
C GLY A 92 -14.26 -7.96 11.74
N VAL A 93 -13.87 -7.50 10.55
CA VAL A 93 -14.58 -7.86 9.34
C VAL A 93 -14.02 -9.13 8.73
N ASN A 94 -12.96 -9.01 7.93
CA ASN A 94 -12.34 -10.16 7.29
C ASN A 94 -10.92 -9.84 6.85
N VAL A 95 -10.38 -8.74 7.35
CA VAL A 95 -9.10 -8.25 6.89
C VAL A 95 -7.96 -8.73 7.79
N VAL A 96 -7.10 -9.57 7.24
CA VAL A 96 -5.91 -10.00 7.95
C VAL A 96 -4.77 -9.02 7.70
N LEU A 97 -4.42 -8.27 8.74
CA LEU A 97 -3.40 -7.23 8.61
C LEU A 97 -2.00 -7.81 8.83
N ASP A 98 -1.11 -7.52 7.88
CA ASP A 98 0.29 -7.87 8.03
C ASP A 98 1.15 -6.64 7.76
N THR A 99 1.94 -6.26 8.74
CA THR A 99 2.78 -5.09 8.61
C THR A 99 4.23 -5.48 8.39
N MET A 100 4.86 -4.89 7.38
CA MET A 100 6.21 -5.25 7.01
C MET A 100 6.93 -4.06 6.42
N GLN A 101 8.26 -4.12 6.35
CA GLN A 101 9.05 -3.10 5.67
C GLN A 101 8.72 -3.13 4.18
N THR A 102 8.86 -1.99 3.52
CA THR A 102 8.50 -1.86 2.11
C THR A 102 9.09 -2.97 1.24
N GLY A 103 10.39 -3.21 1.38
CA GLY A 103 11.06 -4.25 0.60
C GLY A 103 10.39 -5.62 0.73
N PRO A 104 10.46 -6.25 1.90
CA PRO A 104 9.84 -7.55 2.15
C PRO A 104 8.33 -7.55 1.89
N ALA A 105 7.68 -6.40 2.11
CA ALA A 105 6.24 -6.28 1.88
C ALA A 105 5.92 -6.43 0.40
N ILE A 106 6.66 -5.69 -0.44
CA ILE A 106 6.49 -5.78 -1.89
C ILE A 106 6.74 -7.21 -2.36
N ARG A 107 7.78 -7.83 -1.82
CA ARG A 107 8.09 -9.22 -2.14
C ARG A 107 6.91 -10.12 -1.78
N THR A 108 6.44 -10.02 -0.55
CA THR A 108 5.35 -10.86 -0.08
C THR A 108 4.10 -10.64 -0.92
N TYR A 109 3.81 -9.39 -1.24
CA TYR A 109 2.65 -9.04 -2.06
C TYR A 109 2.78 -9.62 -3.47
N ASN A 110 3.93 -9.40 -4.09
CA ASN A 110 4.16 -9.82 -5.47
C ASN A 110 4.10 -11.34 -5.61
N ILE A 111 4.53 -12.04 -4.56
CA ILE A 111 4.44 -13.49 -4.54
C ILE A 111 3.01 -13.93 -4.22
N MET A 112 2.41 -13.28 -3.24
CA MET A 112 1.08 -13.65 -2.77
C MET A 112 0.03 -13.43 -3.87
N ILE A 113 0.19 -12.38 -4.66
CA ILE A 113 -0.75 -12.08 -5.73
C ILE A 113 -0.68 -13.13 -6.83
N GLY A 114 0.39 -13.93 -6.81
CA GLY A 114 0.52 -15.00 -7.78
C GLY A 114 0.13 -16.34 -7.20
N GLU A 115 -0.16 -16.36 -5.91
CA GLU A 115 -0.53 -17.58 -5.21
C GLU A 115 -1.99 -17.54 -4.79
N ARG A 116 -2.49 -16.34 -4.53
CA ARG A 116 -3.82 -16.13 -4.02
C ARG A 116 -4.20 -14.67 -4.22
N ARG A 117 -4.81 -14.41 -5.37
CA ARG A 117 -5.28 -13.07 -5.73
C ARG A 117 -6.38 -12.59 -4.79
N ARG A 118 -5.98 -12.23 -3.58
CA ARG A 118 -6.87 -11.72 -2.55
C ARG A 118 -6.06 -10.89 -1.57
N VAL A 119 -5.01 -10.27 -2.07
CA VAL A 119 -4.09 -9.52 -1.23
C VAL A 119 -3.91 -8.11 -1.76
N ALA A 120 -3.71 -7.16 -0.86
CA ALA A 120 -3.46 -5.78 -1.24
C ALA A 120 -2.31 -5.22 -0.42
N ALA A 121 -1.61 -4.25 -0.98
CA ALA A 121 -0.44 -3.68 -0.32
C ALA A 121 -0.52 -2.17 -0.25
N ALA A 122 -0.46 -1.64 0.97
CA ALA A 122 -0.44 -0.21 1.17
C ALA A 122 0.99 0.26 1.42
N LEU A 123 1.57 0.93 0.45
CA LEU A 123 2.95 1.36 0.54
C LEU A 123 3.04 2.82 0.92
N ILE A 124 3.76 3.09 1.99
CA ILE A 124 3.98 4.44 2.48
C ILE A 124 5.43 4.86 2.22
N ALA A 125 5.62 6.10 1.81
CA ALA A 125 6.93 6.61 1.42
C ALA A 125 7.99 6.38 2.48
N VAL A 126 9.11 5.80 2.05
CA VAL A 126 10.26 5.60 2.92
C VAL A 126 11.03 6.91 3.06
N PRO A 127 11.13 7.44 4.29
CA PRO A 127 11.85 8.69 4.55
C PRO A 127 13.33 8.59 4.18
N LEU A 128 13.81 9.57 3.40
CA LEU A 128 15.20 9.61 2.98
C LEU A 128 16.02 10.42 3.98
N GLU A 129 15.53 10.47 5.21
CA GLU A 129 16.13 11.28 6.28
C GLU A 129 17.41 10.65 6.82
N HIS A 130 18.04 9.79 6.03
CA HIS A 130 19.34 9.25 6.37
C HIS A 130 20.38 9.89 5.46
N HIS A 131 20.40 9.45 4.20
CA HIS A 131 21.26 10.07 3.20
C HIS A 131 20.60 11.35 2.67
N HIS A 132 20.55 12.36 3.54
CA HIS A 132 19.95 13.65 3.20
C HIS A 132 19.94 14.56 4.42
N HIS A 133 19.61 13.99 5.58
CA HIS A 133 19.48 14.79 6.80
C HIS A 133 20.84 15.34 7.23
N HIS A 134 21.82 14.45 7.34
CA HIS A 134 23.17 14.86 7.69
C HIS A 134 23.85 15.48 6.48
N HIS A 135 24.28 16.72 6.63
CA HIS A 135 25.03 17.40 5.60
C HIS A 135 26.34 17.89 6.16
N MET A 1 -1.39 17.42 -21.00
CA MET A 1 -1.85 16.02 -21.06
C MET A 1 -2.05 15.59 -22.51
N ALA A 2 -1.44 14.47 -22.88
CA ALA A 2 -1.58 13.93 -24.23
C ALA A 2 -2.50 12.71 -24.21
N GLN A 3 -3.14 12.46 -25.34
CA GLN A 3 -4.12 11.36 -25.43
C GLN A 3 -3.44 10.00 -25.25
N ARG A 4 -2.13 9.95 -25.47
CA ARG A 4 -1.40 8.70 -25.34
C ARG A 4 -1.18 8.36 -23.87
N SER A 5 -2.26 8.02 -23.19
CA SER A 5 -2.19 7.54 -21.83
C SER A 5 -2.32 6.02 -21.82
N GLU A 6 -3.44 5.56 -22.40
CA GLU A 6 -3.76 4.14 -22.53
C GLU A 6 -4.06 3.50 -21.18
N ILE A 7 -5.17 2.78 -21.12
CA ILE A 7 -5.66 2.17 -19.88
C ILE A 7 -6.05 3.26 -18.87
N PRO A 8 -7.36 3.58 -18.79
CA PRO A 8 -7.86 4.68 -17.96
C PRO A 8 -7.88 4.35 -16.46
N HIS A 9 -7.22 3.26 -16.09
CA HIS A 9 -7.20 2.80 -14.70
C HIS A 9 -5.96 1.97 -14.44
N PHE A 10 -5.78 1.55 -13.20
CA PHE A 10 -4.72 0.62 -12.86
C PHE A 10 -5.34 -0.63 -12.23
N PRO A 11 -5.87 -1.53 -13.06
CA PRO A 11 -6.62 -2.69 -12.61
C PRO A 11 -5.74 -3.91 -12.38
N ARG A 12 -5.51 -4.24 -11.10
CA ARG A 12 -4.85 -5.49 -10.70
C ARG A 12 -3.42 -5.56 -11.21
N THR A 13 -2.82 -4.41 -11.42
CA THR A 13 -1.44 -4.38 -11.90
C THR A 13 -0.47 -4.35 -10.72
N ALA A 14 0.50 -5.25 -10.76
CA ALA A 14 1.48 -5.35 -9.71
C ALA A 14 2.89 -5.40 -10.28
N ALA A 15 3.51 -4.23 -10.40
CA ALA A 15 4.85 -4.12 -10.95
C ALA A 15 5.61 -2.98 -10.32
N ILE A 16 6.49 -3.31 -9.39
CA ILE A 16 7.37 -2.32 -8.77
C ILE A 16 8.72 -2.33 -9.47
N ASP A 17 9.02 -1.29 -10.22
CA ASP A 17 10.26 -1.23 -10.99
C ASP A 17 11.40 -0.71 -10.13
N ALA A 18 11.16 0.41 -9.46
CA ALA A 18 12.16 0.98 -8.57
C ALA A 18 11.58 1.26 -7.20
N TYR A 19 12.34 0.93 -6.17
CA TYR A 19 11.92 1.11 -4.79
C TYR A 19 13.09 1.62 -3.95
N GLY A 20 12.80 2.54 -3.05
CA GLY A 20 13.83 3.01 -2.14
C GLY A 20 13.77 4.50 -1.91
N LYS A 21 14.51 5.25 -2.70
CA LYS A 21 14.67 6.68 -2.48
C LYS A 21 13.90 7.49 -3.51
N GLY A 22 12.99 8.33 -3.04
CA GLY A 22 12.21 9.17 -3.92
C GLY A 22 10.76 8.77 -3.99
N GLY A 23 10.42 7.68 -3.32
CA GLY A 23 9.06 7.19 -3.33
C GLY A 23 8.98 5.83 -3.99
N PHE A 24 7.95 5.62 -4.78
CA PHE A 24 7.81 4.39 -5.55
C PHE A 24 7.79 4.70 -7.04
N TYR A 25 8.22 3.73 -7.83
CA TYR A 25 8.21 3.89 -9.26
C TYR A 25 7.60 2.67 -9.93
N PHE A 26 6.41 2.84 -10.46
CA PHE A 26 5.77 1.82 -11.25
C PHE A 26 5.66 2.29 -12.70
N ALA A 27 5.14 1.44 -13.57
CA ALA A 27 5.00 1.79 -14.98
C ALA A 27 3.91 2.83 -15.18
N GLY A 28 4.29 4.10 -15.15
CA GLY A 28 3.33 5.17 -15.35
C GLY A 28 3.70 6.43 -14.62
N MET A 29 3.45 6.46 -13.32
CA MET A 29 3.63 7.68 -12.54
C MET A 29 4.53 7.43 -11.34
N SER A 30 5.21 8.47 -10.88
CA SER A 30 6.06 8.38 -9.71
C SER A 30 5.98 9.70 -8.92
N HIS A 31 6.88 9.86 -7.96
CA HIS A 31 6.95 11.05 -7.10
C HIS A 31 5.81 11.07 -6.09
N GLN A 32 5.29 9.90 -5.78
CA GLN A 32 4.25 9.78 -4.77
C GLN A 32 4.76 8.91 -3.62
N GLY A 33 4.24 9.16 -2.43
CA GLY A 33 4.70 8.44 -1.26
C GLY A 33 3.64 7.56 -0.65
N SER A 34 2.52 7.41 -1.33
CA SER A 34 1.41 6.63 -0.79
C SER A 34 0.64 5.92 -1.91
N LEU A 35 0.69 4.60 -1.92
CA LEU A 35 0.02 3.83 -2.96
C LEU A 35 -0.74 2.64 -2.37
N LEU A 36 -1.94 2.42 -2.87
CA LEU A 36 -2.76 1.28 -2.46
C LEU A 36 -2.86 0.27 -3.60
N PHE A 37 -2.07 -0.80 -3.52
CA PHE A 37 -2.10 -1.84 -4.53
C PHE A 37 -3.10 -2.92 -4.14
N LEU A 38 -4.33 -2.78 -4.61
CA LEU A 38 -5.37 -3.73 -4.30
C LEU A 38 -5.50 -4.75 -5.43
N PRO A 39 -6.08 -5.93 -5.15
CA PRO A 39 -6.27 -6.99 -6.16
C PRO A 39 -7.36 -6.62 -7.18
N ASP A 40 -7.83 -5.39 -7.09
CA ASP A 40 -8.86 -4.89 -8.00
C ASP A 40 -8.36 -3.64 -8.72
N ALA A 41 -7.95 -2.64 -7.95
CA ALA A 41 -7.46 -1.40 -8.52
C ALA A 41 -6.34 -0.82 -7.67
N VAL A 42 -5.49 -0.03 -8.31
CA VAL A 42 -4.43 0.68 -7.61
C VAL A 42 -4.87 2.11 -7.35
N TRP A 43 -4.97 2.48 -6.09
CA TRP A 43 -5.45 3.80 -5.71
C TRP A 43 -4.32 4.65 -5.14
N GLY A 44 -4.44 5.96 -5.33
CA GLY A 44 -3.50 6.89 -4.73
C GLY A 44 -3.93 7.23 -3.32
N TRP A 45 -3.02 7.09 -2.37
CA TRP A 45 -3.35 7.29 -0.97
C TRP A 45 -2.89 8.68 -0.53
N ASP A 46 -3.59 9.25 0.46
CA ASP A 46 -3.26 10.60 0.93
C ASP A 46 -2.56 10.52 2.28
N VAL A 47 -2.20 9.31 2.65
CA VAL A 47 -1.54 9.06 3.93
C VAL A 47 -0.03 9.01 3.76
N THR A 48 0.61 10.14 3.98
CA THR A 48 2.05 10.27 3.77
C THR A 48 2.84 10.00 5.05
N LYS A 49 2.15 9.53 6.08
CA LYS A 49 2.78 9.22 7.35
C LYS A 49 2.41 7.83 7.84
N PRO A 50 3.40 7.04 8.26
CA PRO A 50 3.18 5.67 8.74
C PRO A 50 2.21 5.61 9.93
N GLU A 51 2.24 6.63 10.76
CA GLU A 51 1.39 6.66 11.96
C GLU A 51 0.10 7.45 11.69
N GLN A 52 -0.13 7.77 10.43
CA GLN A 52 -1.36 8.46 10.03
C GLN A 52 -2.40 7.43 9.57
N ILE A 53 -2.05 6.16 9.75
CA ILE A 53 -2.96 5.07 9.42
C ILE A 53 -4.05 4.94 10.48
N ASP A 54 -5.23 5.41 10.12
CA ASP A 54 -6.38 5.36 11.01
C ASP A 54 -7.55 4.69 10.31
N ARG A 55 -8.60 4.39 11.06
CA ARG A 55 -9.82 3.80 10.51
C ARG A 55 -10.35 4.63 9.35
N TYR A 56 -10.29 5.95 9.51
CA TYR A 56 -10.75 6.87 8.47
C TYR A 56 -9.85 6.78 7.24
N SER A 57 -8.55 6.68 7.47
CA SER A 57 -7.59 6.55 6.39
C SER A 57 -7.77 5.22 5.66
N LEU A 58 -8.35 4.25 6.36
CA LEU A 58 -8.58 2.92 5.82
C LEU A 58 -10.04 2.74 5.44
N GLN A 59 -10.78 3.84 5.32
CA GLN A 59 -12.21 3.78 5.00
C GLN A 59 -12.43 3.06 3.66
N ARG A 60 -11.55 3.33 2.70
CA ARG A 60 -11.61 2.65 1.41
C ARG A 60 -11.23 1.18 1.55
N VAL A 61 -10.41 0.88 2.55
CA VAL A 61 -9.98 -0.49 2.81
C VAL A 61 -11.15 -1.31 3.34
N PHE A 62 -11.99 -0.69 4.18
CA PHE A 62 -13.20 -1.34 4.67
C PHE A 62 -14.16 -1.59 3.50
N ASP A 63 -14.25 -0.60 2.62
CA ASP A 63 -15.17 -0.67 1.47
C ASP A 63 -14.71 -1.72 0.46
N ASN A 64 -13.41 -1.78 0.21
CA ASN A 64 -12.86 -2.71 -0.76
C ASN A 64 -12.35 -3.99 -0.08
N ALA A 65 -12.80 -4.21 1.15
CA ALA A 65 -12.36 -5.36 1.95
C ALA A 65 -12.79 -6.68 1.33
N ASN A 66 -13.74 -6.61 0.40
CA ASN A 66 -14.25 -7.82 -0.26
C ASN A 66 -13.15 -8.47 -1.10
N ALA A 67 -12.26 -7.65 -1.64
CA ALA A 67 -11.17 -8.15 -2.46
C ALA A 67 -9.90 -8.30 -1.63
N ILE A 68 -9.97 -7.90 -0.37
CA ILE A 68 -8.80 -7.90 0.48
C ILE A 68 -8.90 -9.01 1.54
N ASP A 69 -8.04 -10.01 1.39
CA ASP A 69 -7.90 -11.03 2.42
C ASP A 69 -6.69 -10.72 3.27
N THR A 70 -5.54 -10.71 2.64
CA THR A 70 -4.29 -10.40 3.32
C THR A 70 -3.85 -8.99 2.94
N LEU A 71 -3.79 -8.11 3.92
CA LEU A 71 -3.39 -6.73 3.71
C LEU A 71 -1.99 -6.52 4.25
N ILE A 72 -1.03 -6.40 3.34
CA ILE A 72 0.35 -6.17 3.71
C ILE A 72 0.66 -4.69 3.69
N VAL A 73 1.01 -4.15 4.84
CA VAL A 73 1.29 -2.73 4.95
C VAL A 73 2.79 -2.49 5.11
N GLY A 74 3.33 -1.59 4.29
CA GLY A 74 4.71 -1.21 4.39
C GLY A 74 4.84 0.19 4.96
N THR A 75 5.35 0.29 6.18
CA THR A 75 5.44 1.57 6.88
C THR A 75 6.52 2.47 6.28
N GLY A 76 7.61 1.87 5.84
CA GLY A 76 8.69 2.63 5.26
C GLY A 76 10.03 1.96 5.50
N ALA A 77 10.97 2.73 6.05
CA ALA A 77 12.28 2.19 6.39
C ALA A 77 12.25 1.62 7.79
N ASP A 78 11.70 2.39 8.71
CA ASP A 78 11.54 1.96 10.08
C ASP A 78 10.29 1.11 10.20
N VAL A 79 10.22 0.32 11.27
CA VAL A 79 9.09 -0.57 11.45
C VAL A 79 8.15 -0.02 12.51
N TRP A 80 6.96 0.36 12.09
CA TRP A 80 5.97 0.92 12.99
C TRP A 80 4.97 -0.15 13.40
N ILE A 81 4.82 -0.33 14.71
CA ILE A 81 3.90 -1.31 15.25
C ILE A 81 2.51 -0.71 15.40
N ALA A 82 1.54 -1.28 14.70
CA ALA A 82 0.18 -0.78 14.74
C ALA A 82 -0.61 -1.44 15.87
N PRO A 83 -1.50 -0.68 16.52
CA PRO A 83 -2.36 -1.20 17.58
C PRO A 83 -3.28 -2.31 17.08
N ARG A 84 -3.33 -3.42 17.81
CA ARG A 84 -4.18 -4.54 17.44
C ARG A 84 -5.63 -4.12 17.37
N GLN A 85 -5.98 -3.06 18.09
CA GLN A 85 -7.34 -2.52 18.08
C GLN A 85 -7.71 -2.06 16.68
N LEU A 86 -6.73 -1.54 15.95
CA LEU A 86 -6.94 -1.13 14.56
C LEU A 86 -7.06 -2.36 13.68
N ARG A 87 -6.19 -3.34 13.92
CA ARG A 87 -6.24 -4.61 13.19
C ARG A 87 -7.57 -5.31 13.47
N GLU A 88 -8.03 -5.23 14.70
CA GLU A 88 -9.24 -5.91 15.13
C GLU A 88 -10.46 -5.26 14.48
N ALA A 89 -10.37 -3.98 14.17
CA ALA A 89 -11.40 -3.30 13.40
C ALA A 89 -11.47 -3.90 12.01
N LEU A 90 -10.30 -4.16 11.42
CA LEU A 90 -10.22 -4.83 10.12
C LEU A 90 -10.58 -6.31 10.25
N ARG A 91 -10.41 -6.84 11.45
CA ARG A 91 -10.76 -8.23 11.75
C ARG A 91 -12.27 -8.40 11.62
N GLY A 92 -13.00 -7.33 11.91
CA GLY A 92 -14.44 -7.32 11.75
C GLY A 92 -14.86 -7.67 10.33
N VAL A 93 -14.10 -7.17 9.35
CA VAL A 93 -14.36 -7.47 7.94
C VAL A 93 -13.41 -8.56 7.45
N ASN A 94 -12.79 -9.26 8.40
CA ASN A 94 -11.95 -10.43 8.13
C ASN A 94 -10.71 -10.09 7.30
N VAL A 95 -10.21 -8.87 7.43
CA VAL A 95 -8.99 -8.48 6.77
C VAL A 95 -7.79 -8.86 7.61
N VAL A 96 -6.93 -9.72 7.05
CA VAL A 96 -5.72 -10.11 7.73
C VAL A 96 -4.66 -9.03 7.55
N LEU A 97 -4.49 -8.22 8.58
CA LEU A 97 -3.56 -7.09 8.52
C LEU A 97 -2.18 -7.52 8.96
N ASP A 98 -1.20 -7.33 8.09
CA ASP A 98 0.17 -7.65 8.41
C ASP A 98 1.06 -6.45 8.14
N THR A 99 1.65 -5.92 9.20
CA THR A 99 2.48 -4.73 9.07
C THR A 99 3.95 -5.12 8.99
N MET A 100 4.61 -4.69 7.93
CA MET A 100 6.03 -4.95 7.74
C MET A 100 6.70 -3.71 7.15
N GLN A 101 7.98 -3.84 6.85
CA GLN A 101 8.71 -2.78 6.20
C GLN A 101 8.53 -2.89 4.69
N THR A 102 8.83 -1.81 3.97
CA THR A 102 8.55 -1.72 2.54
C THR A 102 9.14 -2.89 1.74
N GLY A 103 10.41 -3.20 2.00
CA GLY A 103 11.08 -4.30 1.31
C GLY A 103 10.33 -5.61 1.41
N PRO A 104 10.23 -6.19 2.62
CA PRO A 104 9.50 -7.46 2.84
C PRO A 104 8.05 -7.42 2.35
N ALA A 105 7.44 -6.23 2.43
CA ALA A 105 6.07 -6.06 1.99
C ALA A 105 5.93 -6.35 0.49
N ILE A 106 6.78 -5.71 -0.31
CA ILE A 106 6.76 -5.89 -1.76
C ILE A 106 7.04 -7.33 -2.13
N ARG A 107 8.04 -7.92 -1.49
CA ARG A 107 8.45 -9.30 -1.76
C ARG A 107 7.28 -10.27 -1.55
N THR A 108 6.65 -10.18 -0.37
CA THR A 108 5.56 -11.08 -0.03
C THR A 108 4.35 -10.85 -0.94
N TYR A 109 4.09 -9.59 -1.27
CA TYR A 109 2.98 -9.25 -2.15
C TYR A 109 3.19 -9.84 -3.54
N ASN A 110 4.41 -9.69 -4.06
CA ASN A 110 4.77 -10.18 -5.38
C ASN A 110 4.50 -11.68 -5.49
N ILE A 111 4.91 -12.42 -4.47
CA ILE A 111 4.73 -13.86 -4.45
C ILE A 111 3.24 -14.21 -4.37
N MET A 112 2.52 -13.57 -3.45
CA MET A 112 1.12 -13.89 -3.21
C MET A 112 0.22 -13.55 -4.39
N ILE A 113 0.50 -12.43 -5.07
CA ILE A 113 -0.32 -12.02 -6.20
C ILE A 113 -0.12 -12.96 -7.39
N GLY A 114 1.05 -13.59 -7.44
CA GLY A 114 1.34 -14.55 -8.48
C GLY A 114 0.68 -15.88 -8.21
N GLU A 115 0.83 -16.37 -6.98
CA GLU A 115 0.26 -17.66 -6.60
C GLU A 115 -1.26 -17.65 -6.72
N ARG A 116 -1.91 -16.73 -6.02
CA ARG A 116 -3.36 -16.59 -6.10
C ARG A 116 -3.75 -15.14 -6.29
N ARG A 117 -4.23 -14.53 -5.21
CA ARG A 117 -4.75 -13.16 -5.23
C ARG A 117 -5.27 -12.84 -3.84
N ARG A 118 -6.21 -11.89 -3.74
CA ARG A 118 -6.81 -11.50 -2.46
C ARG A 118 -5.77 -10.92 -1.52
N VAL A 119 -4.68 -10.45 -2.10
CA VAL A 119 -3.61 -9.82 -1.34
C VAL A 119 -3.49 -8.36 -1.75
N ALA A 120 -3.44 -7.49 -0.76
CA ALA A 120 -3.35 -6.07 -1.03
C ALA A 120 -2.12 -5.48 -0.35
N ALA A 121 -1.52 -4.50 -1.00
CA ALA A 121 -0.32 -3.88 -0.46
C ALA A 121 -0.54 -2.40 -0.21
N ALA A 122 -0.55 -2.02 1.06
CA ALA A 122 -0.62 -0.63 1.44
C ALA A 122 0.80 -0.10 1.65
N LEU A 123 1.33 0.57 0.65
CA LEU A 123 2.73 0.94 0.66
C LEU A 123 2.93 2.43 0.86
N ILE A 124 3.55 2.78 1.98
CA ILE A 124 3.99 4.14 2.23
C ILE A 124 5.47 4.24 1.90
N ALA A 125 5.81 5.20 1.05
CA ALA A 125 7.17 5.33 0.55
C ALA A 125 8.14 5.69 1.67
N VAL A 126 9.37 5.23 1.52
CA VAL A 126 10.41 5.49 2.50
C VAL A 126 10.74 6.99 2.54
N PRO A 127 10.43 7.65 3.66
CA PRO A 127 10.72 9.07 3.84
C PRO A 127 12.15 9.30 4.34
N LEU A 128 13.02 8.33 4.03
CA LEU A 128 14.41 8.33 4.49
C LEU A 128 14.45 8.20 6.01
N GLU A 129 15.64 8.34 6.58
CA GLU A 129 15.80 8.32 8.02
C GLU A 129 15.89 9.74 8.55
N HIS A 130 15.84 10.69 7.63
CA HIS A 130 15.93 12.10 7.96
C HIS A 130 15.03 12.91 7.04
N HIS A 131 14.74 14.15 7.42
CA HIS A 131 13.87 15.02 6.64
C HIS A 131 14.52 15.42 5.31
N HIS A 132 13.85 16.32 4.58
CA HIS A 132 14.24 16.67 3.21
C HIS A 132 15.51 17.55 3.15
N HIS A 133 16.37 17.44 4.14
CA HIS A 133 17.62 18.18 4.13
C HIS A 133 18.76 17.27 3.69
N HIS A 134 19.33 17.56 2.53
CA HIS A 134 20.38 16.72 1.97
C HIS A 134 21.69 16.91 2.73
N HIS A 135 22.64 16.01 2.50
CA HIS A 135 23.94 16.11 3.14
C HIS A 135 25.02 15.65 2.16
N MET A 1 -3.57 21.95 -4.54
CA MET A 1 -4.24 21.83 -3.21
C MET A 1 -5.02 20.52 -3.14
N ALA A 2 -6.15 20.47 -3.85
CA ALA A 2 -7.00 19.30 -3.85
C ALA A 2 -7.35 18.91 -5.27
N GLN A 3 -7.27 17.61 -5.57
CA GLN A 3 -7.48 17.12 -6.93
C GLN A 3 -8.37 15.89 -6.89
N ARG A 4 -8.98 15.58 -8.03
CA ARG A 4 -9.75 14.34 -8.18
C ARG A 4 -8.79 13.16 -8.19
N SER A 5 -7.56 13.43 -8.60
CA SER A 5 -6.48 12.46 -8.58
C SER A 5 -6.74 11.29 -9.53
N GLU A 6 -7.46 11.58 -10.62
CA GLU A 6 -7.74 10.58 -11.63
C GLU A 6 -6.54 10.40 -12.57
N ILE A 7 -5.46 9.89 -12.01
CA ILE A 7 -4.25 9.64 -12.78
C ILE A 7 -4.34 8.29 -13.48
N PRO A 8 -3.57 8.08 -14.56
CA PRO A 8 -3.51 6.80 -15.27
C PRO A 8 -3.30 5.64 -14.32
N HIS A 9 -4.30 4.78 -14.21
CA HIS A 9 -4.26 3.69 -13.25
C HIS A 9 -3.52 2.50 -13.82
N PHE A 10 -2.95 1.71 -12.93
CA PHE A 10 -2.21 0.52 -13.32
C PHE A 10 -3.04 -0.71 -12.94
N PRO A 11 -3.42 -1.53 -13.93
CA PRO A 11 -4.27 -2.70 -13.71
C PRO A 11 -3.56 -3.84 -13.00
N ARG A 12 -3.40 -3.68 -11.68
CA ARG A 12 -2.79 -4.69 -10.83
C ARG A 12 -1.37 -5.05 -11.31
N THR A 13 -0.43 -4.17 -11.03
CA THR A 13 0.95 -4.39 -11.43
C THR A 13 1.74 -4.98 -10.28
N ALA A 14 2.52 -6.01 -10.59
CA ALA A 14 3.37 -6.65 -9.59
C ALA A 14 4.83 -6.32 -9.86
N ALA A 15 5.08 -5.80 -11.06
CA ALA A 15 6.43 -5.46 -11.47
C ALA A 15 6.75 -4.00 -11.12
N ILE A 16 7.51 -3.83 -10.05
CA ILE A 16 7.99 -2.50 -9.66
C ILE A 16 9.48 -2.41 -9.95
N ASP A 17 9.88 -1.39 -10.70
CA ASP A 17 11.25 -1.28 -11.17
C ASP A 17 12.14 -0.60 -10.13
N ALA A 18 11.78 0.62 -9.76
CA ALA A 18 12.57 1.37 -8.79
C ALA A 18 11.67 2.11 -7.81
N TYR A 19 12.11 2.21 -6.56
CA TYR A 19 11.37 2.92 -5.55
C TYR A 19 12.32 3.54 -4.52
N GLY A 20 11.87 4.59 -3.84
CA GLY A 20 12.65 5.19 -2.78
C GLY A 20 13.64 6.23 -3.26
N LYS A 21 14.50 5.81 -4.18
CA LYS A 21 15.56 6.68 -4.71
C LYS A 21 15.01 8.01 -5.20
N GLY A 22 14.19 7.96 -6.24
CA GLY A 22 13.56 9.16 -6.76
C GLY A 22 12.05 9.03 -6.73
N GLY A 23 11.55 8.45 -5.66
CA GLY A 23 10.13 8.17 -5.55
C GLY A 23 9.80 6.80 -6.09
N PHE A 24 8.53 6.53 -6.27
CA PHE A 24 8.10 5.28 -6.89
C PHE A 24 8.17 5.40 -8.41
N TYR A 25 9.10 4.69 -9.01
CA TYR A 25 9.27 4.75 -10.45
C TYR A 25 8.89 3.41 -11.08
N PHE A 26 7.69 3.36 -11.59
CA PHE A 26 7.22 2.21 -12.35
C PHE A 26 6.35 2.70 -13.51
N ALA A 27 6.55 2.08 -14.67
CA ALA A 27 5.85 2.45 -15.90
C ALA A 27 6.23 3.86 -16.37
N GLY A 28 7.30 4.38 -15.80
CA GLY A 28 7.81 5.68 -16.23
C GLY A 28 7.40 6.81 -15.33
N MET A 29 6.48 6.55 -14.41
CA MET A 29 6.00 7.61 -13.51
C MET A 29 6.87 7.72 -12.28
N SER A 30 6.74 8.82 -11.55
CA SER A 30 7.51 9.05 -10.34
C SER A 30 6.75 9.93 -9.37
N HIS A 31 6.80 9.59 -8.08
CA HIS A 31 6.16 10.39 -7.05
C HIS A 31 6.52 9.85 -5.66
N GLN A 32 6.80 10.76 -4.74
CA GLN A 32 7.02 10.39 -3.34
C GLN A 32 5.72 10.54 -2.57
N GLY A 33 5.12 9.42 -2.23
CA GLY A 33 3.87 9.42 -1.51
C GLY A 33 3.44 8.00 -1.19
N SER A 34 2.18 7.83 -0.82
CA SER A 34 1.69 6.50 -0.49
C SER A 34 0.69 6.03 -1.53
N LEU A 35 0.88 4.80 -1.99
CA LEU A 35 0.03 4.23 -3.03
C LEU A 35 -0.63 2.95 -2.55
N LEU A 36 -1.84 2.71 -3.01
CA LEU A 36 -2.59 1.53 -2.61
C LEU A 36 -2.77 0.62 -3.82
N PHE A 37 -2.12 -0.53 -3.77
CA PHE A 37 -2.19 -1.50 -4.86
C PHE A 37 -3.31 -2.50 -4.59
N LEU A 38 -4.44 -2.30 -5.25
CA LEU A 38 -5.56 -3.21 -5.12
C LEU A 38 -5.45 -4.33 -6.15
N PRO A 39 -6.14 -5.46 -5.92
CA PRO A 39 -6.12 -6.61 -6.85
C PRO A 39 -6.83 -6.33 -8.17
N ASP A 40 -7.05 -5.05 -8.47
CA ASP A 40 -7.70 -4.64 -9.70
C ASP A 40 -6.97 -3.47 -10.33
N ALA A 41 -6.75 -2.41 -9.55
CA ALA A 41 -6.06 -1.24 -10.03
C ALA A 41 -5.32 -0.54 -8.90
N VAL A 42 -4.34 0.28 -9.27
CA VAL A 42 -3.58 1.04 -8.29
C VAL A 42 -4.24 2.39 -8.05
N TRP A 43 -4.41 2.75 -6.78
CA TRP A 43 -5.04 4.00 -6.40
C TRP A 43 -4.12 4.81 -5.48
N GLY A 44 -4.35 6.10 -5.40
CA GLY A 44 -3.55 6.96 -4.55
C GLY A 44 -4.12 7.00 -3.13
N TRP A 45 -3.25 6.79 -2.16
CA TRP A 45 -3.66 6.77 -0.76
C TRP A 45 -2.66 7.56 0.06
N ASP A 46 -2.75 8.88 -0.01
CA ASP A 46 -1.72 9.76 0.55
C ASP A 46 -1.79 9.83 2.07
N VAL A 47 -0.94 9.03 2.70
CA VAL A 47 -0.77 9.08 4.14
C VAL A 47 0.73 9.21 4.44
N THR A 48 1.15 10.44 4.67
CA THR A 48 2.57 10.76 4.85
C THR A 48 3.17 10.02 6.04
N LYS A 49 2.49 10.04 7.17
CA LYS A 49 2.98 9.33 8.34
C LYS A 49 2.02 8.23 8.76
N PRO A 50 2.53 7.00 8.90
CA PRO A 50 1.73 5.81 9.18
C PRO A 50 1.05 5.83 10.55
N GLU A 51 1.39 6.80 11.37
CA GLU A 51 0.79 6.93 12.68
C GLU A 51 -0.69 7.30 12.55
N GLN A 52 -1.05 7.90 11.43
CA GLN A 52 -2.41 8.36 11.20
C GLN A 52 -3.26 7.30 10.50
N ILE A 53 -2.87 6.04 10.65
CA ILE A 53 -3.69 4.94 10.15
C ILE A 53 -4.88 4.73 11.10
N ASP A 54 -6.03 5.20 10.67
CA ASP A 54 -7.23 5.19 11.50
C ASP A 54 -8.42 4.74 10.66
N ARG A 55 -9.63 4.94 11.17
CA ARG A 55 -10.83 4.49 10.47
C ARG A 55 -11.13 5.35 9.25
N TYR A 56 -10.74 6.63 9.29
CA TYR A 56 -10.96 7.51 8.14
C TYR A 56 -10.03 7.15 7.00
N SER A 57 -8.77 6.92 7.31
CA SER A 57 -7.81 6.53 6.30
C SER A 57 -8.07 5.10 5.81
N LEU A 58 -8.51 4.23 6.71
CA LEU A 58 -8.83 2.86 6.36
C LEU A 58 -10.26 2.73 5.83
N GLN A 59 -10.91 3.87 5.60
CA GLN A 59 -12.27 3.89 5.06
C GLN A 59 -12.32 3.10 3.75
N ARG A 60 -11.31 3.29 2.93
CA ARG A 60 -11.22 2.61 1.64
C ARG A 60 -11.05 1.11 1.84
N VAL A 61 -10.38 0.74 2.92
CA VAL A 61 -10.15 -0.66 3.25
C VAL A 61 -11.46 -1.32 3.69
N PHE A 62 -12.20 -0.65 4.56
CA PHE A 62 -13.49 -1.15 5.01
C PHE A 62 -14.50 -1.15 3.87
N ASP A 63 -14.38 -0.16 2.99
CA ASP A 63 -15.29 -0.03 1.86
C ASP A 63 -15.05 -1.09 0.81
N ASN A 64 -13.79 -1.29 0.44
CA ASN A 64 -13.42 -2.28 -0.57
C ASN A 64 -13.04 -3.61 0.09
N ALA A 65 -13.55 -3.82 1.30
CA ALA A 65 -13.23 -5.01 2.08
C ALA A 65 -13.77 -6.28 1.42
N ASN A 66 -14.63 -6.11 0.43
CA ASN A 66 -15.21 -7.25 -0.27
C ASN A 66 -14.14 -7.97 -1.09
N ALA A 67 -13.10 -7.23 -1.46
CA ALA A 67 -12.00 -7.79 -2.23
C ALA A 67 -10.71 -7.81 -1.42
N ILE A 68 -10.79 -7.32 -0.19
CA ILE A 68 -9.61 -7.23 0.66
C ILE A 68 -9.73 -8.18 1.85
N ASP A 69 -9.10 -9.35 1.71
CA ASP A 69 -9.06 -10.34 2.77
C ASP A 69 -7.71 -10.30 3.47
N THR A 70 -6.67 -10.04 2.69
CA THR A 70 -5.33 -9.92 3.23
C THR A 70 -4.78 -8.53 2.92
N LEU A 71 -4.27 -7.84 3.92
CA LEU A 71 -3.77 -6.49 3.73
C LEU A 71 -2.38 -6.34 4.31
N ILE A 72 -1.41 -6.15 3.44
CA ILE A 72 -0.04 -5.93 3.86
C ILE A 72 0.32 -4.46 3.69
N VAL A 73 0.57 -3.79 4.80
CA VAL A 73 0.89 -2.38 4.77
C VAL A 73 2.39 -2.17 4.94
N GLY A 74 3.01 -1.63 3.90
CA GLY A 74 4.41 -1.30 3.95
C GLY A 74 4.61 0.17 4.21
N THR A 75 4.90 0.51 5.45
CA THR A 75 4.97 1.91 5.87
C THR A 75 6.30 2.56 5.48
N GLY A 76 6.75 2.29 4.26
CA GLY A 76 8.01 2.83 3.79
C GLY A 76 9.18 2.18 4.48
N ALA A 77 9.87 2.96 5.30
CA ALA A 77 10.97 2.45 6.09
C ALA A 77 10.67 2.63 7.58
N ASP A 78 9.70 3.48 7.88
CA ASP A 78 9.32 3.76 9.25
C ASP A 78 8.18 2.85 9.67
N VAL A 79 8.54 1.70 10.22
CA VAL A 79 7.56 0.67 10.54
C VAL A 79 6.62 1.11 11.66
N TRP A 80 5.33 1.05 11.40
CA TRP A 80 4.32 1.39 12.39
C TRP A 80 3.56 0.14 12.82
N ILE A 81 3.66 -0.20 14.09
CA ILE A 81 2.98 -1.37 14.62
C ILE A 81 1.57 -0.99 15.07
N ALA A 82 0.59 -1.64 14.47
CA ALA A 82 -0.80 -1.38 14.80
C ALA A 82 -1.19 -1.97 16.15
N PRO A 83 -1.90 -1.19 16.98
CA PRO A 83 -2.39 -1.66 18.28
C PRO A 83 -3.33 -2.86 18.15
N ARG A 84 -3.47 -3.61 19.24
CA ARG A 84 -4.28 -4.83 19.22
C ARG A 84 -5.73 -4.55 18.88
N GLN A 85 -6.23 -3.40 19.34
CA GLN A 85 -7.61 -3.02 19.08
C GLN A 85 -7.84 -2.77 17.59
N LEU A 86 -6.86 -2.16 16.93
CA LEU A 86 -6.95 -1.89 15.51
C LEU A 86 -6.76 -3.18 14.71
N ARG A 87 -5.82 -4.00 15.19
CA ARG A 87 -5.55 -5.30 14.58
C ARG A 87 -6.82 -6.17 14.65
N GLU A 88 -7.48 -6.12 15.80
CA GLU A 88 -8.69 -6.89 16.04
C GLU A 88 -9.86 -6.35 15.21
N ALA A 89 -9.89 -5.04 15.03
CA ALA A 89 -10.95 -4.39 14.26
C ALA A 89 -11.02 -4.94 12.84
N LEU A 90 -9.88 -4.97 12.15
CA LEU A 90 -9.82 -5.52 10.81
C LEU A 90 -10.00 -7.03 10.83
N ARG A 91 -9.52 -7.66 11.91
CA ARG A 91 -9.64 -9.11 12.07
C ARG A 91 -11.11 -9.53 12.12
N GLY A 92 -11.97 -8.63 12.63
CA GLY A 92 -13.39 -8.92 12.69
C GLY A 92 -14.02 -9.02 11.32
N VAL A 93 -13.47 -8.28 10.37
CA VAL A 93 -13.92 -8.34 8.98
C VAL A 93 -13.14 -9.43 8.24
N ASN A 94 -12.31 -10.14 9.00
CA ASN A 94 -11.45 -11.22 8.49
C ASN A 94 -10.31 -10.67 7.66
N VAL A 95 -10.09 -9.37 7.75
CA VAL A 95 -8.98 -8.74 7.04
C VAL A 95 -7.67 -9.03 7.77
N VAL A 96 -6.84 -9.84 7.15
CA VAL A 96 -5.55 -10.19 7.71
C VAL A 96 -4.57 -9.05 7.49
N LEU A 97 -4.42 -8.21 8.51
CA LEU A 97 -3.53 -7.07 8.44
C LEU A 97 -2.14 -7.45 8.92
N ASP A 98 -1.13 -6.97 8.22
CA ASP A 98 0.24 -7.15 8.68
C ASP A 98 1.02 -5.85 8.44
N THR A 99 1.91 -5.53 9.36
CA THR A 99 2.65 -4.29 9.31
C THR A 99 4.10 -4.53 8.91
N MET A 100 4.46 -4.13 7.71
CA MET A 100 5.78 -4.40 7.17
C MET A 100 6.41 -3.16 6.56
N GLN A 101 7.59 -3.34 5.99
CA GLN A 101 8.26 -2.30 5.24
C GLN A 101 8.12 -2.60 3.76
N THR A 102 8.33 -1.59 2.91
CA THR A 102 8.05 -1.69 1.48
C THR A 102 8.73 -2.90 0.84
N GLY A 103 10.06 -2.93 0.87
CA GLY A 103 10.82 -4.00 0.23
C GLY A 103 10.30 -5.40 0.54
N PRO A 104 10.35 -5.83 1.81
CA PRO A 104 9.87 -7.15 2.23
C PRO A 104 8.41 -7.40 1.84
N ALA A 105 7.59 -6.35 1.91
CA ALA A 105 6.16 -6.48 1.62
C ALA A 105 5.92 -6.74 0.13
N ILE A 106 6.66 -6.02 -0.72
CA ILE A 106 6.51 -6.18 -2.17
C ILE A 106 6.83 -7.62 -2.60
N ARG A 107 7.96 -8.12 -2.12
CA ARG A 107 8.41 -9.47 -2.46
C ARG A 107 7.41 -10.51 -1.98
N THR A 108 6.92 -10.33 -0.75
CA THR A 108 5.92 -11.23 -0.18
C THR A 108 4.61 -11.16 -0.97
N TYR A 109 4.22 -9.93 -1.33
CA TYR A 109 3.01 -9.71 -2.12
C TYR A 109 3.08 -10.45 -3.45
N ASN A 110 4.23 -10.38 -4.10
CA ASN A 110 4.42 -11.02 -5.40
C ASN A 110 4.27 -12.54 -5.29
N ILE A 111 4.67 -13.10 -4.17
CA ILE A 111 4.47 -14.52 -3.93
C ILE A 111 3.00 -14.82 -3.65
N MET A 112 2.38 -13.98 -2.83
CA MET A 112 1.00 -14.21 -2.41
C MET A 112 0.00 -13.97 -3.53
N ILE A 113 0.31 -13.06 -4.45
CA ILE A 113 -0.60 -12.74 -5.55
C ILE A 113 -0.75 -13.94 -6.50
N GLY A 114 0.07 -14.97 -6.30
CA GLY A 114 -0.05 -16.18 -7.07
C GLY A 114 -0.29 -17.39 -6.19
N GLU A 115 -0.86 -17.16 -5.02
CA GLU A 115 -1.11 -18.25 -4.06
C GLU A 115 -2.35 -17.96 -3.23
N ARG A 116 -2.56 -16.70 -2.90
CA ARG A 116 -3.71 -16.26 -2.12
C ARG A 116 -4.13 -14.89 -2.64
N ARG A 117 -4.83 -14.91 -3.76
CA ARG A 117 -5.24 -13.69 -4.44
C ARG A 117 -6.38 -12.99 -3.71
N ARG A 118 -6.11 -12.59 -2.48
CA ARG A 118 -7.03 -11.83 -1.65
C ARG A 118 -6.28 -10.70 -0.98
N VAL A 119 -5.09 -10.45 -1.48
CA VAL A 119 -4.14 -9.56 -0.82
C VAL A 119 -4.01 -8.23 -1.54
N ALA A 120 -4.05 -7.16 -0.77
CA ALA A 120 -3.80 -5.82 -1.28
C ALA A 120 -2.57 -5.24 -0.59
N ALA A 121 -1.82 -4.41 -1.29
CA ALA A 121 -0.58 -3.87 -0.74
C ALA A 121 -0.63 -2.35 -0.69
N ALA A 122 -0.42 -1.80 0.50
CA ALA A 122 -0.34 -0.36 0.67
C ALA A 122 1.09 0.06 0.95
N LEU A 123 1.68 0.82 0.04
CA LEU A 123 3.08 1.18 0.16
C LEU A 123 3.25 2.69 0.37
N ILE A 124 3.91 3.03 1.46
CA ILE A 124 4.19 4.44 1.78
C ILE A 124 5.57 4.82 1.26
N ALA A 125 5.73 6.09 0.88
CA ALA A 125 6.99 6.63 0.38
C ALA A 125 8.19 6.22 1.21
N VAL A 126 9.29 5.92 0.53
CA VAL A 126 10.51 5.51 1.19
C VAL A 126 11.56 6.60 1.10
N PRO A 127 11.89 7.24 2.24
CA PRO A 127 12.95 8.23 2.30
C PRO A 127 14.33 7.56 2.30
N LEU A 128 15.03 7.65 1.18
CA LEU A 128 16.33 7.03 1.04
C LEU A 128 17.45 8.05 1.27
N GLU A 129 17.53 9.03 0.39
CA GLU A 129 18.57 10.04 0.51
C GLU A 129 18.04 11.24 1.28
N HIS A 130 18.69 11.53 2.39
CA HIS A 130 18.33 12.67 3.21
C HIS A 130 19.59 13.16 3.92
N HIS A 131 20.75 12.78 3.39
CA HIS A 131 22.02 13.09 4.01
C HIS A 131 22.69 14.27 3.32
N HIS A 132 23.39 13.98 2.22
CA HIS A 132 24.16 15.00 1.54
C HIS A 132 23.96 14.89 0.04
N HIS A 133 23.22 15.84 -0.51
CA HIS A 133 22.92 15.83 -1.93
C HIS A 133 22.79 17.24 -2.49
N HIS A 134 23.90 17.73 -3.02
CA HIS A 134 23.91 18.96 -3.79
C HIS A 134 24.07 18.59 -5.26
N HIS A 135 24.85 17.55 -5.48
CA HIS A 135 25.05 16.97 -6.80
C HIS A 135 25.63 15.57 -6.62
N MET A 1 -8.55 20.69 -12.37
CA MET A 1 -8.67 19.59 -11.39
C MET A 1 -8.67 18.25 -12.10
N ALA A 2 -8.92 17.18 -11.36
CA ALA A 2 -8.95 15.85 -11.95
C ALA A 2 -10.27 15.60 -12.67
N GLN A 3 -10.34 16.05 -13.91
CA GLN A 3 -11.51 15.83 -14.74
C GLN A 3 -11.09 15.39 -16.14
N ARG A 4 -11.06 14.09 -16.33
CA ARG A 4 -10.65 13.50 -17.60
C ARG A 4 -11.25 12.10 -17.71
N SER A 5 -11.10 11.47 -18.87
CA SER A 5 -11.65 10.14 -19.06
C SER A 5 -10.81 9.32 -20.04
N GLU A 6 -9.49 9.42 -19.91
CA GLU A 6 -8.60 8.58 -20.71
C GLU A 6 -8.70 7.14 -20.21
N ILE A 7 -8.18 6.92 -19.00
CA ILE A 7 -8.31 5.65 -18.32
C ILE A 7 -8.65 5.89 -16.84
N PRO A 8 -9.95 5.96 -16.52
CA PRO A 8 -10.41 6.30 -15.18
C PRO A 8 -10.42 5.10 -14.23
N HIS A 9 -9.77 4.02 -14.64
CA HIS A 9 -9.73 2.81 -13.83
C HIS A 9 -8.56 1.94 -14.27
N PHE A 10 -7.57 1.78 -13.40
CA PHE A 10 -6.38 0.99 -13.72
C PHE A 10 -6.74 -0.48 -13.91
N PRO A 11 -6.16 -1.11 -14.95
CA PRO A 11 -6.47 -2.49 -15.34
C PRO A 11 -5.71 -3.54 -14.51
N ARG A 12 -5.61 -3.29 -13.20
CA ARG A 12 -4.95 -4.21 -12.27
C ARG A 12 -3.45 -4.27 -12.52
N THR A 13 -2.68 -3.63 -11.64
CA THR A 13 -1.23 -3.63 -11.76
C THR A 13 -0.58 -3.81 -10.39
N ALA A 14 0.15 -4.89 -10.23
CA ALA A 14 0.83 -5.19 -8.97
C ALA A 14 2.33 -5.32 -9.18
N ALA A 15 2.79 -4.91 -10.36
CA ALA A 15 4.20 -5.04 -10.72
C ALA A 15 4.98 -3.79 -10.33
N ILE A 16 5.92 -3.93 -9.42
CA ILE A 16 6.76 -2.84 -8.98
C ILE A 16 8.18 -3.02 -9.52
N ASP A 17 8.68 -2.00 -10.18
CA ASP A 17 9.93 -2.12 -10.92
C ASP A 17 11.14 -1.92 -10.02
N ALA A 18 11.18 -0.80 -9.32
CA ALA A 18 12.32 -0.46 -8.48
C ALA A 18 11.88 0.15 -7.17
N TYR A 19 12.68 -0.05 -6.14
CA TYR A 19 12.44 0.51 -4.83
C TYR A 19 13.67 1.25 -4.34
N GLY A 20 13.53 2.56 -4.13
CA GLY A 20 14.65 3.35 -3.67
C GLY A 20 14.46 4.83 -3.92
N LYS A 21 15.15 5.36 -4.91
CA LYS A 21 15.08 6.78 -5.22
C LYS A 21 13.71 7.14 -5.77
N GLY A 22 13.08 8.14 -5.17
CA GLY A 22 11.76 8.56 -5.60
C GLY A 22 10.67 7.85 -4.84
N GLY A 23 11.06 6.90 -4.01
CA GLY A 23 10.09 6.13 -3.26
C GLY A 23 9.68 4.87 -3.98
N PHE A 24 8.72 5.00 -4.87
CA PHE A 24 8.23 3.86 -5.64
C PHE A 24 8.42 4.11 -7.13
N TYR A 25 8.89 3.10 -7.83
CA TYR A 25 9.00 3.16 -9.27
C TYR A 25 8.45 1.87 -9.88
N PHE A 26 7.51 2.01 -10.79
CA PHE A 26 6.89 0.86 -11.43
C PHE A 26 6.69 1.14 -12.90
N ALA A 27 6.19 0.15 -13.64
CA ALA A 27 5.91 0.32 -15.05
C ALA A 27 4.87 1.42 -15.27
N GLY A 28 5.36 2.64 -15.44
CA GLY A 28 4.48 3.78 -15.59
C GLY A 28 5.11 5.05 -15.07
N MET A 29 5.15 5.21 -13.75
CA MET A 29 5.66 6.45 -13.15
C MET A 29 6.34 6.18 -11.81
N SER A 30 6.90 7.24 -11.23
CA SER A 30 7.52 7.18 -9.92
C SER A 30 6.98 8.32 -9.04
N HIS A 31 6.76 8.05 -7.76
CA HIS A 31 6.25 9.06 -6.85
C HIS A 31 6.37 8.60 -5.40
N GLN A 32 6.44 9.56 -4.48
CA GLN A 32 6.48 9.27 -3.05
C GLN A 32 5.04 9.13 -2.54
N GLY A 33 4.88 9.20 -1.21
CA GLY A 33 3.56 9.12 -0.63
C GLY A 33 3.16 7.69 -0.32
N SER A 34 1.88 7.40 -0.44
CA SER A 34 1.38 6.06 -0.20
C SER A 34 0.57 5.58 -1.41
N LEU A 35 0.73 4.31 -1.75
CA LEU A 35 0.02 3.73 -2.88
C LEU A 35 -0.84 2.57 -2.43
N LEU A 36 -2.04 2.50 -2.97
CA LEU A 36 -2.96 1.41 -2.66
C LEU A 36 -2.93 0.38 -3.76
N PHE A 37 -2.15 -0.66 -3.56
CA PHE A 37 -2.09 -1.75 -4.51
C PHE A 37 -3.21 -2.73 -4.21
N LEU A 38 -4.34 -2.52 -4.87
CA LEU A 38 -5.50 -3.36 -4.67
C LEU A 38 -5.62 -4.34 -5.84
N PRO A 39 -6.31 -5.47 -5.63
CA PRO A 39 -6.56 -6.44 -6.70
C PRO A 39 -7.41 -5.86 -7.82
N ASP A 40 -7.98 -4.68 -7.57
CA ASP A 40 -8.77 -3.98 -8.56
C ASP A 40 -7.90 -3.02 -9.38
N ALA A 41 -7.23 -2.11 -8.70
CA ALA A 41 -6.44 -1.10 -9.38
C ALA A 41 -5.43 -0.46 -8.42
N VAL A 42 -4.56 0.37 -8.97
CA VAL A 42 -3.60 1.11 -8.17
C VAL A 42 -4.19 2.46 -7.80
N TRP A 43 -4.67 2.57 -6.58
CA TRP A 43 -5.29 3.79 -6.13
C TRP A 43 -4.32 4.63 -5.31
N GLY A 44 -4.54 5.93 -5.30
CA GLY A 44 -3.66 6.83 -4.58
C GLY A 44 -4.10 7.02 -3.14
N TRP A 45 -3.19 6.78 -2.21
CA TRP A 45 -3.49 6.94 -0.80
C TRP A 45 -2.80 8.21 -0.28
N ASP A 46 -3.60 9.24 -0.04
CA ASP A 46 -3.06 10.53 0.38
C ASP A 46 -2.68 10.52 1.86
N VAL A 47 -1.58 9.83 2.14
CA VAL A 47 -1.04 9.77 3.48
C VAL A 47 0.49 9.85 3.40
N THR A 48 1.08 10.76 4.17
CA THR A 48 2.52 10.92 4.17
C THR A 48 3.15 10.35 5.44
N LYS A 49 2.31 9.94 6.38
CA LYS A 49 2.79 9.44 7.66
C LYS A 49 2.27 8.03 7.93
N PRO A 50 3.17 7.04 8.04
CA PRO A 50 2.79 5.67 8.41
C PRO A 50 2.19 5.60 9.80
N GLU A 51 2.50 6.60 10.60
CA GLU A 51 2.00 6.71 11.97
C GLU A 51 0.51 7.04 11.97
N GLN A 52 0.03 7.60 10.86
CA GLN A 52 -1.33 8.11 10.78
C GLN A 52 -2.26 7.10 10.11
N ILE A 53 -1.86 5.84 10.08
CA ILE A 53 -2.72 4.79 9.56
C ILE A 53 -3.79 4.46 10.60
N ASP A 54 -5.04 4.76 10.27
CA ASP A 54 -6.13 4.59 11.22
C ASP A 54 -7.40 4.16 10.49
N ARG A 55 -8.51 4.10 11.21
CA ARG A 55 -9.78 3.64 10.67
C ARG A 55 -10.29 4.60 9.58
N TYR A 56 -10.07 5.88 9.79
CA TYR A 56 -10.53 6.90 8.84
C TYR A 56 -9.75 6.83 7.54
N SER A 57 -8.45 6.69 7.65
CA SER A 57 -7.59 6.62 6.46
C SER A 57 -7.74 5.28 5.75
N LEU A 58 -8.07 4.23 6.49
CA LEU A 58 -8.25 2.90 5.92
C LEU A 58 -9.70 2.69 5.46
N GLN A 59 -10.46 3.78 5.36
CA GLN A 59 -11.85 3.70 4.90
C GLN A 59 -11.93 3.00 3.56
N ARG A 60 -10.94 3.26 2.70
CA ARG A 60 -10.89 2.68 1.37
C ARG A 60 -10.75 1.16 1.45
N VAL A 61 -10.12 0.68 2.51
CA VAL A 61 -9.91 -0.74 2.71
C VAL A 61 -11.22 -1.41 3.13
N PHE A 62 -12.00 -0.72 3.96
CA PHE A 62 -13.30 -1.22 4.37
C PHE A 62 -14.21 -1.41 3.17
N ASP A 63 -14.11 -0.49 2.21
CA ASP A 63 -14.90 -0.56 0.97
C ASP A 63 -14.71 -1.89 0.28
N ASN A 64 -13.47 -2.20 -0.06
CA ASN A 64 -13.16 -3.36 -0.89
C ASN A 64 -12.77 -4.57 -0.02
N ALA A 65 -13.11 -4.50 1.25
CA ALA A 65 -12.78 -5.57 2.21
C ALA A 65 -13.38 -6.91 1.77
N ASN A 66 -14.42 -6.85 0.97
CA ASN A 66 -15.08 -8.07 0.46
C ASN A 66 -14.18 -8.79 -0.54
N ALA A 67 -13.17 -8.09 -1.03
CA ALA A 67 -12.22 -8.67 -1.97
C ALA A 67 -10.81 -8.67 -1.39
N ILE A 68 -10.70 -8.25 -0.14
CA ILE A 68 -9.41 -8.18 0.53
C ILE A 68 -9.36 -9.14 1.71
N ASP A 69 -8.56 -10.18 1.57
CA ASP A 69 -8.37 -11.16 2.63
C ASP A 69 -7.14 -10.80 3.43
N THR A 70 -6.03 -10.68 2.74
CA THR A 70 -4.76 -10.34 3.35
C THR A 70 -4.33 -8.94 2.93
N LEU A 71 -3.96 -8.12 3.91
CA LEU A 71 -3.55 -6.75 3.65
C LEU A 71 -2.10 -6.54 4.11
N ILE A 72 -1.22 -6.29 3.17
CA ILE A 72 0.19 -6.08 3.46
C ILE A 72 0.47 -4.58 3.57
N VAL A 73 0.99 -4.16 4.71
CA VAL A 73 1.33 -2.76 4.92
C VAL A 73 2.83 -2.55 4.89
N GLY A 74 3.28 -1.71 3.98
CA GLY A 74 4.70 -1.44 3.84
C GLY A 74 5.08 -0.13 4.50
N THR A 75 5.45 -0.19 5.75
CA THR A 75 5.82 0.99 6.52
C THR A 75 7.24 1.43 6.18
N GLY A 76 7.39 2.71 5.88
CA GLY A 76 8.68 3.26 5.52
C GLY A 76 9.39 3.91 6.69
N ALA A 77 10.72 4.07 6.54
CA ALA A 77 11.59 4.70 7.55
C ALA A 77 11.85 3.75 8.71
N ASP A 78 10.81 3.09 9.17
CA ASP A 78 10.92 2.17 10.29
C ASP A 78 9.69 1.26 10.32
N VAL A 79 9.58 0.43 11.34
CA VAL A 79 8.49 -0.52 11.44
C VAL A 79 7.39 0.02 12.35
N TRP A 80 6.32 0.51 11.75
CA TRP A 80 5.16 0.95 12.50
C TRP A 80 4.22 -0.22 12.73
N ILE A 81 3.91 -0.49 14.00
CA ILE A 81 3.02 -1.58 14.35
C ILE A 81 1.61 -1.05 14.56
N ALA A 82 0.67 -1.58 13.78
CA ALA A 82 -0.73 -1.20 13.90
C ALA A 82 -1.28 -1.63 15.27
N PRO A 83 -1.90 -0.69 16.01
CA PRO A 83 -2.48 -0.95 17.33
C PRO A 83 -3.50 -2.09 17.28
N ARG A 84 -3.70 -2.75 18.42
CA ARG A 84 -4.56 -3.92 18.46
C ARG A 84 -6.00 -3.56 18.09
N GLN A 85 -6.47 -2.39 18.55
CA GLN A 85 -7.84 -1.96 18.26
C GLN A 85 -8.09 -1.86 16.77
N LEU A 86 -7.15 -1.25 16.05
CA LEU A 86 -7.26 -1.11 14.61
C LEU A 86 -7.23 -2.49 13.95
N ARG A 87 -6.38 -3.36 14.48
CA ARG A 87 -6.20 -4.69 13.93
C ARG A 87 -7.43 -5.56 14.19
N GLU A 88 -7.95 -5.50 15.41
CA GLU A 88 -9.11 -6.30 15.80
C GLU A 88 -10.36 -5.85 15.06
N ALA A 89 -10.43 -4.56 14.74
CA ALA A 89 -11.53 -4.01 13.97
C ALA A 89 -11.54 -4.59 12.56
N LEU A 90 -10.37 -4.56 11.92
CA LEU A 90 -10.21 -5.12 10.58
C LEU A 90 -10.35 -6.63 10.62
N ARG A 91 -9.82 -7.25 11.67
CA ARG A 91 -9.90 -8.69 11.84
C ARG A 91 -11.35 -9.14 12.00
N GLY A 92 -12.19 -8.23 12.49
CA GLY A 92 -13.61 -8.52 12.60
C GLY A 92 -14.25 -8.72 11.24
N VAL A 93 -13.64 -8.15 10.21
CA VAL A 93 -14.10 -8.32 8.84
C VAL A 93 -13.26 -9.39 8.15
N ASN A 94 -12.40 -10.05 8.94
CA ASN A 94 -11.49 -11.10 8.45
C ASN A 94 -10.40 -10.52 7.56
N VAL A 95 -10.18 -9.22 7.68
CA VAL A 95 -9.10 -8.57 6.95
C VAL A 95 -7.79 -8.72 7.71
N VAL A 96 -6.92 -9.58 7.20
CA VAL A 96 -5.65 -9.86 7.86
C VAL A 96 -4.62 -8.81 7.49
N LEU A 97 -4.54 -7.76 8.30
CA LEU A 97 -3.55 -6.71 8.09
C LEU A 97 -2.24 -7.11 8.73
N ASP A 98 -1.16 -7.07 7.95
CA ASP A 98 0.16 -7.37 8.46
C ASP A 98 1.14 -6.30 7.96
N THR A 99 1.86 -5.69 8.88
CA THR A 99 2.73 -4.57 8.55
C THR A 99 4.21 -4.96 8.67
N MET A 100 5.00 -4.51 7.71
CA MET A 100 6.44 -4.71 7.72
C MET A 100 7.10 -3.62 6.90
N GLN A 101 8.44 -3.63 6.84
CA GLN A 101 9.17 -2.63 6.08
C GLN A 101 8.81 -2.71 4.60
N THR A 102 8.86 -1.56 3.92
CA THR A 102 8.46 -1.46 2.52
C THR A 102 9.14 -2.50 1.62
N GLY A 103 10.41 -2.75 1.87
CA GLY A 103 11.17 -3.71 1.07
C GLY A 103 10.54 -5.11 1.08
N PRO A 104 10.55 -5.79 2.25
CA PRO A 104 9.92 -7.11 2.40
C PRO A 104 8.45 -7.11 1.97
N ALA A 105 7.78 -5.99 2.14
CA ALA A 105 6.36 -5.87 1.77
C ALA A 105 6.17 -6.09 0.28
N ILE A 106 6.98 -5.41 -0.53
CA ILE A 106 6.93 -5.57 -1.98
C ILE A 106 7.24 -7.01 -2.37
N ARG A 107 8.20 -7.59 -1.66
CA ARG A 107 8.60 -8.97 -1.87
C ARG A 107 7.44 -9.93 -1.62
N THR A 108 6.88 -9.88 -0.41
CA THR A 108 5.77 -10.76 -0.04
C THR A 108 4.56 -10.55 -0.95
N TYR A 109 4.32 -9.30 -1.33
CA TYR A 109 3.18 -8.98 -2.19
C TYR A 109 3.30 -9.68 -3.54
N ASN A 110 4.50 -9.68 -4.10
CA ASN A 110 4.75 -10.36 -5.38
C ASN A 110 4.47 -11.85 -5.27
N ILE A 111 4.86 -12.42 -4.14
CA ILE A 111 4.65 -13.85 -3.87
C ILE A 111 3.15 -14.16 -3.77
N MET A 112 2.42 -13.30 -3.07
CA MET A 112 0.99 -13.48 -2.88
C MET A 112 0.23 -13.34 -4.19
N ILE A 113 0.59 -12.32 -4.97
CA ILE A 113 -0.02 -12.10 -6.28
C ILE A 113 0.30 -13.26 -7.21
N GLY A 114 1.49 -13.83 -7.04
CA GLY A 114 1.90 -14.96 -7.86
C GLY A 114 1.40 -16.28 -7.32
N GLU A 115 0.42 -16.22 -6.44
CA GLU A 115 -0.17 -17.42 -5.87
C GLU A 115 -1.67 -17.45 -6.17
N ARG A 116 -2.39 -16.44 -5.68
CA ARG A 116 -3.83 -16.37 -5.90
C ARG A 116 -4.26 -14.92 -6.16
N ARG A 117 -4.84 -14.31 -5.14
CA ARG A 117 -5.41 -12.97 -5.22
C ARG A 117 -6.04 -12.65 -3.87
N ARG A 118 -6.95 -11.66 -3.85
CA ARG A 118 -7.66 -11.27 -2.63
C ARG A 118 -6.67 -10.70 -1.62
N VAL A 119 -5.57 -10.17 -2.13
CA VAL A 119 -4.54 -9.59 -1.30
C VAL A 119 -4.21 -8.18 -1.79
N ALA A 120 -4.01 -7.27 -0.85
CA ALA A 120 -3.73 -5.89 -1.19
C ALA A 120 -2.51 -5.39 -0.44
N ALA A 121 -1.87 -4.36 -0.97
CA ALA A 121 -0.68 -3.80 -0.34
C ALA A 121 -0.80 -2.29 -0.18
N ALA A 122 -0.71 -1.84 1.05
CA ALA A 122 -0.67 -0.41 1.35
C ALA A 122 0.76 0.00 1.60
N LEU A 123 1.42 0.51 0.57
CA LEU A 123 2.84 0.79 0.64
C LEU A 123 3.09 2.28 0.81
N ILE A 124 3.93 2.63 1.78
CA ILE A 124 4.27 4.01 2.06
C ILE A 124 5.74 4.25 1.75
N ALA A 125 6.01 5.36 1.06
CA ALA A 125 7.37 5.71 0.67
C ALA A 125 8.22 6.04 1.89
N VAL A 126 9.52 5.87 1.75
CA VAL A 126 10.45 6.11 2.85
C VAL A 126 10.94 7.56 2.86
N PRO A 127 10.64 8.29 3.94
CA PRO A 127 11.17 9.64 4.17
C PRO A 127 12.69 9.63 4.21
N LEU A 128 13.32 10.21 3.19
CA LEU A 128 14.77 10.18 3.07
C LEU A 128 15.42 11.33 3.82
N GLU A 129 14.70 11.91 4.77
CA GLU A 129 15.22 13.04 5.54
C GLU A 129 15.22 12.76 7.03
N HIS A 130 14.41 13.52 7.79
CA HIS A 130 14.38 13.50 9.26
C HIS A 130 15.68 14.08 9.82
N HIS A 131 16.80 13.59 9.34
CA HIS A 131 18.11 14.14 9.66
C HIS A 131 18.97 14.13 8.42
N HIS A 132 18.99 15.24 7.71
CA HIS A 132 19.76 15.34 6.48
C HIS A 132 20.97 16.25 6.66
N HIS A 133 21.84 16.25 5.67
CA HIS A 133 22.96 17.18 5.66
C HIS A 133 22.71 18.23 4.60
N HIS A 134 23.50 19.30 4.62
CA HIS A 134 23.44 20.30 3.58
C HIS A 134 24.51 20.00 2.54
N HIS A 135 25.76 20.12 2.96
CA HIS A 135 26.92 19.81 2.12
C HIS A 135 28.19 20.14 2.89
N MET A 1 -0.59 15.85 -17.90
CA MET A 1 -1.40 16.56 -18.92
C MET A 1 -1.97 15.57 -19.94
N ALA A 2 -1.07 14.85 -20.60
CA ALA A 2 -1.45 13.90 -21.66
C ALA A 2 -2.31 14.57 -22.72
N GLN A 3 -3.63 14.40 -22.62
CA GLN A 3 -4.56 15.04 -23.53
C GLN A 3 -5.73 15.63 -22.77
N ARG A 4 -5.51 15.88 -21.47
CA ARG A 4 -6.57 16.31 -20.56
C ARG A 4 -7.55 15.16 -20.30
N SER A 5 -8.29 15.23 -19.19
CA SER A 5 -9.21 14.16 -18.80
C SER A 5 -8.42 12.91 -18.44
N GLU A 6 -7.32 13.11 -17.72
CA GLU A 6 -6.44 12.03 -17.31
C GLU A 6 -7.11 11.11 -16.30
N ILE A 7 -7.38 9.88 -16.73
CA ILE A 7 -8.03 8.89 -15.89
C ILE A 7 -7.06 7.77 -15.51
N PRO A 8 -6.91 7.51 -14.20
CA PRO A 8 -5.98 6.51 -13.70
C PRO A 8 -6.60 5.11 -13.61
N HIS A 9 -6.30 4.27 -14.59
CA HIS A 9 -6.78 2.90 -14.61
C HIS A 9 -5.65 1.95 -14.98
N PHE A 10 -5.33 1.04 -14.08
CA PHE A 10 -4.29 0.05 -14.33
C PHE A 10 -4.90 -1.34 -14.47
N PRO A 11 -4.71 -1.98 -15.63
CA PRO A 11 -5.25 -3.32 -15.88
C PRO A 11 -4.40 -4.41 -15.25
N ARG A 12 -4.44 -4.49 -13.91
CA ARG A 12 -3.65 -5.46 -13.15
C ARG A 12 -2.15 -5.25 -13.32
N THR A 13 -1.54 -4.55 -12.39
CA THR A 13 -0.11 -4.34 -12.41
C THR A 13 0.46 -4.46 -10.99
N ALA A 14 1.59 -5.13 -10.87
CA ALA A 14 2.24 -5.33 -9.60
C ALA A 14 3.75 -5.34 -9.76
N ALA A 15 4.22 -4.78 -10.88
CA ALA A 15 5.63 -4.77 -11.18
C ALA A 15 6.28 -3.50 -10.65
N ILE A 16 6.97 -3.63 -9.53
CA ILE A 16 7.68 -2.51 -8.94
C ILE A 16 9.16 -2.65 -9.24
N ASP A 17 9.67 -1.74 -10.05
CA ASP A 17 11.07 -1.80 -10.47
C ASP A 17 11.99 -1.33 -9.34
N ALA A 18 11.60 -0.23 -8.71
CA ALA A 18 12.37 0.33 -7.61
C ALA A 18 11.52 1.29 -6.80
N TYR A 19 12.02 1.68 -5.63
CA TYR A 19 11.37 2.68 -4.81
C TYR A 19 12.43 3.45 -4.02
N GLY A 20 12.09 4.66 -3.58
CA GLY A 20 13.02 5.42 -2.78
C GLY A 20 12.78 6.91 -2.86
N LYS A 21 13.77 7.62 -3.41
CA LYS A 21 13.70 9.07 -3.49
C LYS A 21 12.64 9.51 -4.48
N GLY A 22 11.51 9.97 -3.97
CA GLY A 22 10.45 10.46 -4.82
C GLY A 22 9.25 9.57 -4.82
N GLY A 23 9.40 8.40 -4.21
CA GLY A 23 8.30 7.46 -4.14
C GLY A 23 8.62 6.16 -4.85
N PHE A 24 7.61 5.57 -5.48
CA PHE A 24 7.79 4.31 -6.19
C PHE A 24 8.04 4.54 -7.68
N TYR A 25 8.81 3.62 -8.27
CA TYR A 25 9.08 3.65 -9.70
C TYR A 25 8.56 2.36 -10.33
N PHE A 26 7.45 2.48 -11.06
CA PHE A 26 6.82 1.33 -11.67
C PHE A 26 6.28 1.69 -13.05
N ALA A 27 5.72 0.71 -13.74
CA ALA A 27 5.18 0.93 -15.07
C ALA A 27 3.90 1.75 -15.02
N GLY A 28 3.87 2.82 -15.79
CA GLY A 28 2.69 3.66 -15.84
C GLY A 28 2.89 4.97 -15.10
N MET A 29 3.04 4.90 -13.79
CA MET A 29 3.22 6.09 -12.98
C MET A 29 4.49 6.00 -12.15
N SER A 30 4.93 7.13 -11.65
CA SER A 30 6.09 7.21 -10.77
C SER A 30 5.96 8.45 -9.89
N HIS A 31 6.86 8.60 -8.93
CA HIS A 31 6.87 9.74 -8.02
C HIS A 31 5.64 9.69 -7.10
N GLN A 32 5.16 8.49 -6.87
CA GLN A 32 4.03 8.27 -5.98
C GLN A 32 4.54 7.75 -4.64
N GLY A 33 4.19 8.44 -3.57
CA GLY A 33 4.72 8.10 -2.26
C GLY A 33 3.93 7.01 -1.58
N SER A 34 2.65 7.24 -1.39
CA SER A 34 1.80 6.28 -0.70
C SER A 34 0.75 5.72 -1.66
N LEU A 35 0.78 4.42 -1.86
CA LEU A 35 -0.10 3.77 -2.83
C LEU A 35 -0.84 2.60 -2.20
N LEU A 36 -2.07 2.39 -2.65
CA LEU A 36 -2.86 1.27 -2.21
C LEU A 36 -3.03 0.30 -3.37
N PHE A 37 -2.24 -0.76 -3.35
CA PHE A 37 -2.27 -1.75 -4.42
C PHE A 37 -3.43 -2.71 -4.22
N LEU A 38 -4.39 -2.65 -5.12
CA LEU A 38 -5.53 -3.55 -5.10
C LEU A 38 -5.37 -4.59 -6.20
N PRO A 39 -6.00 -5.77 -6.04
CA PRO A 39 -5.89 -6.88 -6.99
C PRO A 39 -6.40 -6.53 -8.40
N ASP A 40 -7.09 -5.39 -8.53
CA ASP A 40 -7.60 -4.98 -9.83
C ASP A 40 -6.74 -3.87 -10.42
N ALA A 41 -6.28 -2.95 -9.57
CA ALA A 41 -5.52 -1.80 -10.02
C ALA A 41 -4.80 -1.14 -8.86
N VAL A 42 -3.89 -0.23 -9.19
CA VAL A 42 -3.17 0.53 -8.19
C VAL A 42 -3.88 1.86 -7.94
N TRP A 43 -4.28 2.09 -6.70
CA TRP A 43 -5.00 3.31 -6.34
C TRP A 43 -4.12 4.22 -5.50
N GLY A 44 -4.37 5.52 -5.61
CA GLY A 44 -3.61 6.48 -4.83
C GLY A 44 -4.13 6.59 -3.42
N TRP A 45 -3.27 6.41 -2.44
CA TRP A 45 -3.66 6.42 -1.05
C TRP A 45 -2.79 7.41 -0.30
N ASP A 46 -3.18 8.68 -0.30
CA ASP A 46 -2.33 9.74 0.21
C ASP A 46 -2.32 9.78 1.73
N VAL A 47 -1.53 8.89 2.32
CA VAL A 47 -1.31 8.87 3.75
C VAL A 47 0.19 8.79 4.02
N THR A 48 0.77 9.89 4.48
CA THR A 48 2.21 10.00 4.64
C THR A 48 2.69 9.35 5.95
N LYS A 49 1.85 9.39 6.98
CA LYS A 49 2.22 8.85 8.28
C LYS A 49 1.61 7.47 8.50
N PRO A 50 2.45 6.46 8.79
CA PRO A 50 1.97 5.14 9.21
C PRO A 50 1.28 5.21 10.57
N GLU A 51 1.58 6.28 11.30
CA GLU A 51 0.98 6.53 12.60
C GLU A 51 -0.42 7.11 12.44
N GLN A 52 -0.73 7.50 11.21
CA GLN A 52 -1.96 8.23 10.90
C GLN A 52 -3.04 7.27 10.38
N ILE A 53 -2.84 5.99 10.59
CA ILE A 53 -3.77 5.00 10.10
C ILE A 53 -4.96 4.82 11.05
N ASP A 54 -6.14 5.18 10.57
CA ASP A 54 -7.38 5.07 11.33
C ASP A 54 -8.53 4.74 10.37
N ARG A 55 -9.78 4.80 10.84
CA ARG A 55 -10.94 4.57 9.98
C ARG A 55 -10.93 5.51 8.78
N TYR A 56 -10.52 6.74 9.03
CA TYR A 56 -10.40 7.76 8.00
C TYR A 56 -9.46 7.30 6.87
N SER A 57 -8.39 6.63 7.26
CA SER A 57 -7.37 6.20 6.32
C SER A 57 -7.76 4.87 5.67
N LEU A 58 -8.38 3.99 6.45
CA LEU A 58 -8.72 2.66 5.98
C LEU A 58 -10.16 2.58 5.50
N GLN A 59 -10.78 3.73 5.28
CA GLN A 59 -12.17 3.78 4.84
C GLN A 59 -12.32 3.06 3.52
N ARG A 60 -11.37 3.29 2.63
CA ARG A 60 -11.36 2.61 1.32
C ARG A 60 -11.09 1.12 1.49
N VAL A 61 -10.36 0.77 2.54
CA VAL A 61 -10.01 -0.62 2.79
C VAL A 61 -11.24 -1.43 3.17
N PHE A 62 -12.01 -0.92 4.13
CA PHE A 62 -13.25 -1.59 4.55
C PHE A 62 -14.25 -1.63 3.40
N ASP A 63 -14.26 -0.56 2.61
CA ASP A 63 -15.16 -0.45 1.46
C ASP A 63 -14.84 -1.48 0.39
N ASN A 64 -13.57 -1.82 0.26
CA ASN A 64 -13.13 -2.76 -0.77
C ASN A 64 -12.71 -4.09 -0.16
N ALA A 65 -13.04 -4.29 1.12
CA ALA A 65 -12.67 -5.51 1.83
C ALA A 65 -13.38 -6.72 1.25
N ASN A 66 -14.39 -6.47 0.44
CA ASN A 66 -15.13 -7.52 -0.24
C ASN A 66 -14.26 -8.21 -1.29
N ALA A 67 -13.15 -7.56 -1.64
CA ALA A 67 -12.21 -8.12 -2.60
C ALA A 67 -10.86 -8.37 -1.96
N ILE A 68 -10.84 -8.30 -0.63
CA ILE A 68 -9.59 -8.43 0.11
C ILE A 68 -9.64 -9.62 1.08
N ASP A 69 -8.51 -10.29 1.23
CA ASP A 69 -8.35 -11.31 2.24
C ASP A 69 -7.14 -10.97 3.10
N THR A 70 -6.02 -10.75 2.44
CA THR A 70 -4.80 -10.41 3.13
C THR A 70 -4.45 -8.93 2.87
N LEU A 71 -4.25 -8.19 3.95
CA LEU A 71 -3.92 -6.78 3.83
C LEU A 71 -2.47 -6.56 4.26
N ILE A 72 -1.64 -6.19 3.31
CA ILE A 72 -0.22 -5.95 3.59
C ILE A 72 0.05 -4.46 3.74
N VAL A 73 0.70 -4.09 4.82
CA VAL A 73 1.02 -2.70 5.09
C VAL A 73 2.52 -2.49 5.11
N GLY A 74 2.99 -1.63 4.22
CA GLY A 74 4.39 -1.28 4.19
C GLY A 74 4.63 0.06 4.87
N THR A 75 4.94 0.02 6.14
CA THR A 75 5.04 1.23 6.95
C THR A 75 6.40 1.91 6.79
N GLY A 76 6.76 2.20 5.55
CA GLY A 76 8.01 2.86 5.27
C GLY A 76 9.19 1.92 5.36
N ALA A 77 10.29 2.40 5.90
CA ALA A 77 11.50 1.61 6.04
C ALA A 77 11.56 0.94 7.41
N ASP A 78 10.47 1.05 8.16
CA ASP A 78 10.39 0.46 9.49
C ASP A 78 9.14 -0.40 9.60
N VAL A 79 9.09 -1.26 10.60
CA VAL A 79 7.95 -2.14 10.82
C VAL A 79 7.11 -1.60 11.97
N TRP A 80 6.04 -0.90 11.63
CA TRP A 80 5.18 -0.26 12.63
C TRP A 80 4.12 -1.25 13.11
N ILE A 81 4.06 -1.45 14.42
CA ILE A 81 3.10 -2.36 15.02
C ILE A 81 1.80 -1.64 15.34
N ALA A 82 0.75 -1.99 14.60
CA ALA A 82 -0.56 -1.40 14.79
C ALA A 82 -1.10 -1.65 16.20
N PRO A 83 -1.61 -0.59 16.84
CA PRO A 83 -2.17 -0.68 18.19
C PRO A 83 -3.40 -1.59 18.25
N ARG A 84 -3.68 -2.13 19.43
CA ARG A 84 -4.81 -3.03 19.63
C ARG A 84 -6.11 -2.44 19.09
N GLN A 85 -6.30 -1.14 19.29
CA GLN A 85 -7.49 -0.44 18.81
C GLN A 85 -7.75 -0.73 17.33
N LEU A 86 -6.76 -0.39 16.51
CA LEU A 86 -6.88 -0.56 15.06
C LEU A 86 -6.82 -2.04 14.69
N ARG A 87 -5.95 -2.78 15.36
CA ARG A 87 -5.74 -4.20 15.08
C ARG A 87 -7.01 -5.00 15.32
N GLU A 88 -7.67 -4.73 16.44
CA GLU A 88 -8.91 -5.42 16.78
C GLU A 88 -10.02 -5.05 15.79
N ALA A 89 -10.05 -3.79 15.39
CA ALA A 89 -11.03 -3.32 14.43
C ALA A 89 -10.91 -4.08 13.11
N LEU A 90 -9.68 -4.24 12.64
CA LEU A 90 -9.41 -4.93 11.39
C LEU A 90 -9.69 -6.42 11.50
N ARG A 91 -9.14 -7.05 12.54
CA ARG A 91 -9.27 -8.50 12.67
C ARG A 91 -10.67 -8.90 13.10
N GLY A 92 -11.48 -7.91 13.47
CA GLY A 92 -12.87 -8.16 13.78
C GLY A 92 -13.64 -8.63 12.56
N VAL A 93 -13.16 -8.25 11.38
CA VAL A 93 -13.75 -8.69 10.12
C VAL A 93 -12.96 -9.87 9.57
N ASN A 94 -12.03 -10.37 10.39
CA ASN A 94 -11.14 -11.47 10.03
C ASN A 94 -10.20 -11.06 8.91
N VAL A 95 -9.96 -9.76 8.79
CA VAL A 95 -9.03 -9.24 7.81
C VAL A 95 -7.60 -9.54 8.25
N VAL A 96 -6.87 -10.29 7.44
CA VAL A 96 -5.51 -10.66 7.76
C VAL A 96 -4.57 -9.47 7.65
N LEU A 97 -4.08 -9.00 8.79
CA LEU A 97 -3.19 -7.85 8.82
C LEU A 97 -1.74 -8.30 8.74
N ASP A 98 -1.08 -7.94 7.65
CA ASP A 98 0.32 -8.27 7.46
C ASP A 98 1.13 -6.99 7.31
N THR A 99 1.80 -6.58 8.37
CA THR A 99 2.54 -5.33 8.37
C THR A 99 4.05 -5.58 8.46
N MET A 100 4.81 -4.85 7.66
CA MET A 100 6.26 -4.97 7.65
C MET A 100 6.90 -3.82 6.90
N GLN A 101 8.21 -3.91 6.68
CA GLN A 101 8.94 -2.91 5.92
C GLN A 101 8.57 -3.00 4.44
N THR A 102 8.58 -1.86 3.76
CA THR A 102 8.18 -1.77 2.35
C THR A 102 8.93 -2.78 1.47
N GLY A 103 10.24 -2.88 1.67
CA GLY A 103 11.06 -3.81 0.89
C GLY A 103 10.51 -5.24 0.90
N PRO A 104 10.53 -5.91 2.07
CA PRO A 104 9.95 -7.25 2.22
C PRO A 104 8.48 -7.30 1.80
N ALA A 105 7.75 -6.22 2.03
CA ALA A 105 6.35 -6.14 1.67
C ALA A 105 6.17 -6.24 0.16
N ILE A 106 7.04 -5.57 -0.58
CA ILE A 106 7.02 -5.62 -2.04
C ILE A 106 7.20 -7.06 -2.53
N ARG A 107 8.22 -7.74 -1.99
CA ARG A 107 8.47 -9.13 -2.37
C ARG A 107 7.26 -9.99 -2.02
N THR A 108 6.75 -9.83 -0.81
CA THR A 108 5.62 -10.63 -0.34
C THR A 108 4.38 -10.38 -1.19
N TYR A 109 4.05 -9.11 -1.42
CA TYR A 109 2.88 -8.76 -2.21
C TYR A 109 3.01 -9.29 -3.64
N ASN A 110 4.19 -9.10 -4.22
CA ASN A 110 4.44 -9.52 -5.60
C ASN A 110 4.16 -11.01 -5.78
N ILE A 111 4.56 -11.81 -4.80
CA ILE A 111 4.32 -13.25 -4.85
C ILE A 111 2.85 -13.56 -4.54
N MET A 112 2.32 -12.91 -3.50
CA MET A 112 0.94 -13.14 -3.07
C MET A 112 -0.05 -12.82 -4.18
N ILE A 113 0.10 -11.67 -4.82
CA ILE A 113 -0.82 -11.24 -5.87
C ILE A 113 -0.64 -12.08 -7.13
N GLY A 114 0.55 -12.67 -7.26
CA GLY A 114 0.82 -13.50 -8.41
C GLY A 114 0.20 -14.88 -8.30
N GLU A 115 0.11 -15.39 -7.09
CA GLU A 115 -0.43 -16.74 -6.87
C GLU A 115 -1.86 -16.70 -6.37
N ARG A 116 -2.06 -16.24 -5.14
CA ARG A 116 -3.36 -16.34 -4.49
C ARG A 116 -4.27 -15.16 -4.85
N ARG A 117 -3.67 -13.98 -4.99
CA ARG A 117 -4.42 -12.75 -5.22
C ARG A 117 -5.27 -12.41 -4.01
N ARG A 118 -6.24 -11.51 -4.20
CA ARG A 118 -7.13 -11.05 -3.12
C ARG A 118 -6.30 -10.47 -1.97
N VAL A 119 -5.18 -9.87 -2.33
CA VAL A 119 -4.30 -9.24 -1.37
C VAL A 119 -4.10 -7.78 -1.75
N ALA A 120 -4.20 -6.90 -0.77
CA ALA A 120 -4.04 -5.48 -1.00
C ALA A 120 -2.84 -4.97 -0.22
N ALA A 121 -2.04 -4.14 -0.86
CA ALA A 121 -0.83 -3.63 -0.23
C ALA A 121 -0.85 -2.12 -0.11
N ALA A 122 -0.87 -1.64 1.12
CA ALA A 122 -0.77 -0.22 1.39
C ALA A 122 0.68 0.13 1.69
N LEU A 123 1.38 0.65 0.70
CA LEU A 123 2.81 0.91 0.83
C LEU A 123 3.08 2.40 0.91
N ILE A 124 3.87 2.79 1.90
CA ILE A 124 4.24 4.19 2.09
C ILE A 124 5.74 4.37 1.91
N ALA A 125 6.12 5.19 0.94
CA ALA A 125 7.54 5.47 0.68
C ALA A 125 8.07 6.49 1.68
N VAL A 126 9.39 6.70 1.64
CA VAL A 126 10.03 7.63 2.56
C VAL A 126 9.57 9.06 2.35
N PRO A 127 9.41 9.83 3.44
CA PRO A 127 8.92 11.21 3.40
C PRO A 127 9.92 12.18 2.76
N LEU A 128 11.16 11.71 2.59
CA LEU A 128 12.25 12.49 1.97
C LEU A 128 12.78 13.58 2.91
N GLU A 129 11.87 14.35 3.49
CA GLU A 129 12.26 15.42 4.40
C GLU A 129 12.89 14.86 5.66
N HIS A 130 13.72 15.67 6.29
CA HIS A 130 14.52 15.23 7.43
C HIS A 130 14.96 16.44 8.25
N HIS A 131 15.71 16.18 9.32
CA HIS A 131 16.22 17.24 10.17
C HIS A 131 17.18 18.14 9.40
N HIS A 132 16.99 19.45 9.54
CA HIS A 132 17.78 20.43 8.80
C HIS A 132 18.05 21.66 9.67
N HIS A 133 17.12 21.97 10.56
CA HIS A 133 17.24 23.17 11.37
C HIS A 133 18.05 22.91 12.63
N HIS A 134 19.21 23.53 12.68
CA HIS A 134 20.01 23.60 13.90
C HIS A 134 20.11 25.06 14.33
N HIS A 135 20.19 25.92 13.33
CA HIS A 135 20.21 27.36 13.53
C HIS A 135 20.06 28.05 12.18
N MET A 1 -10.71 15.71 -23.02
CA MET A 1 -10.62 14.26 -22.75
C MET A 1 -10.91 13.48 -24.02
N ALA A 2 -9.92 12.73 -24.49
CA ALA A 2 -10.02 12.01 -25.75
C ALA A 2 -10.81 10.71 -25.59
N GLN A 3 -10.23 9.78 -24.85
CA GLN A 3 -10.82 8.45 -24.70
C GLN A 3 -11.13 8.16 -23.24
N ARG A 4 -12.40 8.03 -22.92
CA ARG A 4 -12.81 7.75 -21.56
C ARG A 4 -12.43 6.32 -21.14
N SER A 5 -11.26 6.21 -20.54
CA SER A 5 -10.82 4.96 -19.96
C SER A 5 -10.77 5.10 -18.44
N GLU A 6 -11.92 4.95 -17.80
CA GLU A 6 -12.02 5.20 -16.37
C GLU A 6 -11.91 3.89 -15.59
N ILE A 7 -12.09 2.78 -16.28
CA ILE A 7 -12.02 1.46 -15.62
C ILE A 7 -10.68 1.29 -14.88
N PRO A 8 -9.53 1.35 -15.58
CA PRO A 8 -8.24 1.24 -14.95
C PRO A 8 -7.62 2.61 -14.65
N HIS A 9 -7.81 3.09 -13.42
CA HIS A 9 -7.17 4.33 -12.99
C HIS A 9 -5.67 4.13 -12.98
N PHE A 10 -5.26 2.95 -12.52
CA PHE A 10 -3.90 2.47 -12.69
C PHE A 10 -3.96 1.09 -13.33
N PRO A 11 -3.24 0.90 -14.44
CA PRO A 11 -3.34 -0.31 -15.29
C PRO A 11 -2.74 -1.57 -14.65
N ARG A 12 -3.23 -1.92 -13.46
CA ARG A 12 -2.82 -3.13 -12.75
C ARG A 12 -1.30 -3.27 -12.68
N THR A 13 -0.67 -2.36 -11.97
CA THR A 13 0.77 -2.38 -11.84
C THR A 13 1.18 -3.22 -10.63
N ALA A 14 1.65 -4.43 -10.90
CA ALA A 14 2.12 -5.32 -9.85
C ALA A 14 3.63 -5.42 -9.89
N ALA A 15 4.24 -4.55 -10.67
CA ALA A 15 5.69 -4.52 -10.82
C ALA A 15 6.24 -3.16 -10.41
N ILE A 16 6.86 -3.13 -9.24
CA ILE A 16 7.50 -1.92 -8.75
C ILE A 16 9.00 -2.02 -8.99
N ASP A 17 9.59 -0.95 -9.51
CA ASP A 17 11.00 -0.96 -9.85
C ASP A 17 11.85 -0.37 -8.74
N ALA A 18 11.34 0.66 -8.07
CA ALA A 18 12.09 1.32 -7.03
C ALA A 18 11.22 1.74 -5.87
N TYR A 19 11.58 1.28 -4.67
CA TYR A 19 10.98 1.76 -3.45
C TYR A 19 11.98 2.67 -2.74
N GLY A 20 11.59 3.92 -2.53
CA GLY A 20 12.53 4.90 -2.05
C GLY A 20 13.11 5.68 -3.20
N LYS A 21 14.34 6.16 -3.04
CA LYS A 21 15.05 6.89 -4.11
C LYS A 21 14.41 8.26 -4.37
N GLY A 22 13.15 8.23 -4.80
CA GLY A 22 12.38 9.46 -4.99
C GLY A 22 10.94 9.25 -4.59
N GLY A 23 10.67 8.10 -3.98
CA GLY A 23 9.32 7.75 -3.58
C GLY A 23 8.96 6.35 -4.04
N PHE A 24 8.10 6.27 -5.03
CA PHE A 24 7.77 4.99 -5.64
C PHE A 24 7.94 5.08 -7.15
N TYR A 25 8.70 4.17 -7.71
CA TYR A 25 8.82 4.10 -9.16
C TYR A 25 8.17 2.83 -9.68
N PHE A 26 6.99 3.00 -10.24
CA PHE A 26 6.24 1.91 -10.85
C PHE A 26 6.02 2.25 -12.31
N ALA A 27 5.40 1.35 -13.06
CA ALA A 27 5.08 1.60 -14.47
C ALA A 27 4.34 2.93 -14.63
N GLY A 28 5.08 3.93 -15.08
CA GLY A 28 4.55 5.27 -15.17
C GLY A 28 5.61 6.31 -14.83
N MET A 29 5.53 6.86 -13.63
CA MET A 29 6.50 7.86 -13.20
C MET A 29 6.72 7.76 -11.69
N SER A 30 7.86 8.24 -11.22
CA SER A 30 8.18 8.26 -9.81
C SER A 30 7.25 9.20 -9.03
N HIS A 31 6.62 8.67 -8.00
CA HIS A 31 5.69 9.44 -7.19
C HIS A 31 5.85 9.09 -5.72
N GLN A 32 6.33 10.03 -4.93
CA GLN A 32 6.49 9.83 -3.48
C GLN A 32 5.12 9.80 -2.81
N GLY A 33 5.08 9.36 -1.56
CA GLY A 33 3.83 9.28 -0.83
C GLY A 33 3.48 7.85 -0.48
N SER A 34 2.28 7.43 -0.82
CA SER A 34 1.84 6.06 -0.56
C SER A 34 0.89 5.60 -1.65
N LEU A 35 0.81 4.28 -1.83
CA LEU A 35 -0.05 3.71 -2.85
C LEU A 35 -0.84 2.52 -2.30
N LEU A 36 -2.01 2.28 -2.87
CA LEU A 36 -2.86 1.17 -2.47
C LEU A 36 -2.91 0.14 -3.59
N PHE A 37 -2.16 -0.94 -3.42
CA PHE A 37 -2.14 -2.00 -4.41
C PHE A 37 -3.18 -3.05 -4.06
N LEU A 38 -4.34 -2.95 -4.67
CA LEU A 38 -5.42 -3.90 -4.42
C LEU A 38 -5.25 -5.13 -5.28
N PRO A 39 -5.92 -6.25 -4.96
CA PRO A 39 -5.79 -7.51 -5.71
C PRO A 39 -6.32 -7.41 -7.14
N ASP A 40 -7.01 -6.32 -7.45
CA ASP A 40 -7.56 -6.12 -8.78
C ASP A 40 -6.89 -4.95 -9.50
N ALA A 41 -6.90 -3.78 -8.86
CA ALA A 41 -6.34 -2.58 -9.47
C ALA A 41 -5.55 -1.78 -8.45
N VAL A 42 -4.77 -0.82 -8.94
CA VAL A 42 -3.95 0.01 -8.08
C VAL A 42 -4.61 1.37 -7.87
N TRP A 43 -4.49 1.90 -6.65
CA TRP A 43 -5.01 3.21 -6.33
C TRP A 43 -3.95 4.03 -5.59
N GLY A 44 -4.17 5.33 -5.51
CA GLY A 44 -3.25 6.18 -4.78
C GLY A 44 -3.71 6.38 -3.34
N TRP A 45 -2.77 6.51 -2.42
CA TRP A 45 -3.10 6.70 -1.02
C TRP A 45 -2.71 8.10 -0.59
N ASP A 46 -3.39 8.63 0.43
CA ASP A 46 -3.20 10.02 0.83
C ASP A 46 -2.41 10.10 2.15
N VAL A 47 -1.70 9.05 2.47
CA VAL A 47 -0.98 8.97 3.73
C VAL A 47 0.51 9.29 3.55
N THR A 48 1.05 10.10 4.44
CA THR A 48 2.47 10.44 4.41
C THR A 48 3.18 9.86 5.63
N LYS A 49 2.55 10.01 6.80
CA LYS A 49 3.11 9.52 8.04
C LYS A 49 2.48 8.20 8.44
N PRO A 50 3.27 7.27 9.00
CA PRO A 50 2.76 6.00 9.52
C PRO A 50 1.67 6.20 10.58
N GLU A 51 1.75 7.31 11.30
CA GLU A 51 0.74 7.65 12.30
C GLU A 51 -0.61 7.91 11.64
N GLN A 52 -0.59 8.29 10.36
CA GLN A 52 -1.80 8.67 9.65
C GLN A 52 -2.58 7.46 9.15
N ILE A 53 -2.10 6.26 9.50
CA ILE A 53 -2.84 5.05 9.17
C ILE A 53 -4.05 4.94 10.09
N ASP A 54 -5.18 5.40 9.60
CA ASP A 54 -6.40 5.49 10.38
C ASP A 54 -7.51 4.70 9.69
N ARG A 55 -8.59 4.39 10.42
CA ARG A 55 -9.72 3.66 9.86
C ARG A 55 -10.30 4.40 8.66
N TYR A 56 -10.29 5.73 8.71
CA TYR A 56 -10.84 6.54 7.64
C TYR A 56 -9.80 6.78 6.55
N SER A 57 -8.54 6.51 6.85
CA SER A 57 -7.50 6.51 5.85
C SER A 57 -7.55 5.21 5.06
N LEU A 58 -8.03 4.16 5.74
CA LEU A 58 -8.24 2.87 5.12
C LEU A 58 -9.67 2.77 4.60
N GLN A 59 -10.27 3.92 4.33
CA GLN A 59 -11.67 4.00 3.92
C GLN A 59 -11.96 3.13 2.70
N ARG A 60 -11.11 3.23 1.68
CA ARG A 60 -11.30 2.45 0.46
C ARG A 60 -11.00 0.98 0.71
N VAL A 61 -10.24 0.71 1.77
CA VAL A 61 -9.93 -0.66 2.16
C VAL A 61 -11.16 -1.31 2.77
N PHE A 62 -11.91 -0.53 3.56
CA PHE A 62 -13.15 -1.02 4.14
C PHE A 62 -14.26 -1.08 3.10
N ASP A 63 -14.10 -0.31 2.03
CA ASP A 63 -15.04 -0.36 0.91
C ASP A 63 -14.98 -1.72 0.24
N ASN A 64 -13.76 -2.17 -0.04
CA ASN A 64 -13.52 -3.50 -0.59
C ASN A 64 -13.06 -4.44 0.52
N ALA A 65 -13.67 -4.30 1.70
CA ALA A 65 -13.23 -4.98 2.92
C ALA A 65 -12.94 -6.46 2.71
N ASN A 66 -13.94 -7.24 2.30
CA ASN A 66 -13.77 -8.69 2.22
C ASN A 66 -13.18 -9.09 0.88
N ALA A 67 -12.89 -8.11 0.05
CA ALA A 67 -12.15 -8.34 -1.19
C ALA A 67 -10.67 -8.32 -0.88
N ILE A 68 -10.32 -7.64 0.20
CA ILE A 68 -8.97 -7.62 0.72
C ILE A 68 -8.88 -8.55 1.92
N ASP A 69 -8.65 -9.82 1.66
CA ASP A 69 -8.61 -10.81 2.72
C ASP A 69 -7.32 -10.68 3.52
N THR A 70 -6.23 -10.49 2.81
CA THR A 70 -4.95 -10.23 3.44
C THR A 70 -4.48 -8.82 3.11
N LEU A 71 -4.15 -8.04 4.12
CA LEU A 71 -3.69 -6.68 3.94
C LEU A 71 -2.26 -6.53 4.44
N ILE A 72 -1.34 -6.33 3.52
CA ILE A 72 0.06 -6.15 3.87
C ILE A 72 0.40 -4.67 3.89
N VAL A 73 0.93 -4.19 5.00
CA VAL A 73 1.25 -2.78 5.13
C VAL A 73 2.76 -2.59 5.21
N GLY A 74 3.28 -1.73 4.33
CA GLY A 74 4.68 -1.39 4.36
C GLY A 74 4.88 -0.02 4.97
N THR A 75 5.32 0.00 6.22
CA THR A 75 5.41 1.24 6.99
C THR A 75 6.50 2.17 6.45
N GLY A 76 7.65 1.60 6.10
CA GLY A 76 8.73 2.40 5.54
C GLY A 76 9.70 2.91 6.59
N ALA A 77 10.95 2.43 6.49
CA ALA A 77 12.07 2.90 7.31
C ALA A 77 12.04 2.30 8.71
N ASP A 78 10.88 2.33 9.33
CA ASP A 78 10.73 1.81 10.68
C ASP A 78 9.43 1.04 10.80
N VAL A 79 9.36 0.14 11.75
CA VAL A 79 8.17 -0.69 11.93
C VAL A 79 7.18 -0.02 12.87
N TRP A 80 6.18 0.63 12.30
CA TRP A 80 5.14 1.27 13.08
C TRP A 80 4.17 0.23 13.63
N ILE A 81 3.89 0.31 14.91
CA ILE A 81 3.02 -0.66 15.56
C ILE A 81 1.56 -0.22 15.47
N ALA A 82 0.72 -1.10 14.95
CA ALA A 82 -0.70 -0.83 14.82
C ALA A 82 -1.39 -1.07 16.15
N PRO A 83 -2.19 -0.08 16.61
CA PRO A 83 -2.94 -0.18 17.87
C PRO A 83 -3.84 -1.40 17.92
N ARG A 84 -4.03 -1.95 19.12
CA ARG A 84 -4.80 -3.16 19.30
C ARG A 84 -6.25 -2.99 18.84
N GLN A 85 -6.83 -1.82 19.07
CA GLN A 85 -8.20 -1.56 18.65
C GLN A 85 -8.32 -1.55 17.13
N LEU A 86 -7.26 -1.10 16.46
CA LEU A 86 -7.24 -1.09 15.01
C LEU A 86 -7.16 -2.53 14.50
N ARG A 87 -6.30 -3.32 15.14
CA ARG A 87 -6.16 -4.73 14.81
C ARG A 87 -7.44 -5.49 15.15
N GLU A 88 -8.01 -5.17 16.31
CA GLU A 88 -9.22 -5.80 16.80
C GLU A 88 -10.35 -5.65 15.77
N ALA A 89 -10.47 -4.44 15.23
CA ALA A 89 -11.50 -4.13 14.24
C ALA A 89 -11.23 -4.87 12.93
N LEU A 90 -9.99 -4.82 12.46
CA LEU A 90 -9.63 -5.48 11.22
C LEU A 90 -9.82 -6.98 11.30
N ARG A 91 -9.47 -7.56 12.44
CA ARG A 91 -9.66 -9.00 12.65
C ARG A 91 -11.14 -9.32 12.76
N GLY A 92 -11.92 -8.34 13.21
CA GLY A 92 -13.36 -8.49 13.27
C GLY A 92 -13.98 -8.52 11.89
N VAL A 93 -13.34 -7.82 10.95
CA VAL A 93 -13.74 -7.85 9.55
C VAL A 93 -13.15 -9.09 8.88
N ASN A 94 -12.30 -9.79 9.64
CA ASN A 94 -11.63 -11.02 9.19
C ASN A 94 -10.60 -10.71 8.12
N VAL A 95 -9.97 -9.54 8.25
CA VAL A 95 -8.90 -9.14 7.36
C VAL A 95 -7.55 -9.43 8.01
N VAL A 96 -6.74 -10.24 7.36
CA VAL A 96 -5.43 -10.60 7.89
C VAL A 96 -4.44 -9.46 7.68
N LEU A 97 -4.21 -8.70 8.73
CA LEU A 97 -3.27 -7.59 8.68
C LEU A 97 -1.86 -8.07 8.97
N ASP A 98 -0.90 -7.61 8.17
CA ASP A 98 0.50 -7.92 8.40
C ASP A 98 1.34 -6.68 8.14
N THR A 99 1.99 -6.17 9.16
CA THR A 99 2.79 -4.95 9.05
C THR A 99 4.27 -5.28 8.92
N MET A 100 4.87 -4.85 7.81
CA MET A 100 6.28 -5.08 7.54
C MET A 100 6.91 -3.85 6.90
N GLN A 101 8.15 -3.98 6.48
CA GLN A 101 8.82 -2.94 5.72
C GLN A 101 8.37 -2.99 4.27
N THR A 102 8.58 -1.89 3.56
CA THR A 102 8.09 -1.74 2.20
C THR A 102 8.66 -2.80 1.26
N GLY A 103 9.96 -3.07 1.38
CA GLY A 103 10.63 -4.03 0.50
C GLY A 103 10.00 -5.41 0.53
N PRO A 104 10.03 -6.11 1.68
CA PRO A 104 9.43 -7.45 1.82
C PRO A 104 7.94 -7.45 1.46
N ALA A 105 7.26 -6.34 1.71
CA ALA A 105 5.84 -6.22 1.41
C ALA A 105 5.59 -6.28 -0.10
N ILE A 106 6.36 -5.53 -0.86
CA ILE A 106 6.25 -5.51 -2.31
C ILE A 106 6.43 -6.90 -2.89
N ARG A 107 7.47 -7.58 -2.43
CA ARG A 107 7.81 -8.90 -2.95
C ARG A 107 6.70 -9.90 -2.66
N THR A 108 6.22 -9.90 -1.41
CA THR A 108 5.17 -10.83 -1.00
C THR A 108 3.88 -10.57 -1.75
N TYR A 109 3.59 -9.29 -1.99
CA TYR A 109 2.40 -8.90 -2.76
C TYR A 109 2.44 -9.52 -4.16
N ASN A 110 3.55 -9.35 -4.86
CA ASN A 110 3.69 -9.85 -6.22
C ASN A 110 3.56 -11.37 -6.25
N ILE A 111 4.18 -12.04 -5.27
CA ILE A 111 4.14 -13.49 -5.19
C ILE A 111 2.71 -14.01 -5.04
N MET A 112 1.94 -13.37 -4.17
CA MET A 112 0.56 -13.78 -3.93
C MET A 112 -0.34 -13.43 -5.12
N ILE A 113 -0.13 -12.24 -5.70
CA ILE A 113 -0.91 -11.82 -6.86
C ILE A 113 -0.69 -12.75 -8.05
N GLY A 114 0.51 -13.32 -8.13
CA GLY A 114 0.81 -14.25 -9.19
C GLY A 114 0.31 -15.66 -8.89
N GLU A 115 -0.45 -15.82 -7.81
CA GLU A 115 -0.96 -17.12 -7.42
C GLU A 115 -2.45 -17.06 -7.12
N ARG A 116 -2.80 -16.61 -5.92
CA ARG A 116 -4.19 -16.62 -5.48
C ARG A 116 -4.79 -15.23 -5.46
N ARG A 117 -3.93 -14.21 -5.45
CA ARG A 117 -4.36 -12.83 -5.30
C ARG A 117 -5.07 -12.68 -3.96
N ARG A 118 -6.20 -11.96 -3.92
CA ARG A 118 -7.02 -11.85 -2.70
C ARG A 118 -6.24 -11.13 -1.58
N VAL A 119 -5.25 -10.37 -2.01
CA VAL A 119 -4.37 -9.67 -1.09
C VAL A 119 -4.11 -8.25 -1.59
N ALA A 120 -3.98 -7.31 -0.67
CA ALA A 120 -3.70 -5.93 -1.01
C ALA A 120 -2.51 -5.42 -0.21
N ALA A 121 -1.81 -4.46 -0.78
CA ALA A 121 -0.63 -3.90 -0.13
C ALA A 121 -0.74 -2.40 0.02
N ALA A 122 -0.67 -1.93 1.25
CA ALA A 122 -0.64 -0.51 1.54
C ALA A 122 0.79 -0.09 1.81
N LEU A 123 1.40 0.55 0.81
CA LEU A 123 2.83 0.84 0.88
C LEU A 123 3.09 2.32 1.04
N ILE A 124 3.85 2.66 2.08
CA ILE A 124 4.30 4.02 2.30
C ILE A 124 5.74 4.16 1.85
N ALA A 125 6.08 5.29 1.24
CA ALA A 125 7.42 5.52 0.74
C ALA A 125 8.42 5.68 1.88
N VAL A 126 9.51 4.95 1.79
CA VAL A 126 10.58 5.03 2.77
C VAL A 126 11.28 6.38 2.67
N PRO A 127 11.30 7.16 3.77
CA PRO A 127 12.01 8.44 3.83
C PRO A 127 13.47 8.28 3.44
N LEU A 128 13.96 9.22 2.63
CA LEU A 128 15.32 9.16 2.11
C LEU A 128 16.34 9.32 3.24
N GLU A 129 16.96 8.20 3.62
CA GLU A 129 17.98 8.16 4.67
C GLU A 129 17.37 8.45 6.04
N HIS A 130 17.13 9.72 6.34
CA HIS A 130 16.60 10.13 7.64
C HIS A 130 15.72 11.35 7.47
N HIS A 131 15.22 11.90 8.58
CA HIS A 131 14.51 13.17 8.55
C HIS A 131 15.48 14.28 8.17
N HIS A 132 14.97 15.46 7.84
CA HIS A 132 15.83 16.52 7.36
C HIS A 132 15.94 17.68 8.35
N HIS A 133 16.96 17.59 9.19
CA HIS A 133 17.38 18.73 10.01
C HIS A 133 18.70 19.26 9.46
N HIS A 134 19.12 18.64 8.37
CA HIS A 134 20.36 19.01 7.69
C HIS A 134 20.06 19.62 6.33
N HIS A 135 20.63 20.79 6.07
CA HIS A 135 20.50 21.43 4.78
C HIS A 135 21.53 20.84 3.82
N MET A 1 -21.58 -12.45 -24.35
CA MET A 1 -20.14 -12.10 -24.33
C MET A 1 -19.70 -11.71 -22.92
N ALA A 2 -20.66 -11.51 -22.02
CA ALA A 2 -20.36 -11.09 -20.67
C ALA A 2 -19.96 -12.28 -19.80
N GLN A 3 -18.66 -12.47 -19.63
CA GLN A 3 -18.14 -13.52 -18.78
C GLN A 3 -17.23 -12.90 -17.72
N ARG A 4 -16.41 -13.73 -17.07
CA ARG A 4 -15.54 -13.22 -16.02
C ARG A 4 -14.31 -12.56 -16.60
N SER A 5 -14.06 -11.33 -16.18
CA SER A 5 -12.85 -10.63 -16.55
C SER A 5 -12.49 -9.64 -15.44
N GLU A 6 -11.20 -9.48 -15.20
CA GLU A 6 -10.73 -8.61 -14.13
C GLU A 6 -10.79 -7.15 -14.57
N ILE A 7 -11.17 -6.29 -13.64
CA ILE A 7 -11.42 -4.88 -13.95
C ILE A 7 -10.14 -4.10 -14.24
N PRO A 8 -10.02 -3.56 -15.46
CA PRO A 8 -8.92 -2.70 -15.84
C PRO A 8 -9.20 -1.23 -15.53
N HIS A 9 -8.18 -0.51 -15.09
CA HIS A 9 -8.33 0.90 -14.75
C HIS A 9 -6.96 1.55 -14.62
N PHE A 10 -6.08 0.86 -13.91
CA PHE A 10 -4.68 1.27 -13.80
C PHE A 10 -3.81 0.17 -14.39
N PRO A 11 -2.49 0.42 -14.58
CA PRO A 11 -1.55 -0.59 -15.09
C PRO A 11 -1.70 -1.92 -14.36
N ARG A 12 -1.91 -1.82 -13.04
CA ARG A 12 -2.24 -2.98 -12.21
C ARG A 12 -1.13 -4.03 -12.23
N THR A 13 -0.15 -3.85 -11.37
CA THR A 13 0.97 -4.78 -11.31
C THR A 13 1.44 -4.96 -9.86
N ALA A 14 1.90 -6.15 -9.56
CA ALA A 14 2.43 -6.45 -8.24
C ALA A 14 3.96 -6.41 -8.27
N ALA A 15 4.49 -5.92 -9.39
CA ALA A 15 5.93 -5.86 -9.56
C ALA A 15 6.41 -4.41 -9.60
N ILE A 16 6.98 -3.95 -8.49
CA ILE A 16 7.57 -2.63 -8.43
C ILE A 16 9.06 -2.74 -8.75
N ASP A 17 9.41 -2.42 -9.98
CA ASP A 17 10.77 -2.65 -10.46
C ASP A 17 11.73 -1.56 -9.98
N ALA A 18 11.23 -0.34 -9.87
CA ALA A 18 12.09 0.78 -9.49
C ALA A 18 11.60 1.43 -8.21
N TYR A 19 12.08 0.94 -7.08
CA TYR A 19 11.80 1.57 -5.81
C TYR A 19 13.10 1.83 -5.06
N GLY A 20 13.53 3.07 -5.08
CA GLY A 20 14.76 3.45 -4.41
C GLY A 20 14.93 4.95 -4.44
N LYS A 21 13.81 5.64 -4.27
CA LYS A 21 13.75 7.08 -4.39
C LYS A 21 12.57 7.58 -3.55
N GLY A 22 12.39 8.89 -3.48
CA GLY A 22 11.24 9.43 -2.77
C GLY A 22 9.95 9.22 -3.54
N GLY A 23 9.55 7.97 -3.70
CA GLY A 23 8.34 7.66 -4.41
C GLY A 23 8.43 6.32 -5.13
N PHE A 24 7.30 5.82 -5.58
CA PHE A 24 7.25 4.56 -6.31
C PHE A 24 7.27 4.81 -7.81
N TYR A 25 8.30 4.32 -8.49
CA TYR A 25 8.36 4.46 -9.93
C TYR A 25 7.90 3.18 -10.61
N PHE A 26 6.75 3.26 -11.24
CA PHE A 26 6.17 2.13 -11.94
C PHE A 26 5.70 2.57 -13.31
N ALA A 27 5.19 1.64 -14.10
CA ALA A 27 4.70 1.94 -15.45
C ALA A 27 3.62 3.03 -15.39
N GLY A 28 4.02 4.25 -15.69
CA GLY A 28 3.11 5.37 -15.66
C GLY A 28 3.78 6.61 -15.10
N MET A 29 3.91 6.66 -13.78
CA MET A 29 4.52 7.81 -13.12
C MET A 29 5.26 7.36 -11.86
N SER A 30 6.08 8.26 -11.31
CA SER A 30 6.69 8.05 -10.01
C SER A 30 5.85 8.72 -8.92
N HIS A 31 5.11 7.91 -8.19
CA HIS A 31 4.17 8.43 -7.20
C HIS A 31 4.86 8.73 -5.88
N GLN A 32 4.99 10.01 -5.57
CA GLN A 32 5.48 10.45 -4.28
C GLN A 32 4.35 10.34 -3.26
N GLY A 33 4.49 9.43 -2.31
CA GLY A 33 3.47 9.25 -1.30
C GLY A 33 3.10 7.78 -1.11
N SER A 34 1.88 7.53 -0.67
CA SER A 34 1.44 6.18 -0.39
C SER A 34 0.56 5.65 -1.52
N LEU A 35 0.52 4.33 -1.66
CA LEU A 35 -0.27 3.67 -2.68
C LEU A 35 -1.02 2.48 -2.12
N LEU A 36 -2.20 2.22 -2.66
CA LEU A 36 -2.99 1.06 -2.27
C LEU A 36 -3.03 0.05 -3.40
N PHE A 37 -2.20 -0.95 -3.31
CA PHE A 37 -2.18 -2.02 -4.29
C PHE A 37 -3.29 -3.01 -3.98
N LEU A 38 -4.46 -2.76 -4.55
CA LEU A 38 -5.63 -3.58 -4.29
C LEU A 38 -5.83 -4.61 -5.39
N PRO A 39 -6.53 -5.70 -5.09
CA PRO A 39 -6.90 -6.71 -6.10
C PRO A 39 -7.59 -6.08 -7.30
N ASP A 40 -8.30 -4.96 -7.06
CA ASP A 40 -8.90 -4.18 -8.13
C ASP A 40 -7.81 -3.60 -9.04
N ALA A 41 -7.01 -2.71 -8.47
CA ALA A 41 -5.95 -2.03 -9.20
C ALA A 41 -5.05 -1.28 -8.24
N VAL A 42 -4.10 -0.54 -8.78
CA VAL A 42 -3.20 0.27 -7.97
C VAL A 42 -3.79 1.66 -7.76
N TRP A 43 -4.38 1.88 -6.60
CA TRP A 43 -5.03 3.14 -6.30
C TRP A 43 -4.12 4.02 -5.45
N GLY A 44 -4.41 5.31 -5.41
CA GLY A 44 -3.65 6.22 -4.61
C GLY A 44 -4.10 6.22 -3.16
N TRP A 45 -3.21 6.59 -2.26
CA TRP A 45 -3.53 6.64 -0.85
C TRP A 45 -2.86 7.84 -0.20
N ASP A 46 -3.49 8.37 0.83
CA ASP A 46 -2.97 9.51 1.56
C ASP A 46 -2.07 9.02 2.69
N VAL A 47 -1.95 9.80 3.75
CA VAL A 47 -1.17 9.42 4.93
C VAL A 47 0.32 9.36 4.59
N THR A 48 1.00 10.48 4.72
CA THR A 48 2.43 10.54 4.46
C THR A 48 3.23 10.16 5.70
N LYS A 49 2.64 10.39 6.87
CA LYS A 49 3.22 9.94 8.13
C LYS A 49 2.44 8.75 8.64
N PRO A 50 3.12 7.61 8.86
CA PRO A 50 2.48 6.36 9.32
C PRO A 50 1.61 6.55 10.55
N GLU A 51 1.99 7.47 11.43
CA GLU A 51 1.18 7.78 12.60
C GLU A 51 -0.09 8.51 12.19
N GLN A 52 -1.11 7.75 11.81
CA GLN A 52 -2.41 8.28 11.39
C GLN A 52 -3.32 7.14 10.97
N ILE A 53 -2.72 6.09 10.43
CA ILE A 53 -3.45 4.93 9.91
C ILE A 53 -4.56 4.48 10.85
N ASP A 54 -5.80 4.74 10.45
CA ASP A 54 -6.96 4.41 11.26
C ASP A 54 -8.08 3.91 10.37
N ARG A 55 -9.28 3.75 10.94
CA ARG A 55 -10.41 3.23 10.20
C ARG A 55 -10.85 4.18 9.09
N TYR A 56 -10.71 5.48 9.32
CA TYR A 56 -11.07 6.48 8.31
C TYR A 56 -10.04 6.53 7.20
N SER A 57 -8.77 6.47 7.57
CA SER A 57 -7.68 6.48 6.60
C SER A 57 -7.72 5.20 5.75
N LEU A 58 -8.35 4.16 6.27
CA LEU A 58 -8.44 2.89 5.56
C LEU A 58 -9.84 2.68 4.97
N GLN A 59 -10.64 3.74 4.89
CA GLN A 59 -11.99 3.63 4.35
C GLN A 59 -11.98 3.25 2.88
N ARG A 60 -10.91 3.62 2.17
CA ARG A 60 -10.76 3.19 0.78
C ARG A 60 -10.45 1.69 0.74
N VAL A 61 -9.88 1.18 1.82
CA VAL A 61 -9.62 -0.24 1.95
C VAL A 61 -10.91 -0.97 2.31
N PHE A 62 -11.67 -0.40 3.24
CA PHE A 62 -12.98 -0.94 3.62
C PHE A 62 -13.93 -1.00 2.43
N ASP A 63 -13.75 -0.08 1.50
CA ASP A 63 -14.57 -0.01 0.29
C ASP A 63 -14.55 -1.35 -0.45
N ASN A 64 -13.35 -1.81 -0.77
CA ASN A 64 -13.18 -3.06 -1.51
C ASN A 64 -12.58 -4.14 -0.62
N ALA A 65 -12.91 -4.08 0.67
CA ALA A 65 -12.35 -5.01 1.66
C ALA A 65 -12.89 -6.42 1.47
N ASN A 66 -13.89 -6.55 0.61
CA ASN A 66 -14.50 -7.84 0.33
C ASN A 66 -13.56 -8.72 -0.50
N ALA A 67 -12.62 -8.08 -1.19
CA ALA A 67 -11.63 -8.81 -1.97
C ALA A 67 -10.29 -8.82 -1.26
N ILE A 68 -10.27 -8.25 -0.05
CA ILE A 68 -9.05 -8.14 0.72
C ILE A 68 -9.12 -8.99 1.98
N ASP A 69 -8.41 -10.11 1.96
CA ASP A 69 -8.32 -10.98 3.13
C ASP A 69 -7.06 -10.65 3.92
N THR A 70 -6.01 -10.28 3.21
CA THR A 70 -4.76 -9.90 3.83
C THR A 70 -4.35 -8.50 3.41
N LEU A 71 -4.01 -7.66 4.38
CA LEU A 71 -3.59 -6.30 4.10
C LEU A 71 -2.17 -6.09 4.61
N ILE A 72 -1.22 -6.04 3.69
CA ILE A 72 0.17 -5.85 4.04
C ILE A 72 0.51 -4.36 4.02
N VAL A 73 0.90 -3.83 5.16
CA VAL A 73 1.21 -2.42 5.27
C VAL A 73 2.71 -2.20 5.35
N GLY A 74 3.24 -1.53 4.35
CA GLY A 74 4.64 -1.20 4.33
C GLY A 74 4.87 0.21 4.84
N THR A 75 5.28 0.33 6.08
CA THR A 75 5.40 1.63 6.73
C THR A 75 6.72 2.33 6.37
N GLY A 76 7.42 1.76 5.40
CA GLY A 76 8.66 2.35 4.95
C GLY A 76 9.83 1.41 5.16
N ALA A 77 10.94 1.97 5.63
CA ALA A 77 12.13 1.18 5.93
C ALA A 77 12.06 0.67 7.36
N ASP A 78 11.25 1.36 8.16
CA ASP A 78 11.04 0.99 9.55
C ASP A 78 9.60 0.54 9.73
N VAL A 79 9.37 -0.34 10.69
CA VAL A 79 8.03 -0.84 10.94
C VAL A 79 7.36 -0.05 12.05
N TRP A 80 6.35 0.73 11.68
CA TRP A 80 5.52 1.40 12.65
C TRP A 80 4.57 0.37 13.27
N ILE A 81 4.40 0.44 14.57
CA ILE A 81 3.61 -0.56 15.27
C ILE A 81 2.14 -0.18 15.26
N ALA A 82 1.37 -0.90 14.46
CA ALA A 82 -0.06 -0.69 14.39
C ALA A 82 -0.74 -1.25 15.63
N PRO A 83 -1.56 -0.43 16.30
CA PRO A 83 -2.29 -0.84 17.50
C PRO A 83 -3.19 -2.04 17.23
N ARG A 84 -3.25 -2.96 18.18
CA ARG A 84 -4.04 -4.16 18.01
C ARG A 84 -5.53 -3.84 18.02
N GLN A 85 -5.86 -2.63 18.45
CA GLN A 85 -7.24 -2.16 18.46
C GLN A 85 -7.80 -2.11 17.04
N LEU A 86 -7.07 -1.44 16.15
CA LEU A 86 -7.46 -1.33 14.76
C LEU A 86 -7.31 -2.67 14.06
N ARG A 87 -6.24 -3.40 14.40
CA ARG A 87 -5.95 -4.68 13.76
C ARG A 87 -7.07 -5.68 14.06
N GLU A 88 -7.52 -5.71 15.30
CA GLU A 88 -8.57 -6.64 15.72
C GLU A 88 -9.90 -6.23 15.11
N ALA A 89 -10.08 -4.93 14.91
CA ALA A 89 -11.28 -4.41 14.25
C ALA A 89 -11.34 -4.89 12.81
N LEU A 90 -10.21 -4.84 12.13
CA LEU A 90 -10.11 -5.32 10.76
C LEU A 90 -10.28 -6.83 10.68
N ARG A 91 -9.77 -7.54 11.68
CA ARG A 91 -9.92 -8.99 11.74
C ARG A 91 -11.39 -9.33 12.01
N GLY A 92 -12.08 -8.42 12.69
CA GLY A 92 -13.51 -8.57 12.91
C GLY A 92 -14.27 -8.58 11.61
N VAL A 93 -13.79 -7.81 10.64
CA VAL A 93 -14.32 -7.85 9.29
C VAL A 93 -13.88 -9.15 8.63
N ASN A 94 -12.64 -9.14 8.15
CA ASN A 94 -11.98 -10.31 7.58
C ASN A 94 -10.66 -9.88 6.93
N VAL A 95 -10.06 -8.84 7.48
CA VAL A 95 -8.87 -8.25 6.89
C VAL A 95 -7.70 -8.34 7.86
N VAL A 96 -6.74 -9.19 7.55
CA VAL A 96 -5.57 -9.35 8.38
C VAL A 96 -4.52 -8.31 8.00
N LEU A 97 -4.43 -7.26 8.79
CA LEU A 97 -3.45 -6.20 8.56
C LEU A 97 -2.14 -6.54 9.27
N ASP A 98 -1.05 -6.54 8.54
CA ASP A 98 0.25 -6.81 9.12
C ASP A 98 1.27 -5.79 8.60
N THR A 99 2.07 -5.25 9.51
CA THR A 99 3.00 -4.19 9.17
C THR A 99 4.41 -4.72 8.93
N MET A 100 4.97 -4.38 7.78
CA MET A 100 6.31 -4.82 7.40
C MET A 100 7.02 -3.70 6.65
N GLN A 101 8.23 -3.97 6.17
CA GLN A 101 8.94 -3.00 5.34
C GLN A 101 8.39 -3.04 3.92
N THR A 102 8.59 -1.96 3.18
CA THR A 102 8.08 -1.85 1.82
C THR A 102 8.67 -2.92 0.91
N GLY A 103 9.98 -3.11 0.98
CA GLY A 103 10.66 -4.09 0.15
C GLY A 103 10.07 -5.50 0.26
N PRO A 104 10.13 -6.13 1.45
CA PRO A 104 9.54 -7.45 1.68
C PRO A 104 8.05 -7.50 1.33
N ALA A 105 7.35 -6.40 1.57
CA ALA A 105 5.92 -6.33 1.25
C ALA A 105 5.68 -6.49 -0.23
N ILE A 106 6.53 -5.85 -1.04
CA ILE A 106 6.46 -5.97 -2.49
C ILE A 106 6.62 -7.43 -2.90
N ARG A 107 7.61 -8.11 -2.30
CA ARG A 107 7.87 -9.51 -2.59
C ARG A 107 6.66 -10.37 -2.27
N THR A 108 6.19 -10.29 -1.04
CA THR A 108 5.06 -11.11 -0.60
C THR A 108 3.81 -10.81 -1.43
N TYR A 109 3.53 -9.53 -1.67
CA TYR A 109 2.37 -9.14 -2.46
C TYR A 109 2.47 -9.69 -3.88
N ASN A 110 3.67 -9.60 -4.44
CA ASN A 110 3.93 -10.10 -5.79
C ASN A 110 3.55 -11.58 -5.91
N ILE A 111 4.05 -12.37 -4.96
CA ILE A 111 3.78 -13.81 -4.96
C ILE A 111 2.30 -14.10 -4.69
N MET A 112 1.71 -13.39 -3.72
CA MET A 112 0.34 -13.64 -3.32
C MET A 112 -0.66 -13.35 -4.45
N ILE A 113 -0.38 -12.31 -5.23
CA ILE A 113 -1.21 -11.99 -6.38
C ILE A 113 -1.15 -13.11 -7.41
N GLY A 114 0.06 -13.57 -7.69
CA GLY A 114 0.23 -14.67 -8.62
C GLY A 114 -0.28 -15.97 -8.06
N GLU A 115 -0.43 -16.02 -6.74
CA GLU A 115 -0.97 -17.19 -6.06
C GLU A 115 -2.49 -17.26 -6.28
N ARG A 116 -3.22 -16.36 -5.63
CA ARG A 116 -4.68 -16.36 -5.74
C ARG A 116 -5.27 -15.01 -5.31
N ARG A 117 -4.43 -13.97 -5.28
CA ARG A 117 -4.88 -12.62 -4.93
C ARG A 117 -5.45 -12.59 -3.51
N ARG A 118 -6.53 -11.81 -3.32
CA ARG A 118 -7.19 -11.65 -2.01
C ARG A 118 -6.26 -10.94 -1.02
N VAL A 119 -5.32 -10.20 -1.56
CA VAL A 119 -4.34 -9.49 -0.77
C VAL A 119 -4.19 -8.06 -1.28
N ALA A 120 -4.01 -7.13 -0.36
CA ALA A 120 -3.78 -5.73 -0.71
C ALA A 120 -2.54 -5.22 -0.02
N ALA A 121 -1.83 -4.31 -0.67
CA ALA A 121 -0.61 -3.76 -0.10
C ALA A 121 -0.71 -2.24 0.05
N ALA A 122 -0.62 -1.78 1.29
CA ALA A 122 -0.59 -0.35 1.58
C ALA A 122 0.85 0.09 1.80
N LEU A 123 1.44 0.66 0.76
CA LEU A 123 2.86 0.99 0.79
C LEU A 123 3.09 2.49 0.83
N ILE A 124 3.86 2.93 1.80
CA ILE A 124 4.22 4.33 1.94
C ILE A 124 5.63 4.57 1.41
N ALA A 125 5.83 5.66 0.69
CA ALA A 125 7.15 5.99 0.16
C ALA A 125 8.13 6.30 1.28
N VAL A 126 9.23 5.57 1.31
CA VAL A 126 10.27 5.77 2.31
C VAL A 126 10.94 7.13 2.12
N PRO A 127 10.96 7.96 3.18
CA PRO A 127 11.70 9.21 3.16
C PRO A 127 13.20 8.96 3.27
N LEU A 128 13.87 8.89 2.12
CA LEU A 128 15.31 8.66 2.08
C LEU A 128 16.05 9.76 2.82
N GLU A 129 16.59 9.42 3.97
CA GLU A 129 17.32 10.38 4.79
C GLU A 129 18.70 10.64 4.23
N HIS A 130 18.87 11.79 3.61
CA HIS A 130 20.18 12.26 3.19
C HIS A 130 20.41 13.65 3.76
N HIS A 131 20.85 13.71 5.00
CA HIS A 131 20.97 14.99 5.69
C HIS A 131 22.40 15.21 6.18
N HIS A 132 23.06 16.18 5.58
CA HIS A 132 24.40 16.57 6.02
C HIS A 132 24.29 17.71 7.04
N HIS A 133 25.43 18.25 7.44
CA HIS A 133 25.46 19.34 8.40
C HIS A 133 25.81 20.64 7.70
N HIS A 134 25.65 20.64 6.38
CA HIS A 134 25.90 21.83 5.58
C HIS A 134 24.97 21.83 4.37
N HIS A 135 24.45 22.99 4.02
CA HIS A 135 23.59 23.13 2.85
C HIS A 135 24.40 22.95 1.57
N MET A 1 1.98 -1.92 -25.93
CA MET A 1 1.50 -0.52 -26.06
C MET A 1 -0.03 -0.49 -26.19
N ALA A 2 -0.64 0.55 -25.66
CA ALA A 2 -2.09 0.69 -25.70
C ALA A 2 -2.49 2.14 -25.95
N GLN A 3 -2.85 2.43 -27.19
CA GLN A 3 -3.22 3.79 -27.58
C GLN A 3 -4.51 3.79 -28.40
N ARG A 4 -5.53 3.16 -27.87
CA ARG A 4 -6.82 3.09 -28.54
C ARG A 4 -7.94 2.99 -27.51
N SER A 5 -8.58 4.13 -27.23
CA SER A 5 -9.67 4.22 -26.27
C SER A 5 -9.19 4.03 -24.83
N GLU A 6 -8.70 2.84 -24.53
CA GLU A 6 -8.15 2.55 -23.22
C GLU A 6 -6.75 3.15 -23.08
N ILE A 7 -6.69 4.36 -22.57
CA ILE A 7 -5.42 5.03 -22.32
C ILE A 7 -4.65 4.30 -21.21
N PRO A 8 -3.32 4.46 -21.17
CA PRO A 8 -2.47 3.80 -20.18
C PRO A 8 -2.97 3.97 -18.75
N HIS A 9 -3.46 2.87 -18.18
CA HIS A 9 -3.95 2.87 -16.82
C HIS A 9 -3.52 1.59 -16.12
N PHE A 10 -3.80 1.50 -14.83
CA PHE A 10 -3.43 0.33 -14.03
C PHE A 10 -4.26 -0.90 -14.43
N PRO A 11 -3.62 -1.90 -15.05
CA PRO A 11 -4.25 -3.15 -15.45
C PRO A 11 -3.90 -4.28 -14.48
N ARG A 12 -3.89 -3.95 -13.20
CA ARG A 12 -3.39 -4.85 -12.14
C ARG A 12 -1.88 -4.95 -12.25
N THR A 13 -1.18 -4.28 -11.35
CA THR A 13 0.27 -4.26 -11.39
C THR A 13 0.83 -5.41 -10.57
N ALA A 14 1.30 -6.44 -11.27
CA ALA A 14 1.81 -7.63 -10.62
C ALA A 14 3.34 -7.60 -10.56
N ALA A 15 3.89 -6.45 -10.92
CA ALA A 15 5.34 -6.25 -10.87
C ALA A 15 5.67 -4.79 -10.62
N ILE A 16 6.24 -4.50 -9.47
CA ILE A 16 6.68 -3.15 -9.16
C ILE A 16 8.02 -2.88 -9.87
N ASP A 17 8.10 -1.75 -10.55
CA ASP A 17 9.24 -1.45 -11.41
C ASP A 17 10.50 -1.17 -10.60
N ALA A 18 10.48 -0.09 -9.81
CA ALA A 18 11.65 0.31 -9.07
C ALA A 18 11.31 0.65 -7.62
N TYR A 19 12.24 0.38 -6.73
CA TYR A 19 12.09 0.68 -5.32
C TYR A 19 13.43 1.13 -4.74
N GLY A 20 13.39 1.99 -3.75
CA GLY A 20 14.61 2.45 -3.10
C GLY A 20 14.42 3.81 -2.47
N LYS A 21 15.53 4.49 -2.21
CA LYS A 21 15.48 5.83 -1.65
C LYS A 21 14.89 6.82 -2.64
N GLY A 22 14.35 7.90 -2.13
CA GLY A 22 13.66 8.86 -2.97
C GLY A 22 12.18 8.54 -3.12
N GLY A 23 11.88 7.26 -3.23
CA GLY A 23 10.51 6.82 -3.38
C GLY A 23 10.40 5.69 -4.39
N PHE A 24 9.32 4.92 -4.30
CA PHE A 24 9.10 3.82 -5.22
C PHE A 24 8.59 4.34 -6.57
N TYR A 25 8.86 3.58 -7.62
CA TYR A 25 8.57 4.03 -8.97
C TYR A 25 7.99 2.89 -9.80
N PHE A 26 7.03 3.23 -10.64
CA PHE A 26 6.45 2.27 -11.56
C PHE A 26 6.51 2.84 -12.97
N ALA A 27 6.07 2.07 -13.96
CA ALA A 27 6.08 2.52 -15.34
C ALA A 27 5.19 3.75 -15.52
N GLY A 28 5.82 4.92 -15.51
CA GLY A 28 5.10 6.16 -15.65
C GLY A 28 5.70 7.26 -14.80
N MET A 29 5.38 7.25 -13.51
CA MET A 29 5.85 8.28 -12.59
C MET A 29 6.07 7.69 -11.20
N SER A 30 6.79 8.43 -10.36
CA SER A 30 6.98 8.05 -8.98
C SER A 30 6.08 8.89 -8.09
N HIS A 31 5.67 8.35 -6.96
CA HIS A 31 4.80 9.09 -6.05
C HIS A 31 5.22 8.89 -4.61
N GLN A 32 5.70 9.96 -3.99
CA GLN A 32 6.04 9.93 -2.58
C GLN A 32 4.76 9.95 -1.75
N GLY A 33 4.82 9.40 -0.56
CA GLY A 33 3.64 9.28 0.27
C GLY A 33 3.22 7.84 0.41
N SER A 34 2.14 7.45 -0.24
CA SER A 34 1.69 6.07 -0.19
C SER A 34 0.77 5.77 -1.39
N LEU A 35 0.67 4.49 -1.72
CA LEU A 35 -0.18 4.04 -2.81
C LEU A 35 -0.89 2.74 -2.41
N LEU A 36 -2.08 2.55 -2.96
CA LEU A 36 -2.86 1.36 -2.67
C LEU A 36 -2.73 0.36 -3.81
N PHE A 37 -1.87 -0.63 -3.63
CA PHE A 37 -1.73 -1.70 -4.60
C PHE A 37 -2.69 -2.83 -4.26
N LEU A 38 -3.90 -2.73 -4.79
CA LEU A 38 -4.93 -3.71 -4.52
C LEU A 38 -4.82 -4.86 -5.52
N PRO A 39 -5.39 -6.03 -5.20
CA PRO A 39 -5.41 -7.18 -6.11
C PRO A 39 -6.40 -7.00 -7.26
N ASP A 40 -6.56 -5.75 -7.69
CA ASP A 40 -7.53 -5.39 -8.71
C ASP A 40 -7.05 -4.17 -9.48
N ALA A 41 -6.83 -3.08 -8.76
CA ALA A 41 -6.35 -1.84 -9.37
C ALA A 41 -5.44 -1.09 -8.41
N VAL A 42 -4.73 -0.10 -8.91
CA VAL A 42 -3.82 0.70 -8.08
C VAL A 42 -4.37 2.11 -7.91
N TRP A 43 -4.45 2.57 -6.67
CA TRP A 43 -5.00 3.89 -6.38
C TRP A 43 -4.04 4.71 -5.54
N GLY A 44 -4.26 6.02 -5.50
CA GLY A 44 -3.42 6.90 -4.71
C GLY A 44 -3.91 7.04 -3.29
N TRP A 45 -2.99 6.97 -2.33
CA TRP A 45 -3.36 7.01 -0.92
C TRP A 45 -2.38 7.90 -0.17
N ASP A 46 -2.72 9.17 -0.02
CA ASP A 46 -1.80 10.12 0.58
C ASP A 46 -1.77 10.01 2.10
N VAL A 47 -0.99 9.08 2.60
CA VAL A 47 -0.73 8.95 4.02
C VAL A 47 0.76 9.02 4.28
N THR A 48 1.23 10.20 4.67
CA THR A 48 2.65 10.42 4.86
C THR A 48 3.15 9.83 6.19
N LYS A 49 2.27 9.82 7.19
CA LYS A 49 2.64 9.28 8.50
C LYS A 49 1.85 8.01 8.79
N PRO A 50 2.53 6.91 9.14
CA PRO A 50 1.87 5.64 9.49
C PRO A 50 0.95 5.79 10.70
N GLU A 51 1.19 6.82 11.51
CA GLU A 51 0.38 7.10 12.69
C GLU A 51 -0.99 7.64 12.29
N GLN A 52 -1.18 7.92 11.00
CA GLN A 52 -2.44 8.49 10.51
C GLN A 52 -3.38 7.41 9.99
N ILE A 53 -3.06 6.15 10.28
CA ILE A 53 -3.89 5.04 9.81
C ILE A 53 -5.10 4.85 10.72
N ASP A 54 -6.28 5.03 10.14
CA ASP A 54 -7.54 4.95 10.86
C ASP A 54 -8.66 4.54 9.91
N ARG A 55 -9.91 4.69 10.34
CA ARG A 55 -11.05 4.31 9.50
C ARG A 55 -11.33 5.37 8.44
N TYR A 56 -10.70 6.53 8.59
CA TYR A 56 -10.85 7.60 7.61
C TYR A 56 -9.94 7.33 6.42
N SER A 57 -8.72 6.94 6.73
CA SER A 57 -7.75 6.60 5.70
C SER A 57 -8.07 5.25 5.09
N LEU A 58 -8.40 4.27 5.93
CA LEU A 58 -8.73 2.93 5.47
C LEU A 58 -10.21 2.82 5.10
N GLN A 59 -10.86 3.96 4.94
CA GLN A 59 -12.30 3.99 4.64
C GLN A 59 -12.62 3.13 3.42
N ARG A 60 -11.83 3.31 2.36
CA ARG A 60 -12.04 2.57 1.13
C ARG A 60 -11.69 1.09 1.33
N VAL A 61 -10.74 0.84 2.22
CA VAL A 61 -10.28 -0.52 2.50
C VAL A 61 -11.37 -1.31 3.22
N PHE A 62 -12.05 -0.65 4.16
CA PHE A 62 -13.16 -1.27 4.87
C PHE A 62 -14.31 -1.56 3.91
N ASP A 63 -14.44 -0.75 2.88
CA ASP A 63 -15.49 -0.94 1.88
C ASP A 63 -15.10 -2.03 0.90
N ASN A 64 -13.83 -2.04 0.51
CA ASN A 64 -13.33 -3.04 -0.44
C ASN A 64 -12.89 -4.31 0.28
N ALA A 65 -13.37 -4.47 1.51
CA ALA A 65 -13.00 -5.61 2.35
C ALA A 65 -13.42 -6.94 1.71
N ASN A 66 -14.44 -6.89 0.86
CA ASN A 66 -14.93 -8.08 0.17
C ASN A 66 -13.93 -8.54 -0.89
N ALA A 67 -12.90 -7.74 -1.13
CA ALA A 67 -11.88 -8.08 -2.10
C ALA A 67 -10.51 -8.11 -1.46
N ILE A 68 -10.48 -8.09 -0.12
CA ILE A 68 -9.21 -8.07 0.61
C ILE A 68 -9.27 -9.02 1.80
N ASP A 69 -8.38 -10.01 1.83
CA ASP A 69 -8.27 -10.91 2.96
C ASP A 69 -6.95 -10.70 3.69
N THR A 70 -5.96 -10.21 2.96
CA THR A 70 -4.66 -9.93 3.53
C THR A 70 -4.25 -8.49 3.27
N LEU A 71 -3.92 -7.76 4.33
CA LEU A 71 -3.48 -6.39 4.21
C LEU A 71 -2.04 -6.26 4.68
N ILE A 72 -1.13 -6.12 3.75
CA ILE A 72 0.28 -5.98 4.07
C ILE A 72 0.67 -4.52 3.99
N VAL A 73 1.07 -3.96 5.12
CA VAL A 73 1.38 -2.55 5.20
C VAL A 73 2.87 -2.31 5.32
N GLY A 74 3.45 -1.72 4.29
CA GLY A 74 4.82 -1.27 4.36
C GLY A 74 4.86 0.11 4.99
N THR A 75 5.09 0.14 6.29
CA THR A 75 4.90 1.36 7.08
C THR A 75 5.92 2.46 6.74
N GLY A 76 6.97 2.11 6.02
CA GLY A 76 7.90 3.12 5.54
C GLY A 76 8.99 3.45 6.53
N ALA A 77 10.24 3.25 6.09
CA ALA A 77 11.45 3.63 6.84
C ALA A 77 11.75 2.65 7.98
N ASP A 78 10.71 2.28 8.69
CA ASP A 78 10.84 1.35 9.81
C ASP A 78 9.53 0.60 9.99
N VAL A 79 9.50 -0.33 10.94
CA VAL A 79 8.32 -1.16 11.15
C VAL A 79 7.40 -0.54 12.20
N TRP A 80 6.30 0.01 11.74
CA TRP A 80 5.31 0.59 12.63
C TRP A 80 4.25 -0.45 12.99
N ILE A 81 4.16 -0.77 14.27
CA ILE A 81 3.20 -1.76 14.74
C ILE A 81 1.86 -1.10 15.03
N ALA A 82 0.85 -1.50 14.27
CA ALA A 82 -0.50 -0.94 14.41
C ALA A 82 -1.10 -1.29 15.77
N PRO A 83 -1.81 -0.33 16.39
CA PRO A 83 -2.49 -0.53 17.67
C PRO A 83 -3.40 -1.76 17.67
N ARG A 84 -3.50 -2.41 18.82
CA ARG A 84 -4.25 -3.65 18.96
C ARG A 84 -5.69 -3.51 18.49
N GLN A 85 -6.34 -2.39 18.83
CA GLN A 85 -7.74 -2.21 18.50
C GLN A 85 -7.91 -1.99 16.99
N LEU A 86 -6.97 -1.29 16.38
CA LEU A 86 -6.99 -1.07 14.94
C LEU A 86 -6.82 -2.39 14.21
N ARG A 87 -5.89 -3.20 14.70
CA ARG A 87 -5.65 -4.52 14.16
C ARG A 87 -6.89 -5.40 14.30
N GLU A 88 -7.51 -5.32 15.46
CA GLU A 88 -8.71 -6.11 15.75
C GLU A 88 -9.88 -5.67 14.88
N ALA A 89 -9.93 -4.38 14.55
CA ALA A 89 -10.98 -3.87 13.67
C ALA A 89 -10.90 -4.54 12.30
N LEU A 90 -9.68 -4.64 11.77
CA LEU A 90 -9.47 -5.28 10.47
C LEU A 90 -9.69 -6.79 10.57
N ARG A 91 -9.20 -7.39 11.65
CA ARG A 91 -9.33 -8.83 11.85
C ARG A 91 -10.78 -9.22 12.17
N GLY A 92 -11.55 -8.25 12.64
CA GLY A 92 -12.92 -8.50 12.99
C GLY A 92 -13.77 -8.83 11.77
N VAL A 93 -13.52 -8.16 10.67
CA VAL A 93 -14.28 -8.41 9.45
C VAL A 93 -13.76 -9.63 8.70
N ASN A 94 -12.44 -9.72 8.56
CA ASN A 94 -11.78 -10.83 7.84
C ASN A 94 -10.32 -10.51 7.52
N VAL A 95 -9.98 -9.24 7.49
CA VAL A 95 -8.69 -8.79 6.98
C VAL A 95 -7.54 -9.20 7.91
N VAL A 96 -6.56 -9.88 7.35
CA VAL A 96 -5.34 -10.22 8.06
C VAL A 96 -4.34 -9.08 7.92
N LEU A 97 -4.12 -8.35 8.98
CA LEU A 97 -3.19 -7.23 8.97
C LEU A 97 -1.77 -7.70 9.25
N ASP A 98 -0.86 -7.39 8.33
CA ASP A 98 0.53 -7.76 8.52
C ASP A 98 1.43 -6.55 8.27
N THR A 99 2.10 -6.10 9.32
CA THR A 99 2.93 -4.90 9.24
C THR A 99 4.41 -5.27 9.04
N MET A 100 5.05 -4.58 8.10
CA MET A 100 6.46 -4.81 7.81
C MET A 100 7.05 -3.62 7.06
N GLN A 101 8.29 -3.75 6.61
CA GLN A 101 8.92 -2.70 5.83
C GLN A 101 8.38 -2.71 4.41
N THR A 102 8.50 -1.57 3.73
CA THR A 102 7.95 -1.39 2.39
C THR A 102 8.52 -2.42 1.41
N GLY A 103 9.82 -2.66 1.50
CA GLY A 103 10.48 -3.62 0.61
C GLY A 103 9.87 -5.01 0.66
N PRO A 104 9.94 -5.70 1.80
CA PRO A 104 9.34 -7.04 1.97
C PRO A 104 7.85 -7.05 1.63
N ALA A 105 7.16 -5.96 1.91
CA ALA A 105 5.74 -5.84 1.58
C ALA A 105 5.52 -5.96 0.08
N ILE A 106 6.34 -5.25 -0.68
CA ILE A 106 6.31 -5.31 -2.14
C ILE A 106 6.55 -6.74 -2.61
N ARG A 107 7.60 -7.36 -2.09
CA ARG A 107 7.96 -8.72 -2.47
C ARG A 107 6.80 -9.69 -2.26
N THR A 108 6.22 -9.67 -1.06
CA THR A 108 5.15 -10.58 -0.72
C THR A 108 3.93 -10.37 -1.62
N TYR A 109 3.65 -9.12 -1.96
CA TYR A 109 2.54 -8.80 -2.87
C TYR A 109 2.76 -9.43 -4.23
N ASN A 110 3.97 -9.27 -4.77
CA ASN A 110 4.31 -9.81 -6.09
C ASN A 110 4.11 -11.32 -6.14
N ILE A 111 4.33 -11.97 -5.01
CA ILE A 111 4.15 -13.41 -4.92
C ILE A 111 2.66 -13.77 -4.83
N MET A 112 1.96 -13.18 -3.87
CA MET A 112 0.59 -13.55 -3.56
C MET A 112 -0.38 -13.18 -4.67
N ILE A 113 -0.07 -12.12 -5.42
CA ILE A 113 -0.94 -11.65 -6.48
C ILE A 113 -1.09 -12.71 -7.58
N GLY A 114 -0.06 -13.55 -7.73
CA GLY A 114 -0.10 -14.59 -8.74
C GLY A 114 -1.07 -15.69 -8.39
N GLU A 115 -1.27 -15.91 -7.10
CA GLU A 115 -2.16 -16.95 -6.62
C GLU A 115 -3.57 -16.43 -6.40
N ARG A 116 -3.84 -15.23 -6.95
CA ARG A 116 -5.16 -14.60 -6.85
C ARG A 116 -5.54 -14.34 -5.40
N ARG A 117 -4.56 -14.24 -4.53
CA ARG A 117 -4.83 -13.96 -3.13
C ARG A 117 -5.26 -12.52 -2.99
N ARG A 118 -6.26 -12.27 -2.15
CA ARG A 118 -6.79 -10.93 -1.97
C ARG A 118 -5.88 -10.13 -1.06
N VAL A 119 -4.68 -9.84 -1.55
CA VAL A 119 -3.69 -9.13 -0.79
C VAL A 119 -3.61 -7.67 -1.24
N ALA A 120 -3.81 -6.77 -0.30
CA ALA A 120 -3.71 -5.35 -0.56
C ALA A 120 -2.39 -4.84 0.02
N ALA A 121 -1.57 -4.26 -0.84
CA ALA A 121 -0.28 -3.74 -0.42
C ALA A 121 -0.34 -2.25 -0.20
N ALA A 122 -0.38 -1.85 1.07
CA ALA A 122 -0.33 -0.44 1.42
C ALA A 122 1.12 -0.01 1.58
N LEU A 123 1.66 0.60 0.55
CA LEU A 123 3.07 0.92 0.51
C LEU A 123 3.31 2.39 0.82
N ILE A 124 3.89 2.65 1.99
CA ILE A 124 4.29 3.99 2.37
C ILE A 124 5.74 4.24 1.96
N ALA A 125 6.00 5.39 1.37
CA ALA A 125 7.32 5.72 0.89
C ALA A 125 8.22 6.11 2.05
N VAL A 126 9.50 5.79 1.93
CA VAL A 126 10.47 6.10 2.96
C VAL A 126 10.80 7.59 2.96
N PRO A 127 10.53 8.29 4.07
CA PRO A 127 10.82 9.72 4.22
C PRO A 127 12.30 9.98 4.41
N LEU A 128 13.08 8.90 4.41
CA LEU A 128 14.54 8.95 4.56
C LEU A 128 14.92 9.46 5.95
N GLU A 129 14.90 10.77 6.13
CA GLU A 129 15.24 11.38 7.41
C GLU A 129 14.06 12.22 7.88
N HIS A 130 12.88 11.87 7.40
CA HIS A 130 11.61 12.52 7.76
C HIS A 130 11.50 13.89 7.07
N HIS A 131 12.58 14.64 7.09
CA HIS A 131 12.65 15.93 6.40
C HIS A 131 13.91 15.96 5.54
N HIS A 132 13.89 16.76 4.48
CA HIS A 132 15.03 16.84 3.58
C HIS A 132 16.22 17.55 4.22
N HIS A 133 17.10 16.76 4.85
CA HIS A 133 18.32 17.27 5.50
C HIS A 133 17.98 18.27 6.60
N HIS A 134 18.04 19.56 6.25
CA HIS A 134 17.68 20.65 7.12
C HIS A 134 17.66 21.94 6.32
N HIS A 135 16.65 22.78 6.54
CA HIS A 135 16.46 24.00 5.75
C HIS A 135 16.05 23.64 4.33
N MET A 1 -19.92 0.99 -34.39
CA MET A 1 -19.10 2.06 -33.77
C MET A 1 -18.10 1.46 -32.78
N ALA A 2 -18.58 0.52 -31.96
CA ALA A 2 -17.74 -0.14 -30.96
C ALA A 2 -17.22 0.84 -29.92
N GLN A 3 -16.37 0.35 -29.03
CA GLN A 3 -15.75 1.19 -28.02
C GLN A 3 -14.42 1.72 -28.56
N ARG A 4 -14.31 3.03 -28.66
CA ARG A 4 -13.13 3.65 -29.25
C ARG A 4 -12.07 3.93 -28.19
N SER A 5 -12.36 4.90 -27.34
CA SER A 5 -11.45 5.27 -26.27
C SER A 5 -11.83 4.57 -24.97
N GLU A 6 -11.08 3.53 -24.64
CA GLU A 6 -11.37 2.73 -23.46
C GLU A 6 -10.64 3.29 -22.24
N ILE A 7 -11.23 3.09 -21.08
CA ILE A 7 -10.54 3.35 -19.83
C ILE A 7 -10.03 2.03 -19.28
N PRO A 8 -8.74 1.72 -19.52
CA PRO A 8 -8.18 0.40 -19.27
C PRO A 8 -8.09 0.06 -17.79
N HIS A 9 -8.30 1.06 -16.92
CA HIS A 9 -8.21 0.87 -15.48
C HIS A 9 -6.76 0.55 -15.11
N PHE A 10 -6.43 0.52 -13.83
CA PHE A 10 -5.08 0.17 -13.42
C PHE A 10 -5.10 -1.08 -12.55
N PRO A 11 -5.23 -2.27 -13.19
CA PRO A 11 -5.26 -3.55 -12.51
C PRO A 11 -3.95 -4.33 -12.63
N ARG A 12 -3.78 -5.31 -11.73
CA ARG A 12 -2.70 -6.30 -11.82
C ARG A 12 -1.32 -5.65 -11.90
N THR A 13 -1.15 -4.52 -11.24
CA THR A 13 0.13 -3.83 -11.25
C THR A 13 0.99 -4.30 -10.09
N ALA A 14 2.00 -5.09 -10.40
CA ALA A 14 2.93 -5.60 -9.40
C ALA A 14 4.36 -5.34 -9.83
N ALA A 15 4.51 -4.60 -10.92
CA ALA A 15 5.84 -4.28 -11.43
C ALA A 15 6.32 -2.96 -10.84
N ILE A 16 7.21 -3.07 -9.87
CA ILE A 16 7.86 -1.91 -9.27
C ILE A 16 9.27 -1.80 -9.82
N ASP A 17 9.56 -0.68 -10.46
CA ASP A 17 10.82 -0.52 -11.17
C ASP A 17 11.96 -0.19 -10.22
N ALA A 18 11.83 0.93 -9.52
CA ALA A 18 12.86 1.39 -8.61
C ALA A 18 12.29 1.65 -7.23
N TYR A 19 13.15 1.53 -6.22
CA TYR A 19 12.73 1.72 -4.84
C TYR A 19 13.71 2.62 -4.12
N GLY A 20 13.24 3.80 -3.72
CA GLY A 20 14.07 4.74 -3.01
C GLY A 20 13.83 6.17 -3.43
N LYS A 21 14.38 6.53 -4.57
CA LYS A 21 14.25 7.89 -5.08
C LYS A 21 12.84 8.10 -5.63
N GLY A 22 12.30 9.28 -5.36
CA GLY A 22 10.95 9.59 -5.76
C GLY A 22 9.92 8.69 -5.11
N GLY A 23 10.31 8.04 -4.01
CA GLY A 23 9.42 7.12 -3.32
C GLY A 23 9.27 5.81 -4.08
N PHE A 24 8.13 5.64 -4.73
CA PHE A 24 7.89 4.46 -5.54
C PHE A 24 7.93 4.82 -7.02
N TYR A 25 9.00 4.39 -7.68
CA TYR A 25 9.15 4.63 -9.10
C TYR A 25 8.83 3.39 -9.90
N PHE A 26 7.85 3.50 -10.76
CA PHE A 26 7.49 2.41 -11.65
C PHE A 26 7.27 2.96 -13.05
N ALA A 27 6.98 2.09 -14.00
CA ALA A 27 6.72 2.52 -15.37
C ALA A 27 5.51 3.43 -15.43
N GLY A 28 5.76 4.73 -15.43
CA GLY A 28 4.67 5.69 -15.47
C GLY A 28 4.98 6.95 -14.69
N MET A 29 5.22 6.82 -13.39
CA MET A 29 5.43 7.99 -12.55
C MET A 29 6.39 7.69 -11.41
N SER A 30 6.94 8.76 -10.82
CA SER A 30 7.68 8.68 -9.57
C SER A 30 6.77 9.15 -8.44
N HIS A 31 6.14 8.20 -7.75
CA HIS A 31 5.12 8.55 -6.77
C HIS A 31 5.63 8.39 -5.34
N GLN A 32 5.91 9.50 -4.70
CA GLN A 32 6.26 9.50 -3.29
C GLN A 32 4.98 9.50 -2.45
N GLY A 33 5.10 9.07 -1.22
CA GLY A 33 3.93 9.00 -0.35
C GLY A 33 3.52 7.57 -0.09
N SER A 34 2.38 7.18 -0.62
CA SER A 34 1.91 5.81 -0.43
C SER A 34 1.04 5.36 -1.59
N LEU A 35 0.96 4.05 -1.79
CA LEU A 35 0.13 3.46 -2.82
C LEU A 35 -0.74 2.37 -2.23
N LEU A 36 -2.01 2.38 -2.61
CA LEU A 36 -2.96 1.40 -2.10
C LEU A 36 -3.31 0.41 -3.22
N PHE A 37 -2.77 -0.79 -3.12
CA PHE A 37 -2.99 -1.81 -4.13
C PHE A 37 -4.15 -2.72 -3.74
N LEU A 38 -5.04 -2.93 -4.68
CA LEU A 38 -6.16 -3.85 -4.51
C LEU A 38 -6.03 -4.97 -5.55
N PRO A 39 -6.72 -6.11 -5.33
CA PRO A 39 -6.63 -7.28 -6.21
C PRO A 39 -6.76 -6.96 -7.70
N ASP A 40 -7.53 -5.92 -8.02
CA ASP A 40 -7.73 -5.54 -9.42
C ASP A 40 -7.65 -4.03 -9.62
N ALA A 41 -7.03 -3.32 -8.68
CA ALA A 41 -6.97 -1.87 -8.77
C ALA A 41 -5.74 -1.32 -8.06
N VAL A 42 -5.29 -0.16 -8.50
CA VAL A 42 -4.21 0.55 -7.84
C VAL A 42 -4.63 1.99 -7.58
N TRP A 43 -4.62 2.40 -6.33
CA TRP A 43 -5.05 3.74 -5.95
C TRP A 43 -3.92 4.49 -5.26
N GLY A 44 -3.84 5.79 -5.53
CA GLY A 44 -2.90 6.62 -4.83
C GLY A 44 -3.40 6.93 -3.43
N TRP A 45 -2.65 6.51 -2.43
CA TRP A 45 -3.08 6.68 -1.06
C TRP A 45 -2.64 8.06 -0.55
N ASP A 46 -3.49 8.70 0.23
CA ASP A 46 -3.27 10.08 0.64
C ASP A 46 -2.52 10.15 1.96
N VAL A 47 -2.02 9.01 2.39
CA VAL A 47 -1.36 8.89 3.67
C VAL A 47 0.15 9.11 3.54
N THR A 48 0.64 10.15 4.18
CA THR A 48 2.05 10.48 4.11
C THR A 48 2.73 10.17 5.44
N LYS A 49 1.93 9.75 6.41
CA LYS A 49 2.43 9.44 7.74
C LYS A 49 1.98 8.04 8.17
N PRO A 50 2.92 7.16 8.52
CA PRO A 50 2.60 5.80 8.98
C PRO A 50 1.60 5.79 10.13
N GLU A 51 1.74 6.71 11.06
CA GLU A 51 0.87 6.78 12.24
C GLU A 51 -0.44 7.53 11.91
N GLN A 52 -0.65 7.82 10.63
CA GLN A 52 -1.85 8.51 10.18
C GLN A 52 -2.95 7.51 9.82
N ILE A 53 -2.58 6.23 9.78
CA ILE A 53 -3.52 5.19 9.43
C ILE A 53 -4.59 5.03 10.52
N ASP A 54 -5.79 5.51 10.20
CA ASP A 54 -6.92 5.48 11.13
C ASP A 54 -8.14 4.90 10.43
N ARG A 55 -9.30 5.01 11.09
CA ARG A 55 -10.56 4.49 10.57
C ARG A 55 -10.88 5.09 9.20
N TYR A 56 -10.69 6.40 9.08
CA TYR A 56 -11.03 7.11 7.85
C TYR A 56 -9.93 6.94 6.82
N SER A 57 -8.70 6.79 7.29
CA SER A 57 -7.57 6.53 6.41
C SER A 57 -7.77 5.21 5.67
N LEU A 58 -8.36 4.24 6.36
CA LEU A 58 -8.63 2.93 5.79
C LEU A 58 -10.04 2.88 5.20
N GLN A 59 -10.58 4.03 4.83
CA GLN A 59 -11.90 4.12 4.22
C GLN A 59 -12.00 3.18 3.02
N ARG A 60 -10.96 3.17 2.20
CA ARG A 60 -10.94 2.35 0.99
C ARG A 60 -10.76 0.87 1.33
N VAL A 61 -10.23 0.61 2.52
CA VAL A 61 -10.01 -0.75 2.98
C VAL A 61 -11.32 -1.34 3.52
N PHE A 62 -12.00 -0.57 4.37
CA PHE A 62 -13.29 -0.99 4.90
C PHE A 62 -14.33 -1.07 3.78
N ASP A 63 -14.19 -0.16 2.82
CA ASP A 63 -15.09 -0.10 1.66
C ASP A 63 -15.09 -1.42 0.91
N ASN A 64 -13.91 -1.88 0.52
CA ASN A 64 -13.78 -3.07 -0.31
C ASN A 64 -13.23 -4.24 0.50
N ALA A 65 -13.53 -4.25 1.79
CA ALA A 65 -13.05 -5.29 2.70
C ALA A 65 -13.50 -6.68 2.26
N ASN A 66 -14.67 -6.73 1.63
CA ASN A 66 -15.23 -7.99 1.14
C ASN A 66 -14.33 -8.63 0.08
N ALA A 67 -13.52 -7.81 -0.58
CA ALA A 67 -12.63 -8.29 -1.63
C ALA A 67 -11.22 -8.51 -1.10
N ILE A 68 -11.03 -8.24 0.18
CA ILE A 68 -9.71 -8.34 0.80
C ILE A 68 -9.64 -9.53 1.74
N ASP A 69 -8.53 -10.25 1.66
CA ASP A 69 -8.24 -11.33 2.61
C ASP A 69 -6.97 -10.97 3.37
N THR A 70 -5.88 -10.83 2.64
CA THR A 70 -4.60 -10.49 3.24
C THR A 70 -4.25 -9.03 2.95
N LEU A 71 -3.94 -8.28 4.02
CA LEU A 71 -3.56 -6.88 3.87
C LEU A 71 -2.09 -6.70 4.24
N ILE A 72 -1.27 -6.48 3.23
CA ILE A 72 0.15 -6.28 3.44
C ILE A 72 0.47 -4.80 3.55
N VAL A 73 0.89 -4.37 4.73
CA VAL A 73 1.21 -2.97 4.93
C VAL A 73 2.71 -2.77 5.05
N GLY A 74 3.27 -2.02 4.10
CA GLY A 74 4.67 -1.68 4.15
C GLY A 74 4.87 -0.33 4.79
N THR A 75 5.43 -0.33 6.00
CA THR A 75 5.52 0.88 6.80
C THR A 75 6.79 1.67 6.50
N GLY A 76 7.47 1.32 5.43
CA GLY A 76 8.67 2.03 5.04
C GLY A 76 9.93 1.37 5.55
N ALA A 77 10.86 2.20 6.02
CA ALA A 77 12.14 1.71 6.49
C ALA A 77 12.02 1.06 7.86
N ASP A 78 11.34 1.72 8.76
CA ASP A 78 11.13 1.19 10.10
C ASP A 78 9.76 0.52 10.19
N VAL A 79 9.63 -0.40 11.14
CA VAL A 79 8.40 -1.16 11.28
C VAL A 79 7.41 -0.43 12.17
N TRP A 80 6.33 0.04 11.57
CA TRP A 80 5.25 0.65 12.32
C TRP A 80 4.25 -0.42 12.74
N ILE A 81 4.01 -0.52 14.03
CA ILE A 81 3.07 -1.51 14.53
C ILE A 81 1.68 -0.90 14.66
N ALA A 82 0.75 -1.42 13.88
CA ALA A 82 -0.62 -0.94 13.88
C ALA A 82 -1.24 -1.09 15.26
N PRO A 83 -1.91 -0.03 15.74
CA PRO A 83 -2.60 -0.05 17.03
C PRO A 83 -3.52 -1.26 17.14
N ARG A 84 -3.50 -1.92 18.30
CA ARG A 84 -4.25 -3.16 18.47
C ARG A 84 -5.73 -2.95 18.22
N GLN A 85 -6.25 -1.79 18.61
CA GLN A 85 -7.66 -1.48 18.39
C GLN A 85 -7.98 -1.47 16.89
N LEU A 86 -7.04 -0.94 16.11
CA LEU A 86 -7.18 -0.92 14.66
C LEU A 86 -7.00 -2.32 14.09
N ARG A 87 -6.01 -3.03 14.62
CA ARG A 87 -5.72 -4.40 14.20
C ARG A 87 -6.94 -5.29 14.38
N GLU A 88 -7.53 -5.24 15.58
CA GLU A 88 -8.67 -6.08 15.91
C GLU A 88 -9.90 -5.67 15.10
N ALA A 89 -9.98 -4.39 14.75
CA ALA A 89 -11.06 -3.89 13.92
C ALA A 89 -10.99 -4.50 12.52
N LEU A 90 -9.80 -4.51 11.95
CA LEU A 90 -9.58 -5.09 10.63
C LEU A 90 -9.70 -6.60 10.68
N ARG A 91 -9.13 -7.20 11.73
CA ARG A 91 -9.12 -8.64 11.88
C ARG A 91 -10.55 -9.18 12.03
N GLY A 92 -11.43 -8.33 12.57
CA GLY A 92 -12.82 -8.71 12.73
C GLY A 92 -13.59 -8.70 11.42
N VAL A 93 -13.18 -7.81 10.51
CA VAL A 93 -13.85 -7.69 9.21
C VAL A 93 -13.13 -8.51 8.14
N ASN A 94 -12.49 -9.59 8.57
CA ASN A 94 -11.89 -10.60 7.66
C ASN A 94 -10.56 -10.11 7.09
N VAL A 95 -10.13 -8.92 7.47
CA VAL A 95 -8.90 -8.35 6.93
C VAL A 95 -7.70 -8.80 7.74
N VAL A 96 -6.89 -9.69 7.16
CA VAL A 96 -5.67 -10.14 7.81
C VAL A 96 -4.59 -9.07 7.69
N LEU A 97 -4.51 -8.24 8.72
CA LEU A 97 -3.55 -7.14 8.73
C LEU A 97 -2.18 -7.60 9.18
N ASP A 98 -1.19 -7.42 8.33
CA ASP A 98 0.20 -7.72 8.68
C ASP A 98 1.09 -6.53 8.34
N THR A 99 1.83 -6.05 9.33
CA THR A 99 2.67 -4.88 9.15
C THR A 99 4.14 -5.26 9.01
N MET A 100 4.77 -4.80 7.95
CA MET A 100 6.15 -5.12 7.68
C MET A 100 6.85 -3.97 6.95
N GLN A 101 8.14 -4.10 6.72
CA GLN A 101 8.90 -3.10 5.96
C GLN A 101 8.53 -3.18 4.49
N THR A 102 8.79 -2.11 3.75
CA THR A 102 8.45 -2.06 2.34
C THR A 102 9.21 -3.11 1.53
N GLY A 103 10.42 -3.44 1.97
CA GLY A 103 11.22 -4.46 1.31
C GLY A 103 10.49 -5.79 1.21
N PRO A 104 10.25 -6.46 2.36
CA PRO A 104 9.50 -7.71 2.41
C PRO A 104 8.09 -7.57 1.83
N ALA A 105 7.53 -6.36 1.94
CA ALA A 105 6.19 -6.09 1.42
C ALA A 105 6.15 -6.27 -0.10
N ILE A 106 7.12 -5.67 -0.79
CA ILE A 106 7.21 -5.79 -2.24
C ILE A 106 7.38 -7.25 -2.64
N ARG A 107 8.23 -7.95 -1.90
CA ARG A 107 8.46 -9.38 -2.13
C ARG A 107 7.16 -10.16 -2.05
N THR A 108 6.48 -10.02 -0.91
CA THR A 108 5.27 -10.76 -0.64
C THR A 108 4.15 -10.39 -1.61
N TYR A 109 4.01 -9.10 -1.90
CA TYR A 109 2.96 -8.62 -2.79
C TYR A 109 3.10 -9.22 -4.18
N ASN A 110 4.32 -9.17 -4.73
CA ASN A 110 4.58 -9.70 -6.07
C ASN A 110 4.25 -11.19 -6.15
N ILE A 111 4.54 -11.90 -5.07
CA ILE A 111 4.24 -13.34 -5.00
C ILE A 111 2.74 -13.59 -4.82
N MET A 112 2.12 -12.81 -3.93
CA MET A 112 0.70 -12.98 -3.62
C MET A 112 -0.19 -12.75 -4.84
N ILE A 113 0.11 -11.72 -5.61
CA ILE A 113 -0.69 -11.41 -6.80
C ILE A 113 -0.49 -12.49 -7.86
N GLY A 114 0.66 -13.15 -7.83
CA GLY A 114 0.94 -14.21 -8.78
C GLY A 114 0.39 -15.54 -8.32
N GLU A 115 0.16 -15.67 -7.01
CA GLU A 115 -0.38 -16.89 -6.43
C GLU A 115 -1.90 -16.89 -6.52
N ARG A 116 -2.44 -15.78 -7.00
CA ARG A 116 -3.87 -15.62 -7.24
C ARG A 116 -4.65 -15.73 -5.92
N ARG A 117 -4.44 -14.74 -5.05
CA ARG A 117 -5.16 -14.66 -3.79
C ARG A 117 -5.79 -13.28 -3.64
N ARG A 118 -6.63 -13.13 -2.62
CA ARG A 118 -7.24 -11.83 -2.34
C ARG A 118 -6.29 -11.00 -1.49
N VAL A 119 -5.39 -10.29 -2.13
CA VAL A 119 -4.37 -9.55 -1.41
C VAL A 119 -4.46 -8.06 -1.72
N ALA A 120 -4.34 -7.25 -0.68
CA ALA A 120 -4.27 -5.81 -0.82
C ALA A 120 -2.97 -5.33 -0.19
N ALA A 121 -2.35 -4.34 -0.81
CA ALA A 121 -1.05 -3.86 -0.34
C ALA A 121 -1.07 -2.36 -0.09
N ALA A 122 -0.82 -1.99 1.15
CA ALA A 122 -0.71 -0.59 1.52
C ALA A 122 0.75 -0.24 1.72
N LEU A 123 1.37 0.31 0.68
CA LEU A 123 2.80 0.57 0.70
C LEU A 123 3.08 2.04 0.92
N ILE A 124 3.73 2.35 2.03
CA ILE A 124 4.15 3.71 2.33
C ILE A 124 5.64 3.86 2.04
N ALA A 125 5.98 4.87 1.26
CA ALA A 125 7.37 5.10 0.89
C ALA A 125 8.15 5.69 2.06
N VAL A 126 9.47 5.63 1.98
CA VAL A 126 10.32 6.16 3.02
C VAL A 126 10.17 7.68 3.13
N PRO A 127 9.93 8.18 4.34
CA PRO A 127 9.73 9.61 4.59
C PRO A 127 10.99 10.43 4.31
N LEU A 128 11.07 10.98 3.11
CA LEU A 128 12.19 11.82 2.72
C LEU A 128 12.03 13.22 3.30
N GLU A 129 13.11 14.00 3.25
CA GLU A 129 13.09 15.36 3.75
C GLU A 129 12.18 16.23 2.88
N HIS A 130 12.68 16.57 1.70
CA HIS A 130 12.00 17.41 0.74
C HIS A 130 12.95 17.65 -0.42
N HIS A 131 12.61 18.55 -1.33
CA HIS A 131 13.54 18.94 -2.37
C HIS A 131 14.74 19.63 -1.74
N HIS A 132 15.88 18.96 -1.74
CA HIS A 132 17.06 19.47 -1.06
C HIS A 132 17.58 20.73 -1.74
N HIS A 133 17.28 20.86 -3.02
CA HIS A 133 17.62 22.07 -3.75
C HIS A 133 16.59 23.14 -3.44
N HIS A 134 16.81 23.84 -2.33
CA HIS A 134 15.90 24.88 -1.87
C HIS A 134 16.54 25.71 -0.76
N HIS A 135 17.00 26.90 -1.12
CA HIS A 135 17.53 27.81 -0.12
C HIS A 135 16.51 28.91 0.16
N MET A 1 -13.07 -1.40 -26.92
CA MET A 1 -13.35 -0.38 -27.96
C MET A 1 -13.53 0.99 -27.31
N ALA A 2 -13.22 2.04 -28.07
CA ALA A 2 -13.16 3.39 -27.54
C ALA A 2 -14.43 3.80 -26.78
N GLN A 3 -15.55 3.88 -27.49
CA GLN A 3 -16.78 4.39 -26.89
C GLN A 3 -17.61 3.27 -26.26
N ARG A 4 -17.02 2.57 -25.29
CA ARG A 4 -17.73 1.55 -24.51
C ARG A 4 -16.79 0.85 -23.53
N SER A 5 -15.50 0.81 -23.88
CA SER A 5 -14.52 0.18 -23.02
C SER A 5 -13.14 0.80 -23.22
N GLU A 6 -12.99 2.04 -22.77
CA GLU A 6 -11.72 2.73 -22.87
C GLU A 6 -11.08 2.82 -21.49
N ILE A 7 -10.14 1.90 -21.24
CA ILE A 7 -9.48 1.79 -19.95
C ILE A 7 -10.49 1.49 -18.84
N PRO A 8 -10.88 0.21 -18.69
CA PRO A 8 -11.85 -0.22 -17.68
C PRO A 8 -11.24 -0.25 -16.28
N HIS A 9 -9.92 -0.35 -16.23
CA HIS A 9 -9.19 -0.43 -14.97
C HIS A 9 -7.70 -0.30 -15.24
N PHE A 10 -6.92 -0.16 -14.17
CA PHE A 10 -5.47 -0.13 -14.31
C PHE A 10 -4.99 -1.46 -14.88
N PRO A 11 -3.97 -1.43 -15.76
CA PRO A 11 -3.50 -2.61 -16.51
C PRO A 11 -2.81 -3.67 -15.64
N ARG A 12 -3.51 -4.12 -14.59
CA ARG A 12 -3.04 -5.20 -13.73
C ARG A 12 -1.63 -4.96 -13.22
N THR A 13 -1.51 -4.17 -12.16
CA THR A 13 -0.21 -3.88 -11.59
C THR A 13 0.03 -4.73 -10.35
N ALA A 14 0.84 -5.76 -10.52
CA ALA A 14 1.21 -6.64 -9.41
C ALA A 14 2.72 -6.60 -9.21
N ALA A 15 3.43 -6.29 -10.28
CA ALA A 15 4.87 -6.17 -10.22
C ALA A 15 5.26 -4.74 -9.91
N ILE A 16 5.67 -4.50 -8.67
CA ILE A 16 6.02 -3.16 -8.22
C ILE A 16 7.39 -2.77 -8.77
N ASP A 17 7.44 -1.63 -9.44
CA ASP A 17 8.65 -1.19 -10.14
C ASP A 17 9.78 -0.84 -9.17
N ALA A 18 9.67 0.31 -8.51
CA ALA A 18 10.70 0.74 -7.58
C ALA A 18 10.19 1.83 -6.65
N TYR A 19 11.04 2.25 -5.71
CA TYR A 19 10.72 3.34 -4.80
C TYR A 19 11.99 4.09 -4.41
N GLY A 20 11.84 5.31 -3.95
CA GLY A 20 12.98 6.10 -3.53
C GLY A 20 12.70 6.86 -2.26
N LYS A 21 13.47 7.91 -2.02
CA LYS A 21 13.29 8.73 -0.82
C LYS A 21 12.22 9.78 -1.07
N GLY A 22 11.94 10.06 -2.33
CA GLY A 22 10.93 11.03 -2.67
C GLY A 22 9.63 10.36 -3.11
N GLY A 23 9.32 9.26 -2.46
CA GLY A 23 8.12 8.52 -2.78
C GLY A 23 8.42 7.32 -3.66
N PHE A 24 7.38 6.74 -4.23
CA PHE A 24 7.53 5.60 -5.12
C PHE A 24 7.95 6.05 -6.50
N TYR A 25 8.58 5.15 -7.24
CA TYR A 25 9.03 5.43 -8.60
C TYR A 25 8.70 4.25 -9.49
N PHE A 26 7.59 4.34 -10.19
CA PHE A 26 7.09 3.21 -10.96
C PHE A 26 6.67 3.63 -12.36
N ALA A 27 7.33 3.02 -13.36
CA ALA A 27 6.99 3.21 -14.77
C ALA A 27 7.15 4.67 -15.21
N GLY A 28 7.88 5.45 -14.42
CA GLY A 28 8.09 6.85 -14.76
C GLY A 28 7.34 7.77 -13.81
N MET A 29 6.43 7.21 -13.04
CA MET A 29 5.65 8.01 -12.08
C MET A 29 6.39 8.09 -10.76
N SER A 30 6.59 9.31 -10.28
CA SER A 30 7.39 9.53 -9.09
C SER A 30 6.68 10.49 -8.13
N HIS A 31 7.27 10.66 -6.94
CA HIS A 31 6.77 11.57 -5.92
C HIS A 31 5.41 11.14 -5.38
N GLN A 32 5.14 9.85 -5.48
CA GLN A 32 3.94 9.28 -4.93
C GLN A 32 4.24 8.70 -3.55
N GLY A 33 3.67 9.31 -2.52
CA GLY A 33 3.99 8.91 -1.16
C GLY A 33 3.35 7.59 -0.75
N SER A 34 2.11 7.38 -1.15
CA SER A 34 1.38 6.19 -0.74
C SER A 34 0.63 5.58 -1.92
N LEU A 35 0.63 4.26 -2.00
CA LEU A 35 -0.07 3.55 -3.07
C LEU A 35 -0.93 2.42 -2.52
N LEU A 36 -2.12 2.27 -3.09
CA LEU A 36 -3.01 1.20 -2.71
C LEU A 36 -3.04 0.12 -3.78
N PHE A 37 -2.28 -0.93 -3.59
CA PHE A 37 -2.20 -2.02 -4.55
C PHE A 37 -3.31 -3.03 -4.31
N LEU A 38 -4.41 -2.86 -5.02
CA LEU A 38 -5.51 -3.80 -4.96
C LEU A 38 -5.30 -4.88 -6.00
N PRO A 39 -5.95 -6.05 -5.84
CA PRO A 39 -5.79 -7.19 -6.77
C PRO A 39 -6.46 -6.95 -8.14
N ASP A 40 -6.27 -5.76 -8.70
CA ASP A 40 -6.84 -5.39 -9.98
C ASP A 40 -6.32 -4.04 -10.43
N ALA A 41 -6.54 -3.05 -9.58
CA ALA A 41 -6.14 -1.68 -9.88
C ALA A 41 -5.36 -1.06 -8.72
N VAL A 42 -4.49 -0.12 -9.04
CA VAL A 42 -3.70 0.56 -8.03
C VAL A 42 -4.15 2.00 -7.88
N TRP A 43 -4.55 2.37 -6.68
CA TRP A 43 -5.06 3.71 -6.43
C TRP A 43 -4.10 4.50 -5.54
N GLY A 44 -4.37 5.78 -5.37
CA GLY A 44 -3.51 6.63 -4.57
C GLY A 44 -3.98 6.74 -3.13
N TRP A 45 -3.03 6.99 -2.24
CA TRP A 45 -3.34 7.16 -0.82
C TRP A 45 -2.58 8.38 -0.30
N ASP A 46 -3.01 8.94 0.82
CA ASP A 46 -2.44 10.23 1.28
C ASP A 46 -1.81 10.10 2.66
N VAL A 47 -1.31 8.91 2.99
CA VAL A 47 -0.70 8.70 4.28
C VAL A 47 0.80 8.48 4.14
N THR A 48 1.57 9.54 4.35
CA THR A 48 3.03 9.49 4.24
C THR A 48 3.64 9.04 5.56
N LYS A 49 3.02 9.43 6.66
CA LYS A 49 3.45 8.98 7.98
C LYS A 49 2.46 7.96 8.51
N PRO A 50 2.94 6.78 8.92
CA PRO A 50 2.08 5.68 9.38
C PRO A 50 1.25 6.06 10.61
N GLU A 51 1.58 7.19 11.22
CA GLU A 51 0.85 7.66 12.39
C GLU A 51 -0.36 8.49 11.98
N GLN A 52 -0.59 8.61 10.68
CA GLN A 52 -1.75 9.34 10.16
C GLN A 52 -2.91 8.39 9.90
N ILE A 53 -2.65 7.09 10.00
CA ILE A 53 -3.63 6.08 9.63
C ILE A 53 -4.82 6.06 10.60
N ASP A 54 -5.94 6.60 10.16
CA ASP A 54 -7.18 6.53 10.90
C ASP A 54 -8.15 5.60 10.17
N ARG A 55 -9.23 5.22 10.83
CA ARG A 55 -10.26 4.40 10.21
C ARG A 55 -10.79 5.07 8.93
N TYR A 56 -10.94 6.39 8.97
CA TYR A 56 -11.45 7.12 7.81
C TYR A 56 -10.36 7.37 6.77
N SER A 57 -9.11 7.15 7.16
CA SER A 57 -8.02 7.16 6.20
C SER A 57 -8.04 5.85 5.41
N LEU A 58 -8.60 4.83 6.05
CA LEU A 58 -8.76 3.53 5.42
C LEU A 58 -10.17 3.38 4.84
N GLN A 59 -10.84 4.51 4.64
CA GLN A 59 -12.20 4.53 4.10
C GLN A 59 -12.27 3.75 2.79
N ARG A 60 -11.30 3.98 1.93
CA ARG A 60 -11.25 3.35 0.62
C ARG A 60 -10.91 1.86 0.76
N VAL A 61 -10.33 1.51 1.89
CA VAL A 61 -9.88 0.14 2.15
C VAL A 61 -11.01 -0.70 2.73
N PHE A 62 -11.69 -0.18 3.76
CA PHE A 62 -12.78 -0.90 4.41
C PHE A 62 -13.90 -1.22 3.43
N ASP A 63 -14.06 -0.36 2.43
CA ASP A 63 -15.09 -0.55 1.41
C ASP A 63 -14.78 -1.76 0.53
N ASN A 64 -13.51 -1.92 0.18
CA ASN A 64 -13.09 -2.97 -0.74
C ASN A 64 -12.59 -4.19 0.05
N ALA A 65 -12.88 -4.21 1.35
CA ALA A 65 -12.40 -5.25 2.24
C ALA A 65 -12.89 -6.64 1.83
N ASN A 66 -13.92 -6.70 0.99
CA ASN A 66 -14.46 -7.98 0.55
C ASN A 66 -13.46 -8.72 -0.36
N ALA A 67 -12.54 -7.97 -0.95
CA ALA A 67 -11.54 -8.55 -1.83
C ALA A 67 -10.20 -8.62 -1.12
N ILE A 68 -10.19 -8.24 0.14
CA ILE A 68 -8.96 -8.20 0.92
C ILE A 68 -8.91 -9.35 1.93
N ASP A 69 -8.37 -10.46 1.48
CA ASP A 69 -8.11 -11.60 2.36
C ASP A 69 -6.89 -11.30 3.21
N THR A 70 -5.85 -10.82 2.56
CA THR A 70 -4.64 -10.42 3.25
C THR A 70 -4.38 -8.94 3.02
N LEU A 71 -4.16 -8.21 4.11
CA LEU A 71 -3.87 -6.79 4.03
C LEU A 71 -2.43 -6.54 4.42
N ILE A 72 -1.62 -6.13 3.45
CA ILE A 72 -0.21 -5.89 3.67
C ILE A 72 0.04 -4.39 3.88
N VAL A 73 0.62 -4.06 5.02
CA VAL A 73 0.99 -2.68 5.30
C VAL A 73 2.49 -2.51 5.16
N GLY A 74 2.91 -1.85 4.09
CA GLY A 74 4.32 -1.65 3.83
C GLY A 74 4.78 -0.28 4.25
N THR A 75 5.37 -0.18 5.43
CA THR A 75 5.80 1.10 5.96
C THR A 75 7.29 1.31 5.74
N GLY A 76 7.63 2.39 5.05
CA GLY A 76 9.03 2.72 4.84
C GLY A 76 9.59 3.56 5.96
N ALA A 77 9.24 3.21 7.19
CA ALA A 77 9.65 3.98 8.35
C ALA A 77 9.80 3.08 9.56
N ASP A 78 10.93 2.39 9.62
CA ASP A 78 11.28 1.52 10.76
C ASP A 78 10.31 0.33 10.83
N VAL A 79 10.18 -0.26 12.00
CA VAL A 79 9.22 -1.35 12.20
C VAL A 79 7.94 -0.80 12.80
N TRP A 80 6.96 -0.54 11.95
CA TRP A 80 5.69 -0.03 12.42
C TRP A 80 4.73 -1.17 12.72
N ILE A 81 4.43 -1.35 13.99
CA ILE A 81 3.45 -2.34 14.41
C ILE A 81 2.07 -1.69 14.50
N ALA A 82 1.08 -2.35 13.91
CA ALA A 82 -0.28 -1.84 13.93
C ALA A 82 -0.87 -1.91 15.33
N PRO A 83 -1.50 -0.82 15.79
CA PRO A 83 -2.17 -0.79 17.09
C PRO A 83 -3.23 -1.86 17.21
N ARG A 84 -3.41 -2.41 18.40
CA ARG A 84 -4.31 -3.55 18.59
C ARG A 84 -5.75 -3.17 18.26
N GLN A 85 -6.08 -1.89 18.45
CA GLN A 85 -7.41 -1.40 18.12
C GLN A 85 -7.69 -1.61 16.63
N LEU A 86 -6.70 -1.30 15.80
CA LEU A 86 -6.85 -1.41 14.36
C LEU A 86 -6.74 -2.86 13.93
N ARG A 87 -5.76 -3.57 14.48
CA ARG A 87 -5.51 -4.97 14.15
C ARG A 87 -6.76 -5.82 14.42
N GLU A 88 -7.33 -5.64 15.60
CA GLU A 88 -8.49 -6.44 15.99
C GLU A 88 -9.77 -5.91 15.35
N ALA A 89 -9.77 -4.65 14.93
CA ALA A 89 -10.89 -4.11 14.18
C ALA A 89 -10.96 -4.75 12.80
N LEU A 90 -9.80 -4.89 12.17
CA LEU A 90 -9.68 -5.56 10.89
C LEU A 90 -10.00 -7.04 11.03
N ARG A 91 -9.63 -7.61 12.17
CA ARG A 91 -9.94 -9.00 12.47
C ARG A 91 -11.46 -9.22 12.48
N GLY A 92 -12.18 -8.19 12.92
CA GLY A 92 -13.64 -8.26 12.92
C GLY A 92 -14.21 -8.37 11.53
N VAL A 93 -13.46 -7.85 10.54
CA VAL A 93 -13.89 -7.93 9.15
C VAL A 93 -13.32 -9.20 8.50
N ASN A 94 -12.55 -9.94 9.29
CA ASN A 94 -11.93 -11.21 8.87
C ASN A 94 -10.76 -10.96 7.92
N VAL A 95 -10.19 -9.76 8.00
CA VAL A 95 -9.05 -9.41 7.16
C VAL A 95 -7.74 -9.75 7.86
N VAL A 96 -6.90 -10.53 7.20
CA VAL A 96 -5.61 -10.90 7.77
C VAL A 96 -4.61 -9.77 7.60
N LEU A 97 -4.25 -9.14 8.72
CA LEU A 97 -3.35 -7.99 8.70
C LEU A 97 -1.90 -8.43 8.88
N ASP A 98 -1.02 -7.88 8.05
CA ASP A 98 0.41 -8.12 8.18
C ASP A 98 1.16 -6.83 7.83
N THR A 99 2.08 -6.42 8.69
CA THR A 99 2.79 -5.17 8.51
C THR A 99 4.30 -5.38 8.46
N MET A 100 4.97 -4.68 7.56
CA MET A 100 6.41 -4.76 7.40
C MET A 100 6.92 -3.53 6.65
N GLN A 101 8.20 -3.54 6.28
CA GLN A 101 8.80 -2.44 5.55
C GLN A 101 8.45 -2.55 4.06
N THR A 102 8.55 -1.43 3.35
CA THR A 102 8.19 -1.36 1.94
C THR A 102 8.88 -2.46 1.12
N GLY A 103 10.19 -2.61 1.31
CA GLY A 103 10.95 -3.63 0.58
C GLY A 103 10.36 -5.02 0.71
N PRO A 104 10.36 -5.61 1.93
CA PRO A 104 9.75 -6.92 2.19
C PRO A 104 8.29 -6.98 1.74
N ALA A 105 7.58 -5.87 1.87
CA ALA A 105 6.17 -5.80 1.49
C ALA A 105 6.00 -6.03 -0.01
N ILE A 106 6.84 -5.39 -0.80
CA ILE A 106 6.84 -5.56 -2.25
C ILE A 106 7.01 -7.03 -2.60
N ARG A 107 8.02 -7.64 -2.00
CA ARG A 107 8.33 -9.04 -2.24
C ARG A 107 7.16 -9.93 -1.81
N THR A 108 6.60 -9.64 -0.65
CA THR A 108 5.50 -10.42 -0.11
C THR A 108 4.25 -10.30 -1.00
N TYR A 109 3.93 -9.08 -1.42
CA TYR A 109 2.76 -8.85 -2.25
C TYR A 109 2.93 -9.52 -3.61
N ASN A 110 4.12 -9.38 -4.18
CA ASN A 110 4.42 -9.95 -5.49
C ASN A 110 4.24 -11.48 -5.48
N ILE A 111 4.46 -12.09 -4.34
CA ILE A 111 4.23 -13.52 -4.18
C ILE A 111 2.76 -13.80 -3.90
N MET A 112 2.20 -13.09 -2.94
CA MET A 112 0.82 -13.33 -2.49
C MET A 112 -0.22 -13.06 -3.57
N ILE A 113 0.09 -12.15 -4.50
CA ILE A 113 -0.83 -11.83 -5.57
C ILE A 113 -1.07 -13.06 -6.45
N GLY A 114 -0.05 -13.89 -6.58
CA GLY A 114 -0.19 -15.12 -7.34
C GLY A 114 -0.65 -16.27 -6.46
N GLU A 115 -0.29 -16.21 -5.18
CA GLU A 115 -0.68 -17.23 -4.22
C GLU A 115 -2.18 -17.19 -3.93
N ARG A 116 -2.64 -16.08 -3.38
CA ARG A 116 -4.01 -15.98 -2.92
C ARG A 116 -4.89 -15.24 -3.92
N ARG A 117 -4.31 -14.24 -4.60
CA ARG A 117 -5.03 -13.42 -5.58
C ARG A 117 -6.08 -12.54 -4.86
N ARG A 118 -6.02 -12.55 -3.53
CA ARG A 118 -6.97 -11.81 -2.71
C ARG A 118 -6.22 -10.91 -1.71
N VAL A 119 -5.06 -10.43 -2.12
CA VAL A 119 -4.23 -9.65 -1.23
C VAL A 119 -4.16 -8.18 -1.68
N ALA A 120 -4.27 -7.28 -0.73
CA ALA A 120 -4.17 -5.86 -1.00
C ALA A 120 -3.02 -5.26 -0.19
N ALA A 121 -2.24 -4.41 -0.83
CA ALA A 121 -1.07 -3.83 -0.19
C ALA A 121 -1.17 -2.32 -0.10
N ALA A 122 -1.20 -1.82 1.12
CA ALA A 122 -1.16 -0.38 1.37
C ALA A 122 0.28 0.03 1.62
N LEU A 123 0.93 0.56 0.61
CA LEU A 123 2.35 0.84 0.69
C LEU A 123 2.61 2.31 0.96
N ILE A 124 3.50 2.55 1.91
CA ILE A 124 3.95 3.89 2.24
C ILE A 124 5.44 4.02 1.93
N ALA A 125 5.83 5.10 1.30
CA ALA A 125 7.22 5.33 0.95
C ALA A 125 8.03 5.75 2.17
N VAL A 126 9.30 6.09 1.93
CA VAL A 126 10.19 6.52 3.00
C VAL A 126 10.08 8.03 3.19
N PRO A 127 9.59 8.47 4.36
CA PRO A 127 9.46 9.89 4.66
C PRO A 127 10.82 10.58 4.75
N LEU A 128 10.89 11.80 4.24
CA LEU A 128 12.14 12.55 4.22
C LEU A 128 12.38 13.26 5.55
N GLU A 129 12.39 12.49 6.63
CA GLU A 129 12.54 13.05 7.97
C GLU A 129 14.00 12.96 8.43
N HIS A 130 14.83 12.28 7.65
CA HIS A 130 16.25 12.19 7.96
C HIS A 130 16.94 13.53 7.76
N HIS A 131 17.82 13.87 8.69
CA HIS A 131 18.50 15.15 8.66
C HIS A 131 19.69 15.14 7.70
N HIS A 132 19.74 16.14 6.85
CA HIS A 132 20.89 16.38 5.99
C HIS A 132 21.24 17.86 6.04
N HIS A 133 22.49 18.14 6.31
CA HIS A 133 22.93 19.53 6.44
C HIS A 133 23.52 19.99 5.11
N HIS A 134 24.64 19.39 4.74
CA HIS A 134 25.25 19.66 3.46
C HIS A 134 24.77 18.61 2.45
N HIS A 135 24.37 19.08 1.27
CA HIS A 135 23.74 18.22 0.26
C HIS A 135 22.37 17.77 0.74
N MET A 1 -15.11 18.28 -22.42
CA MET A 1 -14.43 19.15 -21.43
C MET A 1 -12.95 19.24 -21.74
N ALA A 2 -12.31 18.10 -21.88
CA ALA A 2 -10.91 18.04 -22.26
C ALA A 2 -10.73 17.11 -23.45
N GLN A 3 -10.16 17.63 -24.53
CA GLN A 3 -10.01 16.85 -25.76
C GLN A 3 -8.75 15.99 -25.71
N ARG A 4 -8.52 15.38 -24.55
CA ARG A 4 -7.42 14.46 -24.33
C ARG A 4 -7.94 13.26 -23.54
N SER A 5 -7.46 12.07 -23.87
CA SER A 5 -7.95 10.86 -23.22
C SER A 5 -6.87 9.78 -23.20
N GLU A 6 -5.62 10.20 -23.18
CA GLU A 6 -4.50 9.28 -23.25
C GLU A 6 -4.06 8.86 -21.85
N ILE A 7 -4.73 9.40 -20.84
CA ILE A 7 -4.45 9.04 -19.46
C ILE A 7 -5.05 7.66 -19.15
N PRO A 8 -4.18 6.66 -18.96
CA PRO A 8 -4.61 5.28 -18.74
C PRO A 8 -4.76 4.93 -17.27
N HIS A 9 -5.04 3.66 -17.02
CA HIS A 9 -5.13 3.13 -15.66
C HIS A 9 -4.36 1.82 -15.59
N PHE A 10 -3.82 1.50 -14.42
CA PHE A 10 -3.05 0.28 -14.26
C PHE A 10 -3.89 -0.81 -13.59
N PRO A 11 -4.40 -1.76 -14.39
CA PRO A 11 -5.25 -2.83 -13.91
C PRO A 11 -4.44 -4.07 -13.52
N ARG A 12 -4.46 -4.37 -12.22
CA ARG A 12 -3.79 -5.56 -11.68
C ARG A 12 -2.28 -5.49 -11.92
N THR A 13 -1.76 -4.27 -11.96
CA THR A 13 -0.34 -4.07 -12.23
C THR A 13 0.45 -4.05 -10.92
N ALA A 14 1.15 -5.14 -10.65
CA ALA A 14 1.95 -5.26 -9.44
C ALA A 14 3.45 -5.21 -9.77
N ALA A 15 3.76 -4.61 -10.90
CA ALA A 15 5.15 -4.55 -11.36
C ALA A 15 5.75 -3.18 -11.11
N ILE A 16 6.58 -3.10 -10.09
CA ILE A 16 7.31 -1.86 -9.78
C ILE A 16 8.74 -1.98 -10.29
N ASP A 17 9.09 -1.19 -11.29
CA ASP A 17 10.40 -1.30 -11.93
C ASP A 17 11.43 -0.38 -11.28
N ALA A 18 10.99 0.50 -10.38
CA ALA A 18 11.92 1.35 -9.64
C ALA A 18 11.33 1.79 -8.30
N TYR A 19 12.06 1.50 -7.23
CA TYR A 19 11.65 1.95 -5.90
C TYR A 19 12.84 2.48 -5.12
N GLY A 20 12.63 3.59 -4.44
CA GLY A 20 13.66 4.21 -3.65
C GLY A 20 13.42 5.70 -3.56
N LYS A 21 14.43 6.44 -3.08
CA LYS A 21 14.36 7.90 -3.00
C LYS A 21 13.26 8.35 -2.04
N GLY A 22 12.04 8.39 -2.54
CA GLY A 22 10.91 8.78 -1.72
C GLY A 22 9.60 8.63 -2.48
N GLY A 23 9.59 7.71 -3.43
CA GLY A 23 8.40 7.51 -4.24
C GLY A 23 8.46 6.21 -5.02
N PHE A 24 7.31 5.83 -5.59
CA PHE A 24 7.22 4.61 -6.37
C PHE A 24 7.18 4.95 -7.85
N TYR A 25 8.14 4.41 -8.60
CA TYR A 25 8.15 4.58 -10.03
C TYR A 25 7.85 3.25 -10.71
N PHE A 26 6.71 3.18 -11.36
CA PHE A 26 6.31 1.96 -12.04
C PHE A 26 5.61 2.27 -13.35
N ALA A 27 6.10 1.64 -14.42
CA ALA A 27 5.46 1.68 -15.74
C ALA A 27 5.45 3.08 -16.35
N GLY A 28 6.17 4.02 -15.76
CA GLY A 28 6.28 5.33 -16.36
C GLY A 28 6.01 6.48 -15.39
N MET A 29 5.28 6.21 -14.32
CA MET A 29 4.94 7.28 -13.37
C MET A 29 5.74 7.13 -12.09
N SER A 30 6.11 8.27 -11.51
CA SER A 30 6.81 8.30 -10.24
C SER A 30 5.95 9.02 -9.20
N HIS A 31 5.28 8.27 -8.36
CA HIS A 31 4.37 8.84 -7.37
C HIS A 31 4.97 8.74 -5.98
N GLN A 32 5.14 9.87 -5.32
CA GLN A 32 5.68 9.89 -3.97
C GLN A 32 4.57 9.72 -2.96
N GLY A 33 4.90 9.18 -1.80
CA GLY A 33 3.89 8.98 -0.76
C GLY A 33 3.47 7.53 -0.64
N SER A 34 2.17 7.29 -0.59
CA SER A 34 1.65 5.94 -0.43
C SER A 34 0.75 5.56 -1.60
N LEU A 35 0.65 4.26 -1.86
CA LEU A 35 -0.18 3.75 -2.95
C LEU A 35 -0.95 2.52 -2.52
N LEU A 36 -2.10 2.31 -3.15
CA LEU A 36 -2.92 1.14 -2.87
C LEU A 36 -2.91 0.19 -4.06
N PHE A 37 -2.18 -0.89 -3.92
CA PHE A 37 -2.13 -1.91 -4.95
C PHE A 37 -3.22 -2.94 -4.70
N LEU A 38 -4.33 -2.80 -5.40
CA LEU A 38 -5.45 -3.71 -5.26
C LEU A 38 -5.32 -4.83 -6.30
N PRO A 39 -5.94 -5.99 -6.02
CA PRO A 39 -5.84 -7.17 -6.89
C PRO A 39 -6.40 -6.93 -8.30
N ASP A 40 -7.09 -5.82 -8.50
CA ASP A 40 -7.71 -5.53 -9.79
C ASP A 40 -7.19 -4.24 -10.41
N ALA A 41 -6.69 -3.32 -9.58
CA ALA A 41 -6.20 -2.02 -10.08
C ALA A 41 -5.35 -1.32 -9.04
N VAL A 42 -4.54 -0.36 -9.49
CA VAL A 42 -3.69 0.41 -8.60
C VAL A 42 -4.26 1.80 -8.38
N TRP A 43 -4.40 2.19 -7.12
CA TRP A 43 -4.91 3.51 -6.77
C TRP A 43 -3.98 4.22 -5.79
N GLY A 44 -4.29 5.46 -5.48
CA GLY A 44 -3.46 6.22 -4.56
C GLY A 44 -3.95 6.13 -3.13
N TRP A 45 -3.04 6.35 -2.19
CA TRP A 45 -3.39 6.30 -0.77
C TRP A 45 -2.84 7.54 -0.06
N ASP A 46 -3.74 8.29 0.56
CA ASP A 46 -3.36 9.58 1.13
C ASP A 46 -2.91 9.46 2.58
N VAL A 47 -1.70 8.92 2.75
CA VAL A 47 -1.02 8.94 4.03
C VAL A 47 0.43 9.35 3.78
N THR A 48 0.82 10.49 4.31
CA THR A 48 2.10 11.07 3.98
C THR A 48 3.24 10.49 4.81
N LYS A 49 2.93 10.11 6.05
CA LYS A 49 3.96 9.63 6.96
C LYS A 49 3.46 8.43 7.75
N PRO A 50 4.22 7.32 7.70
CA PRO A 50 3.85 6.09 8.42
C PRO A 50 3.82 6.29 9.94
N GLU A 51 2.64 6.61 10.44
CA GLU A 51 2.43 6.88 11.84
C GLU A 51 0.96 7.18 12.06
N GLN A 52 0.43 8.08 11.25
CA GLN A 52 -0.93 8.55 11.39
C GLN A 52 -1.88 7.78 10.48
N ILE A 53 -1.80 6.46 10.57
CA ILE A 53 -2.72 5.60 9.85
C ILE A 53 -3.91 5.27 10.76
N ASP A 54 -5.10 5.67 10.35
CA ASP A 54 -6.29 5.53 11.19
C ASP A 54 -7.45 4.96 10.38
N ARG A 55 -8.64 4.95 10.98
CA ARG A 55 -9.79 4.32 10.35
C ARG A 55 -10.32 5.15 9.17
N TYR A 56 -10.04 6.45 9.18
CA TYR A 56 -10.46 7.32 8.08
C TYR A 56 -9.54 7.14 6.87
N SER A 57 -8.28 6.86 7.13
CA SER A 57 -7.32 6.63 6.05
C SER A 57 -7.40 5.19 5.56
N LEU A 58 -7.79 4.28 6.45
CA LEU A 58 -7.99 2.87 6.08
C LEU A 58 -9.43 2.62 5.65
N GLN A 59 -10.19 3.70 5.48
CA GLN A 59 -11.61 3.58 5.15
C GLN A 59 -11.82 2.88 3.80
N ARG A 60 -10.87 3.10 2.89
CA ARG A 60 -10.87 2.43 1.60
C ARG A 60 -10.78 0.91 1.77
N VAL A 61 -10.11 0.47 2.83
CA VAL A 61 -9.93 -0.94 3.09
C VAL A 61 -11.20 -1.56 3.66
N PHE A 62 -11.86 -0.83 4.55
CA PHE A 62 -13.08 -1.32 5.20
C PHE A 62 -14.19 -1.57 4.19
N ASP A 63 -14.22 -0.76 3.13
CA ASP A 63 -15.23 -0.93 2.09
C ASP A 63 -14.87 -2.10 1.18
N ASN A 64 -13.64 -2.12 0.71
CA ASN A 64 -13.19 -3.12 -0.25
C ASN A 64 -12.70 -4.38 0.47
N ALA A 65 -13.15 -4.55 1.71
CA ALA A 65 -12.76 -5.71 2.52
C ALA A 65 -13.31 -7.01 1.92
N ASN A 66 -14.18 -6.88 0.93
CA ASN A 66 -14.73 -8.03 0.23
C ASN A 66 -13.70 -8.60 -0.74
N ALA A 67 -12.74 -7.77 -1.14
CA ALA A 67 -11.68 -8.20 -2.04
C ALA A 67 -10.34 -8.21 -1.30
N ILE A 68 -10.22 -7.35 -0.30
CA ILE A 68 -9.02 -7.31 0.53
C ILE A 68 -9.12 -8.29 1.69
N ASP A 69 -8.72 -9.52 1.44
CA ASP A 69 -8.70 -10.56 2.47
C ASP A 69 -7.43 -10.43 3.30
N THR A 70 -6.30 -10.51 2.62
CA THR A 70 -5.01 -10.32 3.25
C THR A 70 -4.46 -8.95 2.89
N LEU A 71 -4.14 -8.15 3.90
CA LEU A 71 -3.66 -6.80 3.68
C LEU A 71 -2.23 -6.65 4.17
N ILE A 72 -1.36 -6.14 3.30
CA ILE A 72 0.03 -5.90 3.63
C ILE A 72 0.32 -4.41 3.56
N VAL A 73 0.83 -3.85 4.65
CA VAL A 73 1.18 -2.44 4.69
C VAL A 73 2.67 -2.25 4.91
N GLY A 74 3.32 -1.59 3.97
CA GLY A 74 4.72 -1.29 4.09
C GLY A 74 4.94 0.09 4.66
N THR A 75 5.41 0.16 5.90
CA THR A 75 5.55 1.43 6.60
C THR A 75 6.90 2.08 6.33
N GLY A 76 7.45 1.82 5.16
CA GLY A 76 8.73 2.41 4.79
C GLY A 76 9.90 1.60 5.31
N ALA A 77 10.87 2.29 5.90
CA ALA A 77 12.04 1.63 6.43
C ALA A 77 11.87 1.34 7.92
N ASP A 78 10.92 2.04 8.54
CA ASP A 78 10.67 1.88 9.96
C ASP A 78 9.48 0.96 10.16
N VAL A 79 9.33 0.42 11.36
CA VAL A 79 8.27 -0.55 11.63
C VAL A 79 7.19 0.04 12.51
N TRP A 80 6.04 0.29 11.92
CA TRP A 80 4.87 0.75 12.66
C TRP A 80 3.88 -0.41 12.79
N ILE A 81 3.69 -0.88 14.01
CA ILE A 81 2.81 -2.01 14.25
C ILE A 81 1.37 -1.53 14.46
N ALA A 82 0.44 -2.21 13.81
CA ALA A 82 -0.98 -1.90 13.95
C ALA A 82 -1.46 -2.23 15.35
N PRO A 83 -2.04 -1.24 16.06
CA PRO A 83 -2.53 -1.40 17.42
C PRO A 83 -3.58 -2.50 17.54
N ARG A 84 -3.73 -3.04 18.73
CA ARG A 84 -4.66 -4.14 18.97
C ARG A 84 -6.09 -3.70 18.70
N GLN A 85 -6.46 -2.53 19.21
CA GLN A 85 -7.81 -2.00 19.03
C GLN A 85 -8.16 -1.90 17.54
N LEU A 86 -7.19 -1.44 16.75
CA LEU A 86 -7.37 -1.35 15.30
C LEU A 86 -7.47 -2.76 14.70
N ARG A 87 -6.58 -3.64 15.13
CA ARG A 87 -6.56 -5.01 14.62
C ARG A 87 -7.86 -5.75 14.92
N GLU A 88 -8.41 -5.54 16.12
CA GLU A 88 -9.68 -6.13 16.51
C GLU A 88 -10.78 -5.70 15.55
N ALA A 89 -10.81 -4.40 15.25
CA ALA A 89 -11.79 -3.85 14.33
C ALA A 89 -11.62 -4.44 12.93
N LEU A 90 -10.36 -4.52 12.49
CA LEU A 90 -10.03 -5.05 11.17
C LEU A 90 -10.46 -6.52 11.05
N ARG A 91 -10.12 -7.31 12.05
CA ARG A 91 -10.40 -8.74 12.04
C ARG A 91 -11.91 -8.98 12.11
N GLY A 92 -12.64 -7.98 12.61
CA GLY A 92 -14.09 -8.07 12.63
C GLY A 92 -14.69 -7.97 11.24
N VAL A 93 -13.90 -7.45 10.31
CA VAL A 93 -14.33 -7.31 8.92
C VAL A 93 -13.54 -8.30 8.04
N ASN A 94 -12.93 -9.30 8.69
CA ASN A 94 -12.19 -10.37 8.02
C ASN A 94 -10.80 -9.91 7.56
N VAL A 95 -10.55 -8.61 7.61
CA VAL A 95 -9.30 -8.04 7.11
C VAL A 95 -8.11 -8.51 7.94
N VAL A 96 -7.26 -9.33 7.33
CA VAL A 96 -6.04 -9.79 7.97
C VAL A 96 -4.90 -8.84 7.64
N LEU A 97 -4.67 -7.86 8.51
CA LEU A 97 -3.67 -6.84 8.27
C LEU A 97 -2.40 -7.08 9.08
N ASP A 98 -1.28 -7.12 8.37
CA ASP A 98 0.03 -7.17 9.00
C ASP A 98 0.90 -6.04 8.46
N THR A 99 1.60 -5.36 9.34
CA THR A 99 2.43 -4.23 8.95
C THR A 99 3.91 -4.58 9.06
N MET A 100 4.70 -4.10 8.12
CA MET A 100 6.14 -4.31 8.13
C MET A 100 6.82 -3.30 7.21
N GLN A 101 8.13 -3.45 7.03
CA GLN A 101 8.88 -2.59 6.12
C GLN A 101 8.45 -2.83 4.68
N THR A 102 8.56 -1.81 3.84
CA THR A 102 8.12 -1.88 2.46
C THR A 102 8.93 -2.92 1.68
N GLY A 103 10.18 -3.13 2.07
CA GLY A 103 11.04 -4.11 1.41
C GLY A 103 10.44 -5.51 1.42
N PRO A 104 10.33 -6.14 2.59
CA PRO A 104 9.69 -7.46 2.73
C PRO A 104 8.24 -7.46 2.23
N ALA A 105 7.60 -6.30 2.32
CA ALA A 105 6.21 -6.16 1.87
C ALA A 105 6.11 -6.39 0.37
N ILE A 106 6.98 -5.72 -0.40
CA ILE A 106 7.01 -5.89 -1.85
C ILE A 106 7.27 -7.34 -2.21
N ARG A 107 8.23 -7.97 -1.51
CA ARG A 107 8.56 -9.37 -1.74
C ARG A 107 7.34 -10.27 -1.55
N THR A 108 6.69 -10.14 -0.40
CA THR A 108 5.54 -10.98 -0.07
C THR A 108 4.39 -10.72 -1.05
N TYR A 109 4.14 -9.45 -1.33
CA TYR A 109 3.08 -9.06 -2.23
C TYR A 109 3.32 -9.60 -3.64
N ASN A 110 4.54 -9.40 -4.15
CA ASN A 110 4.90 -9.82 -5.51
C ASN A 110 4.59 -11.30 -5.74
N ILE A 111 5.01 -12.14 -4.81
CA ILE A 111 4.79 -13.58 -4.92
C ILE A 111 3.31 -13.90 -4.74
N MET A 112 2.71 -13.33 -3.71
CA MET A 112 1.33 -13.63 -3.35
C MET A 112 0.35 -13.17 -4.44
N ILE A 113 0.58 -11.98 -4.99
CA ILE A 113 -0.31 -11.40 -6.00
C ILE A 113 -0.22 -12.20 -7.31
N GLY A 114 0.93 -12.80 -7.55
CA GLY A 114 1.11 -13.61 -8.73
C GLY A 114 0.46 -14.97 -8.59
N GLU A 115 0.63 -15.58 -7.43
CA GLU A 115 0.13 -16.92 -7.17
C GLU A 115 -1.40 -16.93 -6.97
N ARG A 116 -1.87 -16.21 -5.96
CA ARG A 116 -3.27 -16.27 -5.58
C ARG A 116 -3.95 -14.91 -5.64
N ARG A 117 -3.15 -13.85 -5.66
CA ARG A 117 -3.63 -12.45 -5.71
C ARG A 117 -4.76 -12.21 -4.71
N ARG A 118 -4.66 -12.84 -3.56
CA ARG A 118 -5.64 -12.73 -2.49
C ARG A 118 -5.20 -11.65 -1.50
N VAL A 119 -4.38 -10.75 -1.99
CA VAL A 119 -3.72 -9.77 -1.15
C VAL A 119 -3.82 -8.37 -1.74
N ALA A 120 -3.85 -7.37 -0.88
CA ALA A 120 -3.78 -5.99 -1.30
C ALA A 120 -2.62 -5.31 -0.57
N ALA A 121 -1.92 -4.43 -1.27
CA ALA A 121 -0.72 -3.82 -0.70
C ALA A 121 -0.87 -2.31 -0.55
N ALA A 122 -0.76 -1.84 0.68
CA ALA A 122 -0.70 -0.43 0.96
C ALA A 122 0.72 -0.05 1.30
N LEU A 123 1.45 0.46 0.32
CA LEU A 123 2.88 0.69 0.48
C LEU A 123 3.18 2.17 0.63
N ILE A 124 3.92 2.50 1.67
CA ILE A 124 4.38 3.86 1.89
C ILE A 124 5.84 3.99 1.49
N ALA A 125 6.20 5.14 0.94
CA ALA A 125 7.57 5.39 0.53
C ALA A 125 8.46 5.61 1.75
N VAL A 126 9.76 5.38 1.56
CA VAL A 126 10.72 5.59 2.62
C VAL A 126 10.96 7.09 2.86
N PRO A 127 11.04 7.50 4.13
CA PRO A 127 11.26 8.89 4.51
C PRO A 127 12.60 9.42 3.99
N LEU A 128 12.58 10.61 3.41
CA LEU A 128 13.79 11.23 2.89
C LEU A 128 14.51 12.02 3.98
N GLU A 129 13.77 12.93 4.61
CA GLU A 129 14.35 13.81 5.61
C GLU A 129 14.50 13.11 6.95
N HIS A 130 15.66 12.50 7.15
CA HIS A 130 16.04 12.00 8.48
C HIS A 130 16.50 13.17 9.33
N HIS A 131 15.55 13.81 9.99
CA HIS A 131 15.80 15.07 10.67
C HIS A 131 16.47 14.86 12.03
N HIS A 132 17.34 13.87 12.12
CA HIS A 132 18.17 13.59 13.31
C HIS A 132 17.34 12.97 14.44
N HIS A 133 16.07 13.32 14.51
CA HIS A 133 15.19 12.81 15.54
C HIS A 133 14.77 11.38 15.21
N HIS A 134 14.56 10.57 16.24
CA HIS A 134 14.16 9.19 16.06
C HIS A 134 12.64 9.09 16.02
N HIS A 135 12.13 8.09 15.30
CA HIS A 135 10.70 7.81 15.28
C HIS A 135 10.36 6.83 16.39
N MET A 1 -16.40 1.67 -28.95
CA MET A 1 -16.75 3.02 -29.46
C MET A 1 -16.89 3.98 -28.29
N ALA A 2 -15.94 4.88 -28.16
CA ALA A 2 -15.95 5.84 -27.07
C ALA A 2 -15.58 7.24 -27.57
N GLN A 3 -16.11 8.24 -26.89
CA GLN A 3 -15.81 9.63 -27.21
C GLN A 3 -14.77 10.18 -26.25
N ARG A 4 -14.76 9.61 -25.05
CA ARG A 4 -13.78 9.98 -24.03
C ARG A 4 -13.58 8.82 -23.07
N SER A 5 -12.58 8.00 -23.35
CA SER A 5 -12.28 6.86 -22.53
C SER A 5 -10.85 6.40 -22.80
N GLU A 6 -9.97 6.62 -21.83
CA GLU A 6 -8.59 6.26 -21.97
C GLU A 6 -8.07 5.68 -20.67
N ILE A 7 -8.06 4.34 -20.58
CA ILE A 7 -7.65 3.63 -19.38
C ILE A 7 -8.58 3.95 -18.21
N PRO A 8 -9.67 3.18 -18.06
CA PRO A 8 -10.65 3.36 -17.00
C PRO A 8 -10.02 3.21 -15.60
N HIS A 9 -9.08 2.29 -15.49
CA HIS A 9 -8.35 2.08 -14.24
C HIS A 9 -7.09 1.28 -14.51
N PHE A 10 -6.05 1.52 -13.72
CA PHE A 10 -4.82 0.77 -13.82
C PHE A 10 -5.01 -0.62 -13.24
N PRO A 11 -4.93 -1.66 -14.10
CA PRO A 11 -5.24 -3.02 -13.71
C PRO A 11 -4.05 -3.78 -13.11
N ARG A 12 -3.92 -3.66 -11.79
CA ARG A 12 -2.98 -4.47 -11.01
C ARG A 12 -1.53 -4.21 -11.38
N THR A 13 -0.83 -3.48 -10.53
CA THR A 13 0.61 -3.32 -10.68
C THR A 13 1.31 -4.43 -9.91
N ALA A 14 1.80 -5.43 -10.63
CA ALA A 14 2.42 -6.60 -10.00
C ALA A 14 3.90 -6.37 -9.74
N ALA A 15 4.59 -5.85 -10.74
CA ALA A 15 6.02 -5.61 -10.61
C ALA A 15 6.28 -4.16 -10.22
N ILE A 16 6.58 -3.94 -8.95
CA ILE A 16 6.86 -2.60 -8.46
C ILE A 16 8.36 -2.37 -8.35
N ASP A 17 8.80 -1.17 -8.70
CA ASP A 17 10.22 -0.85 -8.73
C ASP A 17 10.65 -0.10 -7.48
N ALA A 18 11.85 0.47 -7.52
CA ALA A 18 12.44 1.19 -6.40
C ALA A 18 11.50 2.27 -5.83
N TYR A 19 11.61 2.48 -4.54
CA TYR A 19 10.80 3.47 -3.85
C TYR A 19 11.69 4.31 -2.93
N GLY A 20 11.21 5.50 -2.59
CA GLY A 20 11.95 6.36 -1.68
C GLY A 20 12.11 7.75 -2.23
N LYS A 21 13.11 7.95 -3.07
CA LYS A 21 13.38 9.26 -3.64
C LYS A 21 12.35 9.61 -4.69
N GLY A 22 11.46 10.52 -4.33
CA GLY A 22 10.38 10.91 -5.21
C GLY A 22 9.13 10.11 -4.94
N GLY A 23 9.22 9.17 -4.02
CA GLY A 23 8.08 8.32 -3.70
C GLY A 23 8.17 6.98 -4.38
N PHE A 24 7.13 6.61 -5.11
CA PHE A 24 7.14 5.37 -5.87
C PHE A 24 7.46 5.66 -7.33
N TYR A 25 8.49 5.01 -7.83
CA TYR A 25 8.98 5.27 -9.18
C TYR A 25 9.01 3.99 -10.00
N PHE A 26 8.04 3.85 -10.89
CA PHE A 26 7.94 2.66 -11.73
C PHE A 26 7.46 3.04 -13.13
N ALA A 27 7.38 2.05 -14.02
CA ALA A 27 7.01 2.29 -15.41
C ALA A 27 5.51 2.54 -15.55
N GLY A 28 5.16 3.81 -15.59
CA GLY A 28 3.77 4.22 -15.72
C GLY A 28 3.55 5.58 -15.13
N MET A 29 3.55 5.65 -13.81
CA MET A 29 3.48 6.91 -13.09
C MET A 29 4.40 6.84 -11.88
N SER A 30 5.06 7.94 -11.58
CA SER A 30 5.99 8.00 -10.46
C SER A 30 5.74 9.24 -9.61
N HIS A 31 5.28 9.02 -8.38
CA HIS A 31 4.93 10.12 -7.49
C HIS A 31 4.32 9.57 -6.20
N GLN A 32 4.12 10.46 -5.23
CA GLN A 32 3.45 10.15 -3.97
C GLN A 32 4.32 9.28 -3.05
N GLY A 33 4.13 9.46 -1.76
CA GLY A 33 4.89 8.70 -0.79
C GLY A 33 4.18 7.44 -0.34
N SER A 34 3.00 7.20 -0.90
CA SER A 34 2.24 6.00 -0.57
C SER A 34 1.29 5.65 -1.70
N LEU A 35 1.03 4.36 -1.88
CA LEU A 35 0.08 3.89 -2.87
C LEU A 35 -0.73 2.74 -2.31
N LEU A 36 -2.01 2.71 -2.65
CA LEU A 36 -2.90 1.67 -2.18
C LEU A 36 -3.18 0.70 -3.32
N PHE A 37 -2.57 -0.46 -3.25
CA PHE A 37 -2.70 -1.45 -4.30
C PHE A 37 -3.77 -2.48 -3.95
N LEU A 38 -4.87 -2.44 -4.70
CA LEU A 38 -5.88 -3.47 -4.61
C LEU A 38 -5.54 -4.58 -5.60
N PRO A 39 -6.15 -5.77 -5.46
CA PRO A 39 -5.85 -6.91 -6.34
C PRO A 39 -6.27 -6.72 -7.80
N ASP A 40 -6.61 -5.49 -8.17
CA ASP A 40 -7.01 -5.17 -9.54
C ASP A 40 -6.92 -3.67 -9.81
N ALA A 41 -7.34 -2.87 -8.83
CA ALA A 41 -7.35 -1.42 -8.99
C ALA A 41 -6.23 -0.76 -8.18
N VAL A 42 -5.55 0.18 -8.80
CA VAL A 42 -4.49 0.92 -8.12
C VAL A 42 -4.99 2.30 -7.71
N TRP A 43 -4.81 2.63 -6.44
CA TRP A 43 -5.24 3.92 -5.91
C TRP A 43 -4.07 4.70 -5.34
N GLY A 44 -4.11 6.02 -5.48
CA GLY A 44 -3.08 6.86 -4.92
C GLY A 44 -3.36 7.16 -3.46
N TRP A 45 -2.36 7.00 -2.61
CA TRP A 45 -2.56 7.15 -1.18
C TRP A 45 -1.67 8.26 -0.65
N ASP A 46 -2.25 9.42 -0.35
CA ASP A 46 -1.47 10.55 0.11
C ASP A 46 -1.12 10.41 1.58
N VAL A 47 -0.03 9.69 1.84
CA VAL A 47 0.45 9.46 3.19
C VAL A 47 1.96 9.66 3.22
N THR A 48 2.47 10.22 4.31
CA THR A 48 3.91 10.42 4.47
C THR A 48 4.39 9.90 5.83
N LYS A 49 3.43 9.47 6.66
CA LYS A 49 3.74 8.98 8.00
C LYS A 49 2.95 7.72 8.28
N PRO A 50 3.58 6.70 8.89
CA PRO A 50 2.88 5.49 9.35
C PRO A 50 1.86 5.83 10.43
N GLU A 51 2.05 7.00 11.04
CA GLU A 51 1.16 7.53 12.05
C GLU A 51 -0.16 8.00 11.45
N GLN A 52 -0.18 8.11 10.12
CA GLN A 52 -1.31 8.68 9.41
C GLN A 52 -2.32 7.59 9.00
N ILE A 53 -2.24 6.45 9.66
CA ILE A 53 -3.10 5.32 9.31
C ILE A 53 -4.27 5.17 10.29
N ASP A 54 -5.45 5.60 9.84
CA ASP A 54 -6.68 5.42 10.60
C ASP A 54 -7.67 4.62 9.74
N ARG A 55 -8.84 4.32 10.27
CA ARG A 55 -9.87 3.63 9.50
C ARG A 55 -10.32 4.52 8.34
N TYR A 56 -10.17 5.83 8.52
CA TYR A 56 -10.44 6.80 7.46
C TYR A 56 -9.44 6.61 6.32
N SER A 57 -8.19 6.36 6.67
CA SER A 57 -7.14 6.13 5.69
C SER A 57 -7.37 4.79 4.98
N LEU A 58 -7.92 3.84 5.73
CA LEU A 58 -8.19 2.51 5.20
C LEU A 58 -9.63 2.42 4.69
N GLN A 59 -10.18 3.55 4.29
CA GLN A 59 -11.57 3.64 3.83
C GLN A 59 -11.85 2.64 2.71
N ARG A 60 -10.91 2.50 1.78
CA ARG A 60 -11.05 1.57 0.68
C ARG A 60 -11.01 0.13 1.18
N VAL A 61 -10.20 -0.12 2.20
CA VAL A 61 -10.00 -1.46 2.74
C VAL A 61 -11.26 -1.93 3.46
N PHE A 62 -11.88 -1.05 4.23
CA PHE A 62 -13.09 -1.39 4.97
C PHE A 62 -14.28 -1.56 4.02
N ASP A 63 -14.16 -0.99 2.83
CA ASP A 63 -15.24 -1.08 1.84
C ASP A 63 -15.11 -2.38 1.05
N ASN A 64 -13.93 -2.64 0.52
CA ASN A 64 -13.67 -3.84 -0.28
C ASN A 64 -13.21 -4.99 0.62
N ALA A 65 -13.59 -4.93 1.88
CA ALA A 65 -13.11 -5.86 2.91
C ALA A 65 -13.36 -7.33 2.53
N ASN A 66 -14.49 -7.61 1.90
CA ASN A 66 -14.85 -8.98 1.53
C ASN A 66 -13.76 -9.58 0.62
N ALA A 67 -13.24 -8.77 -0.29
CA ALA A 67 -12.27 -9.26 -1.27
C ALA A 67 -10.85 -9.25 -0.71
N ILE A 68 -10.67 -8.60 0.43
CA ILE A 68 -9.36 -8.49 1.05
C ILE A 68 -9.22 -9.46 2.22
N ASP A 69 -8.42 -10.50 2.03
CA ASP A 69 -8.17 -11.46 3.09
C ASP A 69 -6.92 -11.06 3.85
N THR A 70 -5.89 -10.66 3.11
CA THR A 70 -4.64 -10.25 3.71
C THR A 70 -4.32 -8.80 3.35
N LEU A 71 -4.06 -7.99 4.36
CA LEU A 71 -3.70 -6.60 4.15
C LEU A 71 -2.25 -6.38 4.56
N ILE A 72 -1.38 -6.24 3.57
CA ILE A 72 0.03 -6.03 3.83
C ILE A 72 0.35 -4.55 3.81
N VAL A 73 0.84 -4.05 4.94
CA VAL A 73 1.18 -2.64 5.07
C VAL A 73 2.69 -2.46 5.20
N GLY A 74 3.26 -1.77 4.23
CA GLY A 74 4.67 -1.46 4.26
C GLY A 74 4.91 -0.11 4.90
N THR A 75 5.44 -0.11 6.11
CA THR A 75 5.58 1.12 6.87
C THR A 75 6.91 1.83 6.60
N GLY A 76 7.42 1.67 5.40
CA GLY A 76 8.66 2.32 5.02
C GLY A 76 9.88 1.55 5.46
N ALA A 77 10.17 1.62 6.76
CA ALA A 77 11.34 0.96 7.32
C ALA A 77 10.99 0.28 8.63
N ASP A 78 10.72 1.07 9.65
CA ASP A 78 10.36 0.54 10.96
C ASP A 78 8.88 0.16 10.98
N VAL A 79 8.59 -1.00 11.56
CA VAL A 79 7.23 -1.51 11.62
C VAL A 79 6.41 -0.73 12.65
N TRP A 80 5.32 -0.15 12.19
CA TRP A 80 4.42 0.59 13.06
C TRP A 80 3.24 -0.29 13.45
N ILE A 81 2.98 -0.38 14.74
CA ILE A 81 1.89 -1.19 15.24
C ILE A 81 0.61 -0.37 15.35
N ALA A 82 -0.40 -0.75 14.58
CA ALA A 82 -1.67 -0.08 14.57
C ALA A 82 -2.36 -0.16 15.93
N PRO A 83 -3.26 0.79 16.24
CA PRO A 83 -4.03 0.80 17.48
C PRO A 83 -4.69 -0.56 17.76
N ARG A 84 -4.70 -0.93 19.03
CA ARG A 84 -5.19 -2.24 19.46
C ARG A 84 -6.57 -2.57 18.89
N GLN A 85 -7.51 -1.64 19.03
CA GLN A 85 -8.88 -1.89 18.59
C GLN A 85 -9.01 -1.77 17.07
N LEU A 86 -8.08 -1.07 16.44
CA LEU A 86 -8.05 -0.98 14.99
C LEU A 86 -7.51 -2.28 14.41
N ARG A 87 -6.50 -2.82 15.08
CA ARG A 87 -5.95 -4.13 14.73
C ARG A 87 -7.04 -5.18 14.85
N GLU A 88 -7.75 -5.15 15.97
CA GLU A 88 -8.84 -6.07 16.23
C GLU A 88 -9.96 -5.90 15.20
N ALA A 89 -10.25 -4.64 14.86
CA ALA A 89 -11.29 -4.33 13.89
C ALA A 89 -11.03 -5.03 12.56
N LEU A 90 -9.80 -4.90 12.07
CA LEU A 90 -9.41 -5.50 10.80
C LEU A 90 -9.56 -7.02 10.83
N ARG A 91 -8.95 -7.66 11.84
CA ARG A 91 -8.98 -9.11 11.95
C ARG A 91 -10.40 -9.63 12.19
N GLY A 92 -11.24 -8.80 12.78
CA GLY A 92 -12.63 -9.17 12.98
C GLY A 92 -13.37 -9.33 11.67
N VAL A 93 -12.92 -8.58 10.66
CA VAL A 93 -13.52 -8.64 9.34
C VAL A 93 -12.73 -9.61 8.45
N ASN A 94 -11.92 -10.45 9.12
CA ASN A 94 -11.12 -11.50 8.46
C ASN A 94 -9.85 -10.93 7.84
N VAL A 95 -9.79 -9.61 7.74
CA VAL A 95 -8.65 -8.93 7.14
C VAL A 95 -7.40 -9.07 8.02
N VAL A 96 -6.48 -9.91 7.59
CA VAL A 96 -5.24 -10.14 8.31
C VAL A 96 -4.27 -8.98 8.08
N LEU A 97 -4.01 -8.22 9.14
CA LEU A 97 -3.08 -7.10 9.08
C LEU A 97 -1.64 -7.58 9.15
N ASP A 98 -0.88 -7.35 8.10
CA ASP A 98 0.52 -7.73 8.07
C ASP A 98 1.40 -6.51 7.90
N THR A 99 2.15 -6.19 8.93
CA THR A 99 3.05 -5.04 8.90
C THR A 99 4.47 -5.47 8.56
N MET A 100 4.98 -4.97 7.44
CA MET A 100 6.26 -5.40 6.92
C MET A 100 7.03 -4.21 6.34
N GLN A 101 8.33 -4.37 6.14
CA GLN A 101 9.12 -3.38 5.41
C GLN A 101 8.64 -3.33 3.98
N THR A 102 8.57 -2.13 3.41
CA THR A 102 7.98 -1.92 2.09
C THR A 102 8.62 -2.81 1.01
N GLY A 103 9.95 -2.88 0.99
CA GLY A 103 10.65 -3.69 -0.01
C GLY A 103 10.17 -5.14 -0.05
N PRO A 104 10.45 -5.93 1.00
CA PRO A 104 9.98 -7.31 1.08
C PRO A 104 8.47 -7.42 0.89
N ALA A 105 7.73 -6.44 1.41
CA ALA A 105 6.28 -6.43 1.27
C ALA A 105 5.87 -6.38 -0.20
N ILE A 106 6.60 -5.60 -0.99
CA ILE A 106 6.37 -5.53 -2.43
C ILE A 106 6.52 -6.91 -3.06
N ARG A 107 7.58 -7.61 -2.67
CA ARG A 107 7.82 -8.94 -3.22
C ARG A 107 6.75 -9.93 -2.75
N THR A 108 6.36 -9.84 -1.47
CA THR A 108 5.29 -10.68 -0.95
C THR A 108 4.01 -10.47 -1.75
N TYR A 109 3.68 -9.21 -1.99
CA TYR A 109 2.52 -8.85 -2.79
C TYR A 109 2.65 -9.38 -4.22
N ASN A 110 3.82 -9.17 -4.81
CA ASN A 110 4.11 -9.62 -6.18
C ASN A 110 3.81 -11.11 -6.36
N ILE A 111 4.26 -11.91 -5.39
CA ILE A 111 4.06 -13.35 -5.45
C ILE A 111 2.59 -13.69 -5.21
N MET A 112 2.01 -13.11 -4.15
CA MET A 112 0.67 -13.46 -3.73
C MET A 112 -0.38 -13.04 -4.75
N ILE A 113 -0.15 -11.89 -5.40
CA ILE A 113 -1.12 -11.36 -6.36
C ILE A 113 -1.23 -12.24 -7.59
N GLY A 114 -0.18 -13.01 -7.87
CA GLY A 114 -0.21 -13.91 -9.01
C GLY A 114 -0.59 -15.32 -8.61
N GLU A 115 -0.50 -15.60 -7.32
CA GLU A 115 -0.80 -16.94 -6.82
C GLU A 115 -2.28 -17.08 -6.49
N ARG A 116 -2.75 -16.30 -5.52
CA ARG A 116 -4.10 -16.46 -5.00
C ARG A 116 -4.87 -15.15 -4.99
N ARG A 117 -4.14 -14.02 -5.01
CA ARG A 117 -4.76 -12.70 -4.83
C ARG A 117 -5.32 -12.59 -3.41
N ARG A 118 -6.48 -11.91 -3.29
CA ARG A 118 -7.13 -11.71 -1.99
C ARG A 118 -6.26 -10.87 -1.07
N VAL A 119 -5.35 -10.12 -1.67
CA VAL A 119 -4.38 -9.35 -0.93
C VAL A 119 -4.41 -7.88 -1.37
N ALA A 120 -4.30 -7.00 -0.40
CA ALA A 120 -4.18 -5.57 -0.67
C ALA A 120 -2.89 -5.04 -0.07
N ALA A 121 -2.20 -4.20 -0.82
CA ALA A 121 -0.92 -3.70 -0.39
C ALA A 121 -0.97 -2.20 -0.11
N ALA A 122 -0.86 -1.84 1.17
CA ALA A 122 -0.76 -0.46 1.55
C ALA A 122 0.69 -0.11 1.76
N LEU A 123 1.33 0.45 0.74
CA LEU A 123 2.76 0.65 0.76
C LEU A 123 3.10 2.11 0.99
N ILE A 124 3.84 2.37 2.06
CA ILE A 124 4.31 3.70 2.38
C ILE A 124 5.83 3.77 2.16
N ALA A 125 6.30 4.90 1.66
CA ALA A 125 7.73 5.11 1.47
C ALA A 125 8.32 5.78 2.71
N VAL A 126 9.62 5.99 2.70
CA VAL A 126 10.29 6.67 3.80
C VAL A 126 9.96 8.16 3.80
N PRO A 127 9.75 8.74 4.99
CA PRO A 127 9.42 10.17 5.13
C PRO A 127 10.56 11.08 4.66
N LEU A 128 10.55 11.36 3.37
CA LEU A 128 11.59 12.19 2.75
C LEU A 128 11.40 13.66 3.12
N GLU A 129 10.16 14.12 3.11
CA GLU A 129 9.88 15.52 3.37
C GLU A 129 9.48 15.73 4.83
N HIS A 130 9.18 16.98 5.15
CA HIS A 130 8.80 17.36 6.50
C HIS A 130 7.63 18.34 6.45
N HIS A 131 6.45 17.86 6.81
CA HIS A 131 5.24 18.66 6.72
C HIS A 131 4.48 18.66 8.03
N HIS A 132 4.67 19.71 8.82
CA HIS A 132 3.86 19.90 10.02
C HIS A 132 2.52 20.50 9.66
N HIS A 133 1.68 19.70 9.01
CA HIS A 133 0.36 20.14 8.61
C HIS A 133 -0.56 20.15 9.82
N HIS A 134 -0.50 19.08 10.60
CA HIS A 134 -1.29 18.97 11.82
C HIS A 134 -0.49 18.26 12.89
N HIS A 135 0.29 17.28 12.47
CA HIS A 135 1.11 16.50 13.38
C HIS A 135 2.37 16.04 12.66
N MET A 1 -12.62 10.94 -15.61
CA MET A 1 -12.47 11.57 -16.96
C MET A 1 -12.77 10.54 -18.03
N ALA A 2 -13.56 10.94 -19.02
CA ALA A 2 -14.03 10.00 -20.04
C ALA A 2 -13.39 10.27 -21.39
N GLN A 3 -12.50 9.37 -21.79
CA GLN A 3 -11.94 9.39 -23.14
C GLN A 3 -12.33 8.10 -23.85
N ARG A 4 -12.14 8.05 -25.15
CA ARG A 4 -12.35 6.82 -25.88
C ARG A 4 -11.19 5.87 -25.61
N SER A 5 -11.29 5.14 -24.51
CA SER A 5 -10.23 4.24 -24.10
C SER A 5 -10.84 3.02 -23.42
N GLU A 6 -10.22 1.87 -23.61
CA GLU A 6 -10.69 0.64 -23.00
C GLU A 6 -10.04 0.45 -21.64
N ILE A 7 -9.11 1.34 -21.33
CA ILE A 7 -8.46 1.35 -20.03
C ILE A 7 -8.53 2.75 -19.43
N PRO A 8 -9.55 3.01 -18.59
CA PRO A 8 -9.74 4.31 -17.96
C PRO A 8 -9.09 4.40 -16.59
N HIS A 9 -8.00 3.68 -16.42
CA HIS A 9 -7.30 3.58 -15.14
C HIS A 9 -5.94 2.93 -15.33
N PHE A 10 -5.26 2.63 -14.23
CA PHE A 10 -4.00 1.89 -14.29
C PHE A 10 -4.24 0.53 -14.96
N PRO A 11 -3.25 0.04 -15.74
CA PRO A 11 -3.40 -1.19 -16.55
C PRO A 11 -3.48 -2.48 -15.74
N ARG A 12 -4.08 -2.40 -14.54
CA ARG A 12 -4.28 -3.55 -13.67
C ARG A 12 -2.97 -4.27 -13.40
N THR A 13 -1.92 -3.49 -13.22
CA THR A 13 -0.60 -4.03 -13.00
C THR A 13 -0.34 -4.25 -11.51
N ALA A 14 0.37 -5.32 -11.20
CA ALA A 14 0.76 -5.62 -9.84
C ALA A 14 2.26 -5.73 -9.74
N ALA A 15 2.92 -5.43 -10.85
CA ALA A 15 4.36 -5.53 -10.94
C ALA A 15 5.01 -4.18 -10.67
N ILE A 16 5.63 -4.05 -9.51
CA ILE A 16 6.41 -2.87 -9.19
C ILE A 16 7.75 -2.96 -9.90
N ASP A 17 7.91 -2.13 -10.92
CA ASP A 17 9.07 -2.22 -11.80
C ASP A 17 10.36 -1.91 -11.05
N ALA A 18 10.44 -0.71 -10.50
CA ALA A 18 11.62 -0.29 -9.78
C ALA A 18 11.26 0.61 -8.61
N TYR A 19 12.16 0.71 -7.66
CA TYR A 19 11.98 1.63 -6.54
C TYR A 19 13.05 2.71 -6.60
N GLY A 20 12.63 3.94 -6.80
CA GLY A 20 13.57 5.02 -6.97
C GLY A 20 13.47 6.04 -5.86
N LYS A 21 14.17 7.16 -6.04
CA LYS A 21 14.17 8.21 -5.05
C LYS A 21 13.03 9.19 -5.34
N GLY A 22 12.14 9.33 -4.37
CA GLY A 22 10.98 10.18 -4.56
C GLY A 22 9.69 9.40 -4.66
N GLY A 23 9.80 8.08 -4.86
CA GLY A 23 8.61 7.24 -4.92
C GLY A 23 8.81 6.00 -5.78
N PHE A 24 7.72 5.28 -6.01
CA PHE A 24 7.76 4.06 -6.82
C PHE A 24 7.86 4.40 -8.30
N TYR A 25 8.36 3.44 -9.08
CA TYR A 25 8.54 3.64 -10.51
C TYR A 25 8.10 2.39 -11.28
N PHE A 26 7.30 2.61 -12.31
CA PHE A 26 6.94 1.56 -13.24
C PHE A 26 6.87 2.13 -14.64
N ALA A 27 6.60 1.28 -15.63
CA ALA A 27 6.50 1.73 -17.01
C ALA A 27 5.37 2.75 -17.17
N GLY A 28 5.75 4.02 -17.30
CA GLY A 28 4.78 5.07 -17.48
C GLY A 28 4.85 6.11 -16.38
N MET A 29 3.96 6.00 -15.40
CA MET A 29 3.87 6.99 -14.34
C MET A 29 4.78 6.60 -13.17
N SER A 30 5.24 7.59 -12.43
CA SER A 30 6.16 7.35 -11.32
C SER A 30 6.12 8.50 -10.32
N HIS A 31 7.06 8.47 -9.36
CA HIS A 31 7.15 9.49 -8.30
C HIS A 31 5.95 9.35 -7.35
N GLN A 32 5.41 8.16 -7.31
CA GLN A 32 4.26 7.87 -6.46
C GLN A 32 4.75 7.31 -5.13
N GLY A 33 4.68 8.12 -4.08
CA GLY A 33 5.22 7.73 -2.80
C GLY A 33 4.27 6.87 -1.98
N SER A 34 3.00 7.25 -1.97
CA SER A 34 2.00 6.53 -1.19
C SER A 34 0.99 5.87 -2.11
N LEU A 35 0.96 4.55 -2.11
CA LEU A 35 0.08 3.81 -3.00
C LEU A 35 -0.69 2.74 -2.27
N LEU A 36 -1.96 2.63 -2.60
CA LEU A 36 -2.80 1.57 -2.08
C LEU A 36 -3.05 0.56 -3.19
N PHE A 37 -2.32 -0.53 -3.15
CA PHE A 37 -2.42 -1.56 -4.16
C PHE A 37 -3.58 -2.50 -3.86
N LEU A 38 -4.68 -2.31 -4.58
CA LEU A 38 -5.80 -3.22 -4.46
C LEU A 38 -5.62 -4.34 -5.47
N PRO A 39 -6.18 -5.53 -5.18
CA PRO A 39 -6.02 -6.73 -6.01
C PRO A 39 -6.74 -6.64 -7.36
N ASP A 40 -6.72 -5.47 -7.98
CA ASP A 40 -7.39 -5.26 -9.25
C ASP A 40 -7.01 -3.91 -9.84
N ALA A 41 -6.83 -2.92 -8.98
CA ALA A 41 -6.49 -1.57 -9.42
C ALA A 41 -5.58 -0.89 -8.41
N VAL A 42 -4.68 -0.05 -8.92
CA VAL A 42 -3.76 0.69 -8.06
C VAL A 42 -4.28 2.10 -7.80
N TRP A 43 -4.37 2.47 -6.53
CA TRP A 43 -4.85 3.80 -6.17
C TRP A 43 -3.78 4.56 -5.40
N GLY A 44 -3.82 5.88 -5.49
CA GLY A 44 -2.92 6.71 -4.72
C GLY A 44 -3.45 6.96 -3.33
N TRP A 45 -2.63 6.68 -2.32
CA TRP A 45 -3.05 6.81 -0.94
C TRP A 45 -2.65 8.20 -0.42
N ASP A 46 -3.40 8.71 0.54
CA ASP A 46 -3.20 10.09 1.01
C ASP A 46 -2.36 10.12 2.28
N VAL A 47 -1.66 9.04 2.54
CA VAL A 47 -0.79 8.95 3.72
C VAL A 47 0.66 8.84 3.30
N THR A 48 1.36 9.97 3.27
CA THR A 48 2.74 10.00 2.82
C THR A 48 3.70 9.77 3.98
N LYS A 49 3.30 10.17 5.18
CA LYS A 49 4.09 9.93 6.36
C LYS A 49 3.36 8.96 7.29
N PRO A 50 4.07 7.94 7.80
CA PRO A 50 3.49 6.92 8.67
C PRO A 50 2.88 7.49 9.94
N GLU A 51 2.24 6.61 10.73
CA GLU A 51 1.56 6.97 11.98
C GLU A 51 0.23 7.67 11.70
N GLN A 52 -0.03 7.98 10.43
CA GLN A 52 -1.32 8.56 10.04
C GLN A 52 -2.26 7.46 9.58
N ILE A 53 -2.01 6.25 10.05
CA ILE A 53 -2.83 5.10 9.68
C ILE A 53 -4.01 5.00 10.64
N ASP A 54 -5.17 5.44 10.17
CA ASP A 54 -6.37 5.50 10.99
C ASP A 54 -7.56 4.89 10.25
N ARG A 55 -8.67 4.74 10.95
CA ARG A 55 -9.92 4.25 10.36
C ARG A 55 -10.30 5.05 9.13
N TYR A 56 -10.06 6.36 9.19
CA TYR A 56 -10.32 7.24 8.06
C TYR A 56 -9.42 6.88 6.87
N SER A 57 -8.15 6.62 7.15
CA SER A 57 -7.17 6.32 6.13
C SER A 57 -7.46 4.96 5.49
N LEU A 58 -7.95 4.02 6.30
CA LEU A 58 -8.20 2.66 5.84
C LEU A 58 -9.68 2.45 5.51
N GLN A 59 -10.42 3.55 5.37
CA GLN A 59 -11.85 3.47 5.13
C GLN A 59 -12.14 2.73 3.82
N ARG A 60 -11.27 2.92 2.83
CA ARG A 60 -11.41 2.25 1.55
C ARG A 60 -11.21 0.74 1.71
N VAL A 61 -10.39 0.36 2.68
CA VAL A 61 -10.14 -1.04 2.97
C VAL A 61 -11.41 -1.70 3.50
N PHE A 62 -12.14 -0.96 4.34
CA PHE A 62 -13.41 -1.44 4.86
C PHE A 62 -14.43 -1.61 3.74
N ASP A 63 -14.37 -0.73 2.75
CA ASP A 63 -15.31 -0.77 1.64
C ASP A 63 -14.99 -1.90 0.67
N ASN A 64 -13.71 -2.06 0.35
CA ASN A 64 -13.29 -3.11 -0.58
C ASN A 64 -12.91 -4.39 0.15
N ALA A 65 -13.46 -4.55 1.35
CA ALA A 65 -13.14 -5.71 2.21
C ALA A 65 -13.50 -7.03 1.53
N ASN A 66 -14.43 -7.00 0.58
CA ASN A 66 -14.86 -8.22 -0.10
C ASN A 66 -13.85 -8.67 -1.14
N ALA A 67 -12.76 -7.91 -1.28
CA ALA A 67 -11.69 -8.26 -2.20
C ALA A 67 -10.35 -8.29 -1.48
N ILE A 68 -10.39 -8.12 -0.17
CA ILE A 68 -9.17 -8.05 0.62
C ILE A 68 -9.13 -9.17 1.66
N ASP A 69 -8.21 -10.10 1.46
CA ASP A 69 -7.97 -11.16 2.43
C ASP A 69 -6.82 -10.75 3.33
N THR A 70 -5.72 -10.37 2.70
CA THR A 70 -4.54 -9.94 3.43
C THR A 70 -4.29 -8.46 3.19
N LEU A 71 -4.04 -7.72 4.27
CA LEU A 71 -3.73 -6.31 4.17
C LEU A 71 -2.29 -6.05 4.60
N ILE A 72 -1.41 -5.90 3.62
CA ILE A 72 -0.01 -5.65 3.90
C ILE A 72 0.25 -4.16 3.95
N VAL A 73 0.68 -3.68 5.11
CA VAL A 73 0.97 -2.26 5.28
C VAL A 73 2.47 -2.04 5.38
N GLY A 74 3.02 -1.33 4.39
CA GLY A 74 4.43 -1.02 4.39
C GLY A 74 4.70 0.32 5.05
N THR A 75 5.15 0.29 6.29
CA THR A 75 5.29 1.51 7.09
C THR A 75 6.70 2.08 7.03
N GLY A 76 7.29 2.05 5.84
CA GLY A 76 8.61 2.64 5.65
C GLY A 76 9.72 1.68 5.99
N ALA A 77 10.73 2.18 6.66
CA ALA A 77 11.90 1.37 7.01
C ALA A 77 11.83 0.93 8.46
N ASP A 78 10.70 1.16 9.10
CA ASP A 78 10.53 0.84 10.50
C ASP A 78 9.24 0.05 10.70
N VAL A 79 9.23 -0.82 11.70
CA VAL A 79 8.05 -1.64 11.97
C VAL A 79 7.08 -0.88 12.86
N TRP A 80 5.96 -0.47 12.28
CA TRP A 80 4.91 0.21 13.04
C TRP A 80 3.90 -0.83 13.55
N ILE A 81 3.75 -0.89 14.86
CA ILE A 81 2.86 -1.87 15.46
C ILE A 81 1.44 -1.31 15.54
N ALA A 82 0.52 -1.96 14.85
CA ALA A 82 -0.87 -1.56 14.85
C ALA A 82 -1.53 -1.93 16.17
N PRO A 83 -2.24 -0.98 16.79
CA PRO A 83 -2.97 -1.20 18.04
C PRO A 83 -3.92 -2.38 17.94
N ARG A 84 -4.04 -3.12 19.04
CA ARG A 84 -4.85 -4.33 19.07
C ARG A 84 -6.32 -4.03 18.80
N GLN A 85 -6.76 -2.85 19.18
CA GLN A 85 -8.12 -2.41 18.91
C GLN A 85 -8.36 -2.32 17.40
N LEU A 86 -7.44 -1.64 16.71
CA LEU A 86 -7.52 -1.46 15.27
C LEU A 86 -7.36 -2.79 14.55
N ARG A 87 -6.41 -3.59 15.00
CA ARG A 87 -6.12 -4.87 14.38
C ARG A 87 -7.30 -5.82 14.50
N GLU A 88 -7.89 -5.91 15.70
CA GLU A 88 -9.03 -6.79 15.91
C GLU A 88 -10.23 -6.33 15.10
N ALA A 89 -10.36 -5.01 14.96
CA ALA A 89 -11.44 -4.43 14.16
C ALA A 89 -11.35 -4.91 12.71
N LEU A 90 -10.17 -4.74 12.12
CA LEU A 90 -9.92 -5.20 10.75
C LEU A 90 -10.10 -6.71 10.65
N ARG A 91 -9.63 -7.41 11.68
CA ARG A 91 -9.74 -8.86 11.75
C ARG A 91 -11.21 -9.28 11.71
N GLY A 92 -12.05 -8.51 12.39
CA GLY A 92 -13.47 -8.79 12.41
C GLY A 92 -14.14 -8.54 11.06
N VAL A 93 -13.51 -7.68 10.25
CA VAL A 93 -14.01 -7.39 8.92
C VAL A 93 -13.47 -8.42 7.92
N ASN A 94 -12.82 -9.45 8.47
CA ASN A 94 -12.26 -10.56 7.69
C ASN A 94 -10.98 -10.13 6.96
N VAL A 95 -10.46 -8.98 7.34
CA VAL A 95 -9.24 -8.47 6.75
C VAL A 95 -8.04 -8.81 7.62
N VAL A 96 -7.17 -9.67 7.12
CA VAL A 96 -5.98 -10.05 7.85
C VAL A 96 -4.93 -8.95 7.78
N LEU A 97 -4.81 -8.20 8.87
CA LEU A 97 -3.87 -7.10 8.94
C LEU A 97 -2.45 -7.59 9.15
N ASP A 98 -1.55 -7.19 8.27
CA ASP A 98 -0.15 -7.57 8.37
C ASP A 98 0.74 -6.37 8.08
N THR A 99 1.50 -5.93 9.07
CA THR A 99 2.35 -4.77 8.91
C THR A 99 3.80 -5.20 8.69
N MET A 100 4.48 -4.53 7.77
CA MET A 100 5.84 -4.89 7.41
C MET A 100 6.57 -3.67 6.85
N GLN A 101 7.89 -3.70 6.88
CA GLN A 101 8.69 -2.65 6.26
C GLN A 101 8.48 -2.67 4.76
N THR A 102 8.48 -1.50 4.13
CA THR A 102 8.13 -1.35 2.72
C THR A 102 8.96 -2.27 1.81
N GLY A 103 10.25 -2.40 2.11
CA GLY A 103 11.12 -3.26 1.32
C GLY A 103 10.62 -4.69 1.26
N PRO A 104 10.64 -5.42 2.39
CA PRO A 104 10.11 -6.78 2.47
C PRO A 104 8.63 -6.86 2.08
N ALA A 105 7.91 -5.76 2.25
CA ALA A 105 6.50 -5.71 1.87
C ALA A 105 6.33 -5.83 0.36
N ILE A 106 7.22 -5.17 -0.39
CA ILE A 106 7.23 -5.31 -1.84
C ILE A 106 7.51 -6.76 -2.22
N ARG A 107 8.47 -7.35 -1.51
CA ARG A 107 8.83 -8.74 -1.70
C ARG A 107 7.62 -9.66 -1.49
N THR A 108 6.99 -9.55 -0.33
CA THR A 108 5.87 -10.43 0.03
C THR A 108 4.67 -10.18 -0.86
N TYR A 109 4.36 -8.91 -1.13
CA TYR A 109 3.25 -8.56 -2.01
C TYR A 109 3.43 -9.16 -3.39
N ASN A 110 4.66 -9.07 -3.91
CA ASN A 110 4.97 -9.59 -5.23
C ASN A 110 4.74 -11.10 -5.28
N ILE A 111 5.07 -11.78 -4.19
CA ILE A 111 4.86 -13.22 -4.09
C ILE A 111 3.37 -13.56 -3.96
N MET A 112 2.66 -12.76 -3.18
CA MET A 112 1.24 -12.99 -2.94
C MET A 112 0.39 -12.70 -4.17
N ILE A 113 1.00 -12.21 -5.24
CA ILE A 113 0.27 -11.99 -6.48
C ILE A 113 -0.14 -13.33 -7.09
N GLY A 114 0.84 -14.20 -7.31
CA GLY A 114 0.56 -15.51 -7.88
C GLY A 114 -0.01 -16.48 -6.86
N GLU A 115 0.05 -16.11 -5.59
CA GLU A 115 -0.50 -16.96 -4.53
C GLU A 115 -1.92 -16.56 -4.18
N ARG A 116 -2.10 -15.30 -3.81
CA ARG A 116 -3.36 -14.82 -3.26
C ARG A 116 -4.17 -14.07 -4.31
N ARG A 117 -3.63 -12.94 -4.77
CA ARG A 117 -4.32 -12.01 -5.66
C ARG A 117 -5.56 -11.45 -4.95
N ARG A 118 -5.55 -11.56 -3.63
CA ARG A 118 -6.61 -11.02 -2.79
C ARG A 118 -5.94 -10.29 -1.63
N VAL A 119 -4.84 -9.65 -1.95
CA VAL A 119 -4.05 -8.94 -0.97
C VAL A 119 -3.96 -7.46 -1.32
N ALA A 120 -4.24 -6.61 -0.35
CA ALA A 120 -4.14 -5.18 -0.54
C ALA A 120 -2.88 -4.66 0.13
N ALA A 121 -2.08 -3.94 -0.62
CA ALA A 121 -0.81 -3.45 -0.10
C ALA A 121 -0.80 -1.94 0.02
N ALA A 122 -0.82 -1.46 1.24
CA ALA A 122 -0.67 -0.03 1.50
C ALA A 122 0.80 0.28 1.65
N LEU A 123 1.42 0.71 0.56
CA LEU A 123 2.86 0.87 0.53
C LEU A 123 3.24 2.34 0.58
N ILE A 124 3.94 2.72 1.63
CA ILE A 124 4.46 4.06 1.77
C ILE A 124 5.96 4.05 1.50
N ALA A 125 6.40 4.88 0.55
CA ALA A 125 7.81 5.02 0.26
C ALA A 125 8.56 5.47 1.51
N VAL A 126 9.76 4.93 1.70
CA VAL A 126 10.53 5.22 2.89
C VAL A 126 10.92 6.69 2.95
N PRO A 127 10.55 7.38 4.04
CA PRO A 127 10.89 8.78 4.24
C PRO A 127 12.40 8.96 4.32
N LEU A 128 12.96 9.56 3.28
CA LEU A 128 14.41 9.79 3.21
C LEU A 128 14.85 10.64 4.40
N GLU A 129 14.41 11.90 4.41
CA GLU A 129 14.65 12.81 5.52
C GLU A 129 16.15 13.10 5.67
N HIS A 130 16.86 12.24 6.38
CA HIS A 130 18.31 12.36 6.53
C HIS A 130 18.95 10.99 6.38
N HIS A 131 19.50 10.71 5.21
CA HIS A 131 20.09 9.41 4.94
C HIS A 131 21.62 9.50 4.96
N HIS A 132 22.17 10.50 4.27
CA HIS A 132 23.62 10.62 4.15
C HIS A 132 24.25 11.17 5.44
N HIS A 133 23.44 11.31 6.48
CA HIS A 133 23.94 11.70 7.80
C HIS A 133 22.88 11.41 8.85
N HIS A 134 23.29 10.76 9.93
CA HIS A 134 22.37 10.46 11.03
C HIS A 134 22.88 11.08 12.32
N HIS A 135 24.11 10.77 12.69
CA HIS A 135 24.71 11.30 13.90
C HIS A 135 26.15 11.74 13.63
N MET A 1 2.95 1.71 -28.34
CA MET A 1 1.75 1.26 -27.61
C MET A 1 0.64 0.95 -28.60
N ALA A 2 -0.44 0.35 -28.10
CA ALA A 2 -1.59 0.05 -28.93
C ALA A 2 -2.50 1.26 -29.08
N GLN A 3 -3.06 1.44 -30.26
CA GLN A 3 -3.99 2.53 -30.51
C GLN A 3 -5.37 2.18 -29.99
N ARG A 4 -6.12 3.19 -29.56
CA ARG A 4 -7.46 3.02 -29.03
C ARG A 4 -7.47 2.10 -27.81
N SER A 5 -7.16 2.66 -26.66
CA SER A 5 -7.16 1.92 -25.41
C SER A 5 -8.59 1.71 -24.94
N GLU A 6 -9.01 0.44 -24.86
CA GLU A 6 -10.38 0.10 -24.51
C GLU A 6 -10.75 0.64 -23.14
N ILE A 7 -10.00 0.26 -22.12
CA ILE A 7 -10.29 0.68 -20.76
C ILE A 7 -9.20 1.61 -20.23
N PRO A 8 -9.50 2.92 -20.14
CA PRO A 8 -8.57 3.90 -19.60
C PRO A 8 -8.47 3.81 -18.09
N HIS A 9 -7.41 3.16 -17.62
CA HIS A 9 -7.16 2.99 -16.19
C HIS A 9 -5.67 2.71 -15.97
N PHE A 10 -5.31 2.39 -14.73
CA PHE A 10 -3.97 1.93 -14.44
C PHE A 10 -3.75 0.56 -15.07
N PRO A 11 -2.53 0.28 -15.54
CA PRO A 11 -2.23 -0.94 -16.31
C PRO A 11 -2.22 -2.22 -15.47
N ARG A 12 -2.80 -2.14 -14.26
CA ARG A 12 -2.86 -3.29 -13.35
C ARG A 12 -1.44 -3.80 -13.06
N THR A 13 -0.78 -3.11 -12.15
CA THR A 13 0.63 -3.34 -11.88
C THR A 13 0.82 -4.40 -10.80
N ALA A 14 1.36 -5.54 -11.20
CA ALA A 14 1.58 -6.64 -10.27
C ALA A 14 3.00 -6.61 -9.71
N ALA A 15 3.81 -5.70 -10.22
CA ALA A 15 5.19 -5.57 -9.77
C ALA A 15 5.68 -4.13 -9.92
N ILE A 16 6.22 -3.59 -8.83
CA ILE A 16 6.80 -2.25 -8.85
C ILE A 16 8.01 -2.23 -9.77
N ASP A 17 8.09 -1.23 -10.65
CA ASP A 17 9.14 -1.19 -11.65
C ASP A 17 10.43 -0.65 -11.07
N ALA A 18 10.32 0.37 -10.23
CA ALA A 18 11.47 0.96 -9.56
C ALA A 18 11.03 1.86 -8.41
N TYR A 19 12.00 2.35 -7.65
CA TYR A 19 11.73 3.28 -6.56
C TYR A 19 12.77 4.40 -6.59
N GLY A 20 12.30 5.64 -6.67
CA GLY A 20 13.22 6.75 -6.81
C GLY A 20 12.87 7.91 -5.92
N LYS A 21 13.89 8.48 -5.26
CA LYS A 21 13.74 9.62 -4.36
C LYS A 21 12.90 9.23 -3.15
N GLY A 22 11.60 9.43 -3.27
CA GLY A 22 10.68 9.09 -2.21
C GLY A 22 9.33 8.72 -2.78
N GLY A 23 9.36 8.03 -3.91
CA GLY A 23 8.14 7.63 -4.57
C GLY A 23 8.32 6.37 -5.38
N PHE A 24 7.23 5.69 -5.65
CA PHE A 24 7.27 4.44 -6.37
C PHE A 24 7.11 4.68 -7.86
N TYR A 25 7.79 3.89 -8.65
CA TYR A 25 7.73 4.00 -10.09
C TYR A 25 7.26 2.69 -10.70
N PHE A 26 6.29 2.78 -11.60
CA PHE A 26 5.77 1.61 -12.28
C PHE A 26 5.65 1.91 -13.77
N ALA A 27 5.24 0.91 -14.53
CA ALA A 27 5.07 1.07 -15.98
C ALA A 27 4.04 2.16 -16.28
N GLY A 28 4.54 3.35 -16.59
CA GLY A 28 3.68 4.46 -16.89
C GLY A 28 4.16 5.76 -16.26
N MET A 29 3.95 5.88 -14.95
CA MET A 29 4.30 7.10 -14.24
C MET A 29 4.72 6.78 -12.81
N SER A 30 5.46 7.70 -12.20
CA SER A 30 5.88 7.54 -10.81
C SER A 30 4.94 8.34 -9.90
N HIS A 31 4.79 7.88 -8.66
CA HIS A 31 3.99 8.58 -7.67
C HIS A 31 4.60 8.47 -6.28
N GLN A 32 4.79 9.61 -5.64
CA GLN A 32 5.38 9.66 -4.30
C GLN A 32 4.29 9.59 -3.23
N GLY A 33 4.69 9.27 -2.02
CA GLY A 33 3.75 9.21 -0.92
C GLY A 33 3.37 7.79 -0.56
N SER A 34 2.22 7.35 -1.05
CA SER A 34 1.74 6.01 -0.76
C SER A 34 0.83 5.52 -1.88
N LEU A 35 0.91 4.24 -2.19
CA LEU A 35 0.10 3.66 -3.24
C LEU A 35 -0.67 2.44 -2.74
N LEU A 36 -1.93 2.34 -3.14
CA LEU A 36 -2.79 1.24 -2.74
C LEU A 36 -2.89 0.22 -3.87
N PHE A 37 -2.26 -0.91 -3.69
CA PHE A 37 -2.32 -1.98 -4.67
C PHE A 37 -3.49 -2.89 -4.36
N LEU A 38 -4.58 -2.68 -5.08
CA LEU A 38 -5.80 -3.46 -4.87
C LEU A 38 -5.88 -4.59 -5.89
N PRO A 39 -6.72 -5.61 -5.63
CA PRO A 39 -6.89 -6.76 -6.54
C PRO A 39 -7.40 -6.36 -7.93
N ASP A 40 -7.92 -5.14 -8.04
CA ASP A 40 -8.41 -4.62 -9.30
C ASP A 40 -7.34 -3.80 -10.00
N ALA A 41 -6.88 -2.75 -9.33
CA ALA A 41 -5.90 -1.84 -9.90
C ALA A 41 -5.15 -1.10 -8.79
N VAL A 42 -4.23 -0.24 -9.19
CA VAL A 42 -3.43 0.52 -8.24
C VAL A 42 -3.97 1.93 -8.10
N TRP A 43 -4.17 2.37 -6.87
CA TRP A 43 -4.65 3.71 -6.60
C TRP A 43 -3.68 4.45 -5.69
N GLY A 44 -3.98 5.70 -5.39
CA GLY A 44 -3.12 6.48 -4.53
C GLY A 44 -3.70 6.61 -3.13
N TRP A 45 -2.85 6.62 -2.12
CA TRP A 45 -3.29 6.75 -0.74
C TRP A 45 -2.81 8.09 -0.19
N ASP A 46 -3.72 8.81 0.46
CA ASP A 46 -3.42 10.17 0.92
C ASP A 46 -2.63 10.16 2.22
N VAL A 47 -2.28 8.98 2.65
CA VAL A 47 -1.47 8.81 3.85
C VAL A 47 0.00 8.72 3.44
N THR A 48 0.65 9.86 3.36
CA THR A 48 2.01 9.96 2.87
C THR A 48 3.03 9.64 3.95
N LYS A 49 2.56 9.49 5.18
CA LYS A 49 3.44 9.21 6.30
C LYS A 49 2.86 8.11 7.18
N PRO A 50 3.70 7.20 7.67
CA PRO A 50 3.28 6.12 8.55
C PRO A 50 2.78 6.65 9.91
N GLU A 51 2.33 5.74 10.77
CA GLU A 51 1.85 6.08 12.11
C GLU A 51 0.45 6.71 12.07
N GLN A 52 0.25 7.64 11.13
CA GLN A 52 -1.00 8.38 11.02
C GLN A 52 -2.09 7.56 10.32
N ILE A 53 -2.06 6.25 10.55
CA ILE A 53 -3.02 5.34 9.95
C ILE A 53 -4.09 4.94 10.96
N ASP A 54 -5.33 5.27 10.66
CA ASP A 54 -6.45 4.92 11.53
C ASP A 54 -7.62 4.43 10.68
N ARG A 55 -8.77 4.25 11.31
CA ARG A 55 -9.98 3.81 10.63
C ARG A 55 -10.32 4.76 9.48
N TYR A 56 -10.15 6.03 9.74
CA TYR A 56 -10.42 7.08 8.76
C TYR A 56 -9.50 6.94 7.55
N SER A 57 -8.25 6.56 7.82
CA SER A 57 -7.27 6.37 6.77
C SER A 57 -7.59 5.11 5.97
N LEU A 58 -8.12 4.12 6.67
CA LEU A 58 -8.46 2.84 6.06
C LEU A 58 -9.92 2.80 5.64
N GLN A 59 -10.56 3.97 5.57
CA GLN A 59 -11.97 4.05 5.19
C GLN A 59 -12.19 3.44 3.81
N ARG A 60 -11.25 3.70 2.90
CA ARG A 60 -11.32 3.17 1.56
C ARG A 60 -11.16 1.64 1.58
N VAL A 61 -10.45 1.16 2.60
CA VAL A 61 -10.22 -0.26 2.76
C VAL A 61 -11.44 -0.95 3.37
N PHE A 62 -12.03 -0.32 4.38
CA PHE A 62 -13.22 -0.86 5.05
C PHE A 62 -14.36 -1.07 4.06
N ASP A 63 -14.47 -0.20 3.08
CA ASP A 63 -15.51 -0.32 2.06
C ASP A 63 -15.34 -1.59 1.24
N ASN A 64 -14.10 -1.90 0.87
CA ASN A 64 -13.81 -3.05 0.04
C ASN A 64 -13.24 -4.19 0.90
N ALA A 65 -13.54 -4.14 2.19
CA ALA A 65 -12.99 -5.10 3.14
C ALA A 65 -13.50 -6.51 2.91
N ASN A 66 -14.59 -6.65 2.16
CA ASN A 66 -15.16 -7.96 1.86
C ASN A 66 -14.49 -8.59 0.65
N ALA A 67 -13.54 -7.87 0.06
CA ALA A 67 -12.79 -8.39 -1.07
C ALA A 67 -11.30 -8.46 -0.73
N ILE A 68 -10.95 -7.94 0.44
CA ILE A 68 -9.56 -7.90 0.87
C ILE A 68 -9.34 -8.88 2.02
N ASP A 69 -8.65 -9.97 1.72
CA ASP A 69 -8.33 -10.98 2.72
C ASP A 69 -7.14 -10.54 3.57
N THR A 70 -5.97 -10.49 2.94
CA THR A 70 -4.77 -10.05 3.62
C THR A 70 -4.41 -8.64 3.18
N LEU A 71 -3.96 -7.82 4.13
CA LEU A 71 -3.57 -6.45 3.85
C LEU A 71 -2.16 -6.20 4.34
N ILE A 72 -1.20 -6.14 3.42
CA ILE A 72 0.18 -5.88 3.78
C ILE A 72 0.47 -4.40 3.73
N VAL A 73 0.82 -3.83 4.87
CA VAL A 73 1.12 -2.42 4.96
C VAL A 73 2.62 -2.20 5.12
N GLY A 74 3.19 -1.46 4.18
CA GLY A 74 4.60 -1.14 4.24
C GLY A 74 4.83 0.22 4.85
N THR A 75 5.36 0.24 6.07
CA THR A 75 5.52 1.49 6.80
C THR A 75 6.85 2.17 6.46
N GLY A 76 7.47 1.72 5.39
CA GLY A 76 8.69 2.34 4.92
C GLY A 76 9.93 1.83 5.63
N ALA A 77 10.52 2.67 6.46
CA ALA A 77 11.77 2.35 7.12
C ALA A 77 11.53 1.70 8.48
N ASP A 78 10.91 2.44 9.38
CA ASP A 78 10.64 1.93 10.72
C ASP A 78 9.31 1.18 10.74
N VAL A 79 9.11 0.38 11.76
CA VAL A 79 7.90 -0.43 11.84
C VAL A 79 6.87 0.21 12.77
N TRP A 80 5.70 0.49 12.21
CA TRP A 80 4.59 0.99 13.00
C TRP A 80 3.71 -0.17 13.43
N ILE A 81 3.51 -0.32 14.72
CA ILE A 81 2.73 -1.42 15.25
C ILE A 81 1.26 -1.04 15.29
N ALA A 82 0.50 -1.62 14.37
CA ALA A 82 -0.94 -1.39 14.31
C ALA A 82 -1.60 -1.78 15.63
N PRO A 83 -2.37 -0.84 16.22
CA PRO A 83 -3.02 -1.05 17.53
C PRO A 83 -3.94 -2.25 17.52
N ARG A 84 -4.04 -2.92 18.68
CA ARG A 84 -4.89 -4.09 18.83
C ARG A 84 -6.32 -3.75 18.45
N GLN A 85 -6.78 -2.60 18.91
CA GLN A 85 -8.13 -2.13 18.65
C GLN A 85 -8.41 -2.06 17.15
N LEU A 86 -7.52 -1.39 16.43
CA LEU A 86 -7.67 -1.22 14.99
C LEU A 86 -7.56 -2.57 14.27
N ARG A 87 -6.63 -3.40 14.74
CA ARG A 87 -6.39 -4.69 14.14
C ARG A 87 -7.59 -5.61 14.33
N GLU A 88 -8.18 -5.55 15.51
CA GLU A 88 -9.36 -6.34 15.84
C GLU A 88 -10.55 -5.93 14.97
N ALA A 89 -10.73 -4.62 14.81
CA ALA A 89 -11.81 -4.08 14.00
C ALA A 89 -11.71 -4.57 12.55
N LEU A 90 -10.48 -4.68 12.06
CA LEU A 90 -10.22 -5.15 10.71
C LEU A 90 -10.58 -6.63 10.56
N ARG A 91 -10.11 -7.45 11.50
CA ARG A 91 -10.36 -8.89 11.46
C ARG A 91 -11.81 -9.19 11.78
N GLY A 92 -12.49 -8.23 12.39
CA GLY A 92 -13.92 -8.37 12.64
C GLY A 92 -14.69 -8.43 11.34
N VAL A 93 -14.12 -7.84 10.30
CA VAL A 93 -14.71 -7.88 8.98
C VAL A 93 -14.13 -9.03 8.17
N ASN A 94 -12.80 -9.03 8.04
CA ASN A 94 -12.08 -10.03 7.25
C ASN A 94 -10.60 -9.63 7.12
N VAL A 95 -10.35 -8.33 7.12
CA VAL A 95 -9.04 -7.79 6.80
C VAL A 95 -7.97 -8.23 7.79
N VAL A 96 -7.04 -9.06 7.31
CA VAL A 96 -5.89 -9.44 8.09
C VAL A 96 -4.72 -8.51 7.76
N LEU A 97 -4.53 -7.49 8.57
CA LEU A 97 -3.49 -6.51 8.34
C LEU A 97 -2.15 -7.05 8.83
N ASP A 98 -1.15 -6.95 7.97
CA ASP A 98 0.20 -7.37 8.30
C ASP A 98 1.17 -6.24 8.01
N THR A 99 1.98 -5.89 9.00
CA THR A 99 2.87 -4.76 8.88
C THR A 99 4.28 -5.21 8.49
N MET A 100 4.78 -4.65 7.39
CA MET A 100 6.09 -5.04 6.86
C MET A 100 6.85 -3.80 6.39
N GLN A 101 8.14 -3.96 6.13
CA GLN A 101 8.93 -2.90 5.53
C GLN A 101 8.77 -2.95 4.02
N THR A 102 9.03 -1.83 3.35
CA THR A 102 8.83 -1.72 1.91
C THR A 102 9.48 -2.86 1.14
N GLY A 103 10.73 -3.19 1.49
CA GLY A 103 11.45 -4.25 0.81
C GLY A 103 10.76 -5.60 0.92
N PRO A 104 10.69 -6.19 2.13
CA PRO A 104 10.04 -7.49 2.34
C PRO A 104 8.57 -7.51 1.91
N ALA A 105 7.93 -6.34 1.93
CA ALA A 105 6.54 -6.21 1.48
C ALA A 105 6.44 -6.49 -0.01
N ILE A 106 7.28 -5.81 -0.80
CA ILE A 106 7.30 -6.00 -2.24
C ILE A 106 7.66 -7.44 -2.59
N ARG A 107 8.57 -8.02 -1.80
CA ARG A 107 8.99 -9.41 -1.99
C ARG A 107 7.79 -10.35 -1.85
N THR A 108 7.15 -10.29 -0.69
CA THR A 108 5.99 -11.13 -0.40
C THR A 108 4.85 -10.86 -1.39
N TYR A 109 4.70 -9.58 -1.75
CA TYR A 109 3.69 -9.16 -2.71
C TYR A 109 3.84 -9.93 -4.02
N ASN A 110 5.02 -9.88 -4.61
CA ASN A 110 5.29 -10.55 -5.88
C ASN A 110 4.99 -12.03 -5.81
N ILE A 111 5.30 -12.65 -4.68
CA ILE A 111 5.05 -14.07 -4.49
C ILE A 111 3.55 -14.38 -4.49
N MET A 112 2.80 -13.64 -3.67
CA MET A 112 1.37 -13.91 -3.51
C MET A 112 0.57 -13.48 -4.73
N ILE A 113 1.03 -12.44 -5.41
CA ILE A 113 0.38 -11.95 -6.62
C ILE A 113 0.61 -12.93 -7.78
N GLY A 114 1.68 -13.71 -7.68
CA GLY A 114 2.01 -14.65 -8.72
C GLY A 114 1.02 -15.81 -8.83
N GLU A 115 0.11 -15.91 -7.87
CA GLU A 115 -0.91 -16.94 -7.92
C GLU A 115 -2.33 -16.37 -7.92
N ARG A 116 -2.90 -16.20 -6.73
CA ARG A 116 -4.32 -15.93 -6.61
C ARG A 116 -4.60 -14.46 -6.31
N ARG A 117 -3.64 -13.78 -5.68
CA ARG A 117 -3.80 -12.38 -5.27
C ARG A 117 -4.95 -12.22 -4.27
N ARG A 118 -4.69 -12.60 -3.03
CA ARG A 118 -5.66 -12.42 -1.95
C ARG A 118 -5.15 -11.38 -0.97
N VAL A 119 -4.30 -10.51 -1.46
CA VAL A 119 -3.64 -9.53 -0.61
C VAL A 119 -3.62 -8.16 -1.27
N ALA A 120 -3.94 -7.15 -0.50
CA ALA A 120 -3.82 -5.78 -0.93
C ALA A 120 -2.59 -5.16 -0.28
N ALA A 121 -1.88 -4.31 -1.01
CA ALA A 121 -0.65 -3.75 -0.51
C ALA A 121 -0.74 -2.24 -0.35
N ALA A 122 -0.47 -1.77 0.85
CA ALA A 122 -0.41 -0.34 1.11
C ALA A 122 1.04 0.07 1.35
N LEU A 123 1.69 0.56 0.31
CA LEU A 123 3.10 0.86 0.38
C LEU A 123 3.35 2.36 0.56
N ILE A 124 3.90 2.71 1.72
CA ILE A 124 4.25 4.09 2.01
C ILE A 124 5.75 4.30 1.78
N ALA A 125 6.11 5.50 1.34
CA ALA A 125 7.51 5.83 1.11
C ALA A 125 8.25 6.04 2.43
N VAL A 126 9.58 6.05 2.36
CA VAL A 126 10.40 6.21 3.55
C VAL A 126 10.61 7.69 3.88
N PRO A 127 10.66 8.02 5.19
CA PRO A 127 10.89 9.39 5.65
C PRO A 127 12.27 9.91 5.26
N LEU A 128 12.30 10.83 4.30
CA LEU A 128 13.55 11.34 3.76
C LEU A 128 14.09 12.49 4.61
N GLU A 129 15.35 12.37 5.01
CA GLU A 129 16.05 13.45 5.68
C GLU A 129 17.28 13.83 4.88
N HIS A 130 17.97 14.88 5.31
CA HIS A 130 19.21 15.27 4.65
C HIS A 130 20.24 15.69 5.69
N HIS A 131 21.24 14.83 5.88
CA HIS A 131 22.34 15.12 6.80
C HIS A 131 23.50 14.15 6.57
N HIS A 132 24.31 14.46 5.55
CA HIS A 132 25.49 13.67 5.21
C HIS A 132 26.71 14.58 5.05
N HIS A 133 27.03 15.37 6.08
CA HIS A 133 28.14 16.33 5.98
C HIS A 133 28.82 16.54 7.33
N HIS A 134 29.35 17.74 7.51
CA HIS A 134 30.03 18.19 8.72
C HIS A 134 31.45 17.63 8.82
N HIS A 135 31.59 16.41 9.34
CA HIS A 135 32.92 15.84 9.59
C HIS A 135 32.79 14.38 10.00
N MET A 1 -6.38 20.02 -17.29
CA MET A 1 -5.57 20.84 -16.37
C MET A 1 -4.09 20.57 -16.60
N ALA A 2 -3.25 21.12 -15.73
CA ALA A 2 -1.81 21.00 -15.90
C ALA A 2 -1.28 19.65 -15.43
N GLN A 3 -1.06 19.51 -14.13
CA GLN A 3 -0.37 18.34 -13.60
C GLN A 3 -1.34 17.28 -13.10
N ARG A 4 -2.64 17.49 -13.28
CA ARG A 4 -3.62 16.47 -12.94
C ARG A 4 -4.11 15.76 -14.19
N SER A 5 -3.68 16.23 -15.35
CA SER A 5 -4.01 15.59 -16.60
C SER A 5 -2.83 14.74 -17.08
N GLU A 6 -2.80 13.51 -16.61
CA GLU A 6 -1.72 12.58 -16.90
C GLU A 6 -2.20 11.17 -16.61
N ILE A 7 -2.70 10.98 -15.39
CA ILE A 7 -3.28 9.72 -14.96
C ILE A 7 -2.21 8.62 -14.84
N PRO A 8 -1.60 8.50 -13.66
CA PRO A 8 -0.66 7.42 -13.35
C PRO A 8 -1.37 6.19 -12.82
N HIS A 9 -2.52 5.90 -13.41
CA HIS A 9 -3.39 4.85 -12.93
C HIS A 9 -3.30 3.63 -13.86
N PHE A 10 -2.55 2.63 -13.43
CA PHE A 10 -2.29 1.46 -14.26
C PHE A 10 -3.20 0.30 -13.87
N PRO A 11 -3.71 -0.44 -14.87
CA PRO A 11 -4.51 -1.64 -14.66
C PRO A 11 -3.64 -2.90 -14.61
N ARG A 12 -3.93 -3.77 -13.64
CA ARG A 12 -3.14 -5.00 -13.40
C ARG A 12 -1.63 -4.70 -13.40
N THR A 13 -1.12 -4.30 -12.26
CA THR A 13 0.29 -3.98 -12.14
C THR A 13 0.94 -4.83 -11.05
N ALA A 14 1.73 -5.80 -11.48
CA ALA A 14 2.43 -6.68 -10.55
C ALA A 14 3.93 -6.46 -10.65
N ALA A 15 4.30 -5.30 -11.19
CA ALA A 15 5.70 -4.96 -11.37
C ALA A 15 6.08 -3.75 -10.52
N ILE A 16 6.99 -3.95 -9.58
CA ILE A 16 7.46 -2.87 -8.72
C ILE A 16 8.96 -2.67 -8.91
N ASP A 17 9.38 -1.43 -9.12
CA ASP A 17 10.79 -1.12 -9.36
C ASP A 17 11.14 0.25 -8.81
N ALA A 18 12.42 0.45 -8.48
CA ALA A 18 12.94 1.73 -7.99
C ALA A 18 12.24 2.20 -6.72
N TYR A 19 12.80 1.82 -5.58
CA TYR A 19 12.26 2.21 -4.30
C TYR A 19 13.25 3.12 -3.55
N GLY A 20 12.76 4.26 -3.10
CA GLY A 20 13.59 5.15 -2.31
C GLY A 20 13.63 6.56 -2.87
N LYS A 21 14.41 6.74 -3.93
CA LYS A 21 14.56 8.05 -4.55
C LYS A 21 13.27 8.48 -5.24
N GLY A 22 12.50 9.31 -4.57
CA GLY A 22 11.24 9.76 -5.11
C GLY A 22 10.11 8.80 -4.81
N GLY A 23 10.33 7.94 -3.83
CA GLY A 23 9.32 6.97 -3.44
C GLY A 23 9.35 5.74 -4.32
N PHE A 24 8.40 5.67 -5.25
CA PHE A 24 8.33 4.55 -6.18
C PHE A 24 8.41 5.07 -7.62
N TYR A 25 9.45 4.69 -8.33
CA TYR A 25 9.61 5.10 -9.71
C TYR A 25 9.34 3.94 -10.65
N PHE A 26 8.10 3.85 -11.11
CA PHE A 26 7.70 2.77 -12.00
C PHE A 26 7.02 3.32 -13.24
N ALA A 27 7.66 3.10 -14.39
CA ALA A 27 7.12 3.45 -15.70
C ALA A 27 6.92 4.96 -15.87
N GLY A 28 5.86 5.49 -15.29
CA GLY A 28 5.49 6.88 -15.50
C GLY A 28 6.41 7.86 -14.79
N MET A 29 6.28 7.94 -13.47
CA MET A 29 7.02 8.91 -12.69
C MET A 29 7.35 8.36 -11.31
N SER A 30 8.16 9.11 -10.57
CA SER A 30 8.48 8.76 -9.19
C SER A 30 7.36 9.26 -8.29
N HIS A 31 6.57 8.33 -7.76
CA HIS A 31 5.43 8.71 -6.93
C HIS A 31 5.80 8.77 -5.46
N GLN A 32 5.97 9.97 -4.95
CA GLN A 32 6.16 10.19 -3.52
C GLN A 32 4.82 10.07 -2.82
N GLY A 33 4.67 9.05 -1.99
CA GLY A 33 3.43 8.85 -1.27
C GLY A 33 3.09 7.38 -1.16
N SER A 34 1.93 7.09 -0.60
CA SER A 34 1.51 5.71 -0.40
C SER A 34 0.68 5.23 -1.59
N LEU A 35 0.91 3.99 -1.99
CA LEU A 35 0.18 3.38 -3.08
C LEU A 35 -0.66 2.22 -2.57
N LEU A 36 -1.95 2.24 -2.88
CA LEU A 36 -2.85 1.20 -2.43
C LEU A 36 -3.10 0.22 -3.56
N PHE A 37 -2.35 -0.87 -3.56
CA PHE A 37 -2.54 -1.92 -4.54
C PHE A 37 -3.73 -2.77 -4.16
N LEU A 38 -4.89 -2.42 -4.71
CA LEU A 38 -6.11 -3.15 -4.40
C LEU A 38 -6.13 -4.46 -5.18
N PRO A 39 -6.92 -5.44 -4.71
CA PRO A 39 -7.00 -6.78 -5.34
C PRO A 39 -7.68 -6.76 -6.71
N ASP A 40 -7.31 -5.79 -7.53
CA ASP A 40 -7.86 -5.66 -8.88
C ASP A 40 -7.05 -4.63 -9.67
N ALA A 41 -6.95 -3.43 -9.10
CA ALA A 41 -6.24 -2.34 -9.76
C ALA A 41 -5.42 -1.54 -8.75
N VAL A 42 -4.49 -0.75 -9.26
CA VAL A 42 -3.64 0.07 -8.41
C VAL A 42 -4.27 1.44 -8.17
N TRP A 43 -4.55 1.74 -6.92
CA TRP A 43 -5.13 3.02 -6.55
C TRP A 43 -4.17 3.81 -5.66
N GLY A 44 -4.56 5.04 -5.33
CA GLY A 44 -3.73 5.87 -4.50
C GLY A 44 -4.28 5.99 -3.10
N TRP A 45 -3.38 6.08 -2.12
CA TRP A 45 -3.78 6.20 -0.72
C TRP A 45 -2.96 7.29 -0.06
N ASP A 46 -3.63 8.38 0.33
CA ASP A 46 -2.92 9.53 0.86
C ASP A 46 -2.63 9.35 2.35
N VAL A 47 -1.65 8.51 2.64
CA VAL A 47 -1.11 8.37 3.99
C VAL A 47 0.39 8.25 3.89
N THR A 48 1.07 9.39 3.95
CA THR A 48 2.52 9.42 3.78
C THR A 48 3.24 9.14 5.10
N LYS A 49 2.54 9.33 6.20
CA LYS A 49 3.12 9.07 7.51
C LYS A 49 2.28 8.02 8.25
N PRO A 50 2.88 6.85 8.52
CA PRO A 50 2.18 5.68 9.08
C PRO A 50 1.49 5.93 10.42
N GLU A 51 1.97 6.92 11.15
CA GLU A 51 1.40 7.22 12.47
C GLU A 51 -0.04 7.74 12.36
N GLN A 52 -0.42 8.18 11.17
CA GLN A 52 -1.74 8.77 10.96
C GLN A 52 -2.72 7.72 10.41
N ILE A 53 -2.35 6.45 10.49
CA ILE A 53 -3.26 5.38 10.10
C ILE A 53 -4.41 5.29 11.10
N ASP A 54 -5.63 5.42 10.59
CA ASP A 54 -6.83 5.43 11.42
C ASP A 54 -8.00 4.85 10.62
N ARG A 55 -9.11 4.57 11.27
CA ARG A 55 -10.29 4.03 10.60
C ARG A 55 -10.76 4.98 9.49
N TYR A 56 -10.59 6.27 9.72
CA TYR A 56 -10.91 7.28 8.72
C TYR A 56 -10.06 7.11 7.47
N SER A 57 -8.76 6.90 7.68
CA SER A 57 -7.84 6.72 6.56
C SER A 57 -8.06 5.34 5.91
N LEU A 58 -8.49 4.38 6.72
CA LEU A 58 -8.72 3.03 6.24
C LEU A 58 -10.13 2.87 5.67
N GLN A 59 -10.87 3.97 5.58
CA GLN A 59 -12.22 3.94 5.03
C GLN A 59 -12.20 3.40 3.60
N ARG A 60 -11.13 3.71 2.89
CA ARG A 60 -10.96 3.28 1.50
C ARG A 60 -10.73 1.77 1.45
N VAL A 61 -10.30 1.21 2.58
CA VAL A 61 -10.06 -0.22 2.69
C VAL A 61 -11.33 -0.94 3.16
N PHE A 62 -11.99 -0.38 4.18
CA PHE A 62 -13.23 -0.96 4.71
C PHE A 62 -14.27 -1.13 3.61
N ASP A 63 -14.31 -0.16 2.69
CA ASP A 63 -15.28 -0.17 1.60
C ASP A 63 -15.12 -1.38 0.70
N ASN A 64 -13.91 -1.92 0.65
CA ASN A 64 -13.60 -3.04 -0.23
C ASN A 64 -13.14 -4.26 0.57
N ALA A 65 -13.64 -4.36 1.80
CA ALA A 65 -13.24 -5.44 2.71
C ALA A 65 -13.54 -6.83 2.13
N ASN A 66 -14.61 -6.92 1.34
CA ASN A 66 -14.98 -8.19 0.70
C ASN A 66 -13.90 -8.66 -0.26
N ALA A 67 -13.24 -7.71 -0.91
CA ALA A 67 -12.21 -8.04 -1.88
C ALA A 67 -10.85 -8.17 -1.21
N ILE A 68 -10.69 -7.53 -0.07
CA ILE A 68 -9.42 -7.52 0.65
C ILE A 68 -9.43 -8.50 1.81
N ASP A 69 -8.85 -9.66 1.60
CA ASP A 69 -8.67 -10.62 2.68
C ASP A 69 -7.35 -10.34 3.38
N THR A 70 -6.29 -10.31 2.59
CA THR A 70 -4.96 -10.07 3.13
C THR A 70 -4.49 -8.67 2.78
N LEU A 71 -4.22 -7.87 3.81
CA LEU A 71 -3.75 -6.51 3.61
C LEU A 71 -2.31 -6.37 4.08
N ILE A 72 -1.39 -6.27 3.14
CA ILE A 72 0.02 -6.12 3.45
C ILE A 72 0.39 -4.64 3.46
N VAL A 73 0.96 -4.17 4.55
CA VAL A 73 1.35 -2.78 4.66
C VAL A 73 2.87 -2.66 4.73
N GLY A 74 3.42 -1.78 3.90
CA GLY A 74 4.85 -1.54 3.91
C GLY A 74 5.18 -0.16 4.42
N THR A 75 5.58 -0.09 5.68
CA THR A 75 5.86 1.19 6.33
C THR A 75 7.14 1.83 5.81
N GLY A 76 8.17 1.01 5.61
CA GLY A 76 9.40 1.49 5.02
C GLY A 76 10.44 1.88 6.04
N ALA A 77 10.11 2.82 6.91
CA ALA A 77 11.03 3.30 7.93
C ALA A 77 11.42 2.17 8.88
N ASP A 78 10.45 1.70 9.65
CA ASP A 78 10.64 0.57 10.55
C ASP A 78 9.31 -0.14 10.70
N VAL A 79 9.31 -1.29 11.37
CA VAL A 79 8.10 -2.05 11.55
C VAL A 79 7.20 -1.38 12.59
N TRP A 80 6.30 -0.54 12.11
CA TRP A 80 5.36 0.17 12.98
C TRP A 80 4.12 -0.69 13.19
N ILE A 81 3.94 -1.14 14.42
CA ILE A 81 2.81 -2.01 14.73
C ILE A 81 1.63 -1.18 15.24
N ALA A 82 0.54 -1.22 14.47
CA ALA A 82 -0.66 -0.47 14.82
C ALA A 82 -1.28 -0.99 16.11
N PRO A 83 -1.94 -0.09 16.88
CA PRO A 83 -2.61 -0.45 18.13
C PRO A 83 -3.63 -1.59 17.94
N ARG A 84 -3.87 -2.35 19.00
CA ARG A 84 -4.73 -3.52 18.93
C ARG A 84 -6.16 -3.14 18.53
N GLN A 85 -6.67 -2.05 19.10
CA GLN A 85 -8.03 -1.60 18.81
C GLN A 85 -8.26 -1.49 17.31
N LEU A 86 -7.30 -0.89 16.62
CA LEU A 86 -7.40 -0.70 15.18
C LEU A 86 -7.20 -2.01 14.43
N ARG A 87 -6.17 -2.76 14.80
CA ARG A 87 -5.82 -3.99 14.11
C ARG A 87 -6.90 -5.05 14.31
N GLU A 88 -7.43 -5.11 15.52
CA GLU A 88 -8.45 -6.09 15.89
C GLU A 88 -9.77 -5.75 15.23
N ALA A 89 -10.02 -4.46 15.02
CA ALA A 89 -11.22 -4.03 14.32
C ALA A 89 -11.22 -4.56 12.89
N LEU A 90 -10.05 -4.49 12.25
CA LEU A 90 -9.88 -4.99 10.90
C LEU A 90 -10.11 -6.50 10.84
N ARG A 91 -9.49 -7.23 11.76
CA ARG A 91 -9.59 -8.68 11.78
C ARG A 91 -10.95 -9.13 12.29
N GLY A 92 -11.62 -8.24 13.02
CA GLY A 92 -12.96 -8.51 13.48
C GLY A 92 -13.95 -8.55 12.32
N VAL A 93 -13.59 -7.89 11.23
CA VAL A 93 -14.38 -7.96 10.02
C VAL A 93 -13.95 -9.18 9.21
N ASN A 94 -12.85 -9.04 8.49
CA ASN A 94 -12.28 -10.15 7.72
C ASN A 94 -10.95 -9.73 7.08
N VAL A 95 -10.32 -8.71 7.64
CA VAL A 95 -9.12 -8.16 7.04
C VAL A 95 -7.89 -8.46 7.90
N VAL A 96 -6.96 -9.23 7.34
CA VAL A 96 -5.73 -9.55 8.03
C VAL A 96 -4.68 -8.48 7.76
N LEU A 97 -4.36 -7.71 8.80
CA LEU A 97 -3.38 -6.64 8.68
C LEU A 97 -1.97 -7.18 8.89
N ASP A 98 -1.21 -7.26 7.81
CA ASP A 98 0.16 -7.73 7.87
C ASP A 98 1.10 -6.55 7.64
N THR A 99 1.67 -6.03 8.71
CA THR A 99 2.47 -4.81 8.63
C THR A 99 3.97 -5.13 8.68
N MET A 100 4.68 -4.75 7.62
CA MET A 100 6.12 -4.95 7.53
C MET A 100 6.76 -3.71 6.91
N GLN A 101 8.04 -3.81 6.62
CA GLN A 101 8.74 -2.74 5.90
C GLN A 101 8.48 -2.90 4.40
N THR A 102 8.68 -1.84 3.64
CA THR A 102 8.35 -1.86 2.22
C THR A 102 9.10 -2.98 1.48
N GLY A 103 10.36 -3.19 1.85
CA GLY A 103 11.17 -4.23 1.21
C GLY A 103 10.50 -5.60 1.22
N PRO A 104 10.36 -6.23 2.40
CA PRO A 104 9.69 -7.52 2.54
C PRO A 104 8.25 -7.49 2.05
N ALA A 105 7.58 -6.34 2.20
CA ALA A 105 6.22 -6.19 1.72
C ALA A 105 6.13 -6.36 0.21
N ILE A 106 7.02 -5.66 -0.51
CA ILE A 106 7.10 -5.78 -1.96
C ILE A 106 7.35 -7.23 -2.36
N ARG A 107 8.34 -7.84 -1.73
CA ARG A 107 8.70 -9.22 -2.02
C ARG A 107 7.51 -10.16 -1.84
N THR A 108 6.85 -10.06 -0.69
CA THR A 108 5.72 -10.93 -0.37
C THR A 108 4.57 -10.71 -1.36
N TYR A 109 4.25 -9.45 -1.63
CA TYR A 109 3.16 -9.12 -2.55
C TYR A 109 3.50 -9.56 -3.97
N ASN A 110 4.72 -9.24 -4.41
CA ASN A 110 5.16 -9.53 -5.77
C ASN A 110 5.05 -11.02 -6.08
N ILE A 111 5.24 -11.86 -5.07
CA ILE A 111 5.11 -13.29 -5.23
C ILE A 111 3.65 -13.74 -5.11
N MET A 112 3.00 -13.35 -4.02
CA MET A 112 1.67 -13.86 -3.69
C MET A 112 0.59 -13.30 -4.62
N ILE A 113 0.90 -12.24 -5.35
CA ILE A 113 -0.03 -11.71 -6.34
C ILE A 113 -0.03 -12.61 -7.57
N GLY A 114 1.01 -13.44 -7.68
CA GLY A 114 1.11 -14.38 -8.78
C GLY A 114 0.12 -15.52 -8.63
N GLU A 115 -0.36 -15.71 -7.40
CA GLU A 115 -1.39 -16.70 -7.13
C GLU A 115 -2.67 -16.36 -7.87
N ARG A 116 -3.34 -15.29 -7.44
CA ARG A 116 -4.54 -14.82 -8.12
C ARG A 116 -4.91 -13.40 -7.72
N ARG A 117 -5.45 -13.21 -6.51
CA ARG A 117 -5.91 -11.90 -6.06
C ARG A 117 -6.50 -11.97 -4.65
N ARG A 118 -7.21 -10.90 -4.27
CA ARG A 118 -7.87 -10.76 -2.96
C ARG A 118 -6.83 -10.45 -1.87
N VAL A 119 -5.68 -10.05 -2.34
CA VAL A 119 -4.61 -9.54 -1.49
C VAL A 119 -4.34 -8.09 -1.88
N ALA A 120 -4.25 -7.22 -0.88
CA ALA A 120 -4.01 -5.82 -1.13
C ALA A 120 -2.70 -5.39 -0.48
N ALA A 121 -2.03 -4.44 -1.10
CA ALA A 121 -0.75 -3.97 -0.59
C ALA A 121 -0.75 -2.45 -0.44
N ALA A 122 -0.65 -1.99 0.78
CA ALA A 122 -0.52 -0.58 1.05
C ALA A 122 0.94 -0.23 1.24
N LEU A 123 1.58 0.22 0.17
CA LEU A 123 3.00 0.50 0.21
C LEU A 123 3.24 1.99 0.40
N ILE A 124 3.69 2.35 1.59
CA ILE A 124 3.95 3.72 1.93
C ILE A 124 5.39 4.09 1.59
N ALA A 125 5.56 5.03 0.68
CA ALA A 125 6.87 5.57 0.40
C ALA A 125 7.22 6.61 1.45
N VAL A 126 8.38 6.46 2.05
CA VAL A 126 8.81 7.37 3.11
C VAL A 126 8.98 8.78 2.56
N PRO A 127 8.27 9.75 3.14
CA PRO A 127 8.31 11.13 2.68
C PRO A 127 9.68 11.77 2.87
N LEU A 128 10.47 11.74 1.80
CA LEU A 128 11.77 12.40 1.80
C LEU A 128 11.55 13.89 1.60
N GLU A 129 11.39 14.60 2.70
CA GLU A 129 11.03 16.01 2.66
C GLU A 129 12.14 16.87 3.27
N HIS A 130 12.86 16.32 4.23
CA HIS A 130 13.92 17.05 4.91
C HIS A 130 15.22 16.27 4.86
N HIS A 131 16.23 16.77 5.55
CA HIS A 131 17.51 16.09 5.65
C HIS A 131 17.82 15.81 7.11
N HIS A 132 18.86 15.04 7.38
CA HIS A 132 19.24 14.72 8.74
C HIS A 132 20.34 15.66 9.24
N HIS A 133 21.28 15.96 8.34
CA HIS A 133 22.40 16.87 8.63
C HIS A 133 23.40 16.23 9.61
N HIS A 134 22.94 15.90 10.81
CA HIS A 134 23.76 15.17 11.77
C HIS A 134 22.90 14.21 12.59
N HIS A 135 21.64 14.58 12.79
CA HIS A 135 20.70 13.73 13.52
C HIS A 135 19.27 14.18 13.23
N MET A 1 12.15 8.38 -23.39
CA MET A 1 12.83 7.76 -24.54
C MET A 1 11.83 7.00 -25.41
N ALA A 2 11.18 6.00 -24.83
CA ALA A 2 10.24 5.18 -25.58
C ALA A 2 8.83 5.77 -25.51
N GLN A 3 8.10 5.68 -26.61
CA GLN A 3 6.74 6.19 -26.67
C GLN A 3 5.75 5.11 -26.29
N ARG A 4 5.38 5.08 -25.03
CA ARG A 4 4.40 4.11 -24.55
C ARG A 4 3.09 4.84 -24.29
N SER A 5 2.16 4.69 -25.21
CA SER A 5 0.90 5.40 -25.15
C SER A 5 -0.22 4.47 -24.67
N GLU A 6 0.17 3.35 -24.07
CA GLU A 6 -0.79 2.36 -23.63
C GLU A 6 -0.84 2.27 -22.11
N ILE A 7 -0.99 3.42 -21.46
CA ILE A 7 -1.12 3.45 -20.01
C ILE A 7 -2.34 4.26 -19.58
N PRO A 8 -3.54 3.65 -19.66
CA PRO A 8 -4.78 4.28 -19.22
C PRO A 8 -4.91 4.25 -17.71
N HIS A 9 -5.15 3.06 -17.18
CA HIS A 9 -5.27 2.87 -15.74
C HIS A 9 -4.75 1.49 -15.38
N PHE A 10 -3.84 1.43 -14.40
CA PHE A 10 -3.15 0.20 -14.04
C PHE A 10 -4.11 -0.88 -13.52
N PRO A 11 -4.28 -1.96 -14.30
CA PRO A 11 -5.10 -3.09 -13.92
C PRO A 11 -4.28 -4.23 -13.33
N ARG A 12 -4.36 -4.39 -12.01
CA ARG A 12 -3.63 -5.43 -11.28
C ARG A 12 -2.12 -5.24 -11.40
N THR A 13 -1.54 -4.53 -10.45
CA THR A 13 -0.10 -4.32 -10.44
C THR A 13 0.55 -5.25 -9.40
N ALA A 14 1.75 -5.73 -9.71
CA ALA A 14 2.45 -6.64 -8.81
C ALA A 14 3.81 -6.09 -8.42
N ALA A 15 4.70 -5.97 -9.41
CA ALA A 15 6.06 -5.53 -9.15
C ALA A 15 6.22 -4.04 -9.40
N ILE A 16 7.20 -3.44 -8.75
CA ILE A 16 7.48 -2.03 -8.90
C ILE A 16 8.90 -1.83 -9.44
N ASP A 17 9.06 -0.90 -10.38
CA ASP A 17 10.36 -0.66 -11.00
C ASP A 17 11.37 -0.13 -9.99
N ALA A 18 11.03 0.98 -9.32
CA ALA A 18 11.91 1.56 -8.33
C ALA A 18 11.11 2.27 -7.24
N TYR A 19 11.67 2.32 -6.04
CA TYR A 19 11.01 2.96 -4.92
C TYR A 19 12.05 3.56 -3.96
N GLY A 20 11.61 4.42 -3.07
CA GLY A 20 12.50 5.00 -2.09
C GLY A 20 12.70 6.47 -2.32
N LYS A 21 13.85 6.83 -2.89
CA LYS A 21 14.11 8.22 -3.23
C LYS A 21 13.20 8.64 -4.39
N GLY A 22 12.54 9.77 -4.23
CA GLY A 22 11.57 10.21 -5.21
C GLY A 22 10.24 9.49 -5.04
N GLY A 23 10.20 8.53 -4.12
CA GLY A 23 9.00 7.76 -3.90
C GLY A 23 8.92 6.56 -4.82
N PHE A 24 7.71 6.25 -5.27
CA PHE A 24 7.52 5.16 -6.22
C PHE A 24 7.76 5.64 -7.64
N TYR A 25 8.87 5.21 -8.21
CA TYR A 25 9.25 5.63 -9.55
C TYR A 25 9.21 4.44 -10.49
N PHE A 26 8.09 4.26 -11.16
CA PHE A 26 7.93 3.14 -12.08
C PHE A 26 7.30 3.62 -13.39
N ALA A 27 7.26 2.74 -14.37
CA ALA A 27 6.68 3.06 -15.68
C ALA A 27 5.19 3.35 -15.55
N GLY A 28 4.85 4.63 -15.59
CA GLY A 28 3.47 5.05 -15.46
C GLY A 28 3.34 6.43 -14.84
N MET A 29 3.76 6.55 -13.59
CA MET A 29 3.70 7.82 -12.88
C MET A 29 4.94 7.99 -12.00
N SER A 30 5.32 9.24 -11.79
CA SER A 30 6.51 9.56 -11.01
C SER A 30 6.16 10.33 -9.75
N HIS A 31 7.05 10.29 -8.76
CA HIS A 31 6.91 11.04 -7.51
C HIS A 31 5.62 10.65 -6.79
N GLN A 32 5.66 9.51 -6.11
CA GLN A 32 4.51 9.00 -5.39
C GLN A 32 4.92 8.52 -4.00
N GLY A 33 4.14 8.87 -2.99
CA GLY A 33 4.51 8.53 -1.63
C GLY A 33 3.68 7.40 -1.06
N SER A 34 2.38 7.42 -1.31
CA SER A 34 1.48 6.43 -0.76
C SER A 34 0.56 5.87 -1.82
N LEU A 35 0.66 4.58 -2.07
CA LEU A 35 -0.16 3.93 -3.08
C LEU A 35 -0.91 2.73 -2.50
N LEU A 36 -2.18 2.63 -2.85
CA LEU A 36 -3.01 1.51 -2.41
C LEU A 36 -3.16 0.51 -3.54
N PHE A 37 -2.40 -0.57 -3.46
CA PHE A 37 -2.43 -1.61 -4.48
C PHE A 37 -3.56 -2.59 -4.18
N LEU A 38 -4.64 -2.49 -4.94
CA LEU A 38 -5.76 -3.40 -4.80
C LEU A 38 -5.73 -4.43 -5.92
N PRO A 39 -6.37 -5.60 -5.71
CA PRO A 39 -6.38 -6.69 -6.70
C PRO A 39 -6.86 -6.25 -8.08
N ASP A 40 -7.69 -5.22 -8.13
CA ASP A 40 -8.21 -4.72 -9.39
C ASP A 40 -7.38 -3.57 -9.93
N ALA A 41 -7.24 -2.51 -9.13
CA ALA A 41 -6.54 -1.32 -9.59
C ALA A 41 -5.80 -0.64 -8.43
N VAL A 42 -4.97 0.33 -8.77
CA VAL A 42 -4.18 1.04 -7.77
C VAL A 42 -4.76 2.43 -7.51
N TRP A 43 -4.91 2.76 -6.23
CA TRP A 43 -5.42 4.05 -5.82
C TRP A 43 -4.33 4.84 -5.10
N GLY A 44 -4.56 6.15 -4.96
CA GLY A 44 -3.62 6.98 -4.25
C GLY A 44 -4.05 7.22 -2.82
N TRP A 45 -3.11 7.08 -1.89
CA TRP A 45 -3.43 7.24 -0.48
C TRP A 45 -2.96 8.61 0.02
N ASP A 46 -3.72 9.19 0.93
CA ASP A 46 -3.44 10.54 1.41
C ASP A 46 -2.72 10.49 2.77
N VAL A 47 -2.22 9.32 3.09
CA VAL A 47 -1.48 9.12 4.35
C VAL A 47 -0.06 8.66 4.04
N THR A 48 0.89 9.58 4.13
CA THR A 48 2.27 9.28 3.79
C THR A 48 3.13 9.23 5.06
N LYS A 49 2.47 9.17 6.20
CA LYS A 49 3.17 9.04 7.48
C LYS A 49 2.43 8.09 8.40
N PRO A 50 3.17 7.30 9.19
CA PRO A 50 2.58 6.40 10.18
C PRO A 50 1.87 7.17 11.28
N GLU A 51 1.20 6.45 12.19
CA GLU A 51 0.46 7.06 13.31
C GLU A 51 -0.85 7.70 12.83
N GLN A 52 -0.81 8.32 11.65
CA GLN A 52 -1.99 8.95 11.07
C GLN A 52 -2.95 7.89 10.53
N ILE A 53 -2.44 6.68 10.38
CA ILE A 53 -3.24 5.58 9.85
C ILE A 53 -4.30 5.15 10.85
N ASP A 54 -5.57 5.32 10.48
CA ASP A 54 -6.69 4.96 11.33
C ASP A 54 -7.83 4.44 10.47
N ARG A 55 -8.96 4.10 11.10
CA ARG A 55 -10.10 3.57 10.36
C ARG A 55 -10.63 4.58 9.36
N TYR A 56 -10.65 5.85 9.75
CA TYR A 56 -11.18 6.91 8.91
C TYR A 56 -10.36 7.06 7.63
N SER A 57 -9.05 7.01 7.76
CA SER A 57 -8.15 7.11 6.62
C SER A 57 -8.10 5.79 5.84
N LEU A 58 -8.62 4.73 6.45
CA LEU A 58 -8.67 3.42 5.80
C LEU A 58 -10.08 3.08 5.33
N GLN A 59 -10.99 4.06 5.36
CA GLN A 59 -12.38 3.82 4.97
C GLN A 59 -12.49 3.34 3.52
N ARG A 60 -11.55 3.77 2.69
CA ARG A 60 -11.51 3.32 1.29
C ARG A 60 -11.12 1.85 1.24
N VAL A 61 -10.37 1.41 2.23
CA VAL A 61 -9.94 0.02 2.33
C VAL A 61 -11.10 -0.83 2.85
N PHE A 62 -11.80 -0.31 3.87
CA PHE A 62 -12.96 -0.99 4.43
C PHE A 62 -14.07 -1.13 3.39
N ASP A 63 -14.17 -0.15 2.50
CA ASP A 63 -15.16 -0.19 1.44
C ASP A 63 -14.84 -1.29 0.42
N ASN A 64 -13.56 -1.51 0.20
CA ASN A 64 -13.12 -2.51 -0.77
C ASN A 64 -12.64 -3.77 -0.07
N ALA A 65 -13.01 -3.92 1.19
CA ALA A 65 -12.56 -5.05 2.01
C ALA A 65 -13.14 -6.37 1.51
N ASN A 66 -14.24 -6.29 0.78
CA ASN A 66 -14.85 -7.48 0.18
C ASN A 66 -13.87 -8.19 -0.75
N ALA A 67 -12.93 -7.43 -1.31
CA ALA A 67 -11.95 -7.98 -2.22
C ALA A 67 -10.61 -8.16 -1.52
N ILE A 68 -10.59 -7.90 -0.23
CA ILE A 68 -9.35 -7.96 0.54
C ILE A 68 -9.44 -9.03 1.62
N ASP A 69 -8.69 -10.10 1.43
CA ASP A 69 -8.55 -11.14 2.44
C ASP A 69 -7.26 -10.91 3.22
N THR A 70 -6.19 -10.66 2.48
CA THR A 70 -4.89 -10.40 3.09
C THR A 70 -4.45 -8.98 2.75
N LEU A 71 -3.96 -8.25 3.75
CA LEU A 71 -3.52 -6.88 3.56
C LEU A 71 -2.08 -6.72 4.02
N ILE A 72 -1.19 -6.49 3.06
CA ILE A 72 0.21 -6.28 3.36
C ILE A 72 0.50 -4.79 3.38
N VAL A 73 1.08 -4.32 4.48
CA VAL A 73 1.35 -2.90 4.65
C VAL A 73 2.85 -2.65 4.84
N GLY A 74 3.40 -1.84 3.95
CA GLY A 74 4.78 -1.43 4.07
C GLY A 74 4.89 -0.02 4.61
N THR A 75 5.22 0.09 5.90
CA THR A 75 5.21 1.37 6.58
C THR A 75 6.54 2.12 6.43
N GLY A 76 7.27 1.83 5.37
CA GLY A 76 8.50 2.54 5.10
C GLY A 76 9.73 1.81 5.56
N ALA A 77 10.52 2.47 6.40
CA ALA A 77 11.79 1.93 6.85
C ALA A 77 11.61 1.06 8.09
N ASP A 78 10.58 1.35 8.87
CA ASP A 78 10.32 0.59 10.07
C ASP A 78 8.94 -0.03 10.03
N VAL A 79 8.69 -0.97 10.92
CA VAL A 79 7.40 -1.62 11.00
C VAL A 79 6.53 -0.94 12.05
N TRP A 80 5.58 -0.14 11.60
CA TRP A 80 4.65 0.51 12.49
C TRP A 80 3.57 -0.47 12.91
N ILE A 81 3.47 -0.71 14.21
CA ILE A 81 2.50 -1.66 14.72
C ILE A 81 1.17 -0.96 14.97
N ALA A 82 0.16 -1.38 14.22
CA ALA A 82 -1.17 -0.81 14.35
C ALA A 82 -1.73 -1.07 15.75
N PRO A 83 -2.36 -0.04 16.35
CA PRO A 83 -2.98 -0.17 17.68
C PRO A 83 -4.01 -1.29 17.73
N ARG A 84 -4.18 -1.87 18.93
CA ARG A 84 -5.10 -2.98 19.13
C ARG A 84 -6.47 -2.70 18.53
N GLN A 85 -6.96 -1.49 18.74
CA GLN A 85 -8.27 -1.08 18.24
C GLN A 85 -8.38 -1.32 16.73
N LEU A 86 -7.40 -0.83 15.98
CA LEU A 86 -7.41 -0.95 14.53
C LEU A 86 -7.02 -2.36 14.10
N ARG A 87 -6.05 -2.94 14.79
CA ARG A 87 -5.55 -4.28 14.47
C ARG A 87 -6.68 -5.30 14.57
N GLU A 88 -7.42 -5.23 15.67
CA GLU A 88 -8.48 -6.19 15.93
C GLU A 88 -9.69 -5.91 15.03
N ALA A 89 -9.90 -4.64 14.69
CA ALA A 89 -10.98 -4.27 13.78
C ALA A 89 -10.75 -4.87 12.40
N LEU A 90 -9.52 -4.76 11.90
CA LEU A 90 -9.15 -5.32 10.61
C LEU A 90 -9.27 -6.84 10.62
N ARG A 91 -8.75 -7.46 11.67
CA ARG A 91 -8.80 -8.91 11.79
C ARG A 91 -10.25 -9.39 11.91
N GLY A 92 -11.06 -8.59 12.58
CA GLY A 92 -12.46 -8.93 12.76
C GLY A 92 -13.22 -8.98 11.45
N VAL A 93 -12.77 -8.22 10.47
CA VAL A 93 -13.40 -8.22 9.16
C VAL A 93 -12.63 -9.13 8.19
N ASN A 94 -11.87 -10.06 8.78
CA ASN A 94 -11.18 -11.14 8.04
C ASN A 94 -9.88 -10.64 7.40
N VAL A 95 -9.63 -9.34 7.46
CA VAL A 95 -8.46 -8.77 6.82
C VAL A 95 -7.18 -9.17 7.57
N VAL A 96 -6.43 -10.07 6.96
CA VAL A 96 -5.17 -10.52 7.52
C VAL A 96 -4.10 -9.45 7.33
N LEU A 97 -3.84 -8.70 8.38
CA LEU A 97 -2.87 -7.63 8.33
C LEU A 97 -1.46 -8.18 8.45
N ASP A 98 -0.60 -7.84 7.51
CA ASP A 98 0.80 -8.22 7.56
C ASP A 98 1.66 -6.99 7.35
N THR A 99 2.45 -6.63 8.35
CA THR A 99 3.15 -5.36 8.35
C THR A 99 4.67 -5.54 8.36
N MET A 100 5.37 -4.79 7.51
CA MET A 100 6.83 -4.82 7.46
C MET A 100 7.36 -3.64 6.66
N GLN A 101 8.67 -3.65 6.39
CA GLN A 101 9.29 -2.64 5.54
C GLN A 101 8.72 -2.72 4.12
N THR A 102 8.71 -1.59 3.43
CA THR A 102 8.13 -1.49 2.10
C THR A 102 8.77 -2.51 1.13
N GLY A 103 10.09 -2.62 1.17
CA GLY A 103 10.80 -3.54 0.28
C GLY A 103 10.31 -4.97 0.41
N PRO A 104 10.51 -5.61 1.57
CA PRO A 104 10.00 -6.95 1.83
C PRO A 104 8.51 -7.09 1.52
N ALA A 105 7.73 -6.05 1.85
CA ALA A 105 6.30 -6.05 1.62
C ALA A 105 5.96 -6.24 0.15
N ILE A 106 6.69 -5.54 -0.72
CA ILE A 106 6.51 -5.67 -2.16
C ILE A 106 6.80 -7.11 -2.58
N ARG A 107 7.84 -7.69 -1.99
CA ARG A 107 8.26 -9.03 -2.35
C ARG A 107 7.17 -10.06 -2.01
N THR A 108 6.65 -9.97 -0.79
CA THR A 108 5.57 -10.88 -0.37
C THR A 108 4.32 -10.66 -1.21
N TYR A 109 4.02 -9.41 -1.53
CA TYR A 109 2.88 -9.08 -2.36
C TYR A 109 2.95 -9.81 -3.70
N ASN A 110 4.15 -9.88 -4.27
CA ASN A 110 4.37 -10.58 -5.52
C ASN A 110 4.09 -12.07 -5.35
N ILE A 111 4.52 -12.63 -4.22
CA ILE A 111 4.34 -14.05 -3.94
C ILE A 111 2.85 -14.38 -3.79
N MET A 112 2.14 -13.55 -3.02
CA MET A 112 0.75 -13.79 -2.69
C MET A 112 -0.13 -13.87 -3.93
N ILE A 113 0.23 -13.12 -4.97
CA ILE A 113 -0.53 -13.09 -6.22
C ILE A 113 -0.72 -14.50 -6.79
N GLY A 114 0.26 -15.37 -6.55
CA GLY A 114 0.18 -16.72 -7.05
C GLY A 114 0.12 -17.74 -5.93
N GLU A 115 -0.62 -17.43 -4.87
CA GLU A 115 -0.78 -18.35 -3.75
C GLU A 115 -2.06 -18.06 -2.97
N ARG A 116 -2.31 -16.78 -2.71
CA ARG A 116 -3.50 -16.35 -2.04
C ARG A 116 -3.89 -14.98 -2.55
N ARG A 117 -4.64 -15.01 -3.63
CA ARG A 117 -5.19 -13.79 -4.21
C ARG A 117 -6.18 -13.13 -3.24
N ARG A 118 -6.74 -12.00 -3.67
CA ARG A 118 -7.55 -11.15 -2.79
C ARG A 118 -6.62 -10.49 -1.77
N VAL A 119 -5.38 -10.29 -2.19
CA VAL A 119 -4.38 -9.65 -1.35
C VAL A 119 -4.16 -8.22 -1.82
N ALA A 120 -4.16 -7.29 -0.87
CA ALA A 120 -3.94 -5.89 -1.18
C ALA A 120 -2.67 -5.41 -0.50
N ALA A 121 -2.06 -4.38 -1.05
CA ALA A 121 -0.82 -3.85 -0.51
C ALA A 121 -0.91 -2.34 -0.29
N ALA A 122 -0.84 -1.95 0.97
CA ALA A 122 -0.78 -0.54 1.30
C ALA A 122 0.67 -0.13 1.49
N LEU A 123 1.26 0.42 0.44
CA LEU A 123 2.68 0.68 0.44
C LEU A 123 2.98 2.18 0.55
N ILE A 124 3.74 2.52 1.58
CA ILE A 124 4.25 3.87 1.73
C ILE A 124 5.72 3.88 1.36
N ALA A 125 6.13 4.87 0.59
CA ALA A 125 7.52 4.99 0.16
C ALA A 125 8.45 5.19 1.36
N VAL A 126 9.63 4.60 1.29
CA VAL A 126 10.62 4.75 2.33
C VAL A 126 11.06 6.21 2.44
N PRO A 127 10.89 6.81 3.62
CA PRO A 127 11.27 8.21 3.86
C PRO A 127 12.68 8.51 3.42
N LEU A 128 12.88 9.72 2.90
CA LEU A 128 14.19 10.13 2.42
C LEU A 128 15.07 10.53 3.60
N GLU A 129 15.71 9.54 4.21
CA GLU A 129 16.59 9.75 5.35
C GLU A 129 17.97 10.16 4.88
N HIS A 130 18.46 9.44 3.89
CA HIS A 130 19.82 9.64 3.39
C HIS A 130 19.86 10.63 2.25
N HIS A 131 18.70 10.94 1.69
CA HIS A 131 18.59 11.94 0.63
C HIS A 131 17.70 13.08 1.07
N HIS A 132 18.26 14.05 1.77
CA HIS A 132 17.46 15.15 2.31
C HIS A 132 18.03 16.51 1.89
N HIS A 133 17.45 17.05 0.82
CA HIS A 133 17.77 18.38 0.32
C HIS A 133 16.94 18.63 -0.94
N HIS A 134 15.78 17.99 -1.00
CA HIS A 134 14.99 17.96 -2.21
C HIS A 134 13.90 19.03 -2.21
N HIS A 135 14.00 19.93 -3.18
CA HIS A 135 12.96 20.92 -3.44
C HIS A 135 13.30 21.66 -4.73
N MET A 1 -27.05 -0.78 -9.20
CA MET A 1 -27.52 -2.15 -9.47
C MET A 1 -26.34 -3.10 -9.67
N ALA A 2 -25.23 -2.58 -10.19
CA ALA A 2 -24.03 -3.39 -10.38
C ALA A 2 -22.86 -2.78 -9.64
N GLN A 3 -22.17 -1.84 -10.29
CA GLN A 3 -21.01 -1.15 -9.71
C GLN A 3 -19.94 -2.15 -9.28
N ARG A 4 -19.79 -3.21 -10.06
CA ARG A 4 -18.78 -4.23 -9.78
C ARG A 4 -17.57 -3.98 -10.65
N SER A 5 -17.79 -3.27 -11.74
CA SER A 5 -16.74 -2.89 -12.65
C SER A 5 -16.91 -1.43 -13.04
N GLU A 6 -15.99 -0.60 -12.56
CA GLU A 6 -16.00 0.82 -12.87
C GLU A 6 -14.87 1.16 -13.81
N ILE A 7 -14.38 0.14 -14.51
CA ILE A 7 -13.23 0.25 -15.39
C ILE A 7 -11.99 0.62 -14.58
N PRO A 8 -11.24 -0.41 -14.13
CA PRO A 8 -10.10 -0.25 -13.23
C PRO A 8 -9.06 0.73 -13.75
N HIS A 9 -8.44 1.47 -12.83
CA HIS A 9 -7.38 2.41 -13.17
C HIS A 9 -6.24 1.70 -13.87
N PHE A 10 -5.92 0.51 -13.39
CA PHE A 10 -4.87 -0.30 -13.98
C PHE A 10 -5.38 -1.70 -14.25
N PRO A 11 -5.01 -2.30 -15.39
CA PRO A 11 -5.44 -3.64 -15.76
C PRO A 11 -4.68 -4.71 -14.98
N ARG A 12 -4.87 -4.71 -13.66
CA ARG A 12 -4.18 -5.64 -12.76
C ARG A 12 -2.66 -5.55 -12.95
N THR A 13 -2.10 -4.46 -12.44
CA THR A 13 -0.69 -4.20 -12.61
C THR A 13 0.04 -4.27 -11.26
N ALA A 14 0.75 -5.37 -11.04
CA ALA A 14 1.54 -5.53 -9.84
C ALA A 14 3.02 -5.37 -10.18
N ALA A 15 3.47 -4.12 -10.23
CA ALA A 15 4.85 -3.83 -10.59
C ALA A 15 5.34 -2.55 -9.93
N ILE A 16 6.39 -2.67 -9.14
CA ILE A 16 6.99 -1.50 -8.50
C ILE A 16 8.27 -1.14 -9.23
N ASP A 17 8.27 0.01 -9.89
CA ASP A 17 9.42 0.43 -10.70
C ASP A 17 10.51 1.03 -9.84
N ALA A 18 10.26 2.20 -9.28
CA ALA A 18 11.25 2.88 -8.46
C ALA A 18 10.70 3.24 -7.09
N TYR A 19 11.57 3.16 -6.09
CA TYR A 19 11.23 3.54 -4.74
C TYR A 19 12.41 4.27 -4.09
N GLY A 20 12.13 5.35 -3.40
CA GLY A 20 13.17 6.05 -2.69
C GLY A 20 13.12 7.54 -2.92
N LYS A 21 13.23 7.93 -4.17
CA LYS A 21 13.23 9.34 -4.52
C LYS A 21 11.81 9.85 -4.66
N GLY A 22 11.44 10.75 -3.76
CA GLY A 22 10.09 11.29 -3.74
C GLY A 22 9.04 10.21 -3.64
N GLY A 23 9.22 9.29 -2.70
CA GLY A 23 8.25 8.24 -2.48
C GLY A 23 8.38 7.12 -3.50
N PHE A 24 7.24 6.73 -4.08
CA PHE A 24 7.20 5.69 -5.09
C PHE A 24 7.10 6.29 -6.48
N TYR A 25 7.64 5.59 -7.46
CA TYR A 25 7.52 5.97 -8.86
C TYR A 25 7.34 4.74 -9.72
N PHE A 26 6.21 4.64 -10.40
CA PHE A 26 5.96 3.54 -11.31
C PHE A 26 5.20 4.02 -12.54
N ALA A 27 5.06 3.14 -13.52
CA ALA A 27 4.32 3.48 -14.74
C ALA A 27 2.84 3.72 -14.44
N GLY A 28 2.50 4.96 -14.17
CA GLY A 28 1.13 5.32 -13.87
C GLY A 28 1.03 6.49 -12.92
N MET A 29 1.87 6.47 -11.88
CA MET A 29 1.90 7.55 -10.89
C MET A 29 3.33 7.94 -10.57
N SER A 30 3.61 9.22 -10.67
CA SER A 30 4.95 9.73 -10.44
C SER A 30 5.04 10.47 -9.10
N HIS A 31 5.80 9.89 -8.17
CA HIS A 31 6.07 10.48 -6.87
C HIS A 31 4.82 10.52 -5.99
N GLN A 32 4.65 9.47 -5.21
CA GLN A 32 3.58 9.41 -4.22
C GLN A 32 4.10 8.67 -3.00
N GLY A 33 3.77 9.18 -1.82
CA GLY A 33 4.25 8.58 -0.60
C GLY A 33 3.33 7.52 -0.05
N SER A 34 2.24 7.25 -0.76
CA SER A 34 1.26 6.26 -0.31
C SER A 34 0.44 5.72 -1.47
N LEU A 35 0.56 4.42 -1.71
CA LEU A 35 -0.14 3.78 -2.81
C LEU A 35 -0.87 2.53 -2.35
N LEU A 36 -2.02 2.27 -2.96
CA LEU A 36 -2.82 1.10 -2.62
C LEU A 36 -2.85 0.11 -3.77
N PHE A 37 -2.00 -0.89 -3.71
CA PHE A 37 -1.94 -1.90 -4.74
C PHE A 37 -2.98 -2.97 -4.48
N LEU A 38 -4.15 -2.80 -5.07
CA LEU A 38 -5.24 -3.75 -4.90
C LEU A 38 -5.16 -4.83 -5.98
N PRO A 39 -5.82 -5.98 -5.77
CA PRO A 39 -5.75 -7.13 -6.68
C PRO A 39 -6.11 -6.78 -8.14
N ASP A 40 -7.00 -5.81 -8.32
CA ASP A 40 -7.43 -5.44 -9.66
C ASP A 40 -6.80 -4.13 -10.13
N ALA A 41 -6.83 -3.12 -9.27
CA ALA A 41 -6.35 -1.80 -9.66
C ALA A 41 -5.52 -1.15 -8.56
N VAL A 42 -4.62 -0.27 -8.96
CA VAL A 42 -3.80 0.46 -8.01
C VAL A 42 -4.43 1.82 -7.72
N TRP A 43 -4.70 2.06 -6.44
CA TRP A 43 -5.26 3.32 -6.00
C TRP A 43 -4.21 4.13 -5.25
N GLY A 44 -4.56 5.32 -4.82
CA GLY A 44 -3.61 6.18 -4.16
C GLY A 44 -4.13 6.76 -2.88
N TRP A 45 -3.21 7.02 -1.96
CA TRP A 45 -3.53 7.69 -0.70
C TRP A 45 -2.92 9.08 -0.70
N ASP A 46 -2.89 9.70 0.47
CA ASP A 46 -2.18 10.96 0.65
C ASP A 46 -1.48 10.93 2.00
N VAL A 47 -1.26 9.71 2.48
CA VAL A 47 -0.70 9.47 3.80
C VAL A 47 0.79 9.13 3.69
N THR A 48 1.63 10.13 3.77
CA THR A 48 3.06 9.93 3.61
C THR A 48 3.74 9.79 4.98
N LYS A 49 3.01 10.16 6.02
CA LYS A 49 3.52 10.02 7.38
C LYS A 49 2.87 8.82 8.06
N PRO A 50 3.71 7.89 8.57
CA PRO A 50 3.23 6.68 9.26
C PRO A 50 2.40 7.00 10.50
N GLU A 51 1.82 5.95 11.09
CA GLU A 51 0.97 6.07 12.29
C GLU A 51 -0.41 6.65 11.96
N GLN A 52 -0.48 7.49 10.93
CA GLN A 52 -1.73 8.12 10.53
C GLN A 52 -2.62 7.14 9.74
N ILE A 53 -2.38 5.85 9.93
CA ILE A 53 -3.21 4.83 9.33
C ILE A 53 -4.46 4.64 10.18
N ASP A 54 -5.40 5.54 10.02
CA ASP A 54 -6.63 5.52 10.81
C ASP A 54 -7.77 4.95 9.98
N ARG A 55 -8.89 4.66 10.62
CA ARG A 55 -10.07 4.14 9.93
C ARG A 55 -10.52 5.14 8.86
N TYR A 56 -10.27 6.42 9.13
CA TYR A 56 -10.60 7.49 8.20
C TYR A 56 -9.82 7.33 6.89
N SER A 57 -8.64 6.75 6.97
CA SER A 57 -7.81 6.54 5.79
C SER A 57 -8.10 5.16 5.20
N LEU A 58 -8.58 4.25 6.05
CA LEU A 58 -8.83 2.87 5.64
C LEU A 58 -10.22 2.72 5.04
N GLN A 59 -10.86 3.84 4.69
CA GLN A 59 -12.19 3.80 4.10
C GLN A 59 -12.17 3.02 2.80
N ARG A 60 -11.10 3.18 2.02
CA ARG A 60 -10.92 2.44 0.77
C ARG A 60 -10.66 0.96 1.03
N VAL A 61 -10.41 0.61 2.28
CA VAL A 61 -10.19 -0.77 2.67
C VAL A 61 -11.48 -1.40 3.17
N PHE A 62 -12.20 -0.68 4.03
CA PHE A 62 -13.48 -1.16 4.55
C PHE A 62 -14.52 -1.25 3.44
N ASP A 63 -14.45 -0.32 2.49
CA ASP A 63 -15.36 -0.31 1.34
C ASP A 63 -15.11 -1.51 0.44
N ASN A 64 -13.89 -2.03 0.49
CA ASN A 64 -13.48 -3.16 -0.34
C ASN A 64 -13.13 -4.36 0.54
N ALA A 65 -13.73 -4.42 1.72
CA ALA A 65 -13.43 -5.47 2.69
C ALA A 65 -13.80 -6.85 2.17
N ASN A 66 -14.77 -6.90 1.26
CA ASN A 66 -15.20 -8.17 0.69
C ASN A 66 -14.38 -8.53 -0.54
N ALA A 67 -13.36 -7.72 -0.81
CA ALA A 67 -12.47 -7.97 -1.94
C ALA A 67 -11.03 -8.16 -1.47
N ILE A 68 -10.83 -8.06 -0.16
CA ILE A 68 -9.50 -8.17 0.43
C ILE A 68 -9.51 -9.16 1.58
N ASP A 69 -8.58 -10.11 1.56
CA ASP A 69 -8.43 -11.07 2.64
C ASP A 69 -7.25 -10.68 3.52
N THR A 70 -6.08 -10.58 2.90
CA THR A 70 -4.88 -10.21 3.61
C THR A 70 -4.38 -8.85 3.13
N LEU A 71 -4.07 -7.97 4.08
CA LEU A 71 -3.59 -6.63 3.76
C LEU A 71 -2.18 -6.44 4.27
N ILE A 72 -1.25 -6.29 3.35
CA ILE A 72 0.14 -6.06 3.72
C ILE A 72 0.46 -4.58 3.68
N VAL A 73 0.79 -4.02 4.83
CA VAL A 73 1.11 -2.61 4.93
C VAL A 73 2.62 -2.40 4.98
N GLY A 74 3.12 -1.67 3.99
CA GLY A 74 4.53 -1.37 3.94
C GLY A 74 4.84 -0.07 4.65
N THR A 75 5.63 -0.16 5.70
CA THR A 75 5.96 1.01 6.51
C THR A 75 7.31 1.61 6.11
N GLY A 76 7.97 0.98 5.15
CA GLY A 76 9.17 1.53 4.59
C GLY A 76 10.41 1.30 5.44
N ALA A 77 10.87 2.36 6.10
CA ALA A 77 12.15 2.34 6.80
C ALA A 77 12.03 1.78 8.21
N ASP A 78 10.85 1.92 8.79
CA ASP A 78 10.61 1.44 10.15
C ASP A 78 9.31 0.66 10.22
N VAL A 79 9.35 -0.51 10.83
CA VAL A 79 8.16 -1.32 10.94
C VAL A 79 7.28 -0.85 12.11
N TRP A 80 6.28 -0.05 11.76
CA TRP A 80 5.30 0.42 12.72
C TRP A 80 4.29 -0.67 12.98
N ILE A 81 4.24 -1.16 14.21
CA ILE A 81 3.33 -2.25 14.53
C ILE A 81 1.97 -1.69 14.93
N ALA A 82 0.95 -2.15 14.22
CA ALA A 82 -0.41 -1.71 14.46
C ALA A 82 -0.93 -2.25 15.78
N PRO A 83 -1.52 -1.37 16.61
CA PRO A 83 -2.03 -1.77 17.92
C PRO A 83 -3.35 -2.53 17.84
N ARG A 84 -3.78 -3.08 18.97
CA ARG A 84 -5.02 -3.84 19.05
C ARG A 84 -6.19 -3.08 18.44
N GLN A 85 -6.30 -1.80 18.75
CA GLN A 85 -7.39 -0.96 18.24
C GLN A 85 -7.55 -1.11 16.72
N LEU A 86 -6.46 -0.90 16.00
CA LEU A 86 -6.49 -0.93 14.55
C LEU A 86 -6.64 -2.36 14.04
N ARG A 87 -5.94 -3.28 14.67
CA ARG A 87 -5.94 -4.67 14.23
C ARG A 87 -7.30 -5.31 14.48
N GLU A 88 -7.94 -4.92 15.58
CA GLU A 88 -9.25 -5.43 15.95
C GLU A 88 -10.29 -4.95 14.93
N ALA A 89 -10.14 -3.71 14.49
CA ALA A 89 -11.04 -3.13 13.50
C ALA A 89 -11.04 -3.93 12.21
N LEU A 90 -9.84 -4.25 11.72
CA LEU A 90 -9.71 -5.02 10.48
C LEU A 90 -10.08 -6.49 10.72
N ARG A 91 -9.88 -6.97 11.93
CA ARG A 91 -10.30 -8.31 12.30
C ARG A 91 -11.81 -8.45 12.16
N GLY A 92 -12.52 -7.37 12.50
CA GLY A 92 -13.96 -7.37 12.43
C GLY A 92 -14.51 -7.46 11.01
N VAL A 93 -13.64 -7.27 10.02
CA VAL A 93 -14.03 -7.38 8.63
C VAL A 93 -13.26 -8.48 7.91
N ASN A 94 -12.60 -9.34 8.70
CA ASN A 94 -11.90 -10.52 8.18
C ASN A 94 -10.65 -10.15 7.38
N VAL A 95 -10.12 -8.96 7.60
CA VAL A 95 -8.92 -8.53 6.90
C VAL A 95 -7.68 -8.81 7.74
N VAL A 96 -6.85 -9.71 7.25
CA VAL A 96 -5.61 -10.07 7.93
C VAL A 96 -4.57 -8.96 7.75
N LEU A 97 -4.33 -8.21 8.81
CA LEU A 97 -3.40 -7.10 8.76
C LEU A 97 -1.98 -7.55 9.08
N ASP A 98 -1.08 -7.38 8.12
CA ASP A 98 0.34 -7.67 8.34
C ASP A 98 1.16 -6.44 7.95
N THR A 99 1.99 -5.99 8.87
CA THR A 99 2.82 -4.82 8.62
C THR A 99 4.26 -5.24 8.36
N MET A 100 4.82 -4.82 7.24
CA MET A 100 6.15 -5.25 6.84
C MET A 100 6.94 -4.08 6.24
N GLN A 101 8.26 -4.18 6.29
CA GLN A 101 9.13 -3.16 5.70
C GLN A 101 9.30 -3.38 4.21
N THR A 102 9.85 -2.38 3.53
CA THR A 102 9.92 -2.33 2.07
C THR A 102 10.33 -3.66 1.42
N GLY A 103 11.57 -4.09 1.70
CA GLY A 103 12.12 -5.27 1.03
C GLY A 103 11.23 -6.49 1.13
N PRO A 104 11.07 -7.06 2.34
CA PRO A 104 10.23 -8.24 2.55
C PRO A 104 8.79 -8.05 2.07
N ALA A 105 8.30 -6.82 2.11
CA ALA A 105 6.94 -6.51 1.66
C ALA A 105 6.80 -6.76 0.16
N ILE A 106 7.74 -6.24 -0.61
CA ILE A 106 7.72 -6.39 -2.07
C ILE A 106 7.74 -7.86 -2.46
N ARG A 107 8.61 -8.62 -1.79
CA ARG A 107 8.74 -10.06 -2.07
C ARG A 107 7.43 -10.77 -1.76
N THR A 108 6.91 -10.55 -0.55
CA THR A 108 5.71 -11.21 -0.09
C THR A 108 4.51 -10.86 -0.97
N TYR A 109 4.40 -9.59 -1.35
CA TYR A 109 3.30 -9.13 -2.18
C TYR A 109 3.29 -9.84 -3.53
N ASN A 110 4.42 -9.80 -4.23
CA ASN A 110 4.53 -10.42 -5.55
C ASN A 110 4.19 -11.90 -5.52
N ILE A 111 4.69 -12.58 -4.49
CA ILE A 111 4.46 -14.02 -4.36
C ILE A 111 3.01 -14.31 -3.99
N MET A 112 2.47 -13.54 -3.05
CA MET A 112 1.10 -13.76 -2.58
C MET A 112 0.10 -13.44 -3.69
N ILE A 113 0.44 -12.50 -4.55
CA ILE A 113 -0.36 -12.19 -5.73
C ILE A 113 -0.29 -13.33 -6.74
N GLY A 114 0.91 -13.88 -6.91
CA GLY A 114 1.09 -14.99 -7.83
C GLY A 114 0.28 -16.20 -7.45
N GLU A 115 0.25 -16.50 -6.16
CA GLU A 115 -0.54 -17.62 -5.64
C GLU A 115 -2.01 -17.21 -5.46
N ARG A 116 -2.28 -15.93 -5.72
CA ARG A 116 -3.65 -15.39 -5.70
C ARG A 116 -4.36 -15.66 -4.39
N ARG A 117 -3.70 -15.36 -3.28
CA ARG A 117 -4.27 -15.61 -1.96
C ARG A 117 -5.02 -14.38 -1.44
N ARG A 118 -5.64 -13.65 -2.35
CA ARG A 118 -6.55 -12.54 -2.00
C ARG A 118 -5.85 -11.47 -1.17
N VAL A 119 -4.67 -11.05 -1.61
CA VAL A 119 -3.86 -10.10 -0.86
C VAL A 119 -3.88 -8.73 -1.51
N ALA A 120 -3.82 -7.69 -0.69
CA ALA A 120 -3.68 -6.32 -1.16
C ALA A 120 -2.54 -5.64 -0.41
N ALA A 121 -1.93 -4.62 -1.01
CA ALA A 121 -0.79 -3.97 -0.40
C ALA A 121 -1.03 -2.48 -0.20
N ALA A 122 -0.79 -2.02 1.01
CA ALA A 122 -0.85 -0.61 1.33
C ALA A 122 0.56 -0.11 1.62
N LEU A 123 1.18 0.51 0.64
CA LEU A 123 2.58 0.87 0.73
C LEU A 123 2.76 2.35 1.02
N ILE A 124 3.40 2.65 2.13
CA ILE A 124 3.75 4.01 2.49
C ILE A 124 5.25 4.22 2.34
N ALA A 125 5.65 5.37 1.82
CA ALA A 125 7.04 5.67 1.59
C ALA A 125 7.59 6.60 2.65
N VAL A 126 8.88 6.91 2.56
CA VAL A 126 9.52 7.80 3.50
C VAL A 126 9.43 9.24 3.03
N PRO A 127 9.07 10.17 3.93
CA PRO A 127 9.00 11.59 3.62
C PRO A 127 10.38 12.17 3.32
N LEU A 128 10.62 12.48 2.06
CA LEU A 128 11.89 13.02 1.64
C LEU A 128 11.96 14.51 1.92
N GLU A 129 12.71 14.88 2.97
CA GLU A 129 12.94 16.26 3.35
C GLU A 129 11.71 16.91 3.96
N HIS A 130 10.68 17.11 3.15
CA HIS A 130 9.50 17.83 3.57
C HIS A 130 8.27 17.39 2.79
N HIS A 131 7.14 17.27 3.47
CA HIS A 131 5.88 16.96 2.81
C HIS A 131 4.90 18.11 3.01
N HIS A 132 5.07 18.85 4.10
CA HIS A 132 4.21 19.98 4.39
C HIS A 132 4.75 21.25 3.73
N HIS A 133 4.52 21.35 2.43
CA HIS A 133 4.83 22.57 1.69
C HIS A 133 4.10 22.54 0.36
N HIS A 134 2.83 22.94 0.40
CA HIS A 134 1.99 22.93 -0.80
C HIS A 134 0.81 23.89 -0.63
N HIS A 135 0.68 24.47 0.57
CA HIS A 135 -0.38 25.44 0.82
C HIS A 135 -0.02 26.31 2.03
#